data_3U7U
#
_entry.id   3U7U
#
_cell.length_a   85.730
_cell.length_b   223.510
_cell.length_c   146.920
_cell.angle_alpha   90.00
_cell.angle_beta   99.72
_cell.angle_gamma   90.00
#
_symmetry.space_group_name_H-M   'P 1 21 1'
#
loop_
_entity.id
_entity.type
_entity.pdbx_description
1 polymer 'Receptor tyrosine-protein kinase erbB-4'
2 polymer 'Neuregulin 1'
3 non-polymer 2-acetamido-2-deoxy-beta-D-glucopyranose
4 water water
#
loop_
_entity_poly.entity_id
_entity_poly.type
_entity_poly.pdbx_seq_one_letter_code
_entity_poly.pdbx_strand_id
1 'polypeptide(L)'
;QSVCAGTENKLSSLSDLEQQYRALRKYYENCEVVMGNLEITSIEHNRDLSFLRSVREVTGYVLVALNQFRYLPLENLRII
RGTKLYEDRYALAIFLNYRKDGNFGLQELGLKNLTEILNGGVYVDQNKFLCYADTIHWQDIVRNPWPSNLTLVSTNGSSG
CGRCHKSCTGRCWGPTENHCQTLTRTVCAEQCDGRCYGPYVSDCCHRECAGGCSGPKDTDCFACMNFNDSGACVTQCPQT
FVYNPTTFQLEHNFNAKYTYGAFCVKKCPHNFVVDSSSCVRACPSSKMEVEENGIKMCKPCTDICPKACDGIGTGSLMSA
QTVDSSNIDKFINCTKINGNLIFLVTGIHGDPYNAIEAIDPEKLNVFRTVREITGFLNIQSWPPNMTDFSVFSNLVTIGG
RVLYSGLSLLILKQQGITSLQFQSLKEISAGNIYITDNSNLCYYHTINWTTLFSTINQRIVIRDNRKAENCTAEGMVCNH
LCSSDGCWGPGPDQCLSCRRFSRGRICIESCNLYDGEFREFENDSICVECDPQCEKMEDGLLTCHGPGPDNCTKCSHFKD
GPNCVEKCPDGLQGANSFIFKYADPDRECHPCHPNCTQGCNGPTSHDCIYYPWTG
;
A,B,C,D,E,F
2 'polypeptide(L)' GTSHLVKCAEKEKTFCVNGGECFMVKDLSNPSRYLCKCPNEFTGDRCQNYVMASF G,H,I,J,K,L
#
loop_
_chem_comp.id
_chem_comp.type
_chem_comp.name
_chem_comp.formula
NAG D-saccharide, beta linking 2-acetamido-2-deoxy-beta-D-glucopyranose 'C8 H15 N O6'
#
# COMPACT_ATOMS: atom_id res chain seq x y z
N GLN A 1 -9.10 10.35 19.42
CA GLN A 1 -10.20 9.88 18.57
C GLN A 1 -11.51 9.35 19.26
N SER A 2 -11.48 9.23 20.62
CA SER A 2 -12.63 8.91 21.46
C SER A 2 -12.68 10.11 22.39
N VAL A 3 -13.60 10.99 22.07
CA VAL A 3 -13.83 12.27 22.68
C VAL A 3 -15.01 12.23 23.66
N CYS A 4 -14.93 12.99 24.76
CA CYS A 4 -16.00 13.14 25.72
C CYS A 4 -16.10 14.59 26.14
N ALA A 5 -17.19 14.97 26.81
CA ALA A 5 -17.42 16.37 27.17
C ALA A 5 -16.84 16.83 28.52
N GLY A 6 -16.92 15.96 29.51
CA GLY A 6 -16.47 16.30 30.86
C GLY A 6 -17.38 17.30 31.54
N THR A 7 -17.36 17.31 32.88
CA THR A 7 -18.14 18.19 33.74
C THR A 7 -17.65 19.65 33.87
N GLU A 8 -18.47 20.46 34.60
CA GLU A 8 -18.29 21.88 34.95
C GLU A 8 -18.89 22.12 36.35
N ASN A 9 -18.72 21.12 37.24
CA ASN A 9 -19.30 21.13 38.58
C ASN A 9 -18.42 21.80 39.63
N LYS A 10 -17.09 21.86 39.38
CA LYS A 10 -16.08 22.35 40.30
C LYS A 10 -16.05 21.41 41.53
N LEU A 11 -16.22 21.94 42.75
CA LEU A 11 -16.20 21.14 43.97
C LEU A 11 -17.53 20.45 44.30
N SER A 12 -18.62 20.85 43.59
CA SER A 12 -19.95 20.28 43.75
C SER A 12 -19.95 18.84 43.30
N SER A 13 -20.76 18.02 43.97
CA SER A 13 -20.86 16.58 43.74
C SER A 13 -22.25 16.02 44.13
N LEU A 14 -22.45 14.70 44.01
CA LEU A 14 -23.70 14.09 44.40
C LEU A 14 -23.58 13.67 45.84
N SER A 15 -24.70 13.74 46.61
CA SER A 15 -24.77 13.34 48.01
C SER A 15 -24.43 11.85 48.15
N ASP A 16 -24.99 11.00 47.24
CA ASP A 16 -24.71 9.57 47.24
C ASP A 16 -23.31 9.38 46.69
N LEU A 17 -22.39 8.96 47.54
CA LEU A 17 -20.98 8.78 47.17
C LEU A 17 -20.74 7.68 46.13
N GLU A 18 -21.61 6.64 46.10
CA GLU A 18 -21.54 5.57 45.09
C GLU A 18 -22.05 6.18 43.78
N GLN A 19 -23.11 7.02 43.86
CA GLN A 19 -23.65 7.70 42.68
C GLN A 19 -22.66 8.70 42.11
N GLN A 20 -21.84 9.32 42.98
CA GLN A 20 -20.78 10.24 42.59
C GLN A 20 -19.70 9.45 41.83
N TYR A 21 -19.28 8.28 42.37
CA TYR A 21 -18.29 7.40 41.75
C TYR A 21 -18.81 6.89 40.42
N ARG A 22 -20.03 6.35 40.41
CA ARG A 22 -20.68 5.84 39.22
C ARG A 22 -20.75 6.91 38.13
N ALA A 23 -20.97 8.19 38.51
CA ALA A 23 -21.02 9.32 37.57
C ALA A 23 -19.66 9.57 36.92
N LEU A 24 -18.57 9.55 37.75
CA LEU A 24 -17.19 9.73 37.27
C LEU A 24 -16.91 8.70 36.18
N ARG A 25 -17.19 7.43 36.49
CA ARG A 25 -17.05 6.30 35.56
C ARG A 25 -17.87 6.53 34.28
N LYS A 26 -19.14 6.97 34.42
CA LYS A 26 -20.04 7.25 33.30
C LYS A 26 -19.45 8.28 32.36
N TYR A 27 -19.01 9.42 32.91
CA TYR A 27 -18.47 10.54 32.15
C TYR A 27 -17.15 10.33 31.44
N TYR A 28 -16.22 9.59 32.07
CA TYR A 28 -14.84 9.50 31.61
C TYR A 28 -14.27 8.18 31.16
N GLU A 29 -15.02 7.08 31.31
CA GLU A 29 -14.44 5.82 30.90
C GLU A 29 -14.41 5.66 29.38
N ASN A 30 -13.27 5.14 28.86
CA ASN A 30 -12.93 4.95 27.43
C ASN A 30 -12.77 6.27 26.66
N CYS A 31 -12.61 7.36 27.40
CA CYS A 31 -12.40 8.67 26.82
C CYS A 31 -10.89 8.96 26.74
N GLU A 32 -10.41 9.38 25.57
CA GLU A 32 -9.00 9.69 25.33
C GLU A 32 -8.79 11.18 25.41
N VAL A 33 -9.71 11.95 24.78
CA VAL A 33 -9.65 13.42 24.79
C VAL A 33 -10.84 13.99 25.54
N VAL A 34 -10.59 14.60 26.71
CA VAL A 34 -11.67 15.24 27.44
C VAL A 34 -11.76 16.61 26.86
N MET A 35 -12.90 16.90 26.28
CA MET A 35 -13.13 18.16 25.61
C MET A 35 -13.82 19.10 26.53
N GLY A 36 -13.10 19.41 27.59
CA GLY A 36 -13.58 20.22 28.70
C GLY A 36 -12.77 19.90 29.93
N ASN A 37 -13.45 19.74 31.08
CA ASN A 37 -12.73 19.53 32.32
C ASN A 37 -12.81 18.13 32.88
N LEU A 38 -11.70 17.70 33.49
CA LEU A 38 -11.60 16.41 34.16
C LEU A 38 -11.66 16.76 35.63
N GLU A 39 -12.83 16.50 36.25
CA GLU A 39 -13.14 16.78 37.65
C GLU A 39 -13.31 15.48 38.41
N ILE A 40 -12.39 15.21 39.35
CA ILE A 40 -12.37 14.02 40.21
C ILE A 40 -12.46 14.54 41.63
N THR A 41 -13.69 14.56 42.18
CA THR A 41 -13.96 15.08 43.53
C THR A 41 -14.81 14.14 44.34
N SER A 42 -14.52 14.06 45.67
CA SER A 42 -15.23 13.28 46.68
C SER A 42 -15.31 11.78 46.39
N ILE A 43 -14.17 11.17 46.00
CA ILE A 43 -14.10 9.73 45.71
C ILE A 43 -13.45 9.00 46.88
N GLU A 44 -14.15 7.97 47.39
CA GLU A 44 -13.77 7.14 48.54
C GLU A 44 -12.49 6.34 48.33
N HIS A 45 -11.86 5.93 49.44
CA HIS A 45 -10.61 5.18 49.48
C HIS A 45 -10.58 3.87 48.67
N ASN A 46 -11.60 3.00 48.84
CA ASN A 46 -11.67 1.71 48.16
C ASN A 46 -11.64 1.70 46.60
N ARG A 47 -12.35 2.68 45.99
CA ARG A 47 -12.63 2.89 44.55
C ARG A 47 -11.57 2.59 43.50
N ASP A 48 -12.02 1.96 42.37
CA ASP A 48 -11.16 1.62 41.23
C ASP A 48 -11.14 2.73 40.20
N LEU A 49 -9.94 3.28 39.93
CA LEU A 49 -9.80 4.38 38.97
C LEU A 49 -8.99 4.05 37.70
N SER A 50 -8.71 2.75 37.48
CA SER A 50 -7.95 2.25 36.34
C SER A 50 -8.48 2.80 35.00
N PHE A 51 -9.80 3.07 34.88
CA PHE A 51 -10.44 3.61 33.67
C PHE A 51 -9.88 4.98 33.23
N LEU A 52 -9.25 5.72 34.17
CA LEU A 52 -8.65 7.03 33.91
C LEU A 52 -7.39 6.90 33.07
N ARG A 53 -6.86 5.67 32.93
CA ARG A 53 -5.68 5.41 32.10
C ARG A 53 -5.98 5.66 30.62
N SER A 54 -7.27 5.75 30.28
CA SER A 54 -7.72 6.03 28.93
C SER A 54 -7.36 7.47 28.48
N VAL A 55 -7.34 8.43 29.44
CA VAL A 55 -7.13 9.86 29.21
C VAL A 55 -5.70 10.19 28.80
N ARG A 56 -5.59 10.82 27.60
CA ARG A 56 -4.39 11.29 26.92
C ARG A 56 -4.31 12.83 26.96
N GLU A 57 -5.46 13.50 26.83
CA GLU A 57 -5.54 14.95 26.72
C GLU A 57 -6.78 15.55 27.40
N VAL A 58 -6.65 16.77 27.98
CA VAL A 58 -7.71 17.52 28.62
C VAL A 58 -7.65 18.95 28.10
N THR A 59 -8.73 19.37 27.41
CA THR A 59 -8.95 20.69 26.80
C THR A 59 -8.95 21.84 27.80
N GLY A 60 -9.65 21.64 28.92
CA GLY A 60 -9.80 22.65 29.96
C GLY A 60 -8.88 22.41 31.12
N TYR A 61 -9.44 22.17 32.32
CA TYR A 61 -8.61 21.93 33.51
C TYR A 61 -8.81 20.57 34.13
N VAL A 62 -7.90 20.22 35.06
CA VAL A 62 -7.90 19.01 35.85
C VAL A 62 -7.99 19.41 37.31
N LEU A 63 -9.13 19.06 37.93
CA LEU A 63 -9.45 19.29 39.33
C LEU A 63 -9.52 17.91 40.05
N VAL A 64 -8.63 17.72 41.04
CA VAL A 64 -8.52 16.51 41.84
C VAL A 64 -8.55 16.98 43.29
N ALA A 65 -9.74 16.99 43.88
CA ALA A 65 -9.92 17.48 45.24
C ALA A 65 -10.84 16.60 46.09
N LEU A 66 -10.71 16.70 47.43
CA LEU A 66 -11.55 16.05 48.43
C LEU A 66 -11.73 14.54 48.27
N ASN A 67 -10.71 13.86 47.73
CA ASN A 67 -10.73 12.40 47.51
C ASN A 67 -9.94 11.67 48.57
N GLN A 68 -10.17 10.36 48.74
CA GLN A 68 -9.47 9.55 49.75
C GLN A 68 -8.63 8.40 49.17
N PHE A 69 -8.68 8.16 47.83
CA PHE A 69 -7.94 7.09 47.17
C PHE A 69 -6.43 7.33 47.18
N ARG A 70 -5.64 6.25 47.28
CA ARG A 70 -4.18 6.24 47.39
C ARG A 70 -3.42 6.80 46.18
N TYR A 71 -3.86 6.44 44.95
CA TYR A 71 -3.13 6.76 43.73
C TYR A 71 -4.01 7.24 42.59
N LEU A 72 -3.52 8.25 41.83
CA LEU A 72 -4.18 8.88 40.68
C LEU A 72 -3.64 8.29 39.38
N PRO A 73 -4.39 7.37 38.73
CA PRO A 73 -3.84 6.68 37.56
C PRO A 73 -4.03 7.35 36.21
N LEU A 74 -3.57 8.60 36.08
CA LEU A 74 -3.66 9.34 34.82
C LEU A 74 -2.34 9.15 34.01
N GLU A 75 -1.82 7.90 34.05
CA GLU A 75 -0.56 7.43 33.46
C GLU A 75 -0.38 7.72 31.94
N ASN A 76 -1.48 8.01 31.22
CA ASN A 76 -1.39 8.33 29.80
C ASN A 76 -1.62 9.83 29.45
N LEU A 77 -2.06 10.64 30.46
CA LEU A 77 -2.29 12.08 30.32
C LEU A 77 -0.99 12.79 29.93
N ARG A 78 -0.99 13.47 28.79
CA ARG A 78 0.20 14.14 28.27
C ARG A 78 0.05 15.66 28.32
N ILE A 79 -1.15 16.12 27.94
CA ILE A 79 -1.40 17.55 27.80
C ILE A 79 -2.68 17.98 28.51
N ILE A 80 -2.61 19.16 29.17
CA ILE A 80 -3.72 19.91 29.76
C ILE A 80 -3.61 21.26 29.03
N ARG A 81 -4.58 21.57 28.16
CA ARG A 81 -4.52 22.80 27.36
C ARG A 81 -4.83 24.06 28.12
N GLY A 82 -5.68 23.92 29.15
CA GLY A 82 -6.08 25.02 30.00
C GLY A 82 -6.87 26.09 29.29
N THR A 83 -7.75 25.69 28.33
CA THR A 83 -8.60 26.64 27.57
C THR A 83 -9.56 27.34 28.52
N LYS A 84 -9.95 26.63 29.61
CA LYS A 84 -10.78 27.13 30.70
C LYS A 84 -10.05 26.69 31.95
N LEU A 85 -9.87 27.59 32.91
CA LEU A 85 -9.11 27.30 34.15
C LEU A 85 -9.92 27.28 35.42
N TYR A 86 -9.52 26.41 36.38
CA TYR A 86 -10.13 26.39 37.70
C TYR A 86 -9.76 27.69 38.40
N GLU A 87 -10.77 28.38 38.98
CA GLU A 87 -10.60 29.68 39.66
C GLU A 87 -9.93 30.70 38.72
N ASP A 88 -10.14 30.48 37.40
CA ASP A 88 -9.59 31.29 36.30
C ASP A 88 -8.08 31.46 36.38
N ARG A 89 -7.39 30.52 37.06
CA ARG A 89 -5.94 30.52 37.22
C ARG A 89 -5.22 29.17 37.13
N TYR A 90 -5.87 28.06 37.56
CA TYR A 90 -5.19 26.76 37.52
C TYR A 90 -5.64 25.80 36.46
N ALA A 91 -4.66 25.27 35.72
CA ALA A 91 -4.86 24.22 34.72
C ALA A 91 -4.87 22.85 35.44
N LEU A 92 -4.12 22.73 36.57
CA LEU A 92 -4.04 21.54 37.42
C LEU A 92 -4.18 21.96 38.86
N ALA A 93 -5.20 21.42 39.53
CA ALA A 93 -5.49 21.72 40.95
C ALA A 93 -5.72 20.41 41.71
N ILE A 94 -4.76 20.05 42.59
CA ILE A 94 -4.78 18.85 43.42
C ILE A 94 -4.68 19.32 44.85
N PHE A 95 -5.80 19.28 45.60
CA PHE A 95 -5.82 19.72 47.00
C PHE A 95 -6.83 18.98 47.85
N LEU A 96 -6.53 18.89 49.17
CA LEU A 96 -7.36 18.25 50.21
C LEU A 96 -7.73 16.80 49.93
N ASN A 97 -6.80 16.06 49.32
CA ASN A 97 -7.00 14.65 48.97
C ASN A 97 -6.54 13.70 50.09
N TYR A 98 -7.23 13.82 51.24
CA TYR A 98 -7.09 13.01 52.44
C TYR A 98 -8.30 13.24 53.35
N ARG A 99 -8.55 12.32 54.31
CA ARG A 99 -9.62 12.51 55.30
C ARG A 99 -9.04 13.20 56.55
N LYS A 100 -9.66 14.32 56.99
CA LYS A 100 -9.21 15.12 58.15
C LYS A 100 -8.92 14.31 59.42
N ASP A 101 -9.61 13.15 59.57
CA ASP A 101 -9.43 12.16 60.65
C ASP A 101 -7.95 11.71 60.68
N GLY A 102 -7.39 11.46 59.49
CA GLY A 102 -5.98 11.10 59.29
C GLY A 102 -5.66 9.67 58.91
N ASN A 103 -6.69 8.90 58.51
CA ASN A 103 -6.49 7.51 58.14
C ASN A 103 -5.76 7.42 56.78
N PHE A 104 -6.49 7.66 55.67
CA PHE A 104 -5.98 7.57 54.31
C PHE A 104 -5.99 8.90 53.54
N GLY A 105 -5.48 8.80 52.31
CA GLY A 105 -5.40 9.89 51.36
C GLY A 105 -4.44 9.59 50.23
N LEU A 106 -4.44 10.47 49.22
CA LEU A 106 -3.58 10.37 48.04
C LEU A 106 -2.10 10.44 48.42
N GLN A 107 -1.35 9.42 47.99
CA GLN A 107 0.06 9.20 48.28
C GLN A 107 0.97 9.38 47.08
N GLU A 108 0.46 9.08 45.87
CA GLU A 108 1.23 9.13 44.62
C GLU A 108 0.39 9.61 43.45
N LEU A 109 1.02 10.41 42.56
CA LEU A 109 0.41 10.91 41.32
C LEU A 109 1.04 10.13 40.14
N GLY A 110 0.21 9.50 39.31
CA GLY A 110 0.68 8.79 38.14
C GLY A 110 0.54 9.71 36.94
N LEU A 111 1.43 10.70 36.84
CA LEU A 111 1.42 11.69 35.77
C LEU A 111 2.79 11.70 35.08
N LYS A 112 3.41 10.52 34.93
CA LYS A 112 4.76 10.41 34.33
C LYS A 112 4.89 10.95 32.84
N ASN A 113 3.73 11.17 32.19
CA ASN A 113 3.65 11.56 30.79
C ASN A 113 3.13 12.99 30.65
N LEU A 114 2.70 13.59 31.79
CA LEU A 114 2.21 14.96 31.78
C LEU A 114 3.44 15.86 31.63
N THR A 115 3.68 16.30 30.40
CA THR A 115 4.83 17.09 30.02
C THR A 115 4.44 18.42 29.47
N GLU A 116 3.14 18.74 29.44
CA GLU A 116 2.63 19.99 28.88
C GLU A 116 1.38 20.48 29.59
N ILE A 117 1.37 21.76 29.95
CA ILE A 117 0.26 22.50 30.53
C ILE A 117 0.35 23.82 29.75
N LEU A 118 -0.40 23.90 28.64
CA LEU A 118 -0.37 25.02 27.67
C LEU A 118 -0.67 26.41 28.22
N ASN A 119 -1.70 26.49 29.04
CA ASN A 119 -2.13 27.73 29.65
C ASN A 119 -2.60 27.44 31.06
N GLY A 120 -2.32 28.35 31.98
CA GLY A 120 -2.72 28.25 33.37
C GLY A 120 -1.60 27.78 34.25
N GLY A 121 -1.86 27.73 35.55
CA GLY A 121 -0.89 27.32 36.56
C GLY A 121 -1.20 26.00 37.21
N VAL A 122 -0.37 25.64 38.22
CA VAL A 122 -0.45 24.40 38.98
C VAL A 122 -0.67 24.71 40.44
N TYR A 123 -1.71 24.13 41.05
CA TYR A 123 -1.98 24.28 42.47
C TYR A 123 -2.07 22.89 43.11
N VAL A 124 -0.96 22.46 43.73
CA VAL A 124 -0.90 21.18 44.43
C VAL A 124 -0.58 21.55 45.86
N ASP A 125 -1.59 21.46 46.74
CA ASP A 125 -1.44 21.87 48.15
C ASP A 125 -2.38 21.08 49.05
N GLN A 126 -2.13 21.10 50.38
CA GLN A 126 -2.96 20.48 51.40
C GLN A 126 -3.23 18.99 51.14
N ASN A 127 -2.21 18.21 50.74
CA ASN A 127 -2.37 16.77 50.49
C ASN A 127 -1.50 16.00 51.48
N LYS A 128 -1.91 15.98 52.77
CA LYS A 128 -1.25 15.36 53.93
C LYS A 128 -0.36 14.13 53.67
N PHE A 129 -0.76 13.22 52.77
CA PHE A 129 0.00 11.99 52.57
C PHE A 129 0.62 11.84 51.20
N LEU A 130 0.65 12.91 50.39
CA LEU A 130 1.23 12.87 49.05
C LEU A 130 2.74 13.01 49.06
N CYS A 131 3.44 12.07 48.44
CA CYS A 131 4.90 12.07 48.35
C CYS A 131 5.37 12.31 46.93
N TYR A 132 6.66 12.67 46.79
CA TYR A 132 7.38 12.87 45.53
C TYR A 132 6.98 14.07 44.70
N ALA A 133 5.70 14.49 44.78
CA ALA A 133 5.17 15.63 44.05
C ALA A 133 5.98 16.91 44.29
N ASP A 134 6.58 17.03 45.47
CA ASP A 134 7.43 18.15 45.85
C ASP A 134 8.68 18.25 44.99
N THR A 135 9.18 17.08 44.51
CA THR A 135 10.38 16.99 43.68
C THR A 135 10.22 17.44 42.23
N ILE A 136 8.96 17.53 41.75
CA ILE A 136 8.59 17.89 40.38
C ILE A 136 8.94 19.33 39.97
N HIS A 137 9.59 19.45 38.82
CA HIS A 137 9.96 20.72 38.24
C HIS A 137 8.81 21.12 37.35
N TRP A 138 7.80 21.78 37.94
CA TRP A 138 6.58 22.20 37.22
C TRP A 138 6.87 23.23 36.17
N GLN A 139 7.87 24.09 36.45
CA GLN A 139 8.36 25.12 35.55
C GLN A 139 8.65 24.51 34.14
N ASP A 140 9.12 23.22 34.06
CA ASP A 140 9.37 22.52 32.80
C ASP A 140 8.10 22.15 32.10
N ILE A 141 7.05 21.77 32.85
CA ILE A 141 5.75 21.31 32.30
C ILE A 141 4.87 22.47 31.79
N VAL A 142 4.86 23.61 32.52
CA VAL A 142 4.09 24.80 32.12
C VAL A 142 4.78 25.53 30.99
N ARG A 143 4.13 25.67 29.83
CA ARG A 143 4.73 26.34 28.67
C ARG A 143 4.78 27.89 28.77
N ASN A 144 3.87 28.56 29.53
CA ASN A 144 3.94 30.04 29.59
C ASN A 144 3.56 30.76 30.89
N PRO A 145 4.31 31.88 31.21
CA PRO A 145 3.99 32.69 32.39
C PRO A 145 3.06 33.87 32.05
N SER A 148 1.49 33.05 34.53
CA SER A 148 1.17 32.03 35.53
C SER A 148 1.98 32.16 36.87
N ASN A 149 1.93 33.35 37.53
CA ASN A 149 2.59 33.68 38.81
C ASN A 149 2.17 32.74 39.98
N LEU A 150 1.64 31.52 39.64
CA LEU A 150 1.14 30.48 40.57
C LEU A 150 1.53 29.06 40.07
N THR A 151 2.72 28.57 40.46
CA THR A 151 3.29 27.25 40.09
C THR A 151 4.04 26.68 41.34
N LEU A 152 3.30 26.20 42.38
CA LEU A 152 3.93 25.70 43.62
C LEU A 152 3.30 24.44 44.24
N VAL A 153 4.14 23.63 44.94
CA VAL A 153 3.79 22.39 45.67
C VAL A 153 4.04 22.50 47.20
N SER A 154 3.01 22.28 48.03
CA SER A 154 3.10 22.36 49.49
C SER A 154 2.63 21.05 50.19
N SER A 159 6.24 15.52 54.77
CA SER A 159 7.37 14.95 55.52
C SER A 159 7.20 13.44 55.79
N GLY A 160 8.33 12.77 56.03
CA GLY A 160 8.39 11.32 56.22
C GLY A 160 8.18 10.59 54.90
N CYS A 161 8.76 11.16 53.83
CA CYS A 161 8.65 10.62 52.47
C CYS A 161 9.97 10.06 52.01
N GLY A 162 9.88 8.97 51.23
CA GLY A 162 11.01 8.27 50.66
C GLY A 162 11.74 9.13 49.66
N ARG A 163 13.07 8.94 49.52
CA ARG A 163 13.84 9.72 48.56
C ARG A 163 13.63 9.18 47.13
N CYS A 164 13.95 10.03 46.12
CA CYS A 164 13.87 9.65 44.69
C CYS A 164 14.99 8.64 44.44
N HIS A 165 14.80 7.79 43.42
CA HIS A 165 15.82 6.83 42.99
C HIS A 165 17.07 7.60 42.50
N LYS A 166 18.26 6.95 42.60
CA LYS A 166 19.54 7.56 42.18
C LYS A 166 19.47 8.05 40.73
N SER A 167 18.95 7.22 39.81
CA SER A 167 18.84 7.53 38.39
C SER A 167 17.93 8.73 38.08
N CYS A 168 16.97 9.03 38.99
CA CYS A 168 16.00 10.10 38.82
C CYS A 168 16.50 11.52 38.87
N THR A 169 17.70 11.72 39.43
CA THR A 169 18.30 13.05 39.54
C THR A 169 17.45 13.98 40.44
N GLY A 170 16.88 13.38 41.48
CA GLY A 170 16.10 14.06 42.50
C GLY A 170 14.74 14.58 42.08
N ARG A 171 14.24 14.19 40.89
CA ARG A 171 12.93 14.59 40.37
C ARG A 171 12.17 13.35 39.89
N CYS A 172 11.12 12.98 40.65
CA CYS A 172 10.34 11.77 40.38
C CYS A 172 8.90 11.87 40.91
N TRP A 173 8.01 10.98 40.40
CA TRP A 173 6.61 10.89 40.77
C TRP A 173 6.38 9.81 41.83
N GLY A 174 7.33 8.87 41.91
CA GLY A 174 7.30 7.74 42.82
C GLY A 174 8.67 7.23 43.22
N PRO A 175 8.72 6.10 43.99
CA PRO A 175 10.02 5.60 44.50
C PRO A 175 10.99 4.88 43.57
N THR A 176 10.47 4.18 42.55
CA THR A 176 11.26 3.38 41.63
C THR A 176 12.09 4.19 40.62
N GLU A 177 12.93 3.48 39.84
CA GLU A 177 13.78 4.00 38.76
C GLU A 177 12.94 4.25 37.50
N ASN A 178 11.69 3.78 37.48
CA ASN A 178 10.80 3.94 36.33
C ASN A 178 9.82 5.08 36.59
N HIS A 179 10.06 5.82 37.67
CA HIS A 179 9.20 6.92 38.13
C HIS A 179 9.79 8.29 37.90
N CYS A 180 10.93 8.36 37.19
CA CYS A 180 11.61 9.62 36.94
C CYS A 180 10.81 10.60 36.12
N GLN A 181 10.89 11.89 36.48
CA GLN A 181 10.20 12.95 35.75
C GLN A 181 10.93 13.20 34.45
N THR A 182 10.25 13.05 33.31
CA THR A 182 10.86 13.30 32.01
C THR A 182 10.87 14.80 31.72
N LEU A 183 12.04 15.43 31.86
CA LEU A 183 12.16 16.86 31.58
C LEU A 183 12.21 17.07 30.06
N THR A 184 11.32 17.90 29.50
CA THR A 184 11.34 18.06 28.03
C THR A 184 11.59 19.48 27.54
N ARG A 185 11.97 20.41 28.44
CA ARG A 185 12.14 21.78 28.01
C ARG A 185 13.43 22.42 28.52
N THR A 186 13.69 22.33 29.82
CA THR A 186 14.86 22.96 30.45
C THR A 186 16.17 22.28 30.07
N VAL A 187 16.08 20.99 29.75
CA VAL A 187 17.19 20.09 29.39
C VAL A 187 17.58 20.15 27.91
N CYS A 188 16.94 20.99 27.15
CA CYS A 188 17.22 21.09 25.73
C CYS A 188 18.46 21.86 25.38
N ALA A 189 18.98 21.62 24.16
CA ALA A 189 20.11 22.31 23.56
C ALA A 189 19.74 23.80 23.46
N GLU A 190 20.71 24.70 23.62
CA GLU A 190 20.37 26.12 23.56
C GLU A 190 19.68 26.58 22.28
N GLN A 191 19.70 25.73 21.23
CA GLN A 191 19.07 26.01 19.96
C GLN A 191 17.66 25.54 19.76
N CYS A 192 17.14 24.68 20.67
CA CYS A 192 15.73 24.24 20.62
C CYS A 192 14.91 25.41 21.13
N ASP A 193 13.79 25.67 20.46
CA ASP A 193 12.91 26.76 20.90
C ASP A 193 11.68 26.19 21.60
N GLY A 194 11.39 24.93 21.29
CA GLY A 194 10.30 24.18 21.87
C GLY A 194 10.80 23.13 22.83
N ARG A 195 10.32 21.91 22.65
CA ARG A 195 10.71 20.82 23.51
C ARG A 195 11.74 19.95 22.81
N CYS A 196 12.13 18.81 23.43
CA CYS A 196 13.17 17.91 22.91
C CYS A 196 13.05 16.52 23.51
N TYR A 197 13.65 15.50 22.84
CA TYR A 197 13.70 14.10 23.30
C TYR A 197 15.11 13.68 23.72
N GLY A 198 16.04 14.65 23.80
CA GLY A 198 17.44 14.48 24.19
C GLY A 198 18.15 15.82 24.34
N PRO A 199 19.47 15.86 24.63
CA PRO A 199 20.13 17.15 24.86
C PRO A 199 20.92 17.81 23.71
N TYR A 200 21.06 17.14 22.54
CA TYR A 200 21.80 17.69 21.40
C TYR A 200 20.89 18.39 20.40
N VAL A 201 21.44 19.18 19.46
CA VAL A 201 20.61 19.94 18.49
C VAL A 201 19.77 19.00 17.57
N SER A 202 20.23 17.75 17.42
CA SER A 202 19.58 16.68 16.66
C SER A 202 18.25 16.34 17.30
N ASP A 203 18.22 16.42 18.65
CA ASP A 203 17.07 16.05 19.48
C ASP A 203 15.91 17.08 19.71
N CYS A 204 15.94 18.26 19.06
CA CYS A 204 14.84 19.23 19.23
C CYS A 204 13.60 18.80 18.50
N CYS A 205 12.45 19.10 19.11
CA CYS A 205 11.14 18.88 18.56
C CYS A 205 10.85 20.01 17.60
N HIS A 206 9.90 19.79 16.67
CA HIS A 206 9.41 20.84 15.80
C HIS A 206 8.72 21.84 16.71
N ARG A 207 8.77 23.13 16.35
CA ARG A 207 8.16 24.19 17.15
C ARG A 207 6.66 24.02 17.40
N GLU A 208 5.98 23.25 16.55
CA GLU A 208 4.54 22.99 16.67
C GLU A 208 4.16 21.80 17.55
N CYS A 209 5.15 21.07 18.10
CA CYS A 209 4.88 19.91 18.97
C CYS A 209 4.55 20.37 20.35
N ALA A 210 3.50 19.78 20.89
CA ALA A 210 3.08 20.02 22.27
C ALA A 210 3.33 18.68 22.95
N GLY A 211 3.88 18.70 24.17
CA GLY A 211 4.16 17.50 24.93
C GLY A 211 5.58 17.04 24.77
N GLY A 212 5.89 16.66 23.55
CA GLY A 212 7.21 16.22 23.14
C GLY A 212 7.10 15.64 21.75
N CYS A 213 8.11 14.88 21.35
CA CYS A 213 8.15 14.22 20.06
C CYS A 213 9.00 12.97 20.10
N SER A 214 9.03 12.28 18.98
CA SER A 214 9.82 11.05 18.76
C SER A 214 10.82 11.27 17.63
N GLY A 215 10.88 12.51 17.11
CA GLY A 215 11.72 12.87 16.00
C GLY A 215 11.57 14.33 15.66
N PRO A 216 12.35 14.81 14.66
CA PRO A 216 12.35 16.25 14.37
C PRO A 216 11.19 16.84 13.57
N LYS A 217 10.48 15.99 12.80
CA LYS A 217 9.39 16.44 11.92
C LYS A 217 8.11 16.86 12.65
N ASP A 218 7.25 17.69 11.99
CA ASP A 218 5.96 18.16 12.54
C ASP A 218 4.91 17.01 12.59
N THR A 219 5.30 15.84 12.09
CA THR A 219 4.47 14.66 12.10
C THR A 219 4.90 13.73 13.25
N ASP A 220 5.98 14.10 13.98
CA ASP A 220 6.57 13.34 15.08
C ASP A 220 6.12 13.78 16.47
N CYS A 221 5.09 14.69 16.55
CA CYS A 221 4.60 15.27 17.81
C CYS A 221 3.82 14.31 18.66
N PHE A 222 3.81 14.53 19.98
CA PHE A 222 2.94 13.75 20.88
C PHE A 222 1.55 14.37 20.83
N ALA A 223 1.51 15.71 20.70
CA ALA A 223 0.28 16.49 20.58
C ALA A 223 0.53 17.73 19.74
N CYS A 224 -0.54 18.35 19.18
CA CYS A 224 -0.34 19.54 18.37
C CYS A 224 -0.49 20.80 19.21
N MET A 225 0.31 21.81 18.95
CA MET A 225 0.21 23.08 19.65
C MET A 225 -1.03 23.82 19.19
N ASN A 226 -1.38 23.69 17.90
CA ASN A 226 -2.47 24.41 17.28
C ASN A 226 -3.44 23.56 16.54
N PHE A 227 -3.13 23.20 15.27
CA PHE A 227 -4.02 22.45 14.39
C PHE A 227 -3.36 21.24 13.82
N ASN A 228 -4.17 20.22 13.53
CA ASN A 228 -3.69 19.01 12.95
C ASN A 228 -4.17 18.98 11.51
N ASP A 229 -3.24 18.95 10.57
CA ASP A 229 -3.54 18.88 9.13
C ASP A 229 -2.97 17.60 8.58
N SER A 230 -3.80 16.56 8.56
CA SER A 230 -3.43 15.23 8.07
C SER A 230 -2.13 14.70 8.69
N GLY A 231 -2.11 14.77 10.01
CA GLY A 231 -1.01 14.26 10.81
C GLY A 231 0.11 15.21 11.08
N ALA A 232 0.12 16.34 10.36
CA ALA A 232 1.11 17.40 10.50
C ALA A 232 0.60 18.49 11.43
N CYS A 233 1.42 18.84 12.44
CA CYS A 233 1.06 19.93 13.34
C CYS A 233 1.44 21.28 12.65
N VAL A 234 0.40 22.08 12.35
CA VAL A 234 0.47 23.37 11.64
C VAL A 234 -0.02 24.53 12.54
N THR A 235 0.44 25.75 12.26
CA THR A 235 0.01 26.92 13.05
C THR A 235 -1.36 27.37 12.58
N GLN A 236 -1.64 27.13 11.28
CA GLN A 236 -2.84 27.52 10.55
C GLN A 236 -3.07 26.60 9.37
N CYS A 237 -4.30 26.52 8.91
CA CYS A 237 -4.58 25.64 7.76
C CYS A 237 -4.22 26.29 6.44
N PRO A 238 -3.96 25.53 5.36
CA PRO A 238 -3.69 26.17 4.06
C PRO A 238 -4.89 27.04 3.65
N GLN A 239 -4.66 28.36 3.45
CA GLN A 239 -5.74 29.31 3.14
C GLN A 239 -6.17 29.17 1.69
N THR A 240 -7.38 29.68 1.37
CA THR A 240 -7.97 29.60 0.01
C THR A 240 -7.24 30.48 -0.94
N PHE A 241 -6.64 31.56 -0.43
CA PHE A 241 -5.85 32.50 -1.19
C PHE A 241 -4.42 32.47 -0.80
N VAL A 242 -3.56 32.72 -1.76
CA VAL A 242 -2.12 32.71 -1.59
C VAL A 242 -1.52 33.91 -2.32
N TYR A 243 -0.67 34.69 -1.66
CA TYR A 243 -0.10 35.85 -2.33
C TYR A 243 1.02 35.48 -3.28
N ASN A 244 1.00 35.99 -4.51
CA ASN A 244 2.11 35.73 -5.42
C ASN A 244 3.02 36.94 -5.29
N PRO A 245 4.29 36.77 -4.86
CA PRO A 245 5.19 37.94 -4.67
C PRO A 245 5.61 38.69 -5.91
N THR A 246 5.60 38.04 -7.07
CA THR A 246 6.03 38.67 -8.33
C THR A 246 4.92 39.41 -9.02
N THR A 247 3.66 38.97 -8.87
CA THR A 247 2.48 39.61 -9.48
C THR A 247 1.84 40.67 -8.57
N PHE A 248 2.04 40.53 -7.25
CA PHE A 248 1.43 41.36 -6.20
C PHE A 248 -0.09 41.19 -6.19
N GLN A 249 -0.54 39.93 -6.30
CA GLN A 249 -1.95 39.57 -6.30
C GLN A 249 -2.20 38.29 -5.56
N LEU A 250 -3.41 38.15 -5.01
CA LEU A 250 -3.83 36.94 -4.37
C LEU A 250 -4.23 35.98 -5.49
N GLU A 251 -3.91 34.69 -5.33
CA GLU A 251 -4.19 33.62 -6.26
C GLU A 251 -4.91 32.54 -5.51
N HIS A 252 -5.63 31.69 -6.23
CA HIS A 252 -6.32 30.58 -5.64
C HIS A 252 -5.38 29.50 -5.23
N ASN A 253 -5.54 29.02 -4.03
CA ASN A 253 -4.78 27.87 -3.55
C ASN A 253 -5.76 26.75 -3.66
N PHE A 254 -5.38 25.73 -4.42
CA PHE A 254 -6.31 24.63 -4.63
C PHE A 254 -6.12 23.47 -3.67
N ASN A 255 -5.07 23.57 -2.85
CA ASN A 255 -4.70 22.65 -1.79
C ASN A 255 -5.17 23.24 -0.45
N ALA A 256 -6.08 24.21 -0.53
CA ALA A 256 -6.63 24.86 0.63
C ALA A 256 -7.51 23.87 1.33
N LYS A 257 -7.52 23.94 2.66
CA LYS A 257 -8.32 23.12 3.54
C LYS A 257 -9.07 24.05 4.47
N TYR A 258 -10.11 23.54 5.16
CA TYR A 258 -10.91 24.33 6.09
C TYR A 258 -10.55 24.07 7.50
N THR A 259 -10.52 25.10 8.33
CA THR A 259 -10.26 24.96 9.75
C THR A 259 -11.55 24.57 10.43
N TYR A 260 -11.55 23.43 11.09
CA TYR A 260 -12.68 22.97 11.87
C TYR A 260 -12.15 22.51 13.22
N GLY A 261 -12.43 23.29 14.27
CA GLY A 261 -11.93 22.96 15.58
C GLY A 261 -10.42 22.99 15.57
N ALA A 262 -9.78 21.87 15.93
CA ALA A 262 -8.31 21.84 15.93
C ALA A 262 -7.80 21.10 14.71
N PHE A 263 -8.56 21.21 13.58
CA PHE A 263 -8.26 20.42 12.39
C PHE A 263 -8.37 21.13 11.09
N CYS A 264 -7.60 20.67 10.11
CA CYS A 264 -7.67 21.11 8.73
C CYS A 264 -8.39 20.01 8.02
N VAL A 265 -9.56 20.38 7.54
CA VAL A 265 -10.49 19.44 6.93
C VAL A 265 -10.76 19.67 5.45
N LYS A 266 -11.01 18.59 4.71
CA LYS A 266 -11.30 18.66 3.29
C LYS A 266 -12.70 19.25 3.02
N LYS A 267 -13.59 19.29 4.04
CA LYS A 267 -14.98 19.72 3.90
C LYS A 267 -15.53 20.24 5.26
N CYS A 268 -16.39 21.27 5.25
CA CYS A 268 -17.04 21.68 6.51
C CYS A 268 -18.24 20.75 6.76
N PRO A 269 -18.62 20.46 8.03
CA PRO A 269 -19.90 19.77 8.26
C PRO A 269 -21.01 20.59 7.56
N HIS A 270 -22.02 19.90 7.00
CA HIS A 270 -23.11 20.53 6.28
C HIS A 270 -23.88 21.62 7.03
N ASN A 271 -24.04 21.45 8.37
CA ASN A 271 -24.78 22.39 9.22
C ASN A 271 -24.00 23.68 9.59
N PHE A 272 -22.68 23.66 9.41
CA PHE A 272 -21.80 24.77 9.71
C PHE A 272 -21.68 25.73 8.52
N VAL A 273 -21.30 27.01 8.81
CA VAL A 273 -21.12 28.02 7.78
C VAL A 273 -19.66 28.19 7.46
N VAL A 274 -19.33 28.56 6.22
CA VAL A 274 -17.96 28.73 5.72
C VAL A 274 -17.69 30.22 5.62
N ASP A 275 -16.67 30.70 6.35
CA ASP A 275 -16.19 32.11 6.37
C ASP A 275 -14.68 31.96 6.30
N SER A 276 -14.05 32.61 5.28
CA SER A 276 -12.62 32.49 4.97
C SER A 276 -12.38 31.05 4.54
N SER A 277 -11.41 30.40 5.15
CA SER A 277 -11.12 28.99 4.88
C SER A 277 -11.37 28.24 6.20
N SER A 278 -12.50 28.59 6.90
CA SER A 278 -12.85 28.15 8.24
C SER A 278 -14.35 27.78 8.41
N CYS A 279 -14.62 26.74 9.24
CA CYS A 279 -15.93 26.22 9.58
C CYS A 279 -16.37 26.88 10.87
N VAL A 280 -17.21 27.89 10.72
CA VAL A 280 -17.71 28.65 11.85
C VAL A 280 -19.13 28.29 12.22
N ARG A 281 -19.57 28.78 13.38
CA ARG A 281 -20.89 28.52 13.92
C ARG A 281 -21.85 29.65 13.61
N ALA A 282 -21.32 30.88 13.49
CA ALA A 282 -22.13 32.04 13.22
C ALA A 282 -21.47 33.01 12.31
N CYS A 283 -22.27 33.78 11.56
CA CYS A 283 -21.73 34.82 10.72
C CYS A 283 -21.44 36.04 11.54
N PRO A 284 -20.42 36.85 11.16
CA PRO A 284 -20.21 38.11 11.86
C PRO A 284 -21.43 39.02 11.69
N SER A 285 -21.76 39.83 12.70
CA SER A 285 -22.91 40.75 12.72
C SER A 285 -23.12 41.53 11.39
N SER A 286 -21.98 41.90 10.74
CA SER A 286 -21.83 42.63 9.47
C SER A 286 -22.18 41.81 8.22
N LYS A 287 -22.04 40.45 8.28
CA LYS A 287 -22.32 39.53 7.17
C LYS A 287 -23.62 38.72 7.42
N MET A 288 -24.12 38.06 6.35
CA MET A 288 -25.34 37.24 6.39
C MET A 288 -25.16 35.88 5.76
N GLU A 289 -25.76 34.86 6.37
CA GLU A 289 -25.72 33.46 5.93
C GLU A 289 -26.47 33.27 4.61
N VAL A 290 -25.81 32.67 3.60
CA VAL A 290 -26.40 32.44 2.28
C VAL A 290 -26.01 31.02 1.77
N GLU A 291 -26.91 30.34 1.04
CA GLU A 291 -26.60 29.01 0.53
C GLU A 291 -26.23 29.05 -0.93
N GLU A 292 -25.08 28.44 -1.28
CA GLU A 292 -24.60 28.38 -2.65
C GLU A 292 -24.21 26.94 -2.91
N ASN A 293 -25.05 26.23 -3.67
CA ASN A 293 -24.88 24.82 -4.01
C ASN A 293 -24.78 23.95 -2.74
N GLY A 294 -25.71 24.19 -1.83
CA GLY A 294 -25.83 23.49 -0.55
C GLY A 294 -24.89 23.93 0.56
N ILE A 295 -23.97 24.87 0.23
CA ILE A 295 -22.94 25.39 1.14
C ILE A 295 -23.32 26.70 1.76
N LYS A 296 -23.45 26.72 3.11
CA LYS A 296 -23.79 27.92 3.88
C LYS A 296 -22.54 28.81 3.93
N MET A 297 -22.67 30.10 3.64
CA MET A 297 -21.52 31.01 3.60
C MET A 297 -21.85 32.36 4.12
N CYS A 298 -20.83 33.09 4.61
CA CYS A 298 -21.05 34.46 5.06
C CYS A 298 -20.76 35.39 3.92
N LYS A 299 -21.75 36.18 3.51
CA LYS A 299 -21.66 37.15 2.43
C LYS A 299 -22.14 38.50 2.98
N PRO A 300 -21.68 39.66 2.45
CA PRO A 300 -22.17 40.95 3.00
C PRO A 300 -23.67 41.14 2.85
N CYS A 301 -24.28 41.87 3.79
CA CYS A 301 -25.71 42.14 3.81
C CYS A 301 -26.16 43.02 2.64
N THR A 302 -27.34 42.71 2.04
CA THR A 302 -27.96 43.44 0.92
C THR A 302 -27.97 44.93 1.25
N ASP A 303 -28.58 45.28 2.40
CA ASP A 303 -28.65 46.62 2.96
C ASP A 303 -28.69 46.44 4.48
N ILE A 304 -29.75 45.77 4.97
CA ILE A 304 -29.97 45.50 6.39
C ILE A 304 -29.88 43.99 6.66
N CYS A 305 -29.03 43.62 7.64
CA CYS A 305 -28.77 42.26 8.09
C CYS A 305 -29.98 41.67 8.80
N PRO A 306 -30.26 40.36 8.61
CA PRO A 306 -31.41 39.75 9.33
C PRO A 306 -31.28 39.81 10.85
N LYS A 307 -32.42 39.73 11.58
CA LYS A 307 -32.41 39.80 13.04
C LYS A 307 -31.94 38.50 13.68
N ALA A 308 -30.61 38.35 13.83
CA ALA A 308 -29.94 37.21 14.46
C ALA A 308 -29.59 37.59 15.88
N CYS A 309 -29.94 36.75 16.84
CA CYS A 309 -29.76 37.08 18.25
C CYS A 309 -28.87 36.15 18.96
N ASP A 310 -28.16 36.69 19.96
CA ASP A 310 -27.28 35.91 20.79
C ASP A 310 -28.10 34.91 21.58
N GLY A 311 -27.68 33.66 21.53
CA GLY A 311 -28.32 32.58 22.26
C GLY A 311 -27.76 32.49 23.65
N ILE A 312 -28.30 31.57 24.44
CA ILE A 312 -27.84 31.36 25.82
C ILE A 312 -26.42 30.75 25.77
N GLY A 313 -25.46 31.54 26.28
CA GLY A 313 -24.03 31.22 26.34
C GLY A 313 -23.20 31.78 25.19
N THR A 314 -23.76 32.77 24.46
CA THR A 314 -23.12 33.43 23.31
C THR A 314 -23.15 34.97 23.44
N GLY A 315 -22.01 35.61 23.11
CA GLY A 315 -21.84 37.07 23.10
C GLY A 315 -22.40 37.79 24.30
N SER A 316 -23.45 38.61 24.10
CA SER A 316 -24.13 39.36 25.16
C SER A 316 -24.71 38.47 26.27
N LEU A 317 -24.93 37.18 25.97
CA LEU A 317 -25.49 36.24 26.91
C LEU A 317 -24.54 35.10 27.24
N MET A 318 -23.22 35.31 27.07
CA MET A 318 -22.14 34.37 27.37
C MET A 318 -22.29 33.78 28.76
N SER A 319 -22.53 34.66 29.76
CA SER A 319 -22.72 34.37 31.18
C SER A 319 -23.94 33.46 31.46
N ALA A 320 -25.06 33.67 30.73
CA ALA A 320 -26.32 32.94 30.89
C ALA A 320 -26.25 31.39 30.78
N GLN A 321 -27.10 30.75 31.58
CA GLN A 321 -27.24 29.31 31.61
C GLN A 321 -28.67 28.93 31.18
N THR A 322 -29.62 29.91 31.26
CA THR A 322 -31.03 29.75 30.93
C THR A 322 -31.70 31.06 30.52
N VAL A 323 -32.86 30.94 29.84
CA VAL A 323 -33.71 32.08 29.52
C VAL A 323 -34.37 32.38 30.86
N ASP A 324 -34.48 33.65 31.23
CA ASP A 324 -35.12 34.07 32.48
C ASP A 324 -35.75 35.45 32.31
N SER A 325 -36.38 35.97 33.37
CA SER A 325 -37.02 37.28 33.35
C SER A 325 -36.05 38.43 33.03
N SER A 326 -34.75 38.25 33.38
CA SER A 326 -33.68 39.23 33.14
C SER A 326 -33.23 39.31 31.68
N ASN A 327 -33.57 38.29 30.86
CA ASN A 327 -33.11 38.25 29.47
C ASN A 327 -34.16 37.89 28.42
N ILE A 328 -35.37 37.48 28.85
CA ILE A 328 -36.49 37.15 27.96
C ILE A 328 -36.77 38.28 26.95
N ASP A 329 -36.58 39.54 27.37
CA ASP A 329 -36.78 40.70 26.52
C ASP A 329 -35.68 40.96 25.48
N LYS A 330 -34.53 40.26 25.58
CA LYS A 330 -33.44 40.37 24.60
C LYS A 330 -33.80 39.59 23.32
N PHE A 331 -34.97 38.94 23.31
CA PHE A 331 -35.45 38.12 22.21
C PHE A 331 -36.60 38.71 21.39
N ILE A 332 -36.97 40.00 21.65
CA ILE A 332 -38.03 40.65 20.87
C ILE A 332 -37.63 40.76 19.39
N ASN A 333 -38.50 40.23 18.50
CA ASN A 333 -38.38 40.25 17.05
C ASN A 333 -37.25 39.40 16.43
N CYS A 334 -36.71 38.42 17.18
CA CYS A 334 -35.65 37.54 16.66
C CYS A 334 -36.21 36.53 15.73
N THR A 335 -35.57 36.38 14.56
CA THR A 335 -35.96 35.39 13.56
C THR A 335 -34.97 34.22 13.59
N LYS A 336 -33.73 34.49 14.04
CA LYS A 336 -32.64 33.52 14.14
C LYS A 336 -32.00 33.64 15.49
N ILE A 337 -31.63 32.51 16.11
CA ILE A 337 -30.94 32.51 17.39
C ILE A 337 -29.53 32.00 17.15
N ASN A 338 -28.52 32.86 17.28
CA ASN A 338 -27.13 32.43 17.13
C ASN A 338 -26.67 31.82 18.41
N GLY A 339 -26.99 30.56 18.55
CA GLY A 339 -26.64 29.83 19.75
C GLY A 339 -27.78 28.95 20.17
N ASN A 340 -27.87 28.73 21.46
CA ASN A 340 -28.86 27.86 22.07
C ASN A 340 -30.01 28.58 22.75
N LEU A 341 -31.08 27.83 23.06
CA LEU A 341 -32.21 28.23 23.87
C LEU A 341 -32.36 27.16 24.90
N ILE A 342 -32.13 27.56 26.14
CA ILE A 342 -32.19 26.67 27.28
C ILE A 342 -33.18 27.24 28.29
N PHE A 343 -34.06 26.37 28.79
CA PHE A 343 -35.06 26.68 29.82
C PHE A 343 -34.79 25.75 30.96
N LEU A 344 -34.16 26.26 32.02
CA LEU A 344 -33.83 25.48 33.22
C LEU A 344 -34.90 25.74 34.28
N VAL A 345 -34.93 24.90 35.33
CA VAL A 345 -35.89 25.06 36.43
C VAL A 345 -35.81 26.49 37.01
N THR A 346 -34.59 26.97 37.29
CA THR A 346 -34.30 28.30 37.81
C THR A 346 -34.60 29.46 36.84
N GLY A 347 -34.86 29.14 35.59
CA GLY A 347 -35.22 30.15 34.60
C GLY A 347 -36.71 30.42 34.66
N ILE A 348 -37.50 29.34 34.59
CA ILE A 348 -38.96 29.35 34.61
C ILE A 348 -39.52 29.72 36.00
N HIS A 349 -38.97 29.10 37.04
CA HIS A 349 -39.42 29.29 38.42
C HIS A 349 -38.58 30.28 39.26
N GLY A 350 -37.69 31.00 38.61
CA GLY A 350 -36.85 32.02 39.24
C GLY A 350 -35.69 31.50 40.07
N ASP A 351 -34.62 32.32 40.15
CA ASP A 351 -33.41 32.07 40.94
C ASP A 351 -33.33 33.12 42.06
N PRO A 352 -33.96 32.82 43.24
CA PRO A 352 -33.97 33.79 44.34
C PRO A 352 -32.62 34.31 44.79
N TYR A 353 -31.61 33.41 44.92
CA TYR A 353 -30.26 33.79 45.37
C TYR A 353 -29.66 34.93 44.54
N ASN A 354 -29.84 34.90 43.20
CA ASN A 354 -29.32 35.95 42.33
C ASN A 354 -30.39 37.00 42.01
N ALA A 355 -31.45 37.06 42.85
CA ALA A 355 -32.58 37.98 42.76
C ALA A 355 -33.20 38.07 41.36
N ILE A 356 -33.56 36.90 40.82
CA ILE A 356 -34.24 36.80 39.54
C ILE A 356 -35.61 36.20 39.77
N GLU A 357 -36.65 36.97 39.43
CA GLU A 357 -38.05 36.57 39.59
C GLU A 357 -38.43 35.56 38.53
N ALA A 358 -39.38 34.67 38.84
CA ALA A 358 -39.87 33.66 37.89
C ALA A 358 -40.41 34.34 36.63
N ILE A 359 -40.17 33.73 35.50
CA ILE A 359 -40.60 34.26 34.21
C ILE A 359 -42.14 34.38 34.10
N ASP A 360 -42.61 35.46 33.43
CA ASP A 360 -44.01 35.70 33.14
C ASP A 360 -44.37 34.79 31.96
N PRO A 361 -45.24 33.77 32.15
CA PRO A 361 -45.57 32.85 31.05
C PRO A 361 -46.00 33.50 29.73
N GLU A 362 -46.65 34.67 29.80
CA GLU A 362 -47.08 35.41 28.62
C GLU A 362 -45.88 35.86 27.81
N LYS A 363 -44.78 36.28 28.49
CA LYS A 363 -43.54 36.74 27.84
C LYS A 363 -42.88 35.69 26.94
N LEU A 364 -43.21 34.40 27.11
CA LEU A 364 -42.67 33.33 26.27
C LEU A 364 -43.14 33.43 24.82
N ASN A 365 -44.13 34.31 24.55
CA ASN A 365 -44.64 34.56 23.21
C ASN A 365 -43.66 35.31 22.30
N VAL A 366 -42.53 35.83 22.87
CA VAL A 366 -41.47 36.52 22.10
C VAL A 366 -40.88 35.59 21.03
N PHE A 367 -40.89 34.28 21.31
CA PHE A 367 -40.34 33.21 20.47
C PHE A 367 -41.16 32.87 19.23
N ARG A 368 -42.36 33.44 19.11
CA ARG A 368 -43.21 33.19 17.95
C ARG A 368 -42.60 33.70 16.63
N THR A 369 -41.59 34.57 16.72
CA THR A 369 -40.90 35.12 15.56
C THR A 369 -39.73 34.23 15.12
N VAL A 370 -39.21 33.40 16.06
CA VAL A 370 -38.06 32.52 15.84
C VAL A 370 -38.34 31.44 14.81
N ARG A 371 -37.54 31.45 13.72
CA ARG A 371 -37.60 30.50 12.61
C ARG A 371 -36.44 29.50 12.65
N GLU A 372 -35.29 29.91 13.23
CA GLU A 372 -34.09 29.09 13.31
C GLU A 372 -33.38 29.23 14.65
N ILE A 373 -32.84 28.09 15.16
CA ILE A 373 -32.00 27.99 16.36
C ILE A 373 -30.77 27.25 15.84
N THR A 374 -29.62 27.95 15.68
CA THR A 374 -28.38 27.39 15.14
C THR A 374 -27.74 26.29 16.04
N GLY A 375 -27.80 26.46 17.36
CA GLY A 375 -27.29 25.48 18.30
C GLY A 375 -28.32 24.45 18.65
N PHE A 376 -28.65 24.35 19.96
CA PHE A 376 -29.65 23.38 20.47
C PHE A 376 -30.81 24.00 21.26
N LEU A 377 -31.92 23.23 21.40
CA LEU A 377 -33.09 23.59 22.16
C LEU A 377 -33.19 22.61 23.36
N ASN A 378 -33.04 23.16 24.57
CA ASN A 378 -33.03 22.39 25.81
C ASN A 378 -34.16 22.85 26.74
N ILE A 379 -35.25 22.06 26.79
CA ILE A 379 -36.40 22.36 27.64
C ILE A 379 -36.41 21.40 28.85
N GLN A 380 -35.92 21.92 30.00
CA GLN A 380 -35.87 21.19 31.27
C GLN A 380 -36.95 21.72 32.22
N SER A 381 -37.58 22.85 31.87
CA SER A 381 -38.62 23.49 32.66
C SER A 381 -39.53 24.27 31.77
N TRP A 382 -40.80 24.36 32.16
CA TRP A 382 -41.85 25.04 31.40
C TRP A 382 -42.99 25.41 32.34
N PRO A 383 -43.62 26.60 32.16
CA PRO A 383 -44.76 26.98 33.03
C PRO A 383 -45.80 25.85 33.08
N PRO A 384 -46.28 25.52 34.31
CA PRO A 384 -47.20 24.39 34.46
C PRO A 384 -48.53 24.48 33.73
N ASN A 385 -49.06 25.72 33.58
CA ASN A 385 -50.33 25.99 32.91
C ASN A 385 -50.26 25.87 31.36
N MET A 386 -49.04 25.73 30.82
CA MET A 386 -48.75 25.61 29.39
C MET A 386 -48.58 24.15 28.97
N THR A 387 -49.49 23.68 28.10
CA THR A 387 -49.58 22.30 27.62
C THR A 387 -48.75 21.91 26.39
N ASP A 388 -48.14 22.90 25.72
CA ASP A 388 -47.37 22.67 24.50
C ASP A 388 -46.40 23.82 24.22
N PHE A 389 -45.58 23.63 23.18
CA PHE A 389 -44.59 24.59 22.75
C PHE A 389 -45.03 25.35 21.50
N SER A 390 -46.30 25.79 21.48
CA SER A 390 -46.87 26.57 20.37
C SER A 390 -46.19 27.93 20.21
N VAL A 391 -45.46 28.42 21.25
CA VAL A 391 -44.67 29.66 21.16
C VAL A 391 -43.57 29.46 20.08
N PHE A 392 -43.21 28.18 19.79
CA PHE A 392 -42.23 27.79 18.79
C PHE A 392 -42.89 27.31 17.51
N SER A 393 -44.11 27.86 17.24
CA SER A 393 -44.94 27.52 16.08
C SER A 393 -44.32 27.91 14.72
N ASN A 394 -43.32 28.79 14.73
CA ASN A 394 -42.65 29.24 13.53
C ASN A 394 -41.25 28.66 13.31
N LEU A 395 -40.70 27.94 14.32
CA LEU A 395 -39.39 27.29 14.31
C LEU A 395 -39.33 26.22 13.23
N VAL A 396 -38.44 26.41 12.24
CA VAL A 396 -38.30 25.49 11.10
C VAL A 396 -37.06 24.60 11.25
N THR A 397 -35.95 25.21 11.71
CA THR A 397 -34.67 24.54 11.82
C THR A 397 -34.03 24.62 13.17
N ILE A 398 -33.38 23.53 13.56
CA ILE A 398 -32.47 23.39 14.68
C ILE A 398 -31.17 22.88 13.97
N GLY A 399 -30.16 23.71 13.92
CA GLY A 399 -28.91 23.39 13.23
C GLY A 399 -28.03 22.37 13.91
N GLY A 400 -28.01 22.35 15.23
CA GLY A 400 -27.17 21.43 15.99
C GLY A 400 -25.70 21.71 15.79
N ARG A 401 -25.34 22.99 15.57
CA ARG A 401 -23.95 23.44 15.37
C ARG A 401 -23.22 23.43 16.71
N VAL A 402 -24.01 23.33 17.81
CA VAL A 402 -23.57 23.16 19.19
C VAL A 402 -24.47 22.03 19.73
N LEU A 403 -23.92 21.07 20.50
CA LEU A 403 -24.71 19.97 21.07
C LEU A 403 -24.53 19.87 22.58
N TYR A 404 -25.60 19.43 23.29
CA TYR A 404 -25.55 19.19 24.73
C TYR A 404 -25.55 17.69 24.80
N SER A 405 -24.38 17.11 25.09
CA SER A 405 -24.16 15.65 25.19
C SER A 405 -24.64 14.93 23.93
N GLY A 406 -24.31 15.54 22.79
CA GLY A 406 -24.67 14.99 21.49
C GLY A 406 -26.09 15.21 21.08
N LEU A 407 -26.87 15.92 21.91
CA LEU A 407 -28.27 16.20 21.63
C LEU A 407 -28.51 17.59 21.08
N SER A 408 -29.46 17.70 20.13
CA SER A 408 -29.87 18.99 19.56
C SER A 408 -31.27 19.40 20.01
N LEU A 409 -32.05 18.45 20.59
CA LEU A 409 -33.42 18.65 21.10
C LEU A 409 -33.62 17.83 22.38
N LEU A 410 -34.07 18.53 23.42
CA LEU A 410 -34.28 18.01 24.75
C LEU A 410 -35.61 18.49 25.24
N ILE A 411 -36.48 17.56 25.59
CA ILE A 411 -37.72 17.92 26.23
C ILE A 411 -37.81 16.88 27.31
N LEU A 412 -37.59 17.29 28.57
CA LEU A 412 -37.63 16.32 29.66
C LEU A 412 -38.30 16.76 30.95
N LYS A 413 -38.85 15.76 31.69
CA LYS A 413 -39.47 15.91 33.01
C LYS A 413 -40.69 16.84 33.04
N GLN A 414 -41.17 17.27 31.87
CA GLN A 414 -42.32 18.17 31.77
C GLN A 414 -43.68 17.54 31.92
N GLN A 415 -44.30 17.70 33.10
CA GLN A 415 -45.62 17.09 33.40
C GLN A 415 -46.80 17.78 32.73
N GLY A 416 -46.72 19.12 32.62
CA GLY A 416 -47.78 19.94 32.08
C GLY A 416 -48.06 19.82 30.59
N ILE A 417 -47.07 19.35 29.82
CA ILE A 417 -47.20 19.21 28.37
C ILE A 417 -47.96 17.95 27.95
N THR A 418 -48.92 18.14 27.02
CA THR A 418 -49.78 17.06 26.51
C THR A 418 -49.61 16.84 24.99
N SER A 419 -49.05 17.84 24.29
CA SER A 419 -48.72 17.83 22.87
C SER A 419 -47.48 18.71 22.70
N LEU A 420 -46.82 18.61 21.53
CA LEU A 420 -45.59 19.36 21.28
C LEU A 420 -45.90 20.66 20.56
N GLN A 421 -46.56 20.57 19.37
CA GLN A 421 -47.00 21.70 18.55
C GLN A 421 -45.88 22.52 17.88
N PHE A 422 -44.85 21.79 17.40
CA PHE A 422 -43.73 22.38 16.67
C PHE A 422 -44.09 22.48 15.18
N GLN A 423 -45.38 22.79 14.90
CA GLN A 423 -46.06 22.98 13.61
C GLN A 423 -45.15 23.26 12.39
N SER A 424 -44.36 24.35 12.41
CA SER A 424 -43.48 24.68 11.29
C SER A 424 -42.20 23.84 11.17
N LEU A 425 -41.79 23.07 12.23
CA LEU A 425 -40.55 22.24 12.26
C LEU A 425 -40.41 21.26 11.12
N LYS A 426 -39.26 21.35 10.45
CA LYS A 426 -38.97 20.55 9.27
C LYS A 426 -37.53 19.98 9.28
N GLU A 427 -36.61 20.62 10.03
CA GLU A 427 -35.21 20.20 10.04
C GLU A 427 -34.45 20.25 11.38
N ILE A 428 -33.79 19.14 11.74
CA ILE A 428 -32.89 18.95 12.88
C ILE A 428 -31.58 18.40 12.22
N SER A 429 -30.73 19.34 11.73
CA SER A 429 -29.54 19.08 10.95
C SER A 429 -28.51 18.16 11.58
N ALA A 430 -28.26 18.33 12.87
CA ALA A 430 -27.27 17.53 13.57
C ALA A 430 -27.79 17.21 14.94
N GLY A 431 -27.12 16.31 15.63
CA GLY A 431 -27.50 15.90 16.98
C GLY A 431 -28.66 14.94 17.09
N ASN A 432 -28.82 14.38 18.29
CA ASN A 432 -29.88 13.45 18.60
C ASN A 432 -31.00 14.12 19.40
N ILE A 433 -32.14 13.45 19.45
CA ILE A 433 -33.33 13.92 20.17
C ILE A 433 -33.52 13.12 21.45
N TYR A 434 -33.88 13.82 22.51
CA TYR A 434 -34.07 13.23 23.82
C TYR A 434 -35.38 13.76 24.41
N ILE A 435 -36.46 12.98 24.27
CA ILE A 435 -37.78 13.33 24.78
C ILE A 435 -38.15 12.28 25.80
N THR A 436 -37.94 12.61 27.09
CA THR A 436 -38.19 11.65 28.17
C THR A 436 -38.94 12.24 29.37
N ASP A 437 -39.58 11.34 30.16
CA ASP A 437 -40.24 11.64 31.44
C ASP A 437 -41.32 12.73 31.42
N ASN A 438 -41.91 13.00 30.24
CA ASN A 438 -43.01 13.95 30.07
C ASN A 438 -44.29 13.12 30.11
N SER A 439 -44.63 12.68 31.31
CA SER A 439 -45.72 11.75 31.64
C SER A 439 -47.05 11.87 30.94
N ASN A 440 -47.38 13.08 30.45
CA ASN A 440 -48.66 13.37 29.82
C ASN A 440 -48.57 13.75 28.34
N LEU A 441 -47.34 13.77 27.77
CA LEU A 441 -47.11 14.06 26.36
C LEU A 441 -47.69 12.93 25.51
N CYS A 442 -48.38 13.29 24.39
CA CYS A 442 -49.14 12.33 23.60
C CYS A 442 -48.96 12.22 22.11
N TYR A 443 -48.22 13.09 21.43
CA TYR A 443 -48.27 12.87 19.98
C TYR A 443 -46.96 12.39 19.36
N TYR A 444 -45.90 12.50 20.18
CA TYR A 444 -44.49 12.18 19.93
C TYR A 444 -44.27 10.83 19.22
N HIS A 445 -45.08 9.81 19.57
CA HIS A 445 -44.98 8.44 19.08
C HIS A 445 -45.42 8.22 17.65
N THR A 446 -46.08 9.22 17.02
CA THR A 446 -46.57 9.18 15.65
C THR A 446 -45.57 9.77 14.68
N ILE A 447 -44.70 10.67 15.19
CA ILE A 447 -43.70 11.37 14.39
C ILE A 447 -42.61 10.44 13.90
N ASN A 448 -42.34 10.49 12.57
CA ASN A 448 -41.25 9.80 11.89
C ASN A 448 -40.12 10.82 11.92
N TRP A 449 -39.50 10.95 13.10
CA TRP A 449 -38.39 11.86 13.37
C TRP A 449 -37.31 11.80 12.29
N THR A 450 -37.12 10.61 11.69
CA THR A 450 -36.16 10.35 10.63
C THR A 450 -36.25 11.35 9.46
N THR A 451 -37.48 11.78 9.14
CA THR A 451 -37.72 12.73 8.06
C THR A 451 -37.09 14.09 8.35
N LEU A 452 -36.89 14.41 9.66
CA LEU A 452 -36.31 15.69 10.11
C LEU A 452 -34.79 15.68 10.11
N PHE A 453 -34.18 14.49 10.21
CA PHE A 453 -32.73 14.34 10.25
C PHE A 453 -32.05 14.50 8.90
N SER A 454 -30.78 14.93 8.92
CA SER A 454 -29.89 15.10 7.77
C SER A 454 -28.90 13.91 7.67
N THR A 455 -28.25 13.56 8.80
CA THR A 455 -27.31 12.43 8.90
C THR A 455 -28.07 11.13 9.24
N ILE A 456 -27.46 9.97 8.97
CA ILE A 456 -28.06 8.68 9.34
C ILE A 456 -27.56 8.24 10.74
N ASN A 457 -26.65 9.05 11.32
CA ASN A 457 -26.05 8.89 12.64
C ASN A 457 -26.96 9.49 13.72
N GLN A 458 -28.05 10.14 13.28
CA GLN A 458 -28.99 10.81 14.14
C GLN A 458 -29.95 9.83 14.73
N ARG A 459 -29.92 9.73 16.07
CA ARG A 459 -30.75 8.85 16.87
C ARG A 459 -31.86 9.63 17.57
N ILE A 460 -32.80 8.89 18.14
CA ILE A 460 -33.92 9.38 18.90
C ILE A 460 -34.05 8.54 20.19
N VAL A 461 -34.12 9.23 21.34
CA VAL A 461 -34.25 8.64 22.69
C VAL A 461 -35.61 9.08 23.25
N ILE A 462 -36.66 8.25 23.05
CA ILE A 462 -37.99 8.52 23.58
C ILE A 462 -38.31 7.51 24.66
N ARG A 463 -38.44 7.98 25.91
CA ARG A 463 -38.65 7.12 27.06
C ARG A 463 -39.57 7.78 28.10
N ASP A 464 -40.42 6.97 28.74
CA ASP A 464 -41.29 7.35 29.85
C ASP A 464 -42.22 8.55 29.64
N ASN A 465 -42.76 8.69 28.42
CA ASN A 465 -43.78 9.69 28.14
C ASN A 465 -45.11 8.89 28.21
N ARG A 466 -46.27 9.47 27.88
CA ARG A 466 -47.50 8.66 27.99
C ARG A 466 -47.51 7.54 26.95
N LYS A 467 -47.72 6.28 27.41
CA LYS A 467 -47.76 5.08 26.57
C LYS A 467 -48.64 5.27 25.34
N ALA A 468 -48.10 4.97 24.15
CA ALA A 468 -48.81 5.10 22.87
C ALA A 468 -50.20 4.47 22.86
N GLU A 469 -50.36 3.36 23.59
CA GLU A 469 -51.60 2.59 23.73
C GLU A 469 -52.63 3.43 24.47
N ASN A 470 -52.18 4.09 25.58
CA ASN A 470 -52.96 4.96 26.46
C ASN A 470 -53.42 6.21 25.70
N CYS A 471 -52.56 6.76 24.82
CA CYS A 471 -52.88 7.94 24.02
C CYS A 471 -54.03 7.61 23.08
N THR A 472 -53.84 6.55 22.28
CA THR A 472 -54.76 5.98 21.29
C THR A 472 -56.16 5.69 21.90
N ALA A 473 -56.20 5.01 23.06
CA ALA A 473 -57.41 4.69 23.83
C ALA A 473 -58.12 5.94 24.36
N GLU A 474 -57.38 7.05 24.62
CA GLU A 474 -57.96 8.33 25.06
C GLU A 474 -58.24 9.27 23.90
N GLY A 475 -58.10 8.76 22.68
CA GLY A 475 -58.38 9.48 21.44
C GLY A 475 -57.38 10.52 20.99
N MET A 476 -56.16 10.52 21.59
CA MET A 476 -55.11 11.47 21.20
C MET A 476 -54.44 10.93 19.96
N VAL A 477 -55.16 11.01 18.84
CA VAL A 477 -54.67 10.54 17.54
C VAL A 477 -54.56 11.67 16.54
N CYS A 478 -53.79 11.43 15.46
CA CYS A 478 -53.62 12.41 14.40
C CYS A 478 -54.89 12.51 13.58
N ASN A 479 -55.12 13.71 13.03
CA ASN A 479 -56.23 14.02 12.13
C ASN A 479 -56.12 13.12 10.89
N HIS A 480 -57.26 12.68 10.31
CA HIS A 480 -57.25 11.79 9.13
C HIS A 480 -56.50 12.35 7.91
N LEU A 481 -56.44 13.69 7.80
CA LEU A 481 -55.76 14.37 6.69
C LEU A 481 -54.23 14.42 6.82
N CYS A 482 -53.66 13.88 7.93
CA CYS A 482 -52.21 13.77 8.18
C CYS A 482 -51.68 12.58 7.40
N SER A 483 -50.43 12.63 6.95
CA SER A 483 -49.79 11.52 6.26
C SER A 483 -49.37 10.47 7.29
N SER A 484 -48.70 9.38 6.85
CA SER A 484 -48.17 8.36 7.77
C SER A 484 -46.95 8.87 8.59
N ASP A 485 -46.50 10.11 8.31
CA ASP A 485 -45.38 10.75 9.00
C ASP A 485 -45.67 11.29 10.40
N GLY A 486 -46.96 11.45 10.73
CA GLY A 486 -47.42 11.90 12.04
C GLY A 486 -47.92 13.32 12.09
N CYS A 487 -48.11 13.81 13.34
CA CYS A 487 -48.61 15.15 13.69
C CYS A 487 -47.96 15.63 14.99
N TRP A 488 -47.93 16.95 15.20
CA TRP A 488 -47.33 17.59 16.39
C TRP A 488 -48.27 17.66 17.57
N GLY A 489 -49.56 17.52 17.29
CA GLY A 489 -50.67 17.62 18.23
C GLY A 489 -52.00 17.43 17.53
N PRO A 490 -53.13 17.84 18.14
CA PRO A 490 -54.42 17.60 17.46
C PRO A 490 -54.76 18.63 16.39
N GLY A 491 -55.59 18.22 15.44
CA GLY A 491 -56.03 19.13 14.39
C GLY A 491 -55.32 18.94 13.07
N PRO A 492 -55.89 19.54 12.00
CA PRO A 492 -55.29 19.38 10.66
C PRO A 492 -54.08 20.29 10.41
N ASP A 493 -53.98 21.40 11.17
CA ASP A 493 -52.88 22.37 11.08
C ASP A 493 -51.56 21.80 11.62
N GLN A 494 -51.65 20.79 12.49
CA GLN A 494 -50.52 20.17 13.16
C GLN A 494 -49.88 18.97 12.45
N CYS A 495 -50.12 18.75 11.13
CA CYS A 495 -49.48 17.60 10.45
C CYS A 495 -48.04 17.83 10.08
N LEU A 496 -47.31 16.73 9.86
CA LEU A 496 -45.92 16.69 9.40
C LEU A 496 -45.91 16.81 7.84
N SER A 497 -46.99 16.31 7.19
CA SER A 497 -47.29 16.33 5.74
C SER A 497 -48.76 15.95 5.55
N CYS A 498 -49.41 16.45 4.46
CA CYS A 498 -50.82 16.15 4.21
C CYS A 498 -51.05 14.93 3.35
N ARG A 499 -52.16 14.25 3.62
CA ARG A 499 -52.61 13.06 2.91
C ARG A 499 -53.14 13.49 1.53
N ARG A 500 -53.74 14.70 1.46
CA ARG A 500 -54.24 15.27 0.22
C ARG A 500 -53.73 16.71 0.02
N PHE A 501 -54.64 17.72 0.02
CA PHE A 501 -54.35 19.15 -0.18
C PHE A 501 -54.07 19.93 1.11
N SER A 502 -53.59 21.20 0.97
CA SER A 502 -53.26 22.10 2.08
C SER A 502 -53.53 23.58 1.77
N ARG A 503 -54.27 24.26 2.67
CA ARG A 503 -54.54 25.69 2.56
C ARG A 503 -53.79 26.41 3.68
N GLY A 504 -52.60 26.86 3.35
CA GLY A 504 -51.72 27.52 4.31
C GLY A 504 -51.10 26.46 5.20
N ARG A 505 -51.37 26.55 6.51
CA ARG A 505 -50.85 25.60 7.49
C ARG A 505 -51.81 24.43 7.76
N ILE A 506 -53.03 24.47 7.22
CA ILE A 506 -54.08 23.47 7.44
C ILE A 506 -54.29 22.54 6.22
N CYS A 507 -54.33 21.21 6.45
CA CYS A 507 -54.58 20.20 5.41
C CYS A 507 -56.09 20.08 5.18
N ILE A 508 -56.56 20.14 3.91
CA ILE A 508 -57.99 19.97 3.54
C ILE A 508 -58.13 18.95 2.37
N GLU A 509 -59.36 18.43 2.15
CA GLU A 509 -59.69 17.44 1.13
C GLU A 509 -59.57 17.97 -0.31
N SER A 510 -60.11 19.19 -0.61
CA SER A 510 -60.00 19.82 -1.95
C SER A 510 -59.97 21.35 -1.88
N CYS A 511 -59.41 22.00 -2.93
CA CYS A 511 -59.35 23.46 -3.03
C CYS A 511 -60.74 24.04 -3.35
N ASN A 512 -60.89 25.37 -3.21
CA ASN A 512 -62.14 26.07 -3.54
C ASN A 512 -62.14 26.34 -5.05
N LEU A 513 -62.25 25.26 -5.84
CA LEU A 513 -62.22 25.32 -7.31
C LEU A 513 -63.54 25.81 -7.93
N TYR A 514 -64.67 25.27 -7.44
CA TYR A 514 -66.01 25.57 -7.97
C TYR A 514 -66.93 26.27 -6.98
N ASP A 515 -66.62 26.20 -5.66
CA ASP A 515 -67.40 26.86 -4.62
C ASP A 515 -66.55 27.32 -3.43
N GLY A 516 -66.94 28.45 -2.85
CA GLY A 516 -66.23 29.09 -1.73
C GLY A 516 -66.00 30.57 -1.93
N GLU A 517 -65.97 31.32 -0.80
CA GLU A 517 -65.77 32.77 -0.71
C GLU A 517 -64.58 33.26 -1.55
N PHE A 518 -63.46 32.53 -1.50
CA PHE A 518 -62.26 32.85 -2.26
C PHE A 518 -61.89 31.63 -3.08
N ARG A 519 -62.01 31.74 -4.41
CA ARG A 519 -61.68 30.63 -5.31
C ARG A 519 -60.17 30.42 -5.39
N GLU A 520 -59.78 29.16 -5.63
CA GLU A 520 -58.38 28.74 -5.67
C GLU A 520 -58.07 27.77 -6.80
N PHE A 521 -56.82 27.74 -7.23
CA PHE A 521 -56.30 26.79 -8.20
C PHE A 521 -55.34 25.90 -7.41
N GLU A 522 -55.09 24.68 -7.91
CA GLU A 522 -54.16 23.77 -7.22
C GLU A 522 -52.75 23.80 -7.76
N ASN A 523 -51.82 24.33 -6.95
CA ASN A 523 -50.38 24.41 -7.23
C ASN A 523 -49.76 23.08 -6.73
N ASP A 524 -50.36 21.94 -7.17
CA ASP A 524 -49.98 20.59 -6.78
C ASP A 524 -49.98 20.45 -5.24
N SER A 525 -51.17 20.13 -4.68
CA SER A 525 -51.45 19.99 -3.24
C SER A 525 -51.55 21.30 -2.45
N ILE A 526 -50.96 22.41 -2.94
CA ILE A 526 -51.07 23.71 -2.27
C ILE A 526 -52.21 24.50 -2.90
N CYS A 527 -53.20 24.90 -2.09
CA CYS A 527 -54.34 25.66 -2.59
C CYS A 527 -54.05 27.15 -2.50
N VAL A 528 -53.83 27.76 -3.68
CA VAL A 528 -53.50 29.17 -3.83
C VAL A 528 -54.69 29.92 -4.39
N GLU A 529 -55.05 31.05 -3.74
CA GLU A 529 -56.17 31.91 -4.13
C GLU A 529 -55.93 32.58 -5.48
N CYS A 530 -57.00 32.66 -6.29
CA CYS A 530 -56.97 33.31 -7.61
C CYS A 530 -56.77 34.82 -7.41
N ASP A 531 -56.12 35.48 -8.39
CA ASP A 531 -55.85 36.94 -8.40
C ASP A 531 -57.13 37.74 -8.09
N PRO A 532 -57.11 38.80 -7.24
CA PRO A 532 -58.36 39.55 -6.93
C PRO A 532 -59.11 40.08 -8.14
N GLN A 533 -58.42 40.22 -9.29
CA GLN A 533 -58.97 40.68 -10.56
C GLN A 533 -59.79 39.59 -11.29
N CYS A 534 -59.58 38.28 -10.96
CA CYS A 534 -60.32 37.17 -11.57
C CYS A 534 -61.77 37.24 -11.05
N GLU A 535 -62.76 37.07 -11.96
CA GLU A 535 -64.18 37.10 -11.61
C GLU A 535 -64.63 35.71 -11.14
N LYS A 536 -65.35 35.67 -10.00
CA LYS A 536 -65.88 34.45 -9.37
C LYS A 536 -66.82 33.68 -10.31
N MET A 537 -66.25 32.71 -11.04
CA MET A 537 -66.95 31.87 -12.01
C MET A 537 -67.88 30.86 -11.35
N GLU A 538 -69.18 30.95 -11.64
CA GLU A 538 -70.20 30.04 -11.10
C GLU A 538 -70.55 28.98 -12.16
N ASP A 539 -71.44 28.03 -11.79
CA ASP A 539 -71.92 26.92 -12.63
C ASP A 539 -70.81 26.00 -13.14
N GLY A 540 -70.09 25.38 -12.19
CA GLY A 540 -69.01 24.43 -12.45
C GLY A 540 -67.83 24.93 -13.27
N LEU A 541 -67.54 26.24 -13.21
CA LEU A 541 -66.43 26.83 -13.95
C LEU A 541 -65.28 27.21 -13.04
N LEU A 542 -64.04 27.08 -13.54
CA LEU A 542 -62.86 27.46 -12.78
C LEU A 542 -62.64 28.98 -12.89
N THR A 543 -62.36 29.66 -11.77
CA THR A 543 -62.13 31.11 -11.70
C THR A 543 -60.77 31.50 -12.32
N CYS A 544 -59.76 30.64 -12.13
CA CYS A 544 -58.42 30.80 -12.68
C CYS A 544 -57.78 29.44 -12.99
N HIS A 545 -56.72 29.45 -13.78
CA HIS A 545 -55.95 28.26 -14.18
C HIS A 545 -54.46 28.49 -13.92
N GLY A 546 -54.17 29.30 -12.89
CA GLY A 546 -52.82 29.64 -12.47
C GLY A 546 -52.72 30.95 -11.70
N PRO A 547 -51.48 31.38 -11.37
CA PRO A 547 -51.31 32.62 -10.60
C PRO A 547 -51.16 33.88 -11.44
N GLY A 548 -51.58 35.00 -10.87
CA GLY A 548 -51.51 36.31 -11.49
C GLY A 548 -52.74 36.67 -12.31
N PRO A 549 -52.83 37.94 -12.78
CA PRO A 549 -54.01 38.34 -13.58
C PRO A 549 -54.01 37.82 -15.02
N ASP A 550 -52.85 37.35 -15.50
CA ASP A 550 -52.70 36.78 -16.85
C ASP A 550 -53.43 35.44 -16.97
N ASN A 551 -53.43 34.65 -15.88
CA ASN A 551 -54.06 33.32 -15.80
C ASN A 551 -55.54 33.33 -15.32
N CYS A 552 -56.29 34.42 -15.61
CA CYS A 552 -57.71 34.55 -15.24
C CYS A 552 -58.60 33.86 -16.27
N THR A 553 -59.86 33.59 -15.90
CA THR A 553 -60.87 33.02 -16.79
C THR A 553 -61.64 34.20 -17.42
N LYS A 554 -62.11 35.12 -16.55
CA LYS A 554 -62.83 36.35 -16.92
C LYS A 554 -62.35 37.45 -15.97
N CYS A 555 -62.20 38.69 -16.47
CA CYS A 555 -61.77 39.82 -15.66
C CYS A 555 -62.96 40.47 -14.98
N SER A 556 -62.81 40.82 -13.69
CA SER A 556 -63.88 41.43 -12.90
C SER A 556 -64.10 42.89 -13.28
N GLN B 1 19.70 43.70 -0.35
CA GLN B 1 18.98 44.95 -0.09
C GLN B 1 18.83 45.88 -1.33
N SER B 2 19.97 46.27 -2.05
CA SER B 2 19.95 47.11 -3.27
C SER B 2 19.41 46.29 -4.44
N VAL B 3 18.35 46.81 -5.03
CA VAL B 3 17.55 46.16 -6.04
C VAL B 3 17.65 46.82 -7.41
N CYS B 4 17.59 46.01 -8.48
CA CYS B 4 17.57 46.49 -9.87
C CYS B 4 16.59 45.67 -10.69
N ALA B 5 16.24 46.16 -11.88
CA ALA B 5 15.25 45.48 -12.71
C ALA B 5 15.77 44.43 -13.64
N GLY B 6 16.91 44.67 -14.25
CA GLY B 6 17.45 43.73 -15.21
C GLY B 6 16.69 43.72 -16.53
N THR B 7 17.32 43.18 -17.56
CA THR B 7 16.77 43.14 -18.89
C THR B 7 15.83 41.98 -19.21
N GLU B 8 15.31 42.02 -20.47
CA GLU B 8 14.41 41.07 -21.10
C GLU B 8 14.71 41.01 -22.65
N ASN B 9 16.02 41.11 -23.00
CA ASN B 9 16.49 41.16 -24.37
C ASN B 9 16.76 39.80 -24.97
N LYS B 10 17.03 38.78 -24.11
CA LYS B 10 17.41 37.43 -24.51
C LYS B 10 18.79 37.52 -25.22
N LEU B 11 18.90 37.00 -26.45
CA LEU B 11 20.16 37.04 -27.21
C LEU B 11 20.43 38.36 -27.95
N SER B 12 19.40 39.24 -28.01
CA SER B 12 19.51 40.56 -28.62
C SER B 12 20.45 41.43 -27.81
N SER B 13 21.17 42.31 -28.51
CA SER B 13 22.23 43.17 -27.98
C SER B 13 22.45 44.40 -28.87
N LEU B 14 23.36 45.29 -28.46
CA LEU B 14 23.67 46.49 -29.24
C LEU B 14 24.79 46.13 -30.21
N SER B 15 24.77 46.73 -31.43
CA SER B 15 25.79 46.52 -32.45
C SER B 15 27.14 47.01 -31.94
N ASP B 16 27.16 48.18 -31.23
CA ASP B 16 28.39 48.72 -30.64
C ASP B 16 28.71 47.88 -29.43
N LEU B 17 29.80 47.08 -29.52
CA LEU B 17 30.21 46.19 -28.45
C LEU B 17 30.63 46.87 -27.16
N GLU B 18 31.18 48.12 -27.25
CA GLU B 18 31.54 48.93 -26.09
C GLU B 18 30.22 49.43 -25.48
N GLN B 19 29.23 49.81 -26.34
CA GLN B 19 27.92 50.25 -25.87
C GLN B 19 27.15 49.13 -25.20
N GLN B 20 27.38 47.89 -25.67
CA GLN B 20 26.78 46.69 -25.10
C GLN B 20 27.36 46.48 -23.69
N TYR B 21 28.71 46.57 -23.57
CA TYR B 21 29.42 46.42 -22.28
C TYR B 21 29.01 47.51 -21.32
N ARG B 22 29.04 48.76 -21.78
CA ARG B 22 28.64 49.92 -21.00
C ARG B 22 27.23 49.77 -20.47
N ALA B 23 26.32 49.18 -21.26
CA ALA B 23 24.93 48.94 -20.86
C ALA B 23 24.85 47.92 -19.72
N LEU B 24 25.59 46.76 -19.85
CA LEU B 24 25.65 45.73 -18.81
C LEU B 24 26.04 46.37 -17.48
N ARG B 25 27.14 47.12 -17.48
CA ARG B 25 27.64 47.87 -16.32
C ARG B 25 26.55 48.81 -15.77
N LYS B 26 25.84 49.57 -16.64
CA LYS B 26 24.79 50.51 -16.25
C LYS B 26 23.67 49.79 -15.51
N TYR B 27 23.17 48.70 -16.08
CA TYR B 27 22.06 47.93 -15.52
C TYR B 27 22.32 47.16 -14.25
N TYR B 28 23.52 46.62 -14.05
CA TYR B 28 23.78 45.72 -12.95
C TYR B 28 24.82 46.08 -11.90
N GLU B 29 25.53 47.19 -12.07
CA GLU B 29 26.56 47.49 -11.07
C GLU B 29 25.96 47.99 -9.77
N ASN B 30 26.49 47.50 -8.64
CA ASN B 30 26.04 47.80 -7.26
C ASN B 30 24.65 47.23 -6.93
N CYS B 31 24.20 46.32 -7.76
CA CYS B 31 22.92 45.65 -7.58
C CYS B 31 23.15 44.33 -6.82
N GLU B 32 22.39 44.12 -5.73
CA GLU B 32 22.47 42.90 -4.93
C GLU B 32 21.40 41.89 -5.34
N VAL B 33 20.17 42.37 -5.63
CA VAL B 33 19.03 41.55 -6.05
C VAL B 33 18.59 42.01 -7.43
N VAL B 34 18.81 41.21 -8.44
CA VAL B 34 18.32 41.48 -9.80
C VAL B 34 16.90 40.97 -9.77
N MET B 35 15.93 41.89 -9.92
CA MET B 35 14.51 41.60 -9.85
C MET B 35 13.96 41.42 -11.22
N GLY B 36 14.46 40.37 -11.86
CA GLY B 36 14.17 40.05 -13.22
C GLY B 36 15.27 39.17 -13.73
N ASN B 37 15.82 39.47 -14.90
CA ASN B 37 16.83 38.60 -15.47
C ASN B 37 18.20 39.22 -15.57
N LEU B 38 19.22 38.38 -15.37
CA LEU B 38 20.61 38.76 -15.51
C LEU B 38 21.04 38.17 -16.81
N GLU B 39 21.19 39.04 -17.82
CA GLU B 39 21.56 38.71 -19.20
C GLU B 39 22.92 39.29 -19.50
N ILE B 40 23.90 38.40 -19.74
CA ILE B 40 25.29 38.72 -20.06
C ILE B 40 25.56 38.09 -21.44
N THR B 41 25.41 38.90 -22.50
CA THR B 41 25.55 38.46 -23.89
C THR B 41 26.42 39.38 -24.69
N SER B 42 27.23 38.80 -25.60
CA SER B 42 28.13 39.48 -26.53
C SER B 42 29.18 40.39 -25.87
N ILE B 43 29.83 39.90 -24.81
CA ILE B 43 30.87 40.67 -24.11
C ILE B 43 32.26 40.17 -24.51
N GLU B 44 33.13 41.11 -24.94
CA GLU B 44 34.50 40.88 -25.42
C GLU B 44 35.45 40.32 -24.39
N HIS B 45 36.53 39.68 -24.86
CA HIS B 45 37.57 39.07 -24.04
C HIS B 45 38.24 39.97 -22.96
N ASN B 46 38.67 41.18 -23.34
CA ASN B 46 39.37 42.11 -22.46
C ASN B 46 38.61 42.58 -21.18
N ARG B 47 37.28 42.82 -21.31
CA ARG B 47 36.32 43.39 -20.36
C ARG B 47 36.39 43.04 -18.88
N ASP B 48 36.17 44.05 -18.01
CA ASP B 48 36.16 43.90 -16.54
C ASP B 48 34.74 43.60 -16.05
N LEU B 49 34.57 42.45 -15.38
CA LEU B 49 33.26 42.04 -14.89
C LEU B 49 33.16 41.93 -13.35
N SER B 50 34.17 42.45 -12.64
CA SER B 50 34.24 42.45 -11.19
C SER B 50 32.94 42.97 -10.54
N PHE B 51 32.23 43.92 -11.18
CA PHE B 51 30.98 44.51 -10.67
C PHE B 51 29.88 43.50 -10.45
N LEU B 52 29.95 42.32 -11.13
CA LEU B 52 28.98 41.23 -11.01
C LEU B 52 29.06 40.55 -9.67
N ARG B 53 30.14 40.83 -8.90
CA ARG B 53 30.32 40.26 -7.57
C ARG B 53 29.30 40.82 -6.58
N SER B 54 28.60 41.91 -6.94
CA SER B 54 27.58 42.51 -6.08
C SER B 54 26.33 41.65 -6.03
N VAL B 55 26.05 40.89 -7.12
CA VAL B 55 24.85 40.06 -7.26
C VAL B 55 24.84 38.87 -6.31
N ARG B 56 23.79 38.82 -5.44
CA ARG B 56 23.49 37.79 -4.46
C ARG B 56 22.23 36.95 -4.86
N GLU B 57 21.30 37.54 -5.62
CA GLU B 57 20.04 36.90 -5.98
C GLU B 57 19.48 37.38 -7.31
N VAL B 58 18.82 36.48 -8.08
CA VAL B 58 18.19 36.76 -9.38
C VAL B 58 16.80 36.09 -9.35
N THR B 59 15.77 36.94 -9.45
CA THR B 59 14.33 36.64 -9.46
C THR B 59 13.90 35.74 -10.64
N GLY B 60 14.40 36.06 -11.83
CA GLY B 60 14.07 35.37 -13.07
C GLY B 60 15.14 34.39 -13.45
N TYR B 61 15.77 34.59 -14.63
CA TYR B 61 16.81 33.70 -15.10
C TYR B 61 18.16 34.37 -15.30
N VAL B 62 19.19 33.55 -15.51
CA VAL B 62 20.56 33.94 -15.77
C VAL B 62 20.95 33.38 -17.14
N LEU B 63 21.17 34.30 -18.10
CA LEU B 63 21.57 34.00 -19.46
C LEU B 63 22.99 34.50 -19.68
N VAL B 64 23.92 33.57 -20.00
CA VAL B 64 25.34 33.85 -20.24
C VAL B 64 25.67 33.20 -21.57
N ALA B 65 25.58 33.99 -22.65
CA ALA B 65 25.79 33.47 -24.00
C ALA B 65 26.60 34.40 -24.89
N LEU B 66 27.17 33.85 -25.97
CA LEU B 66 27.93 34.57 -26.98
C LEU B 66 29.03 35.56 -26.47
N ASN B 67 29.64 35.26 -25.31
CA ASN B 67 30.70 36.06 -24.70
C ASN B 67 32.06 35.45 -24.94
N GLN B 68 33.15 36.24 -24.76
CA GLN B 68 34.53 35.77 -24.99
C GLN B 68 35.47 35.93 -23.78
N PHE B 69 34.97 36.49 -22.65
CA PHE B 69 35.75 36.67 -21.42
C PHE B 69 36.03 35.31 -20.76
N ARG B 70 37.21 35.20 -20.13
CA ARG B 70 37.74 34.01 -19.47
C ARG B 70 36.94 33.49 -18.31
N TYR B 71 36.49 34.38 -17.41
CA TYR B 71 35.85 33.96 -16.19
C TYR B 71 34.60 34.79 -15.83
N LEU B 72 33.55 34.09 -15.27
CA LEU B 72 32.27 34.66 -14.83
C LEU B 72 32.31 34.92 -13.33
N PRO B 73 32.49 36.20 -12.90
CA PRO B 73 32.63 36.48 -11.47
C PRO B 73 31.36 36.67 -10.66
N LEU B 74 30.47 35.67 -10.65
CA LEU B 74 29.22 35.75 -9.88
C LEU B 74 29.39 35.10 -8.52
N GLU B 75 30.56 35.32 -7.96
CA GLU B 75 31.07 34.76 -6.71
C GLU B 75 30.16 34.88 -5.52
N ASN B 76 29.21 35.85 -5.54
CA ASN B 76 28.28 36.02 -4.44
C ASN B 76 26.84 35.55 -4.72
N LEU B 77 26.52 35.24 -6.03
CA LEU B 77 25.20 34.70 -6.43
C LEU B 77 24.90 33.39 -5.67
N ARG B 78 23.79 33.41 -4.89
CA ARG B 78 23.35 32.28 -4.06
C ARG B 78 22.12 31.57 -4.64
N ILE B 79 21.12 32.38 -5.05
CA ILE B 79 19.85 31.86 -5.54
C ILE B 79 19.42 32.44 -6.90
N ILE B 80 18.80 31.59 -7.74
CA ILE B 80 18.13 31.94 -8.98
C ILE B 80 16.71 31.41 -8.72
N ARG B 81 15.71 32.29 -8.63
CA ARG B 81 14.33 31.87 -8.32
C ARG B 81 13.60 31.26 -9.49
N GLY B 82 13.96 31.67 -10.69
CA GLY B 82 13.37 31.17 -11.91
C GLY B 82 11.90 31.47 -12.06
N THR B 83 11.44 32.67 -11.61
CA THR B 83 10.03 33.09 -11.72
C THR B 83 9.67 33.23 -13.17
N LYS B 84 10.64 33.58 -14.01
CA LYS B 84 10.55 33.65 -15.48
C LYS B 84 11.76 32.90 -16.01
N LEU B 85 11.54 31.99 -16.97
CA LEU B 85 12.60 31.13 -17.50
C LEU B 85 13.03 31.40 -18.95
N TYR B 86 14.35 31.28 -19.26
CA TYR B 86 14.80 31.42 -20.62
C TYR B 86 14.23 30.23 -21.39
N GLU B 87 13.65 30.49 -22.58
CA GLU B 87 13.01 29.50 -23.43
C GLU B 87 11.95 28.72 -22.67
N ASP B 88 11.38 29.38 -21.65
CA ASP B 88 10.35 28.84 -20.77
C ASP B 88 10.74 27.52 -20.10
N ARG B 89 12.07 27.26 -20.02
CA ARG B 89 12.62 26.05 -19.41
C ARG B 89 13.88 26.22 -18.54
N TYR B 90 14.77 27.18 -18.86
CA TYR B 90 16.01 27.33 -18.12
C TYR B 90 16.10 28.48 -17.15
N ALA B 91 16.54 28.16 -15.93
CA ALA B 91 16.82 29.14 -14.88
C ALA B 91 18.23 29.64 -15.14
N LEU B 92 19.12 28.74 -15.58
CA LEU B 92 20.52 29.05 -15.91
C LEU B 92 20.86 28.52 -17.30
N ALA B 93 21.30 29.43 -18.18
CA ALA B 93 21.65 29.08 -19.56
C ALA B 93 23.02 29.68 -19.91
N ILE B 94 24.03 28.81 -20.05
CA ILE B 94 25.40 29.20 -20.38
C ILE B 94 25.79 28.45 -21.64
N PHE B 95 25.82 29.14 -22.79
CA PHE B 95 26.14 28.51 -24.08
C PHE B 95 26.85 29.44 -25.05
N LEU B 96 27.65 28.86 -25.97
CA LEU B 96 28.42 29.55 -27.02
C LEU B 96 29.32 30.67 -26.50
N ASN B 97 29.90 30.47 -25.31
CA ASN B 97 30.81 31.46 -24.75
C ASN B 97 32.28 31.26 -25.19
N TYR B 98 32.51 31.46 -26.49
CA TYR B 98 33.81 31.38 -27.16
C TYR B 98 33.68 31.94 -28.56
N ARG B 99 34.81 32.32 -29.20
CA ARG B 99 34.80 32.79 -30.59
C ARG B 99 35.08 31.60 -31.53
N LYS B 100 34.20 31.37 -32.54
CA LYS B 100 34.30 30.24 -33.48
C LYS B 100 35.70 30.07 -34.11
N ASP B 101 36.47 31.18 -34.23
CA ASP B 101 37.86 31.26 -34.71
C ASP B 101 38.73 30.31 -33.85
N GLY B 102 38.50 30.32 -32.53
CA GLY B 102 39.14 29.43 -31.57
C GLY B 102 40.19 30.03 -30.65
N ASN B 103 40.25 31.35 -30.61
CA ASN B 103 41.22 32.03 -29.78
C ASN B 103 40.87 31.88 -28.26
N PHE B 104 39.89 32.68 -27.82
CA PHE B 104 39.43 32.72 -26.43
C PHE B 104 37.99 32.29 -26.24
N GLY B 105 37.60 32.27 -24.98
CA GLY B 105 36.28 31.92 -24.52
C GLY B 105 36.21 31.79 -23.02
N LEU B 106 35.07 31.34 -22.55
CA LEU B 106 34.84 31.15 -21.14
C LEU B 106 35.54 29.86 -20.69
N GLN B 107 36.35 29.96 -19.62
CA GLN B 107 37.14 28.86 -19.08
C GLN B 107 36.69 28.37 -17.72
N GLU B 108 36.17 29.28 -16.87
CA GLU B 108 35.76 28.98 -15.50
C GLU B 108 34.53 29.79 -15.10
N LEU B 109 33.64 29.15 -14.30
CA LEU B 109 32.45 29.77 -13.71
C LEU B 109 32.70 30.03 -12.20
N GLY B 110 32.60 31.27 -11.78
CA GLY B 110 32.74 31.66 -10.38
C GLY B 110 31.38 31.63 -9.74
N LEU B 111 30.83 30.40 -9.55
CA LEU B 111 29.48 30.16 -9.00
C LEU B 111 29.50 29.35 -7.70
N LYS B 112 30.64 29.35 -6.95
CA LYS B 112 30.82 28.61 -5.69
C LYS B 112 29.72 28.85 -4.64
N ASN B 113 28.95 29.98 -4.76
CA ASN B 113 27.92 30.29 -3.81
C ASN B 113 26.54 29.90 -4.30
N LEU B 114 26.42 29.54 -5.60
CA LEU B 114 25.13 29.14 -6.19
C LEU B 114 24.79 27.75 -5.75
N THR B 115 23.89 27.68 -4.77
CA THR B 115 23.43 26.47 -4.14
C THR B 115 21.95 26.31 -4.32
N GLU B 116 21.27 27.34 -4.85
CA GLU B 116 19.83 27.30 -5.02
C GLU B 116 19.29 27.78 -6.33
N ILE B 117 18.54 26.92 -7.04
CA ILE B 117 17.74 27.24 -8.24
C ILE B 117 16.35 26.71 -7.86
N LEU B 118 15.37 27.63 -7.64
CA LEU B 118 14.02 27.29 -7.15
C LEU B 118 13.10 26.65 -8.15
N ASN B 119 13.13 27.20 -9.35
CA ASN B 119 12.28 26.74 -10.44
C ASN B 119 13.08 26.83 -11.75
N GLY B 120 12.89 25.86 -12.61
CA GLY B 120 13.55 25.84 -13.92
C GLY B 120 14.74 24.93 -13.95
N GLY B 121 15.32 24.74 -15.13
CA GLY B 121 16.46 23.86 -15.35
C GLY B 121 17.75 24.57 -15.66
N VAL B 122 18.80 23.78 -15.97
CA VAL B 122 20.14 24.25 -16.28
C VAL B 122 20.54 23.80 -17.70
N TYR B 123 20.95 24.75 -18.54
CA TYR B 123 21.44 24.47 -19.88
C TYR B 123 22.85 25.05 -20.04
N VAL B 124 23.86 24.19 -19.88
CA VAL B 124 25.26 24.58 -20.01
C VAL B 124 25.77 23.72 -21.13
N ASP B 125 25.97 24.31 -22.32
CA ASP B 125 26.39 23.55 -23.51
C ASP B 125 27.17 24.44 -24.48
N GLN B 126 27.90 23.81 -25.45
CA GLN B 126 28.62 24.52 -26.52
C GLN B 126 29.59 25.58 -26.00
N ASN B 127 30.33 25.30 -24.92
CA ASN B 127 31.33 26.23 -24.40
C ASN B 127 32.67 25.52 -24.55
N LYS B 128 33.30 25.67 -25.74
CA LYS B 128 34.57 25.03 -26.17
C LYS B 128 35.70 25.03 -25.15
N PHE B 129 35.89 26.13 -24.42
CA PHE B 129 36.99 26.30 -23.48
C PHE B 129 36.62 26.17 -22.01
N LEU B 130 35.35 25.83 -21.70
CA LEU B 130 34.86 25.70 -20.32
C LEU B 130 35.26 24.42 -19.61
N CYS B 131 35.97 24.57 -18.45
CA CYS B 131 36.40 23.42 -17.66
C CYS B 131 35.65 23.35 -16.34
N TYR B 132 35.70 22.17 -15.69
CA TYR B 132 35.14 21.89 -14.36
C TYR B 132 33.63 21.87 -14.22
N ALA B 133 32.89 22.68 -14.99
CA ALA B 133 31.43 22.75 -14.93
C ALA B 133 30.75 21.38 -15.18
N ASP B 134 31.45 20.48 -15.88
CA ASP B 134 30.98 19.12 -16.13
C ASP B 134 30.95 18.29 -14.84
N THR B 135 31.78 18.69 -13.85
CA THR B 135 31.88 17.95 -12.59
C THR B 135 30.73 18.24 -11.66
N ILE B 136 30.09 19.40 -11.81
CA ILE B 136 29.00 19.88 -10.97
C ILE B 136 27.75 18.99 -10.89
N HIS B 137 27.30 18.77 -9.67
CA HIS B 137 26.11 17.99 -9.36
C HIS B 137 24.97 19.00 -9.32
N TRP B 138 24.41 19.30 -10.51
CA TRP B 138 23.33 20.29 -10.65
C TRP B 138 22.08 19.88 -9.90
N GLN B 139 21.86 18.54 -9.73
CA GLN B 139 20.73 17.96 -9.02
C GLN B 139 20.69 18.48 -7.60
N ASP B 140 21.85 18.82 -7.03
CA ASP B 140 21.88 19.36 -5.69
C ASP B 140 21.41 20.79 -5.64
N ILE B 141 21.74 21.62 -6.66
CA ILE B 141 21.39 23.04 -6.77
C ILE B 141 19.91 23.23 -7.07
N VAL B 142 19.38 22.44 -8.02
CA VAL B 142 17.98 22.53 -8.42
C VAL B 142 17.12 21.89 -7.35
N ARG B 143 16.03 22.59 -6.92
CA ARG B 143 15.13 22.07 -5.91
C ARG B 143 13.90 21.35 -6.51
N ASN B 144 13.38 21.90 -7.64
CA ASN B 144 12.13 21.42 -8.25
C ASN B 144 12.18 20.69 -9.60
N PRO B 145 11.85 19.36 -9.58
CA PRO B 145 11.84 18.54 -10.82
C PRO B 145 10.49 18.40 -11.55
N SER B 148 11.67 19.56 -14.13
CA SER B 148 12.83 20.10 -14.84
C SER B 148 13.66 19.00 -15.58
N ASN B 149 13.01 18.24 -16.49
CA ASN B 149 13.61 17.14 -17.28
C ASN B 149 14.81 17.58 -18.17
N LEU B 150 15.44 18.73 -17.84
CA LEU B 150 16.58 19.36 -18.54
C LEU B 150 17.60 19.94 -17.52
N THR B 151 18.58 19.11 -17.08
CA THR B 151 19.63 19.45 -16.09
C THR B 151 20.94 18.73 -16.54
N LEU B 152 21.61 19.25 -17.61
CA LEU B 152 22.84 18.62 -18.13
C LEU B 152 23.90 19.58 -18.67
N VAL B 153 25.18 19.14 -18.62
CA VAL B 153 26.38 19.84 -19.08
C VAL B 153 27.09 19.16 -20.30
N SER B 154 27.26 19.95 -21.39
CA SER B 154 27.91 19.58 -22.65
C SER B 154 28.69 20.79 -23.20
N SER B 159 36.98 19.19 -23.21
CA SER B 159 38.01 18.13 -23.21
C SER B 159 39.42 18.72 -23.02
N GLY B 160 40.35 17.90 -22.49
CA GLY B 160 41.71 18.34 -22.17
C GLY B 160 41.72 19.31 -21.00
N CYS B 161 40.93 18.99 -19.96
CA CYS B 161 40.77 19.81 -18.76
C CYS B 161 41.48 19.23 -17.55
N GLY B 162 41.90 20.12 -16.66
CA GLY B 162 42.57 19.76 -15.42
C GLY B 162 41.63 19.04 -14.47
N ARG B 163 42.16 18.13 -13.64
CA ARG B 163 41.34 17.40 -12.69
C ARG B 163 41.00 18.27 -11.46
N CYS B 164 39.92 17.89 -10.73
CA CYS B 164 39.48 18.56 -9.50
C CYS B 164 40.53 18.25 -8.44
N HIS B 165 40.65 19.12 -7.44
CA HIS B 165 41.54 18.92 -6.29
C HIS B 165 41.09 17.67 -5.50
N LYS B 166 42.01 17.01 -4.80
CA LYS B 166 41.76 15.80 -4.01
C LYS B 166 40.63 16.04 -3.00
N SER B 167 40.68 17.17 -2.27
CA SER B 167 39.70 17.52 -1.25
C SER B 167 38.27 17.73 -1.79
N CYS B 168 38.14 18.08 -3.09
CA CYS B 168 36.88 18.37 -3.76
C CYS B 168 35.95 17.21 -3.96
N THR B 169 36.46 15.96 -3.91
CA THR B 169 35.63 14.77 -4.08
C THR B 169 35.04 14.70 -5.50
N GLY B 170 35.84 15.15 -6.45
CA GLY B 170 35.54 15.11 -7.88
C GLY B 170 34.49 16.07 -8.39
N ARG B 171 34.06 17.05 -7.54
CA ARG B 171 33.07 18.08 -7.88
C ARG B 171 33.59 19.46 -7.48
N CYS B 172 33.92 20.28 -8.50
CA CYS B 172 34.48 21.61 -8.32
C CYS B 172 34.20 22.54 -9.49
N TRP B 173 34.38 23.83 -9.26
CA TRP B 173 34.17 24.92 -10.25
C TRP B 173 35.49 25.32 -10.91
N GLY B 174 36.58 24.91 -10.27
CA GLY B 174 37.94 25.22 -10.68
C GLY B 174 39.02 24.31 -10.13
N PRO B 175 40.30 24.67 -10.36
CA PRO B 175 41.38 23.75 -10.00
C PRO B 175 41.82 23.62 -8.55
N THR B 176 41.72 24.71 -7.77
CA THR B 176 42.18 24.76 -6.38
C THR B 176 41.31 23.98 -5.39
N GLU B 177 41.77 23.91 -4.14
CA GLU B 177 41.09 23.27 -3.00
C GLU B 177 39.98 24.19 -2.46
N ASN B 178 39.94 25.45 -2.91
CA ASN B 178 38.94 26.43 -2.45
C ASN B 178 37.85 26.56 -3.50
N HIS B 179 37.85 25.65 -4.49
CA HIS B 179 36.92 25.65 -5.62
C HIS B 179 35.89 24.54 -5.54
N CYS B 180 35.86 23.82 -4.42
CA CYS B 180 34.96 22.69 -4.24
C CYS B 180 33.51 23.10 -4.26
N GLN B 181 32.66 22.27 -4.88
CA GLN B 181 31.23 22.52 -4.94
C GLN B 181 30.62 22.18 -3.58
N THR B 182 29.99 23.16 -2.95
CA THR B 182 29.34 22.94 -1.66
C THR B 182 27.99 22.26 -1.87
N LEU B 183 27.93 20.93 -1.58
CA LEU B 183 26.64 20.23 -1.71
C LEU B 183 25.74 20.56 -0.48
N THR B 184 24.51 20.96 -0.71
CA THR B 184 23.68 21.31 0.44
C THR B 184 22.38 20.54 0.51
N ARG B 185 22.19 19.48 -0.31
CA ARG B 185 20.91 18.78 -0.27
C ARG B 185 21.03 17.29 -0.19
N THR B 186 21.81 16.70 -1.08
CA THR B 186 21.97 15.26 -1.19
C THR B 186 22.83 14.67 -0.03
N VAL B 187 23.67 15.53 0.54
CA VAL B 187 24.59 15.23 1.64
C VAL B 187 23.94 15.37 3.04
N CYS B 188 22.65 15.63 3.10
CA CYS B 188 21.95 15.79 4.35
C CYS B 188 21.56 14.50 5.03
N ALA B 189 21.34 14.55 6.35
CA ALA B 189 20.87 13.42 7.16
C ALA B 189 19.53 13.00 6.60
N GLU B 190 19.14 11.75 6.78
CA GLU B 190 17.86 11.33 6.23
C GLU B 190 16.62 12.07 6.76
N GLN B 191 16.79 12.81 7.86
CA GLN B 191 15.73 13.56 8.52
C GLN B 191 15.55 15.01 8.11
N CYS B 192 16.53 15.60 7.35
CA CYS B 192 16.39 16.97 6.84
C CYS B 192 15.42 16.89 5.70
N ASP B 193 14.53 17.86 5.59
CA ASP B 193 13.58 17.91 4.48
C ASP B 193 14.00 19.00 3.50
N GLY B 194 14.83 19.93 4.00
CA GLY B 194 15.40 21.03 3.25
C GLY B 194 16.86 20.81 2.95
N ARG B 195 17.64 21.87 3.15
CA ARG B 195 19.06 21.92 2.93
C ARG B 195 19.77 21.79 4.30
N CYS B 196 21.10 21.71 4.29
CA CYS B 196 21.89 21.55 5.52
C CYS B 196 23.26 22.24 5.43
N TYR B 197 23.93 22.36 6.58
CA TYR B 197 25.29 22.91 6.67
C TYR B 197 26.30 21.85 7.13
N GLY B 198 25.86 20.60 7.20
CA GLY B 198 26.65 19.44 7.60
C GLY B 198 25.84 18.16 7.49
N PRO B 199 26.40 16.98 7.90
CA PRO B 199 25.68 15.72 7.66
C PRO B 199 24.84 15.11 8.78
N TYR B 200 24.84 15.70 9.99
CA TYR B 200 24.09 15.16 11.14
C TYR B 200 22.73 15.84 11.30
N VAL B 201 21.82 15.29 12.14
CA VAL B 201 20.46 15.88 12.29
C VAL B 201 20.53 17.29 12.89
N SER B 202 21.64 17.59 13.60
CA SER B 202 21.94 18.89 14.23
C SER B 202 22.07 19.95 13.15
N ASP B 203 22.69 19.58 12.01
CA ASP B 203 23.00 20.42 10.87
C ASP B 203 21.89 20.70 9.80
N CYS B 204 20.59 20.30 10.03
CA CYS B 204 19.54 20.62 9.06
C CYS B 204 19.17 22.05 9.14
N CYS B 205 18.87 22.61 7.97
CA CYS B 205 18.35 23.95 7.89
C CYS B 205 16.85 23.86 8.20
N HIS B 206 16.23 25.03 8.49
CA HIS B 206 14.79 25.14 8.65
C HIS B 206 14.20 24.90 7.24
N ARG B 207 12.97 24.32 7.14
CA ARG B 207 12.30 24.06 5.87
C ARG B 207 12.17 25.28 4.99
N GLU B 208 12.13 26.47 5.60
CA GLU B 208 11.96 27.75 4.89
C GLU B 208 13.23 28.39 4.33
N CYS B 209 14.40 27.73 4.53
CA CYS B 209 15.67 28.26 4.05
C CYS B 209 15.86 27.89 2.63
N ALA B 210 16.23 28.88 1.82
CA ALA B 210 16.58 28.67 0.43
C ALA B 210 18.07 28.94 0.39
N GLY B 211 18.82 28.17 -0.39
CA GLY B 211 20.27 28.30 -0.47
C GLY B 211 21.03 27.49 0.56
N GLY B 212 20.71 27.71 1.82
CA GLY B 212 21.30 27.05 2.97
C GLY B 212 21.12 27.87 4.23
N CYS B 213 21.93 27.57 5.25
CA CYS B 213 21.88 28.27 6.53
C CYS B 213 23.18 28.18 7.29
N SER B 214 23.20 28.88 8.41
CA SER B 214 24.34 28.96 9.34
C SER B 214 23.92 28.42 10.71
N GLY B 215 22.68 27.93 10.80
CA GLY B 215 22.11 27.39 12.02
C GLY B 215 20.73 26.84 11.79
N PRO B 216 20.10 26.26 12.84
CA PRO B 216 18.79 25.60 12.66
C PRO B 216 17.53 26.46 12.53
N LYS B 217 17.57 27.69 13.03
CA LYS B 217 16.42 28.59 13.06
C LYS B 217 16.05 29.18 11.72
N ASP B 218 14.78 29.65 11.57
CA ASP B 218 14.26 30.29 10.33
C ASP B 218 14.88 31.71 10.11
N THR B 219 15.68 32.15 11.06
CA THR B 219 16.37 33.42 11.00
C THR B 219 17.83 33.21 10.56
N ASP B 220 18.25 31.93 10.42
CA ASP B 220 19.60 31.52 10.03
C ASP B 220 19.76 31.21 8.54
N CYS B 221 18.76 31.54 7.69
CA CYS B 221 18.75 31.24 6.25
C CYS B 221 19.66 32.09 5.46
N PHE B 222 20.14 31.61 4.31
CA PHE B 222 20.92 32.42 3.37
C PHE B 222 19.93 33.21 2.52
N ALA B 223 18.77 32.61 2.23
CA ALA B 223 17.69 33.25 1.48
C ALA B 223 16.36 32.65 1.91
N CYS B 224 15.25 33.35 1.65
CA CYS B 224 13.95 32.82 2.05
C CYS B 224 13.29 32.05 0.89
N MET B 225 12.63 30.97 1.22
CA MET B 225 11.92 30.18 0.23
C MET B 225 10.69 30.93 -0.22
N ASN B 226 10.06 31.65 0.76
CA ASN B 226 8.81 32.37 0.61
C ASN B 226 8.86 33.82 0.96
N PHE B 227 8.42 34.22 2.19
CA PHE B 227 8.47 35.63 2.64
C PHE B 227 9.33 35.86 3.84
N ASN B 228 9.80 37.10 3.97
CA ASN B 228 10.62 37.53 5.09
C ASN B 228 9.77 38.38 6.01
N ASP B 229 9.60 37.94 7.26
CA ASP B 229 8.85 38.64 8.32
C ASP B 229 9.81 39.02 9.46
N SER B 230 10.40 40.21 9.34
CA SER B 230 11.35 40.73 10.32
C SER B 230 12.52 39.75 10.57
N GLY B 231 13.10 39.27 9.49
CA GLY B 231 14.27 38.40 9.55
C GLY B 231 13.97 36.93 9.52
N ALA B 232 12.73 36.55 9.77
CA ALA B 232 12.27 35.16 9.77
C ALA B 232 11.73 34.78 8.42
N CYS B 233 12.18 33.67 7.87
CA CYS B 233 11.64 33.14 6.65
C CYS B 233 10.37 32.32 7.06
N VAL B 234 9.22 32.80 6.60
CA VAL B 234 7.88 32.29 6.91
C VAL B 234 7.27 31.86 5.60
N THR B 235 6.30 30.94 5.65
CA THR B 235 5.61 30.48 4.42
C THR B 235 4.53 31.48 3.99
N GLN B 236 3.84 32.10 5.01
CA GLN B 236 2.68 33.00 4.98
C GLN B 236 2.89 34.16 5.95
N CYS B 237 2.26 35.31 5.71
CA CYS B 237 2.40 36.33 6.77
C CYS B 237 1.33 36.11 7.85
N PRO B 238 1.48 36.64 9.09
CA PRO B 238 0.38 36.52 10.08
C PRO B 238 -0.89 37.18 9.54
N GLN B 239 -1.98 36.40 9.41
CA GLN B 239 -3.24 36.89 8.81
C GLN B 239 -4.01 37.74 9.81
N THR B 240 -4.96 38.56 9.30
CA THR B 240 -5.76 39.49 10.10
C THR B 240 -6.71 38.77 11.03
N PHE B 241 -7.14 37.58 10.61
CA PHE B 241 -8.01 36.72 11.37
C PHE B 241 -7.35 35.45 11.78
N VAL B 242 -7.73 34.97 12.94
CA VAL B 242 -7.18 33.75 13.50
C VAL B 242 -8.33 32.85 14.05
N TYR B 243 -8.45 31.59 13.57
CA TYR B 243 -9.53 30.72 14.04
C TYR B 243 -9.34 30.29 15.48
N ASN B 244 -10.44 30.31 16.25
CA ASN B 244 -10.45 29.87 17.64
C ASN B 244 -11.04 28.47 17.75
N PRO B 245 -10.19 27.47 18.04
CA PRO B 245 -10.67 26.08 18.02
C PRO B 245 -11.71 25.74 19.03
N THR B 246 -11.77 26.47 20.16
CA THR B 246 -12.77 26.19 21.21
C THR B 246 -14.04 26.96 21.02
N THR B 247 -13.97 28.12 20.34
CA THR B 247 -15.16 28.93 20.07
C THR B 247 -15.71 28.73 18.66
N PHE B 248 -14.95 28.06 17.76
CA PHE B 248 -15.31 27.79 16.36
C PHE B 248 -15.64 29.07 15.64
N GLN B 249 -14.83 30.10 15.90
CA GLN B 249 -15.02 31.43 15.28
C GLN B 249 -13.67 32.07 15.00
N LEU B 250 -13.70 33.02 14.04
CA LEU B 250 -12.53 33.81 13.69
C LEU B 250 -12.43 34.97 14.67
N GLU B 251 -11.20 35.29 15.07
CA GLU B 251 -10.87 36.36 16.02
C GLU B 251 -9.85 37.26 15.38
N HIS B 252 -9.78 38.50 15.83
CA HIS B 252 -8.81 39.44 15.30
C HIS B 252 -7.43 39.11 15.76
N ASN B 253 -6.50 39.13 14.82
CA ASN B 253 -5.10 38.96 15.14
C ASN B 253 -4.58 40.35 15.07
N PHE B 254 -4.01 40.80 16.16
CA PHE B 254 -3.54 42.18 16.17
C PHE B 254 -2.05 42.31 15.86
N ASN B 255 -1.41 41.14 15.71
CA ASN B 255 -0.01 40.96 15.33
C ASN B 255 0.03 40.59 13.84
N ALA B 256 -1.09 40.86 13.15
CA ALA B 256 -1.21 40.61 11.73
C ALA B 256 -0.31 41.60 11.03
N LYS B 257 0.28 41.15 9.93
CA LYS B 257 1.17 41.91 9.07
C LYS B 257 0.64 41.77 7.66
N TYR B 258 1.06 42.67 6.76
CA TYR B 258 0.65 42.65 5.36
C TYR B 258 1.70 42.07 4.49
N THR B 259 1.27 41.27 3.50
CA THR B 259 2.16 40.69 2.51
C THR B 259 2.40 41.76 1.45
N TYR B 260 3.64 42.11 1.22
CA TYR B 260 4.00 43.05 0.16
C TYR B 260 5.23 42.46 -0.51
N GLY B 261 5.05 41.96 -1.72
CA GLY B 261 6.13 41.31 -2.42
C GLY B 261 6.57 40.06 -1.67
N ALA B 262 7.87 40.01 -1.27
CA ALA B 262 8.44 38.88 -0.55
C ALA B 262 8.57 39.19 0.94
N PHE B 263 7.78 40.18 1.44
CA PHE B 263 7.88 40.72 2.80
C PHE B 263 6.61 40.76 3.59
N CYS B 264 6.76 40.72 4.92
CA CYS B 264 5.65 40.88 5.83
C CYS B 264 5.87 42.25 6.45
N VAL B 265 4.98 43.17 6.08
CA VAL B 265 5.13 44.59 6.42
C VAL B 265 4.08 45.11 7.42
N LYS B 266 4.48 46.10 8.22
CA LYS B 266 3.62 46.72 9.22
C LYS B 266 2.50 47.56 8.58
N LYS B 267 2.67 47.97 7.30
CA LYS B 267 1.79 48.88 6.59
C LYS B 267 1.94 48.69 5.07
N CYS B 268 0.83 48.86 4.31
CA CYS B 268 0.98 48.81 2.85
C CYS B 268 1.47 50.16 2.36
N PRO B 269 2.24 50.21 1.26
CA PRO B 269 2.54 51.52 0.65
C PRO B 269 1.21 52.27 0.44
N HIS B 270 1.18 53.59 0.71
CA HIS B 270 -0.05 54.38 0.54
C HIS B 270 -0.77 54.21 -0.79
N ASN B 271 -0.02 53.93 -1.85
CA ASN B 271 -0.53 53.76 -3.20
C ASN B 271 -1.07 52.35 -3.53
N PHE B 272 -0.83 51.39 -2.62
CA PHE B 272 -1.30 50.03 -2.80
C PHE B 272 -2.64 49.84 -2.21
N VAL B 273 -3.35 48.83 -2.66
CA VAL B 273 -4.69 48.52 -2.21
C VAL B 273 -4.62 47.30 -1.27
N VAL B 274 -5.30 47.39 -0.11
CA VAL B 274 -5.30 46.34 0.90
C VAL B 274 -6.45 45.38 0.70
N ASP B 275 -6.18 44.18 0.15
CA ASP B 275 -7.20 43.13 -0.04
C ASP B 275 -6.82 42.01 0.87
N SER B 276 -7.76 41.59 1.74
CA SER B 276 -7.56 40.57 2.77
C SER B 276 -6.39 41.07 3.69
N SER B 277 -5.26 40.35 3.78
CA SER B 277 -4.17 40.86 4.62
C SER B 277 -2.91 41.07 3.76
N SER B 278 -3.12 41.51 2.48
CA SER B 278 -2.10 41.69 1.46
C SER B 278 -2.14 43.04 0.75
N CYS B 279 -0.98 43.50 0.25
CA CYS B 279 -0.80 44.72 -0.52
C CYS B 279 -0.83 44.33 -1.97
N VAL B 280 -2.01 44.48 -2.58
CA VAL B 280 -2.23 44.14 -3.99
C VAL B 280 -2.16 45.34 -4.94
N ARG B 281 -2.01 45.07 -6.23
CA ARG B 281 -1.94 46.12 -7.23
C ARG B 281 -3.32 46.40 -7.74
N ALA B 282 -4.24 45.41 -7.66
CA ALA B 282 -5.57 45.52 -8.20
C ALA B 282 -6.60 44.80 -7.39
N CYS B 283 -7.83 45.25 -7.50
CA CYS B 283 -8.98 44.59 -6.89
C CYS B 283 -9.48 43.53 -7.83
N PRO B 284 -10.04 42.45 -7.29
CA PRO B 284 -10.66 41.43 -8.16
C PRO B 284 -11.85 42.04 -8.92
N SER B 285 -12.11 41.56 -10.14
CA SER B 285 -13.20 42.03 -11.03
C SER B 285 -14.56 42.25 -10.32
N SER B 286 -14.85 41.37 -9.33
CA SER B 286 -16.03 41.31 -8.44
C SER B 286 -16.06 42.41 -7.34
N LYS B 287 -14.89 42.94 -6.92
CA LYS B 287 -14.76 43.98 -5.90
C LYS B 287 -14.38 45.36 -6.52
N MET B 288 -14.49 46.43 -5.72
CA MET B 288 -14.17 47.81 -6.10
C MET B 288 -13.29 48.54 -5.06
N GLU B 289 -12.37 49.36 -5.53
CA GLU B 289 -11.44 50.13 -4.70
C GLU B 289 -12.15 51.24 -3.96
N VAL B 290 -11.98 51.33 -2.63
CA VAL B 290 -12.64 52.34 -1.77
C VAL B 290 -11.65 52.88 -0.73
N GLU B 291 -11.76 54.15 -0.37
CA GLU B 291 -10.84 54.71 0.61
C GLU B 291 -11.48 54.85 1.99
N GLU B 292 -10.81 54.32 3.02
CA GLU B 292 -11.29 54.36 4.40
C GLU B 292 -10.15 54.86 5.23
N ASN B 293 -10.23 56.13 5.64
CA ASN B 293 -9.21 56.82 6.43
C ASN B 293 -7.83 56.82 5.73
N GLY B 294 -7.88 57.15 4.44
CA GLY B 294 -6.71 57.22 3.55
C GLY B 294 -6.23 55.89 3.00
N ILE B 295 -6.83 54.77 3.47
CA ILE B 295 -6.47 53.41 3.08
C ILE B 295 -7.33 52.85 1.97
N LYS B 296 -6.72 52.53 0.82
CA LYS B 296 -7.41 51.95 -0.32
C LYS B 296 -7.71 50.48 -0.03
N MET B 297 -8.95 50.04 -0.26
CA MET B 297 -9.36 48.67 0.07
C MET B 297 -10.28 48.10 -0.96
N CYS B 298 -10.33 46.77 -1.05
CA CYS B 298 -11.27 46.14 -1.96
C CYS B 298 -12.53 45.81 -1.19
N LYS B 299 -13.66 46.38 -1.63
CA LYS B 299 -14.96 46.18 -1.01
C LYS B 299 -15.94 45.74 -2.10
N PRO B 300 -17.01 44.96 -1.80
CA PRO B 300 -17.91 44.52 -2.87
C PRO B 300 -18.60 45.67 -3.57
N CYS B 301 -18.93 45.48 -4.85
CA CYS B 301 -19.58 46.50 -5.67
C CYS B 301 -20.99 46.79 -5.22
N THR B 302 -21.41 48.08 -5.27
CA THR B 302 -22.75 48.58 -4.92
C THR B 302 -23.80 47.69 -5.59
N ASP B 303 -23.73 47.60 -6.92
CA ASP B 303 -24.57 46.78 -7.77
C ASP B 303 -23.71 46.40 -8.98
N ILE B 304 -23.26 47.43 -9.74
CA ILE B 304 -22.42 47.30 -10.91
C ILE B 304 -21.05 47.94 -10.63
N CYS B 305 -19.99 47.15 -10.86
CA CYS B 305 -18.60 47.53 -10.65
C CYS B 305 -18.16 48.60 -11.62
N PRO B 306 -17.34 49.59 -11.19
CA PRO B 306 -16.81 50.57 -12.15
C PRO B 306 -15.95 49.89 -13.23
N LYS B 307 -15.85 50.51 -14.40
CA LYS B 307 -15.13 49.93 -15.52
C LYS B 307 -13.59 50.02 -15.37
N ALA B 308 -12.99 48.98 -14.79
CA ALA B 308 -11.54 48.86 -14.64
C ALA B 308 -11.04 47.92 -15.73
N CYS B 309 -9.99 48.31 -16.45
CA CYS B 309 -9.49 47.58 -17.58
C CYS B 309 -8.11 47.12 -17.44
N ASP B 310 -7.82 45.97 -18.04
CA ASP B 310 -6.48 45.40 -18.05
C ASP B 310 -5.56 46.32 -18.83
N GLY B 311 -4.43 46.66 -18.23
CA GLY B 311 -3.42 47.47 -18.85
C GLY B 311 -2.48 46.63 -19.69
N ILE B 312 -1.53 47.27 -20.35
CA ILE B 312 -0.55 46.58 -21.18
C ILE B 312 0.39 45.78 -20.25
N GLY B 313 0.33 44.45 -20.42
CA GLY B 313 1.11 43.48 -19.64
C GLY B 313 0.37 42.90 -18.45
N THR B 314 -0.99 43.04 -18.41
CA THR B 314 -1.86 42.56 -17.32
C THR B 314 -3.04 41.77 -17.88
N GLY B 315 -3.36 40.65 -17.22
CA GLY B 315 -4.49 39.77 -17.54
C GLY B 315 -4.67 39.46 -19.01
N SER B 316 -5.78 39.96 -19.60
CA SER B 316 -6.08 39.75 -21.02
C SER B 316 -5.03 40.31 -21.97
N LEU B 317 -4.20 41.24 -21.45
CA LEU B 317 -3.16 41.87 -22.25
C LEU B 317 -1.75 41.59 -21.72
N MET B 318 -1.59 40.48 -20.97
CA MET B 318 -0.32 40.02 -20.40
C MET B 318 0.81 40.00 -21.45
N SER B 319 0.50 39.43 -22.62
CA SER B 319 1.39 39.27 -23.77
C SER B 319 1.85 40.62 -24.35
N ALA B 320 0.94 41.63 -24.39
CA ALA B 320 1.18 42.96 -24.97
C ALA B 320 2.39 43.74 -24.44
N GLN B 321 2.97 44.51 -25.35
CA GLN B 321 4.12 45.36 -25.06
C GLN B 321 3.73 46.83 -25.29
N THR B 322 2.68 47.06 -26.09
CA THR B 322 2.16 48.39 -26.46
C THR B 322 0.68 48.41 -26.82
N VAL B 323 0.07 49.62 -26.80
CA VAL B 323 -1.29 49.81 -27.29
C VAL B 323 -1.13 49.75 -28.81
N ASP B 324 -2.03 49.09 -29.52
CA ASP B 324 -1.98 48.99 -30.99
C ASP B 324 -3.37 48.85 -31.55
N SER B 325 -3.49 48.77 -32.89
CA SER B 325 -4.78 48.60 -33.58
C SER B 325 -5.54 47.33 -33.15
N SER B 326 -4.78 46.27 -32.75
CA SER B 326 -5.32 44.99 -32.31
C SER B 326 -5.93 45.03 -30.90
N ASN B 327 -5.64 46.09 -30.10
CA ASN B 327 -6.13 46.17 -28.73
C ASN B 327 -6.70 47.50 -28.30
N ILE B 328 -6.58 48.55 -29.15
CA ILE B 328 -7.13 49.89 -28.86
C ILE B 328 -8.61 49.84 -28.49
N ASP B 329 -9.36 48.91 -29.10
CA ASP B 329 -10.78 48.74 -28.81
C ASP B 329 -11.12 48.04 -27.48
N LYS B 330 -10.11 47.47 -26.80
CA LYS B 330 -10.32 46.83 -25.50
C LYS B 330 -10.40 47.91 -24.40
N PHE B 331 -10.27 49.21 -24.81
CA PHE B 331 -10.28 50.36 -23.91
C PHE B 331 -11.55 51.23 -23.99
N ILE B 332 -12.60 50.79 -24.74
CA ILE B 332 -13.85 51.56 -24.80
C ILE B 332 -14.51 51.66 -23.43
N ASN B 333 -14.80 52.90 -22.98
CA ASN B 333 -15.48 53.24 -21.73
C ASN B 333 -14.71 52.95 -20.45
N CYS B 334 -13.37 52.79 -20.51
CA CYS B 334 -12.55 52.56 -19.32
C CYS B 334 -12.38 53.83 -18.51
N THR B 335 -12.63 53.73 -17.21
CA THR B 335 -12.43 54.85 -16.29
C THR B 335 -11.16 54.66 -15.48
N LYS B 336 -10.73 53.40 -15.34
CA LYS B 336 -9.54 52.98 -14.61
C LYS B 336 -8.76 51.99 -15.45
N ILE B 337 -7.43 52.07 -15.44
CA ILE B 337 -6.59 51.12 -16.15
C ILE B 337 -5.83 50.33 -15.09
N ASN B 338 -6.15 49.01 -14.96
CA ASN B 338 -5.45 48.16 -14.00
C ASN B 338 -4.17 47.72 -14.60
N GLY B 339 -3.17 48.57 -14.43
CA GLY B 339 -1.88 48.34 -15.06
C GLY B 339 -1.33 49.55 -15.76
N ASN B 340 -0.61 49.31 -16.86
CA ASN B 340 0.09 50.34 -17.60
C ASN B 340 -0.52 50.69 -18.96
N LEU B 341 -0.10 51.84 -19.49
CA LEU B 341 -0.41 52.30 -20.83
C LEU B 341 0.91 52.63 -21.43
N ILE B 342 1.25 51.87 -22.48
CA ILE B 342 2.50 52.00 -23.18
C ILE B 342 2.19 52.21 -24.65
N PHE B 343 2.84 53.21 -25.25
CA PHE B 343 2.73 53.54 -26.66
C PHE B 343 4.15 53.47 -27.20
N LEU B 344 4.45 52.38 -27.92
CA LEU B 344 5.77 52.16 -28.53
C LEU B 344 5.69 52.55 -29.97
N VAL B 345 6.85 52.70 -30.63
CA VAL B 345 6.92 53.06 -32.06
C VAL B 345 6.08 52.09 -32.88
N THR B 346 6.25 50.78 -32.64
CA THR B 346 5.49 49.70 -33.29
C THR B 346 3.98 49.65 -32.97
N GLY B 347 3.55 50.39 -31.97
CA GLY B 347 2.14 50.47 -31.62
C GLY B 347 1.45 51.51 -32.47
N ILE B 348 2.03 52.72 -32.50
CA ILE B 348 1.55 53.89 -33.25
C ILE B 348 1.72 53.73 -34.76
N HIS B 349 2.91 53.29 -35.17
CA HIS B 349 3.27 53.14 -36.57
C HIS B 349 3.18 51.71 -37.12
N GLY B 350 2.57 50.82 -36.36
CA GLY B 350 2.36 49.43 -36.76
C GLY B 350 3.58 48.52 -36.77
N ASP B 351 3.32 47.22 -36.58
CA ASP B 351 4.29 46.12 -36.57
C ASP B 351 4.04 45.21 -37.80
N PRO B 352 4.68 45.54 -38.94
CA PRO B 352 4.49 44.76 -40.17
C PRO B 352 4.72 43.25 -40.04
N TYR B 353 5.81 42.84 -39.35
CA TYR B 353 6.16 41.43 -39.15
C TYR B 353 5.02 40.59 -38.59
N ASN B 354 4.27 41.13 -37.61
CA ASN B 354 3.16 40.43 -37.00
C ASN B 354 1.82 40.88 -37.59
N ALA B 355 1.88 41.49 -38.79
CA ALA B 355 0.74 42.00 -39.55
C ALA B 355 -0.25 42.85 -38.73
N ILE B 356 0.31 43.88 -38.06
CA ILE B 356 -0.47 44.84 -37.28
C ILE B 356 -0.33 46.20 -37.94
N GLU B 357 -1.46 46.76 -38.37
CA GLU B 357 -1.50 48.05 -39.05
C GLU B 357 -1.36 49.14 -38.03
N ALA B 358 -0.80 50.28 -38.46
CA ALA B 358 -0.63 51.47 -37.62
C ALA B 358 -1.98 51.92 -37.08
N ILE B 359 -1.97 52.36 -35.84
CA ILE B 359 -3.16 52.79 -35.15
C ILE B 359 -3.87 53.98 -35.86
N ASP B 360 -5.23 54.00 -35.82
CA ASP B 360 -6.03 55.11 -36.34
C ASP B 360 -5.95 56.20 -35.26
N PRO B 361 -5.30 57.36 -35.55
CA PRO B 361 -5.15 58.39 -34.51
C PRO B 361 -6.44 58.81 -33.83
N GLU B 362 -7.58 58.77 -34.55
CA GLU B 362 -8.88 59.13 -34.01
C GLU B 362 -9.30 58.20 -32.90
N LYS B 363 -8.94 56.88 -33.02
CA LYS B 363 -9.24 55.84 -32.02
C LYS B 363 -8.59 56.11 -30.66
N LEU B 364 -7.54 56.96 -30.60
CA LEU B 364 -6.92 57.34 -29.33
C LEU B 364 -7.86 58.13 -28.40
N ASN B 365 -9.03 58.57 -28.92
CA ASN B 365 -10.04 59.28 -28.14
C ASN B 365 -10.75 58.39 -27.11
N VAL B 366 -10.54 57.03 -27.17
CA VAL B 366 -11.10 56.06 -26.22
C VAL B 366 -10.66 56.38 -24.79
N PHE B 367 -9.46 56.98 -24.65
CA PHE B 367 -8.84 57.32 -23.38
C PHE B 367 -9.41 58.52 -22.65
N ARG B 368 -10.34 59.25 -23.30
CA ARG B 368 -10.94 60.44 -22.68
C ARG B 368 -11.77 60.10 -21.45
N THR B 369 -12.15 58.83 -21.30
CA THR B 369 -12.94 58.37 -20.17
C THR B 369 -12.03 58.00 -19.00
N VAL B 370 -10.74 57.68 -19.28
CA VAL B 370 -9.77 57.28 -18.26
C VAL B 370 -9.49 58.40 -17.28
N ARG B 371 -9.71 58.10 -15.97
CA ARG B 371 -9.48 58.98 -14.83
C ARG B 371 -8.30 58.53 -13.99
N GLU B 372 -7.94 57.23 -14.06
CA GLU B 372 -6.83 56.64 -13.31
C GLU B 372 -6.07 55.60 -14.12
N ILE B 373 -4.73 55.57 -13.93
CA ILE B 373 -3.79 54.58 -14.49
C ILE B 373 -3.04 54.12 -13.24
N THR B 374 -3.23 52.86 -12.81
CA THR B 374 -2.62 52.34 -11.58
C THR B 374 -1.13 52.11 -11.65
N GLY B 375 -0.64 51.70 -12.83
CA GLY B 375 0.78 51.46 -13.03
C GLY B 375 1.50 52.69 -13.53
N PHE B 376 2.04 52.58 -14.76
CA PHE B 376 2.72 53.71 -15.37
C PHE B 376 2.22 54.08 -16.78
N LEU B 377 2.52 55.34 -17.21
CA LEU B 377 2.20 55.89 -18.52
C LEU B 377 3.52 56.13 -19.23
N ASN B 378 3.72 55.43 -20.34
CA ASN B 378 4.99 55.45 -21.03
C ASN B 378 4.71 55.73 -22.49
N ILE B 379 4.99 56.99 -22.91
CA ILE B 379 4.75 57.49 -24.26
C ILE B 379 6.07 57.63 -25.02
N GLN B 380 6.38 56.64 -25.86
CA GLN B 380 7.60 56.58 -26.68
C GLN B 380 7.25 56.89 -28.14
N SER B 381 5.97 56.92 -28.47
CA SER B 381 5.48 57.20 -29.82
C SER B 381 4.09 57.80 -29.73
N TRP B 382 3.78 58.68 -30.68
CA TRP B 382 2.52 59.39 -30.76
C TRP B 382 2.27 59.83 -32.22
N PRO B 383 1.02 59.78 -32.71
CA PRO B 383 0.74 60.22 -34.09
C PRO B 383 1.30 61.61 -34.33
N PRO B 384 1.98 61.80 -35.49
CA PRO B 384 2.67 63.08 -35.77
C PRO B 384 1.77 64.32 -35.85
N ASN B 385 0.54 64.12 -36.33
CA ASN B 385 -0.43 65.21 -36.47
C ASN B 385 -1.07 65.66 -35.14
N MET B 386 -0.77 64.93 -34.04
CA MET B 386 -1.29 65.20 -32.70
C MET B 386 -0.26 65.99 -31.87
N THR B 387 -0.62 67.27 -31.56
CA THR B 387 0.25 68.21 -30.85
C THR B 387 0.26 68.08 -29.34
N ASP B 388 -0.55 67.14 -28.77
CA ASP B 388 -0.67 66.98 -27.33
C ASP B 388 -1.47 65.77 -26.84
N PHE B 389 -1.51 65.58 -25.51
CA PHE B 389 -2.18 64.46 -24.87
C PHE B 389 -3.55 64.82 -24.29
N SER B 390 -4.35 65.59 -25.06
CA SER B 390 -5.70 65.98 -24.62
C SER B 390 -6.66 64.79 -24.55
N VAL B 391 -6.29 63.64 -25.17
CA VAL B 391 -7.05 62.41 -25.04
C VAL B 391 -7.05 61.95 -23.56
N PHE B 392 -6.01 62.40 -22.80
CA PHE B 392 -5.85 62.12 -21.37
C PHE B 392 -6.28 63.31 -20.50
N SER B 393 -7.21 64.15 -21.04
CA SER B 393 -7.76 65.32 -20.36
C SER B 393 -8.37 65.01 -18.98
N ASN B 394 -8.96 63.82 -18.82
CA ASN B 394 -9.67 63.41 -17.62
C ASN B 394 -8.85 62.66 -16.60
N LEU B 395 -7.60 62.27 -16.96
CA LEU B 395 -6.64 61.55 -16.13
C LEU B 395 -6.29 62.35 -14.90
N VAL B 396 -6.61 61.82 -13.72
CA VAL B 396 -6.36 62.49 -12.44
C VAL B 396 -5.16 61.90 -11.73
N THR B 397 -5.04 60.55 -11.75
CA THR B 397 -4.00 59.82 -11.03
C THR B 397 -3.21 58.85 -11.87
N ILE B 398 -1.91 58.77 -11.56
CA ILE B 398 -0.95 57.78 -12.02
C ILE B 398 -0.44 57.19 -10.70
N GLY B 399 -0.80 55.94 -10.46
CA GLY B 399 -0.51 55.27 -9.20
C GLY B 399 0.92 54.92 -8.95
N GLY B 400 1.62 54.43 -9.95
CA GLY B 400 3.01 54.04 -9.78
C GLY B 400 3.13 52.78 -8.95
N ARG B 401 2.11 51.89 -9.03
CA ARG B 401 2.08 50.59 -8.35
C ARG B 401 3.01 49.71 -9.14
N VAL B 402 3.34 50.19 -10.34
CA VAL B 402 4.26 49.53 -11.26
C VAL B 402 5.17 50.59 -11.86
N LEU B 403 6.45 50.31 -11.89
CA LEU B 403 7.34 51.28 -12.47
C LEU B 403 8.24 50.68 -13.57
N TYR B 404 8.60 51.53 -14.54
CA TYR B 404 9.51 51.16 -15.61
C TYR B 404 10.80 51.85 -15.21
N SER B 405 11.75 51.08 -14.67
CA SER B 405 13.04 51.59 -14.20
C SER B 405 12.86 52.75 -13.20
N GLY B 406 11.89 52.58 -12.28
CA GLY B 406 11.54 53.57 -11.27
C GLY B 406 10.73 54.75 -11.76
N LEU B 407 10.15 54.65 -12.99
CA LEU B 407 9.40 55.74 -13.62
C LEU B 407 7.90 55.48 -13.74
N SER B 408 7.07 56.51 -13.41
CA SER B 408 5.61 56.37 -13.56
C SER B 408 5.09 57.18 -14.75
N LEU B 409 5.88 58.19 -15.19
CA LEU B 409 5.58 59.04 -16.33
C LEU B 409 6.80 59.19 -17.22
N LEU B 410 6.64 58.78 -18.51
CA LEU B 410 7.68 58.81 -19.53
C LEU B 410 7.06 59.42 -20.77
N ILE B 411 7.62 60.55 -21.24
CA ILE B 411 7.22 61.21 -22.49
C ILE B 411 8.55 61.48 -23.16
N LEU B 412 8.88 60.73 -24.21
CA LEU B 412 10.17 60.90 -24.84
C LEU B 412 10.21 60.82 -26.36
N LYS B 413 11.21 61.55 -26.96
CA LYS B 413 11.52 61.59 -28.39
C LYS B 413 10.35 62.07 -29.28
N GLN B 414 9.28 62.62 -28.68
CA GLN B 414 8.12 63.10 -29.41
C GLN B 414 8.25 64.47 -30.03
N GLN B 415 8.47 64.52 -31.35
CA GLN B 415 8.67 65.79 -32.10
C GLN B 415 7.38 66.57 -32.34
N GLY B 416 6.27 65.86 -32.55
CA GLY B 416 4.98 66.48 -32.85
C GLY B 416 4.28 67.18 -31.72
N ILE B 417 4.64 66.89 -30.47
CA ILE B 417 3.98 67.50 -29.30
C ILE B 417 4.55 68.89 -28.97
N THR B 418 3.64 69.86 -28.75
CA THR B 418 4.01 71.25 -28.44
C THR B 418 3.51 71.72 -27.05
N SER B 419 2.53 70.99 -26.49
CA SER B 419 1.96 71.17 -25.15
C SER B 419 1.54 69.76 -24.64
N LEU B 420 1.24 69.65 -23.33
CA LEU B 420 0.91 68.41 -22.64
C LEU B 420 -0.61 68.23 -22.50
N GLN B 421 -1.34 69.25 -21.95
CA GLN B 421 -2.79 69.28 -21.81
C GLN B 421 -3.34 68.22 -20.85
N PHE B 422 -2.58 67.86 -19.82
CA PHE B 422 -3.03 66.90 -18.79
C PHE B 422 -3.87 67.69 -17.77
N GLN B 423 -4.95 68.30 -18.24
CA GLN B 423 -5.87 69.16 -17.51
C GLN B 423 -6.27 68.62 -16.13
N SER B 424 -6.75 67.39 -16.06
CA SER B 424 -7.21 66.83 -14.80
C SER B 424 -6.17 66.22 -13.90
N LEU B 425 -4.92 66.06 -14.37
CA LEU B 425 -3.81 65.47 -13.59
C LEU B 425 -3.45 66.23 -12.32
N LYS B 426 -3.67 65.55 -11.18
CA LYS B 426 -3.45 66.07 -9.83
C LYS B 426 -2.47 65.20 -9.01
N GLU B 427 -2.31 63.91 -9.38
CA GLU B 427 -1.49 62.99 -8.59
C GLU B 427 -0.67 61.96 -9.36
N ILE B 428 0.64 61.86 -9.00
CA ILE B 428 1.64 60.89 -9.47
C ILE B 428 2.16 60.31 -8.16
N SER B 429 1.42 59.26 -7.68
CA SER B 429 1.54 58.57 -6.39
C SER B 429 2.91 58.03 -6.03
N ALA B 430 3.59 57.46 -6.99
CA ALA B 430 4.89 56.83 -6.83
C ALA B 430 5.63 57.04 -8.13
N GLY B 431 6.94 56.75 -8.10
CA GLY B 431 7.80 56.83 -9.27
C GLY B 431 8.27 58.22 -9.66
N ASN B 432 9.21 58.23 -10.61
CA ASN B 432 9.77 59.46 -11.11
C ASN B 432 9.19 59.80 -12.49
N ILE B 433 9.42 61.05 -12.94
CA ILE B 433 9.01 61.55 -14.22
C ILE B 433 10.21 61.69 -15.13
N TYR B 434 10.03 61.29 -16.39
CA TYR B 434 11.08 61.36 -17.40
C TYR B 434 10.50 61.99 -18.68
N ILE B 435 10.71 63.30 -18.87
CA ILE B 435 10.23 64.03 -20.04
C ILE B 435 11.46 64.52 -20.77
N THR B 436 11.87 63.80 -21.83
CA THR B 436 13.09 64.17 -22.56
C THR B 436 12.94 64.09 -24.07
N ASP B 437 13.83 64.80 -24.79
CA ASP B 437 14.00 64.81 -26.25
C ASP B 437 12.73 65.12 -27.09
N ASN B 438 11.74 65.79 -26.45
CA ASN B 438 10.52 66.25 -27.13
C ASN B 438 10.86 67.68 -27.54
N SER B 439 11.63 67.80 -28.61
CA SER B 439 12.18 69.03 -29.13
C SER B 439 11.28 70.24 -29.22
N ASN B 440 9.94 70.05 -29.34
CA ASN B 440 8.98 71.14 -29.54
C ASN B 440 8.01 71.36 -28.42
N LEU B 441 8.12 70.54 -27.35
CA LEU B 441 7.27 70.64 -26.15
C LEU B 441 7.56 71.96 -25.42
N CYS B 442 6.51 72.66 -24.94
CA CYS B 442 6.66 74.00 -24.41
C CYS B 442 6.11 74.37 -23.05
N TYR B 443 5.33 73.51 -22.38
CA TYR B 443 4.83 74.09 -21.14
C TYR B 443 5.38 73.50 -19.84
N TYR B 444 6.02 72.33 -19.99
CA TYR B 444 6.63 71.43 -19.00
C TYR B 444 7.49 72.13 -17.98
N HIS B 445 8.18 73.21 -18.41
CA HIS B 445 9.15 73.94 -17.58
C HIS B 445 8.50 74.85 -16.56
N THR B 446 7.21 75.18 -16.75
CA THR B 446 6.44 76.08 -15.87
C THR B 446 5.83 75.31 -14.69
N ILE B 447 5.65 74.03 -14.93
CA ILE B 447 5.02 73.08 -14.05
C ILE B 447 5.79 72.80 -12.79
N ASN B 448 5.13 73.02 -11.62
CA ASN B 448 5.70 72.67 -10.32
C ASN B 448 5.27 71.20 -10.01
N TRP B 449 6.03 70.24 -10.60
CA TRP B 449 5.84 68.79 -10.52
C TRP B 449 5.72 68.26 -9.10
N THR B 450 6.45 68.87 -8.18
CA THR B 450 6.48 68.55 -6.75
C THR B 450 5.06 68.48 -6.15
N THR B 451 4.14 69.35 -6.61
CA THR B 451 2.77 69.39 -6.13
C THR B 451 2.03 68.11 -6.44
N LEU B 452 2.49 67.36 -7.49
CA LEU B 452 1.85 66.13 -7.92
C LEU B 452 2.37 64.91 -7.17
N PHE B 453 3.57 65.01 -6.62
CA PHE B 453 4.19 63.90 -5.88
C PHE B 453 3.65 63.70 -4.48
N SER B 454 3.71 62.45 -3.98
CA SER B 454 3.28 62.00 -2.66
C SER B 454 4.50 61.82 -1.74
N THR B 455 5.50 61.01 -2.16
CA THR B 455 6.75 60.68 -1.47
C THR B 455 7.75 61.81 -1.73
N ILE B 456 8.73 62.00 -0.85
CA ILE B 456 9.76 63.03 -1.03
C ILE B 456 10.95 62.50 -1.88
N ASN B 457 10.83 61.25 -2.33
CA ASN B 457 11.80 60.51 -3.12
C ASN B 457 11.64 60.74 -4.61
N GLN B 458 10.50 61.24 -5.02
CA GLN B 458 10.14 61.39 -6.42
C GLN B 458 10.86 62.53 -7.08
N ARG B 459 11.63 62.16 -8.09
CA ARG B 459 12.47 63.05 -8.87
C ARG B 459 11.78 63.34 -10.16
N ILE B 460 12.35 64.28 -10.87
CA ILE B 460 11.93 64.71 -12.19
C ILE B 460 13.19 64.81 -13.10
N VAL B 461 13.15 64.15 -14.26
CA VAL B 461 14.23 64.15 -15.25
C VAL B 461 13.70 64.85 -16.52
N ILE B 462 13.96 66.18 -16.63
CA ILE B 462 13.54 66.97 -17.79
C ILE B 462 14.76 67.41 -18.56
N ARG B 463 14.92 66.89 -19.77
CA ARG B 463 16.10 67.17 -20.60
C ARG B 463 15.73 67.27 -22.08
N ASP B 464 16.41 68.15 -22.80
CA ASP B 464 16.34 68.30 -24.24
C ASP B 464 14.98 68.52 -24.90
N ASN B 465 14.08 69.23 -24.23
CA ASN B 465 12.79 69.62 -24.80
C ASN B 465 13.02 71.05 -25.29
N ARG B 466 11.99 71.82 -25.63
CA ARG B 466 12.31 73.16 -26.10
C ARG B 466 12.73 74.09 -24.97
N LYS B 467 13.92 74.75 -25.13
CA LYS B 467 14.51 75.67 -24.15
C LYS B 467 13.48 76.66 -23.65
N ALA B 468 13.32 76.74 -22.32
CA ALA B 468 12.37 77.64 -21.65
C ALA B 468 12.42 79.08 -22.15
N GLU B 469 13.61 79.56 -22.51
CA GLU B 469 13.89 80.90 -23.02
C GLU B 469 13.22 81.06 -24.39
N ASN B 470 13.32 80.00 -25.25
CA ASN B 470 12.71 79.94 -26.59
C ASN B 470 11.17 79.97 -26.49
N CYS B 471 10.60 79.13 -25.60
CA CYS B 471 9.18 79.00 -25.37
C CYS B 471 8.66 80.34 -25.01
N THR B 472 9.23 80.96 -23.94
CA THR B 472 8.85 82.29 -23.46
C THR B 472 8.89 83.31 -24.60
N ALA B 473 10.01 83.29 -25.39
CA ALA B 473 10.31 84.14 -26.55
C ALA B 473 9.28 83.99 -27.65
N GLU B 474 8.78 82.77 -27.85
CA GLU B 474 7.77 82.47 -28.85
C GLU B 474 6.33 82.62 -28.29
N GLY B 475 6.24 83.17 -27.08
CA GLY B 475 4.98 83.46 -26.42
C GLY B 475 4.22 82.30 -25.81
N MET B 476 4.84 81.11 -25.72
CA MET B 476 4.20 79.93 -25.12
C MET B 476 4.34 80.06 -23.61
N VAL B 477 3.52 80.97 -23.03
CA VAL B 477 3.52 81.24 -21.61
C VAL B 477 2.19 80.88 -20.98
N CYS B 478 2.20 80.78 -19.64
CA CYS B 478 1.02 80.50 -18.87
C CYS B 478 0.14 81.72 -18.81
N ASN B 479 -1.18 81.46 -18.79
CA ASN B 479 -2.25 82.45 -18.69
C ASN B 479 -2.05 83.21 -17.38
N HIS B 480 -2.37 84.53 -17.38
CA HIS B 480 -2.20 85.36 -16.18
C HIS B 480 -2.97 84.85 -14.92
N LEU B 481 -4.09 84.12 -15.14
CA LEU B 481 -4.90 83.61 -14.04
C LEU B 481 -4.39 82.32 -13.41
N CYS B 482 -3.31 81.72 -13.98
CA CYS B 482 -2.68 80.51 -13.44
C CYS B 482 -1.89 80.87 -12.21
N SER B 483 -1.65 79.94 -11.30
CA SER B 483 -0.81 80.24 -10.15
C SER B 483 0.66 80.08 -10.56
N SER B 484 1.61 80.35 -9.66
CA SER B 484 3.02 80.14 -9.99
C SER B 484 3.35 78.64 -10.22
N ASP B 485 2.38 77.74 -10.00
CA ASP B 485 2.54 76.30 -10.18
C ASP B 485 2.56 75.84 -11.63
N GLY B 486 2.10 76.72 -12.51
CA GLY B 486 2.18 76.50 -13.94
C GLY B 486 0.95 76.05 -14.66
N CYS B 487 1.16 75.63 -15.91
CA CYS B 487 0.11 75.20 -16.82
C CYS B 487 0.55 74.10 -17.77
N TRP B 488 -0.41 73.27 -18.24
CA TRP B 488 -0.25 72.11 -19.10
C TRP B 488 -0.28 72.47 -20.56
N GLY B 489 -0.61 73.72 -20.81
CA GLY B 489 -0.70 74.25 -22.15
C GLY B 489 -1.25 75.64 -22.07
N PRO B 490 -1.80 76.17 -23.17
CA PRO B 490 -2.34 77.54 -23.14
C PRO B 490 -3.75 77.64 -22.61
N GLY B 491 -4.13 78.81 -22.10
CA GLY B 491 -5.48 79.04 -21.64
C GLY B 491 -5.70 78.92 -20.15
N PRO B 492 -6.86 79.43 -19.65
CA PRO B 492 -7.14 79.38 -18.20
C PRO B 492 -7.77 78.07 -17.76
N ASP B 493 -8.10 77.20 -18.72
CA ASP B 493 -8.62 75.89 -18.38
C ASP B 493 -7.52 74.84 -18.21
N GLN B 494 -6.20 75.26 -18.28
CA GLN B 494 -4.98 74.40 -18.22
C GLN B 494 -4.07 74.66 -17.02
N CYS B 495 -4.52 75.46 -16.04
CA CYS B 495 -3.72 75.79 -14.88
C CYS B 495 -3.62 74.62 -13.95
N LEU B 496 -2.56 74.55 -13.16
CA LEU B 496 -2.41 73.49 -12.18
C LEU B 496 -3.25 73.91 -10.96
N SER B 497 -3.19 75.22 -10.63
CA SER B 497 -3.93 75.94 -9.60
C SER B 497 -4.19 77.32 -10.18
N CYS B 498 -5.11 78.07 -9.58
CA CYS B 498 -5.46 79.42 -10.00
C CYS B 498 -4.89 80.49 -9.13
N ARG B 499 -4.62 81.66 -9.73
CA ARG B 499 -4.04 82.80 -9.04
C ARG B 499 -5.12 83.44 -8.16
N ARG B 500 -6.37 83.54 -8.69
CA ARG B 500 -7.48 84.16 -7.97
C ARG B 500 -8.56 83.13 -7.69
N PHE B 501 -9.51 82.93 -8.67
CA PHE B 501 -10.67 82.07 -8.48
C PHE B 501 -10.87 81.06 -9.55
N SER B 502 -11.79 80.12 -9.29
CA SER B 502 -12.10 79.02 -10.18
C SER B 502 -13.57 78.66 -10.15
N ARG B 503 -14.12 78.38 -11.33
CA ARG B 503 -15.47 77.88 -11.48
C ARG B 503 -15.32 76.63 -12.37
N GLY B 504 -15.28 75.47 -11.72
CA GLY B 504 -15.12 74.20 -12.42
C GLY B 504 -13.70 74.02 -12.89
N ARG B 505 -13.50 73.83 -14.20
CA ARG B 505 -12.14 73.64 -14.74
C ARG B 505 -11.45 74.98 -15.08
N ILE B 506 -12.19 76.09 -15.05
CA ILE B 506 -11.73 77.41 -15.47
C ILE B 506 -11.29 78.31 -14.33
N CYS B 507 -10.13 78.98 -14.50
CA CYS B 507 -9.60 79.98 -13.57
C CYS B 507 -10.20 81.31 -14.02
N ILE B 508 -10.78 82.05 -13.09
CA ILE B 508 -11.44 83.32 -13.39
C ILE B 508 -10.93 84.50 -12.57
N GLU B 509 -11.32 85.75 -12.95
CA GLU B 509 -10.95 86.94 -12.19
C GLU B 509 -11.62 86.94 -10.83
N SER B 510 -12.95 86.87 -10.84
CA SER B 510 -13.76 86.89 -9.64
C SER B 510 -15.06 86.11 -9.84
N CYS B 511 -15.70 85.79 -8.72
CA CYS B 511 -17.00 85.10 -8.70
C CYS B 511 -18.11 86.07 -9.13
N ASN B 512 -19.32 85.55 -9.39
CA ASN B 512 -20.47 86.38 -9.75
C ASN B 512 -21.07 86.98 -8.47
N LEU B 513 -20.32 87.88 -7.80
CA LEU B 513 -20.70 88.50 -6.52
C LEU B 513 -21.73 89.61 -6.66
N TYR B 514 -21.54 90.51 -7.63
CA TYR B 514 -22.39 91.67 -7.84
C TYR B 514 -23.11 91.67 -9.18
N ASP B 515 -22.69 90.81 -10.09
CA ASP B 515 -23.24 90.68 -11.44
C ASP B 515 -23.34 89.21 -11.84
N GLY B 516 -24.07 88.91 -12.92
CA GLY B 516 -24.18 87.55 -13.46
C GLY B 516 -25.48 86.83 -13.21
N GLU B 517 -25.88 85.99 -14.20
CA GLU B 517 -27.09 85.14 -14.24
C GLU B 517 -27.35 84.38 -12.93
N PHE B 518 -26.28 83.79 -12.37
CA PHE B 518 -26.33 83.05 -11.12
C PHE B 518 -25.31 83.65 -10.20
N ARG B 519 -25.77 84.30 -9.13
CA ARG B 519 -24.87 84.92 -8.16
C ARG B 519 -24.17 83.87 -7.34
N GLU B 520 -23.00 84.23 -6.82
CA GLU B 520 -22.10 83.30 -6.14
C GLU B 520 -21.44 83.92 -4.93
N PHE B 521 -20.92 83.04 -4.08
CA PHE B 521 -20.14 83.40 -2.93
C PHE B 521 -18.82 82.66 -3.11
N GLU B 522 -17.77 83.14 -2.44
CA GLU B 522 -16.46 82.52 -2.56
C GLU B 522 -16.14 81.58 -1.43
N ASN B 523 -16.08 80.28 -1.77
CA ASN B 523 -15.71 79.18 -0.87
C ASN B 523 -14.17 79.05 -0.90
N ASP B 524 -13.47 80.21 -0.71
CA ASP B 524 -12.03 80.36 -0.76
C ASP B 524 -11.53 79.83 -2.12
N SER B 525 -11.53 80.73 -3.14
CA SER B 525 -11.13 80.48 -4.53
C SER B 525 -12.11 79.65 -5.36
N ILE B 526 -13.01 78.86 -4.74
CA ILE B 526 -14.02 78.08 -5.48
C ILE B 526 -15.31 78.90 -5.53
N CYS B 527 -15.83 79.15 -6.72
CA CYS B 527 -17.04 79.93 -6.89
C CYS B 527 -18.26 79.04 -6.90
N VAL B 528 -19.03 79.11 -5.79
CA VAL B 528 -20.24 78.34 -5.52
C VAL B 528 -21.45 79.22 -5.64
N GLU B 529 -22.44 78.76 -6.38
CA GLU B 529 -23.70 79.46 -6.62
C GLU B 529 -24.57 79.57 -5.36
N CYS B 530 -25.22 80.74 -5.18
CA CYS B 530 -26.13 81.03 -4.08
C CYS B 530 -27.36 80.17 -4.22
N ASP B 531 -28.01 79.83 -3.08
CA ASP B 531 -29.23 79.02 -3.07
C ASP B 531 -30.30 79.66 -3.97
N PRO B 532 -31.08 78.88 -4.76
CA PRO B 532 -32.10 79.49 -5.65
C PRO B 532 -33.09 80.45 -4.98
N GLN B 533 -33.20 80.32 -3.63
CA GLN B 533 -34.07 81.07 -2.73
C GLN B 533 -33.61 82.48 -2.41
N CYS B 534 -32.29 82.73 -2.55
CA CYS B 534 -31.68 84.04 -2.36
C CYS B 534 -32.14 84.95 -3.51
N GLU B 535 -32.58 86.17 -3.17
CA GLU B 535 -33.04 87.14 -4.18
C GLU B 535 -31.82 87.82 -4.76
N LYS B 536 -31.75 87.90 -6.11
CA LYS B 536 -30.67 88.51 -6.88
C LYS B 536 -30.50 89.98 -6.52
N MET B 537 -29.60 90.25 -5.55
CA MET B 537 -29.32 91.58 -5.02
C MET B 537 -28.58 92.44 -6.03
N GLU B 538 -29.20 93.57 -6.42
CA GLU B 538 -28.61 94.52 -7.35
C GLU B 538 -28.04 95.72 -6.56
N ASP B 539 -27.42 96.69 -7.27
CA ASP B 539 -26.82 97.91 -6.73
C ASP B 539 -25.68 97.62 -5.72
N GLY B 540 -24.65 96.88 -6.21
CA GLY B 540 -23.46 96.52 -5.45
C GLY B 540 -23.67 95.76 -4.15
N LEU B 541 -24.73 94.94 -4.10
CA LEU B 541 -25.03 94.13 -2.92
C LEU B 541 -24.75 92.65 -3.15
N LEU B 542 -24.30 91.93 -2.09
CA LEU B 542 -24.06 90.49 -2.19
C LEU B 542 -25.40 89.73 -2.06
N THR B 543 -25.64 88.70 -2.92
CA THR B 543 -26.87 87.89 -2.91
C THR B 543 -26.88 86.92 -1.73
N CYS B 544 -25.69 86.39 -1.38
CA CYS B 544 -25.49 85.45 -0.27
C CYS B 544 -24.08 85.53 0.29
N HIS B 545 -23.93 85.13 1.55
CA HIS B 545 -22.68 85.14 2.29
C HIS B 545 -22.33 83.72 2.79
N GLY B 546 -22.75 82.71 2.03
CA GLY B 546 -22.52 81.30 2.33
C GLY B 546 -23.49 80.36 1.66
N PRO B 547 -23.41 79.04 1.94
CA PRO B 547 -24.32 78.08 1.30
C PRO B 547 -25.63 77.81 2.05
N GLY B 548 -26.65 77.47 1.28
CA GLY B 548 -27.99 77.17 1.78
C GLY B 548 -28.90 78.38 1.88
N PRO B 549 -30.20 78.17 2.20
CA PRO B 549 -31.13 79.31 2.30
C PRO B 549 -30.99 80.14 3.58
N ASP B 550 -30.28 79.60 4.59
CA ASP B 550 -30.02 80.29 5.87
C ASP B 550 -29.05 81.43 5.68
N ASN B 551 -28.07 81.28 4.75
CA ASN B 551 -27.06 82.28 4.44
C ASN B 551 -27.43 83.27 3.30
N CYS B 552 -28.74 83.56 3.15
CA CYS B 552 -29.26 84.50 2.14
C CYS B 552 -29.17 85.94 2.66
N THR B 553 -29.29 86.92 1.75
CA THR B 553 -29.31 88.33 2.08
C THR B 553 -30.79 88.73 2.25
N LYS B 554 -31.61 88.40 1.22
CA LYS B 554 -33.06 88.65 1.16
C LYS B 554 -33.68 87.42 0.52
N CYS B 555 -34.88 87.03 0.96
CA CYS B 555 -35.58 85.87 0.41
C CYS B 555 -36.42 86.25 -0.77
N SER B 556 -36.46 85.37 -1.79
CA SER B 556 -37.23 85.55 -3.04
C SER B 556 -38.72 85.49 -2.70
N HIS B 557 -39.05 84.48 -1.90
CA HIS B 557 -40.43 84.20 -1.56
C HIS B 557 -40.74 84.37 -0.07
N PHE B 558 -40.57 83.30 0.73
CA PHE B 558 -40.87 83.31 2.17
C PHE B 558 -39.68 82.91 3.03
N LYS B 559 -39.77 83.14 4.37
CA LYS B 559 -38.74 82.84 5.36
C LYS B 559 -39.28 81.98 6.53
N ASP B 560 -39.01 80.66 6.50
CA ASP B 560 -39.42 79.74 7.57
C ASP B 560 -38.29 79.68 8.60
N GLY B 561 -38.30 80.66 9.51
CA GLY B 561 -37.30 80.81 10.56
C GLY B 561 -35.99 81.32 10.01
N PRO B 562 -34.92 80.50 9.99
CA PRO B 562 -33.63 80.98 9.46
C PRO B 562 -33.46 80.93 7.93
N ASN B 563 -34.08 79.92 7.28
CA ASN B 563 -34.03 79.64 5.84
C ASN B 563 -35.15 80.28 5.02
N CYS B 564 -34.81 80.63 3.77
CA CYS B 564 -35.75 81.12 2.78
C CYS B 564 -36.42 79.90 2.16
N VAL B 565 -37.75 79.98 1.97
CA VAL B 565 -38.51 78.89 1.39
C VAL B 565 -39.37 79.36 0.24
N GLU B 566 -39.67 78.44 -0.69
CA GLU B 566 -40.50 78.67 -1.85
C GLU B 566 -41.96 78.91 -1.40
N LYS B 567 -42.43 78.11 -0.41
CA LYS B 567 -43.77 78.17 0.18
C LYS B 567 -43.74 77.78 1.66
N CYS B 568 -44.73 78.25 2.44
CA CYS B 568 -44.87 77.93 3.86
C CYS B 568 -45.30 76.47 4.01
N PRO B 569 -44.73 75.71 4.97
CA PRO B 569 -45.12 74.29 5.13
C PRO B 569 -46.62 73.96 5.16
N ASP B 570 -47.01 72.84 4.48
CA ASP B 570 -48.39 72.30 4.40
C ASP B 570 -48.49 70.73 4.49
N GLY B 571 -47.83 70.17 5.51
CA GLY B 571 -47.82 68.73 5.79
C GLY B 571 -46.90 67.88 4.95
N LEU B 572 -45.76 68.43 4.50
CA LEU B 572 -44.79 67.71 3.69
C LEU B 572 -43.51 67.55 4.48
N PHE B 578 -45.27 66.61 8.54
CA PHE B 578 -46.66 67.02 8.79
C PHE B 578 -46.77 68.28 9.69
N ILE B 579 -46.15 69.37 9.23
CA ILE B 579 -46.10 70.66 9.91
C ILE B 579 -46.84 71.69 9.08
N PHE B 580 -47.72 72.49 9.70
CA PHE B 580 -48.50 73.51 8.98
C PHE B 580 -48.15 74.90 9.44
N LYS B 581 -47.91 75.80 8.48
CA LYS B 581 -47.56 77.19 8.75
C LYS B 581 -48.25 78.12 7.77
N TYR B 582 -48.72 79.27 8.25
CA TYR B 582 -49.33 80.31 7.42
C TYR B 582 -48.27 81.44 7.19
N ALA B 583 -48.49 82.37 6.22
CA ALA B 583 -47.53 83.46 5.96
C ALA B 583 -48.09 84.81 6.35
N ASP B 584 -47.35 85.56 7.18
CA ASP B 584 -47.77 86.89 7.61
C ASP B 584 -47.50 87.97 6.52
N PRO B 585 -48.05 89.22 6.63
CA PRO B 585 -47.77 90.25 5.57
C PRO B 585 -46.29 90.62 5.33
N ASP B 586 -45.40 90.22 6.26
CA ASP B 586 -43.95 90.42 6.19
C ASP B 586 -43.26 89.16 5.59
N ARG B 587 -44.07 88.25 5.02
CA ARG B 587 -43.66 87.00 4.36
C ARG B 587 -42.99 85.92 5.21
N GLU B 588 -43.13 85.99 6.55
CA GLU B 588 -42.52 84.97 7.42
C GLU B 588 -43.51 83.87 7.77
N CYS B 589 -43.04 82.63 7.83
CA CYS B 589 -43.87 81.47 8.14
C CYS B 589 -44.06 81.27 9.64
N HIS B 590 -45.30 81.43 10.13
CA HIS B 590 -45.63 81.23 11.55
C HIS B 590 -46.50 80.01 11.64
N PRO B 591 -46.38 79.20 12.74
CA PRO B 591 -47.19 77.99 12.83
C PRO B 591 -48.69 78.23 13.01
N CYS B 592 -49.45 77.18 12.70
CA CYS B 592 -50.91 77.19 12.79
C CYS B 592 -51.32 76.95 14.23
N HIS B 593 -52.56 77.34 14.58
CA HIS B 593 -53.15 77.06 15.89
C HIS B 593 -53.23 75.52 15.99
N PRO B 594 -52.88 74.89 17.14
CA PRO B 594 -52.90 73.42 17.21
C PRO B 594 -54.13 72.71 16.64
N ASN B 595 -55.33 73.34 16.77
CA ASN B 595 -56.61 72.81 16.29
C ASN B 595 -56.66 72.58 14.76
N CYS B 596 -56.01 73.44 13.96
CA CYS B 596 -55.99 73.34 12.49
C CYS B 596 -55.10 72.19 12.02
N THR B 597 -55.68 70.96 11.98
CA THR B 597 -55.01 69.71 11.59
C THR B 597 -54.83 69.54 10.07
N GLN B 598 -55.56 70.35 9.27
CA GLN B 598 -55.49 70.32 7.79
C GLN B 598 -54.90 71.63 7.23
N GLY B 599 -54.33 72.46 8.10
CA GLY B 599 -53.73 73.74 7.70
C GLY B 599 -54.53 74.96 8.11
N CYS B 600 -53.98 76.16 7.90
CA CYS B 600 -54.61 77.43 8.25
C CYS B 600 -54.20 78.60 7.34
N ASN B 601 -54.84 79.78 7.50
CA ASN B 601 -54.49 80.99 6.75
C ASN B 601 -54.23 82.20 7.66
N GLY B 602 -54.36 81.98 8.97
CA GLY B 602 -54.15 82.94 10.03
C GLY B 602 -53.70 82.25 11.31
N PRO B 603 -53.38 83.01 12.39
CA PRO B 603 -52.89 82.36 13.61
C PRO B 603 -53.92 81.72 14.53
N THR B 604 -55.13 82.31 14.58
CA THR B 604 -56.27 81.91 15.42
C THR B 604 -56.86 80.53 15.09
N SER B 605 -57.67 79.99 16.02
CA SER B 605 -58.33 78.70 15.93
C SER B 605 -59.46 78.69 14.90
N HIS B 606 -59.93 79.88 14.45
CA HIS B 606 -60.99 79.98 13.44
C HIS B 606 -60.51 80.16 11.98
N ASP B 607 -59.19 80.22 11.78
CA ASP B 607 -58.60 80.39 10.45
C ASP B 607 -58.15 79.04 9.84
N CYS B 608 -58.70 77.91 10.35
CA CYS B 608 -58.36 76.57 9.87
C CYS B 608 -58.87 76.31 8.46
N ILE B 609 -58.17 75.39 7.77
CA ILE B 609 -58.47 74.91 6.41
C ILE B 609 -59.01 73.46 6.51
N TYR B 610 -60.00 73.11 5.67
CA TYR B 610 -60.60 71.77 5.68
C TYR B 610 -60.57 71.17 4.28
N TYR B 611 -59.80 70.06 4.11
CA TYR B 611 -59.60 69.34 2.85
C TYR B 611 -60.95 68.84 2.29
N PRO B 612 -61.24 69.09 0.98
CA PRO B 612 -62.51 68.60 0.41
C PRO B 612 -62.53 67.09 0.20
N GLN C 1 1.18 -44.27 -17.24
CA GLN C 1 0.68 -45.46 -16.54
C GLN C 1 1.77 -46.44 -16.01
N SER C 2 2.74 -46.92 -16.90
CA SER C 2 3.87 -47.77 -16.48
C SER C 2 4.90 -46.95 -15.68
N VAL C 3 5.13 -47.39 -14.47
CA VAL C 3 5.92 -46.71 -13.47
C VAL C 3 7.21 -47.50 -13.16
N CYS C 4 8.28 -46.78 -12.82
CA CYS C 4 9.57 -47.34 -12.42
C CYS C 4 10.22 -46.43 -11.39
N ALA C 5 11.14 -46.97 -10.60
CA ALA C 5 11.70 -46.20 -9.51
C ALA C 5 12.85 -45.27 -9.85
N GLY C 6 13.73 -45.67 -10.76
CA GLY C 6 14.89 -44.86 -11.11
C GLY C 6 15.96 -44.86 -10.03
N THR C 7 17.21 -44.56 -10.43
CA THR C 7 18.40 -44.53 -9.57
C THR C 7 18.55 -43.30 -8.67
N GLU C 8 19.61 -43.34 -7.83
CA GLU C 8 20.07 -42.37 -6.85
C GLU C 8 21.61 -42.49 -6.75
N ASN C 9 22.26 -42.71 -7.92
CA ASN C 9 23.70 -42.88 -8.02
C ASN C 9 24.47 -41.61 -8.19
N LYS C 10 23.82 -40.55 -8.75
CA LYS C 10 24.40 -39.25 -9.07
C LYS C 10 25.43 -39.49 -10.21
N LEU C 11 26.70 -39.05 -10.02
CA LEU C 11 27.73 -39.25 -11.03
C LEU C 11 28.40 -40.64 -11.03
N SER C 12 28.15 -41.43 -9.97
CA SER C 12 28.65 -42.79 -9.81
C SER C 12 28.04 -43.69 -10.85
N SER C 13 28.82 -44.67 -11.31
CA SER C 13 28.47 -45.61 -12.39
C SER C 13 29.21 -46.95 -12.24
N LEU C 14 28.99 -47.88 -13.18
CA LEU C 14 29.68 -49.16 -13.16
C LEU C 14 30.96 -49.01 -13.98
N SER C 15 32.04 -49.74 -13.57
CA SER C 15 33.32 -49.72 -14.26
C SER C 15 33.16 -50.24 -15.69
N ASP C 16 32.40 -51.36 -15.84
CA ASP C 16 32.11 -51.94 -17.15
C ASP C 16 31.12 -51.04 -17.86
N LEU C 17 31.58 -50.37 -18.92
CA LEU C 17 30.75 -49.43 -19.68
C LEU C 17 29.56 -50.06 -20.39
N GLU C 18 29.67 -51.35 -20.79
CA GLU C 18 28.57 -52.10 -21.40
C GLU C 18 27.59 -52.44 -20.27
N GLN C 19 28.11 -52.77 -19.08
CA GLN C 19 27.27 -53.06 -17.91
C GLN C 19 26.54 -51.82 -17.44
N GLN C 20 27.17 -50.63 -17.60
CA GLN C 20 26.58 -49.34 -17.27
C GLN C 20 25.43 -49.08 -18.23
N TYR C 21 25.64 -49.29 -19.55
CA TYR C 21 24.61 -49.12 -20.58
C TYR C 21 23.47 -50.09 -20.37
N ARG C 22 23.80 -51.38 -20.19
CA ARG C 22 22.82 -52.43 -19.94
C ARG C 22 21.97 -52.12 -18.70
N ALA C 23 22.55 -51.48 -17.66
CA ALA C 23 21.84 -51.08 -16.44
C ALA C 23 20.83 -49.99 -16.73
N LEU C 24 21.23 -48.95 -17.52
CA LEU C 24 20.35 -47.84 -17.93
C LEU C 24 19.11 -48.42 -18.60
N ARG C 25 19.32 -49.31 -19.58
CA ARG C 25 18.28 -50.02 -20.31
C ARG C 25 17.37 -50.81 -19.34
N LYS C 26 17.97 -51.54 -18.39
CA LYS C 26 17.24 -52.33 -17.38
C LYS C 26 16.30 -51.47 -16.56
N TYR C 27 16.81 -50.37 -16.02
CA TYR C 27 16.05 -49.46 -15.17
C TYR C 27 14.96 -48.64 -15.81
N TYR C 28 15.15 -48.20 -17.06
CA TYR C 28 14.24 -47.24 -17.68
C TYR C 28 13.48 -47.62 -18.94
N GLU C 29 13.73 -48.82 -19.50
CA GLU C 29 13.01 -49.16 -20.71
C GLU C 29 11.55 -49.52 -20.42
N ASN C 30 10.64 -49.03 -21.28
CA ASN C 30 9.17 -49.18 -21.18
C ASN C 30 8.55 -48.42 -20.00
N CYS C 31 9.33 -47.55 -19.39
CA CYS C 31 8.87 -46.76 -18.27
C CYS C 31 8.32 -45.42 -18.74
N GLU C 32 7.10 -45.07 -18.33
CA GLU C 32 6.44 -43.83 -18.70
C GLU C 32 6.64 -42.77 -17.63
N VAL C 33 6.47 -43.16 -16.34
CA VAL C 33 6.64 -42.27 -15.19
C VAL C 33 7.81 -42.74 -14.34
N VAL C 34 8.89 -41.92 -14.29
CA VAL C 34 10.06 -42.21 -13.46
C VAL C 34 9.77 -41.61 -12.09
N MET C 35 9.51 -42.50 -11.14
CA MET C 35 9.11 -42.10 -9.79
C MET C 35 10.30 -41.95 -8.93
N GLY C 36 11.08 -40.93 -9.26
CA GLY C 36 12.38 -40.64 -8.69
C GLY C 36 13.26 -40.02 -9.75
N ASN C 37 14.54 -40.43 -9.87
CA ASN C 37 15.48 -39.76 -10.80
C ASN C 37 15.88 -40.49 -12.06
N LEU C 38 16.04 -39.73 -13.14
CA LEU C 38 16.47 -40.25 -14.43
C LEU C 38 17.91 -39.79 -14.55
N GLU C 39 18.83 -40.73 -14.35
CA GLU C 39 20.27 -40.52 -14.36
C GLU C 39 20.86 -41.24 -15.57
N ILE C 40 21.42 -40.45 -16.51
CA ILE C 40 22.07 -40.92 -17.74
C ILE C 40 23.52 -40.42 -17.66
N THR C 41 24.43 -41.29 -17.19
CA THR C 41 25.85 -40.94 -16.99
C THR C 41 26.78 -41.99 -17.56
N SER C 42 27.91 -41.53 -18.14
CA SER C 42 28.99 -42.34 -18.71
C SER C 42 28.55 -43.33 -19.82
N ILE C 43 27.72 -42.83 -20.76
CA ILE C 43 27.25 -43.64 -21.89
C ILE C 43 28.05 -43.32 -23.16
N GLU C 44 28.60 -44.35 -23.79
CA GLU C 44 29.44 -44.29 -25.00
C GLU C 44 28.72 -43.77 -26.23
N HIS C 45 29.50 -43.27 -27.19
CA HIS C 45 29.07 -42.70 -28.46
C HIS C 45 28.12 -43.57 -29.32
N ASN C 46 28.47 -44.84 -29.55
CA ASN C 46 27.71 -45.77 -30.39
C ASN C 46 26.26 -46.06 -29.96
N ARG C 47 26.03 -46.20 -28.64
CA ARG C 47 24.81 -46.60 -27.92
C ARG C 47 23.43 -46.17 -28.42
N ASP C 48 22.45 -47.11 -28.37
CA ASP C 48 21.06 -46.87 -28.75
C ASP C 48 20.24 -46.41 -27.55
N LEU C 49 19.65 -45.20 -27.64
CA LEU C 49 18.87 -44.66 -26.52
C LEU C 49 17.38 -44.44 -26.83
N SER C 50 16.91 -44.99 -27.97
CA SER C 50 15.53 -44.92 -28.44
C SER C 50 14.52 -45.27 -27.33
N PHE C 51 14.88 -46.20 -26.40
CA PHE C 51 14.02 -46.64 -25.29
C PHE C 51 13.60 -45.53 -24.35
N LEU C 52 14.37 -44.42 -24.31
CA LEU C 52 14.09 -43.24 -23.48
C LEU C 52 12.88 -42.47 -23.99
N ARG C 53 12.41 -42.79 -25.21
CA ARG C 53 11.22 -42.17 -25.77
C ARG C 53 9.95 -42.56 -25.00
N SER C 54 10.02 -43.59 -24.15
CA SER C 54 8.88 -44.01 -23.35
C SER C 54 8.56 -43.02 -22.22
N VAL C 55 9.62 -42.32 -21.72
CA VAL C 55 9.51 -41.39 -20.59
C VAL C 55 8.72 -40.16 -20.96
N ARG C 56 7.64 -39.95 -20.15
CA ARG C 56 6.66 -38.85 -20.19
C ARG C 56 6.81 -37.92 -18.99
N GLU C 57 7.20 -38.47 -17.82
CA GLU C 57 7.31 -37.73 -16.56
C GLU C 57 8.43 -38.25 -15.64
N VAL C 58 9.09 -37.33 -14.90
CA VAL C 58 10.13 -37.62 -13.92
C VAL C 58 9.79 -36.83 -12.62
N THR C 59 9.54 -37.59 -11.55
CA THR C 59 9.19 -37.14 -10.19
C THR C 59 10.29 -36.29 -9.53
N GLY C 60 11.53 -36.76 -9.65
CA GLY C 60 12.72 -36.14 -9.07
C GLY C 60 13.45 -35.28 -10.07
N TYR C 61 14.73 -35.62 -10.32
CA TYR C 61 15.55 -34.86 -11.25
C TYR C 61 16.03 -35.67 -12.44
N VAL C 62 16.57 -34.94 -13.45
CA VAL C 62 17.14 -35.48 -14.68
C VAL C 62 18.60 -35.03 -14.72
N LEU C 63 19.49 -36.02 -14.61
CA LEU C 63 20.94 -35.82 -14.67
C LEU C 63 21.47 -36.48 -15.96
N VAL C 64 22.07 -35.66 -16.82
CA VAL C 64 22.66 -36.10 -18.09
C VAL C 64 24.09 -35.56 -18.08
N ALA C 65 25.03 -36.41 -17.66
CA ALA C 65 26.43 -36.02 -17.53
C ALA C 65 27.41 -37.07 -18.02
N LEU C 66 28.64 -36.64 -18.37
CA LEU C 66 29.76 -37.47 -18.78
C LEU C 66 29.49 -38.51 -19.86
N ASN C 67 28.57 -38.19 -20.80
CA ASN C 67 28.20 -39.08 -21.91
C ASN C 67 28.87 -38.64 -23.22
N GLN C 68 28.91 -39.49 -24.26
CA GLN C 68 29.52 -39.13 -25.57
C GLN C 68 28.57 -39.35 -26.78
N PHE C 69 27.30 -39.74 -26.52
CA PHE C 69 26.31 -39.93 -27.60
C PHE C 69 25.86 -38.59 -28.19
N ARG C 70 25.55 -38.58 -29.49
CA ARG C 70 25.16 -37.40 -30.28
C ARG C 70 23.86 -36.72 -29.85
N TYR C 71 22.82 -37.51 -29.57
CA TYR C 71 21.49 -36.97 -29.32
C TYR C 71 20.76 -37.64 -28.14
N LEU C 72 20.01 -36.82 -27.34
CA LEU C 72 19.23 -37.23 -26.17
C LEU C 72 17.76 -37.41 -26.57
N PRO C 73 17.27 -38.66 -26.73
CA PRO C 73 15.90 -38.86 -27.24
C PRO C 73 14.80 -38.91 -26.21
N LEU C 74 14.68 -37.86 -25.39
CA LEU C 74 13.63 -37.77 -24.38
C LEU C 74 12.42 -36.99 -24.96
N GLU C 75 12.13 -37.30 -26.21
CA GLU C 75 11.11 -36.69 -27.07
C GLU C 75 9.72 -36.62 -26.49
N ASN C 76 9.39 -37.52 -25.54
CA ASN C 76 8.08 -37.55 -24.89
C ASN C 76 7.99 -36.96 -23.48
N LEU C 77 9.17 -36.64 -22.86
CA LEU C 77 9.25 -36.01 -21.54
C LEU C 77 8.56 -34.68 -21.56
N ARG C 78 7.58 -34.52 -20.68
CA ARG C 78 6.77 -33.30 -20.59
C ARG C 78 7.06 -32.51 -19.31
N ILE C 79 7.16 -33.25 -18.19
CA ILE C 79 7.32 -32.64 -16.89
C ILE C 79 8.46 -33.30 -16.09
N ILE C 80 9.18 -32.45 -15.32
CA ILE C 80 10.15 -32.83 -14.31
C ILE C 80 9.58 -32.14 -13.07
N ARG C 81 9.13 -32.91 -12.06
CA ARG C 81 8.53 -32.32 -10.85
C ARG C 81 9.50 -31.72 -9.89
N GLY C 82 10.73 -32.26 -9.87
CA GLY C 82 11.81 -31.80 -9.01
C GLY C 82 11.53 -31.98 -7.53
N THR C 83 10.89 -33.12 -7.15
CA THR C 83 10.59 -33.39 -5.74
C THR C 83 11.87 -33.58 -4.96
N LYS C 84 12.91 -34.06 -5.64
CA LYS C 84 14.27 -34.25 -5.15
C LYS C 84 15.16 -33.66 -6.23
N LEU C 85 16.10 -32.81 -5.84
CA LEU C 85 16.95 -32.11 -6.81
C LEU C 85 18.44 -32.51 -6.77
N TYR C 86 19.11 -32.47 -7.95
CA TYR C 86 20.54 -32.72 -8.01
C TYR C 86 21.22 -31.55 -7.34
N GLU C 87 22.16 -31.85 -6.42
CA GLU C 87 22.89 -30.87 -5.62
C GLU C 87 21.92 -29.98 -4.86
N ASP C 88 20.72 -30.50 -4.57
CA ASP C 88 19.63 -29.82 -3.88
C ASP C 88 19.22 -28.49 -4.51
N ARG C 89 19.52 -28.33 -5.82
CA ARG C 89 19.22 -27.13 -6.59
C ARG C 89 18.76 -27.35 -8.04
N TYR C 90 19.22 -28.40 -8.73
CA TYR C 90 18.81 -28.57 -10.12
C TYR C 90 17.82 -29.69 -10.39
N ALA C 91 16.76 -29.35 -11.14
CA ALA C 91 15.76 -30.30 -11.61
C ALA C 91 16.27 -30.94 -12.91
N LEU C 92 17.07 -30.18 -13.70
CA LEU C 92 17.70 -30.62 -14.95
C LEU C 92 19.16 -30.20 -14.94
N ALA C 93 20.04 -31.18 -15.07
CA ALA C 93 21.50 -30.95 -15.08
C ALA C 93 22.13 -31.71 -16.25
N ILE C 94 22.59 -30.95 -17.26
CA ILE C 94 23.23 -31.47 -18.48
C ILE C 94 24.63 -30.86 -18.57
N PHE C 95 25.66 -31.63 -18.24
CA PHE C 95 27.05 -31.12 -18.25
C PHE C 95 28.09 -32.18 -18.61
N LEU C 96 29.22 -31.73 -19.21
CA LEU C 96 30.36 -32.56 -19.61
C LEU C 96 30.03 -33.72 -20.53
N ASN C 97 29.09 -33.51 -21.44
CA ASN C 97 28.65 -34.54 -22.38
C ASN C 97 29.44 -34.54 -23.69
N TYR C 98 30.74 -34.79 -23.55
CA TYR C 98 31.73 -34.90 -24.64
C TYR C 98 33.01 -35.55 -24.09
N ARG C 99 33.88 -36.08 -24.98
CA ARG C 99 35.17 -36.61 -24.53
C ARG C 99 36.26 -35.51 -24.64
N LYS C 100 36.99 -35.25 -23.52
CA LYS C 100 38.04 -34.22 -23.43
C LYS C 100 39.05 -34.24 -24.58
N ASP C 101 39.27 -35.45 -25.18
CA ASP C 101 40.12 -35.70 -26.36
C ASP C 101 39.65 -34.79 -27.53
N GLY C 102 38.32 -34.68 -27.70
CA GLY C 102 37.68 -33.81 -28.69
C GLY C 102 37.07 -34.48 -29.91
N ASN C 103 36.88 -35.80 -29.86
CA ASN C 103 36.31 -36.54 -30.97
C ASN C 103 34.80 -36.23 -31.08
N PHE C 104 33.99 -36.86 -30.20
CA PHE C 104 32.53 -36.75 -30.16
C PHE C 104 31.97 -36.10 -28.88
N GLY C 105 30.66 -35.87 -28.92
CA GLY C 105 29.88 -35.33 -27.83
C GLY C 105 28.41 -35.20 -28.15
N LEU C 106 27.61 -34.75 -27.18
CA LEU C 106 26.19 -34.49 -27.34
C LEU C 106 26.04 -33.19 -28.13
N GLN C 107 25.27 -33.26 -29.22
CA GLN C 107 25.06 -32.18 -30.17
C GLN C 107 23.65 -31.56 -30.12
N GLU C 108 22.63 -32.38 -29.78
CA GLU C 108 21.23 -31.98 -29.78
C GLU C 108 20.45 -32.61 -28.64
N LEU C 109 19.50 -31.83 -28.07
CA LEU C 109 18.60 -32.28 -27.01
C LEU C 109 17.19 -32.48 -27.62
N GLY C 110 16.66 -33.69 -27.52
CA GLY C 110 15.31 -34.00 -27.97
C GLY C 110 14.36 -33.79 -26.82
N LEU C 111 14.14 -32.52 -26.45
CA LEU C 111 13.30 -32.10 -25.32
C LEU C 111 12.11 -31.20 -25.72
N LYS C 112 11.68 -31.27 -27.01
CA LYS C 112 10.58 -30.43 -27.56
C LYS C 112 9.27 -30.50 -26.77
N ASN C 113 9.10 -31.56 -25.95
CA ASN C 113 7.88 -31.71 -25.17
C ASN C 113 8.03 -31.21 -23.73
N LEU C 114 9.28 -30.94 -23.30
CA LEU C 114 9.54 -30.46 -21.97
C LEU C 114 9.13 -29.01 -21.86
N THR C 115 7.91 -28.83 -21.32
CA THR C 115 7.28 -27.54 -21.09
C THR C 115 7.08 -27.27 -19.59
N GLU C 116 7.51 -28.21 -18.73
CA GLU C 116 7.35 -28.03 -17.30
C GLU C 116 8.47 -28.62 -16.43
N ILE C 117 8.98 -27.77 -15.56
CA ILE C 117 9.90 -28.05 -14.47
C ILE C 117 9.18 -27.34 -13.29
N LEU C 118 8.58 -28.16 -12.35
CA LEU C 118 7.80 -27.67 -11.23
C LEU C 118 8.60 -27.02 -10.12
N ASN C 119 9.68 -27.67 -9.74
CA ASN C 119 10.53 -27.20 -8.68
C ASN C 119 12.00 -27.46 -9.06
N GLY C 120 12.86 -26.53 -8.69
CA GLY C 120 14.30 -26.62 -8.95
C GLY C 120 14.70 -25.81 -10.17
N GLY C 121 16.02 -25.75 -10.43
CA GLY C 121 16.60 -25.01 -11.54
C GLY C 121 17.16 -25.88 -12.65
N VAL C 122 17.79 -25.20 -13.63
CA VAL C 122 18.40 -25.79 -14.81
C VAL C 122 19.89 -25.50 -14.85
N TYR C 123 20.70 -26.55 -14.98
CA TYR C 123 22.15 -26.42 -15.13
C TYR C 123 22.62 -27.12 -16.42
N VAL C 124 22.81 -26.35 -17.48
CA VAL C 124 23.28 -26.86 -18.77
C VAL C 124 24.58 -26.14 -19.02
N ASP C 125 25.71 -26.81 -18.86
CA ASP C 125 27.03 -26.18 -18.98
C ASP C 125 28.09 -27.20 -19.41
N GLN C 126 29.25 -26.71 -19.89
CA GLN C 126 30.40 -27.54 -20.26
C GLN C 126 30.02 -28.63 -21.28
N ASN C 127 29.23 -28.28 -22.30
CA ASN C 127 28.81 -29.24 -23.33
C ASN C 127 29.36 -28.90 -24.74
N LYS C 128 30.70 -29.01 -24.90
CA LYS C 128 31.46 -28.63 -26.11
C LYS C 128 30.75 -28.71 -27.49
N PHE C 129 29.98 -29.78 -27.74
CA PHE C 129 29.34 -30.06 -29.02
C PHE C 129 27.87 -29.74 -29.16
N LEU C 130 27.20 -29.43 -28.02
CA LEU C 130 25.77 -29.11 -27.94
C LEU C 130 25.38 -27.76 -28.53
N CYS C 131 24.50 -27.80 -29.54
CA CYS C 131 23.96 -26.61 -30.19
C CYS C 131 22.51 -26.40 -29.78
N TYR C 132 22.00 -25.20 -30.08
CA TYR C 132 20.60 -24.80 -29.91
C TYR C 132 20.08 -24.60 -28.48
N ALA C 133 20.58 -25.37 -27.47
CA ALA C 133 20.15 -25.29 -26.07
C ALA C 133 20.36 -23.91 -25.44
N ASP C 134 21.24 -23.08 -26.07
CA ASP C 134 21.51 -21.69 -25.69
C ASP C 134 20.30 -20.77 -26.00
N THR C 135 19.51 -21.12 -27.02
CA THR C 135 18.37 -20.35 -27.50
C THR C 135 17.11 -20.56 -26.66
N ILE C 136 17.09 -21.63 -25.87
CA ILE C 136 15.95 -21.98 -25.04
C ILE C 136 15.62 -20.97 -23.92
N HIS C 137 14.35 -20.62 -23.83
CA HIS C 137 13.84 -19.73 -22.80
C HIS C 137 13.43 -20.59 -21.64
N TRP C 138 14.40 -20.92 -20.76
CA TRP C 138 14.17 -21.81 -19.61
C TRP C 138 13.21 -21.23 -18.61
N GLN C 139 13.10 -19.89 -18.56
CA GLN C 139 12.17 -19.18 -17.68
C GLN C 139 10.72 -19.60 -17.95
N ASP C 140 10.38 -19.86 -19.22
CA ASP C 140 9.05 -20.32 -19.62
C ASP C 140 8.70 -21.72 -19.03
N ILE C 141 9.71 -22.63 -18.96
CA ILE C 141 9.61 -24.02 -18.49
C ILE C 141 9.58 -24.11 -16.95
N VAL C 142 10.40 -23.29 -16.28
CA VAL C 142 10.49 -23.36 -14.83
C VAL C 142 9.32 -22.59 -14.25
N ARG C 143 8.34 -23.28 -13.59
CA ARG C 143 7.15 -22.62 -13.00
C ARG C 143 7.51 -21.81 -11.74
N ASN C 144 8.43 -22.36 -10.87
CA ASN C 144 8.88 -21.80 -9.56
C ASN C 144 10.17 -20.98 -9.65
N PRO C 145 10.10 -19.70 -10.11
CA PRO C 145 11.31 -18.90 -10.22
C PRO C 145 11.43 -17.90 -9.05
N SER C 148 14.37 -20.14 -7.67
CA SER C 148 15.36 -20.89 -8.46
C SER C 148 16.44 -19.97 -9.10
N ASN C 149 17.20 -19.23 -8.25
CA ASN C 149 18.26 -18.27 -8.63
C ASN C 149 19.38 -18.87 -9.53
N LEU C 150 19.12 -20.04 -10.17
CA LEU C 150 20.03 -20.80 -11.05
C LEU C 150 19.30 -21.37 -12.29
N THR C 151 19.23 -20.60 -13.41
CA THR C 151 18.56 -20.96 -14.67
C THR C 151 19.42 -20.43 -15.88
N LEU C 152 20.57 -21.09 -16.19
CA LEU C 152 21.47 -20.62 -17.27
C LEU C 152 22.14 -21.71 -18.13
N VAL C 153 22.45 -21.36 -19.41
CA VAL C 153 23.13 -22.20 -20.42
C VAL C 153 24.50 -21.61 -20.88
N SER C 154 25.59 -22.40 -20.77
CA SER C 154 26.94 -21.98 -21.15
C SER C 154 27.59 -22.93 -22.20
N SER C 158 26.70 -23.02 -28.31
CA SER C 158 28.13 -23.28 -28.52
C SER C 158 28.77 -22.47 -29.68
N SER C 159 30.04 -22.77 -29.96
CA SER C 159 30.93 -22.18 -30.98
C SER C 159 30.36 -21.85 -32.39
N GLY C 160 30.50 -22.78 -33.34
CA GLY C 160 30.07 -22.66 -34.72
C GLY C 160 28.78 -23.43 -34.92
N CYS C 161 27.68 -22.89 -34.38
CA CYS C 161 26.37 -23.49 -34.43
C CYS C 161 25.46 -22.85 -35.43
N GLY C 162 24.64 -23.70 -36.08
CA GLY C 162 23.65 -23.30 -37.07
C GLY C 162 22.58 -22.44 -36.45
N ARG C 163 21.98 -21.53 -37.23
CA ARG C 163 20.93 -20.68 -36.71
C ARG C 163 19.61 -21.44 -36.61
N CYS C 164 18.67 -20.91 -35.81
CA CYS C 164 17.32 -21.48 -35.64
C CYS C 164 16.59 -21.19 -36.94
N HIS C 165 15.61 -22.03 -37.27
CA HIS C 165 14.75 -21.82 -38.44
C HIS C 165 13.98 -20.46 -38.28
N LYS C 166 13.58 -19.84 -39.42
CA LYS C 166 12.85 -18.57 -39.44
C LYS C 166 11.58 -18.66 -38.60
N SER C 167 10.79 -19.73 -38.77
CA SER C 167 9.55 -19.93 -38.03
C SER C 167 9.70 -20.05 -36.49
N CYS C 168 10.90 -20.48 -36.04
CA CYS C 168 11.21 -20.70 -34.63
C CYS C 168 11.29 -19.48 -33.75
N THR C 169 11.47 -18.28 -34.34
CA THR C 169 11.52 -17.03 -33.58
C THR C 169 12.74 -17.00 -32.63
N GLY C 170 13.84 -17.58 -33.12
CA GLY C 170 15.12 -17.60 -32.43
C GLY C 170 15.26 -18.49 -31.22
N ARG C 171 14.25 -19.38 -30.98
CA ARG C 171 14.22 -20.34 -29.87
C ARG C 171 13.87 -21.74 -30.40
N CYS C 172 14.85 -22.64 -30.39
CA CYS C 172 14.70 -23.99 -30.92
C CYS C 172 15.66 -24.99 -30.26
N TRP C 173 15.36 -26.30 -30.42
CA TRP C 173 16.15 -27.41 -29.90
C TRP C 173 17.08 -28.00 -30.97
N GLY C 174 16.73 -27.74 -32.23
CA GLY C 174 17.46 -28.19 -33.41
C GLY C 174 17.32 -27.29 -34.63
N PRO C 175 17.88 -27.70 -35.79
CA PRO C 175 17.89 -26.83 -36.98
C PRO C 175 16.62 -26.66 -37.83
N THR C 176 15.74 -27.67 -37.83
CA THR C 176 14.53 -27.69 -38.64
C THR C 176 13.42 -26.78 -38.11
N GLU C 177 12.32 -26.67 -38.88
CA GLU C 177 11.11 -25.90 -38.55
C GLU C 177 10.23 -26.68 -37.57
N ASN C 178 10.57 -27.97 -37.33
CA ASN C 178 9.80 -28.83 -36.43
C ASN C 178 10.49 -28.93 -35.10
N HIS C 179 11.53 -28.10 -34.90
CA HIS C 179 12.37 -28.09 -33.71
C HIS C 179 12.14 -26.88 -32.82
N CYS C 180 11.11 -26.08 -33.12
CA CYS C 180 10.82 -24.88 -32.37
C CYS C 180 10.42 -25.14 -30.94
N GLN C 181 10.86 -24.26 -30.01
CA GLN C 181 10.53 -24.38 -28.61
C GLN C 181 9.10 -23.89 -28.43
N THR C 182 8.21 -24.76 -27.93
CA THR C 182 6.83 -24.39 -27.68
C THR C 182 6.72 -23.59 -26.36
N LEU C 183 6.55 -22.28 -26.46
CA LEU C 183 6.41 -21.47 -25.24
C LEU C 183 4.98 -21.58 -24.73
N THR C 184 4.79 -21.91 -23.45
CA THR C 184 3.43 -22.10 -22.91
C THR C 184 3.07 -21.19 -21.74
N ARG C 185 3.97 -20.25 -21.35
CA ARG C 185 3.68 -19.44 -20.17
C ARG C 185 3.78 -17.97 -20.39
N THR C 186 4.94 -17.50 -20.90
CA THR C 186 5.28 -16.08 -21.15
C THR C 186 4.46 -15.47 -22.30
N VAL C 187 3.98 -16.33 -23.22
CA VAL C 187 3.19 -16.02 -24.43
C VAL C 187 1.67 -15.98 -24.19
N CYS C 188 1.24 -16.20 -22.97
CA CYS C 188 -0.18 -16.25 -22.67
C CYS C 188 -0.80 -14.88 -22.53
N ALA C 189 -2.13 -14.84 -22.67
CA ALA C 189 -2.97 -13.67 -22.52
C ALA C 189 -2.78 -13.15 -21.10
N GLU C 190 -2.85 -11.83 -20.89
CA GLU C 190 -2.63 -11.29 -19.54
C GLU C 190 -3.54 -11.85 -18.46
N GLN C 191 -4.62 -12.51 -18.88
CA GLN C 191 -5.62 -13.09 -18.01
C GLN C 191 -5.40 -14.55 -17.62
N CYS C 192 -4.48 -15.28 -18.30
CA CYS C 192 -4.15 -16.67 -17.92
C CYS C 192 -3.32 -16.59 -16.67
N ASP C 193 -3.57 -17.50 -15.74
CA ASP C 193 -2.77 -17.54 -14.53
C ASP C 193 -1.79 -18.71 -14.57
N GLY C 194 -2.13 -19.69 -15.38
CA GLY C 194 -1.31 -20.85 -15.60
C GLY C 194 -0.71 -20.85 -16.98
N ARG C 195 -0.86 -21.94 -17.70
CA ARG C 195 -0.28 -22.09 -19.02
C ARG C 195 -1.34 -21.93 -20.11
N CYS C 196 -0.97 -22.08 -21.39
CA CYS C 196 -1.88 -21.86 -22.52
C CYS C 196 -1.44 -22.59 -23.77
N TYR C 197 -2.39 -22.78 -24.73
CA TYR C 197 -2.15 -23.42 -26.03
C TYR C 197 -2.23 -22.44 -27.20
N GLY C 198 -2.30 -21.14 -26.90
CA GLY C 198 -2.34 -20.05 -27.85
C GLY C 198 -2.29 -18.70 -27.13
N PRO C 199 -2.44 -17.55 -27.82
CA PRO C 199 -2.30 -16.27 -27.12
C PRO C 199 -3.57 -15.53 -26.67
N TYR C 200 -4.78 -16.01 -26.99
CA TYR C 200 -6.03 -15.35 -26.61
C TYR C 200 -6.59 -15.89 -25.30
N VAL C 201 -7.55 -15.18 -24.67
CA VAL C 201 -8.11 -15.60 -23.36
C VAL C 201 -8.84 -16.97 -23.46
N SER C 202 -9.31 -17.32 -24.69
CA SER C 202 -9.98 -18.59 -25.05
C SER C 202 -8.97 -19.73 -24.84
N ASP C 203 -7.69 -19.43 -25.12
CA ASP C 203 -6.53 -20.31 -25.07
C ASP C 203 -5.86 -20.68 -23.73
N CYS C 204 -6.32 -20.16 -22.57
CA CYS C 204 -5.73 -20.50 -21.28
C CYS C 204 -6.07 -21.89 -20.83
N CYS C 205 -5.11 -22.52 -20.17
CA CYS C 205 -5.26 -23.80 -19.55
C CYS C 205 -5.93 -23.60 -18.19
N HIS C 206 -6.51 -24.68 -17.64
CA HIS C 206 -7.06 -24.68 -16.30
C HIS C 206 -5.85 -24.49 -15.38
N ARG C 207 -5.99 -23.79 -14.24
CA ARG C 207 -4.88 -23.51 -13.31
C ARG C 207 -4.20 -24.77 -12.73
N GLU C 208 -4.87 -25.92 -12.82
CA GLU C 208 -4.37 -27.19 -12.33
C GLU C 208 -3.65 -27.99 -13.40
N CYS C 209 -3.45 -27.43 -14.62
CA CYS C 209 -2.72 -28.14 -15.67
C CYS C 209 -1.28 -27.87 -15.52
N ALA C 210 -0.49 -28.92 -15.61
CA ALA C 210 0.96 -28.83 -15.57
C ALA C 210 1.39 -29.22 -16.97
N GLY C 211 2.39 -28.54 -17.53
CA GLY C 211 2.90 -28.81 -18.88
C GLY C 211 2.18 -28.02 -19.97
N GLY C 212 0.86 -28.18 -19.97
CA GLY C 212 -0.04 -27.51 -20.88
C GLY C 212 -1.37 -28.22 -20.97
N CYS C 213 -2.11 -27.90 -22.04
CA CYS C 213 -3.40 -28.50 -22.29
C CYS C 213 -3.76 -28.47 -23.75
N SER C 214 -4.89 -29.09 -24.05
CA SER C 214 -5.47 -29.18 -25.39
C SER C 214 -6.84 -28.51 -25.41
N GLY C 215 -7.22 -27.91 -24.27
CA GLY C 215 -8.52 -27.28 -24.08
C GLY C 215 -8.62 -26.63 -22.72
N PRO C 216 -9.74 -25.94 -22.45
CA PRO C 216 -9.85 -25.19 -21.18
C PRO C 216 -10.16 -25.96 -19.89
N LYS C 217 -10.76 -27.15 -20.03
CA LYS C 217 -11.20 -27.96 -18.89
C LYS C 217 -10.05 -28.60 -18.11
N ASP C 218 -10.31 -28.98 -16.82
CA ASP C 218 -9.34 -29.64 -15.94
C ASP C 218 -9.07 -31.10 -16.37
N THR C 219 -9.77 -31.55 -17.39
CA THR C 219 -9.64 -32.88 -17.95
C THR C 219 -8.81 -32.82 -19.25
N ASP C 220 -8.43 -31.58 -19.68
CA ASP C 220 -7.65 -31.32 -20.89
C ASP C 220 -6.16 -31.15 -20.66
N CYS C 221 -5.65 -31.43 -19.43
CA CYS C 221 -4.25 -31.23 -19.05
C CYS C 221 -3.32 -32.23 -19.66
N PHE C 222 -2.04 -31.85 -19.84
CA PHE C 222 -0.99 -32.79 -20.27
C PHE C 222 -0.53 -33.57 -19.04
N ALA C 223 -0.51 -32.87 -17.87
CA ALA C 223 -0.13 -33.41 -16.58
C ALA C 223 -0.85 -32.66 -15.47
N CYS C 224 -0.97 -33.29 -14.29
CA CYS C 224 -1.63 -32.62 -13.18
C CYS C 224 -0.66 -31.91 -12.29
N MET C 225 -1.05 -30.74 -11.80
CA MET C 225 -0.23 -29.96 -10.89
C MET C 225 -0.18 -30.64 -9.53
N ASN C 226 -1.31 -31.27 -9.12
CA ASN C 226 -1.46 -31.88 -7.81
C ASN C 226 -1.93 -33.27 -7.82
N PHE C 227 -3.28 -33.48 -7.91
CA PHE C 227 -3.91 -34.82 -7.89
C PHE C 227 -4.76 -35.09 -9.10
N ASN C 228 -4.87 -36.36 -9.44
CA ASN C 228 -5.71 -36.80 -10.55
C ASN C 228 -6.89 -37.52 -9.94
N ASP C 229 -8.09 -36.99 -10.17
CA ASP C 229 -9.36 -37.55 -9.68
C ASP C 229 -10.21 -37.93 -10.88
N SER C 230 -10.08 -39.17 -11.31
CA SER C 230 -10.81 -39.73 -12.44
C SER C 230 -10.67 -38.86 -13.70
N GLY C 231 -9.43 -38.54 -14.03
CA GLY C 231 -9.07 -37.77 -15.22
C GLY C 231 -9.07 -36.28 -15.05
N ALA C 232 -9.67 -35.77 -13.95
CA ALA C 232 -9.73 -34.36 -13.60
C ALA C 232 -8.57 -33.97 -12.70
N CYS C 233 -7.83 -32.88 -13.04
CA CYS C 233 -6.75 -32.38 -12.18
C CYS C 233 -7.35 -31.48 -11.12
N VAL C 234 -7.25 -31.95 -9.89
CA VAL C 234 -7.80 -31.33 -8.71
C VAL C 234 -6.69 -30.88 -7.73
N THR C 235 -6.98 -29.85 -6.90
CA THR C 235 -6.00 -29.37 -5.94
C THR C 235 -5.96 -30.29 -4.73
N GLN C 236 -7.11 -30.92 -4.48
CA GLN C 236 -7.35 -31.79 -3.34
C GLN C 236 -8.46 -32.77 -3.67
N CYS C 237 -8.50 -33.89 -2.97
CA CYS C 237 -9.57 -34.85 -3.21
C CYS C 237 -10.86 -34.45 -2.49
N PRO C 238 -12.05 -34.89 -2.98
CA PRO C 238 -13.29 -34.59 -2.24
C PRO C 238 -13.19 -35.14 -0.81
N GLN C 239 -13.33 -34.26 0.20
CA GLN C 239 -13.20 -34.63 1.62
C GLN C 239 -14.46 -35.34 2.10
N THR C 240 -14.32 -36.08 3.22
CA THR C 240 -15.41 -36.87 3.82
C THR C 240 -16.51 -36.00 4.37
N PHE C 241 -16.14 -34.77 4.80
CA PHE C 241 -17.06 -33.80 5.33
C PHE C 241 -17.16 -32.59 4.47
N VAL C 242 -18.35 -31.99 4.47
CA VAL C 242 -18.68 -30.81 3.69
C VAL C 242 -19.46 -29.79 4.55
N TYR C 243 -19.01 -28.52 4.59
CA TYR C 243 -19.75 -27.56 5.41
C TYR C 243 -21.02 -27.07 4.71
N ASN C 244 -22.19 -27.18 5.34
CA ASN C 244 -23.44 -26.62 4.87
C ASN C 244 -23.52 -25.13 5.42
N PRO C 245 -23.45 -24.10 4.53
CA PRO C 245 -23.46 -22.69 4.98
C PRO C 245 -24.70 -22.24 5.70
N THR C 246 -25.86 -22.87 5.41
CA THR C 246 -27.15 -22.47 6.00
C THR C 246 -27.40 -23.10 7.36
N THR C 247 -26.83 -24.29 7.60
CA THR C 247 -27.01 -24.98 8.88
C THR C 247 -25.84 -24.77 9.85
N PHE C 248 -24.71 -24.26 9.35
CA PHE C 248 -23.48 -24.04 10.12
C PHE C 248 -23.03 -25.34 10.76
N GLN C 249 -23.05 -26.44 9.98
CA GLN C 249 -22.63 -27.78 10.42
C GLN C 249 -21.96 -28.54 9.31
N LEU C 250 -21.06 -29.45 9.68
CA LEU C 250 -20.41 -30.35 8.73
C LEU C 250 -21.41 -31.45 8.45
N GLU C 251 -21.42 -31.92 7.20
CA GLU C 251 -22.29 -32.98 6.67
C GLU C 251 -21.43 -33.98 5.98
N HIS C 252 -21.93 -35.20 5.86
CA HIS C 252 -21.24 -36.26 5.14
C HIS C 252 -21.25 -36.02 3.66
N ASN C 253 -20.08 -36.16 3.05
CA ASN C 253 -19.96 -36.07 1.61
C ASN C 253 -19.86 -37.49 1.19
N PHE C 254 -20.77 -37.90 0.34
CA PHE C 254 -20.78 -39.29 -0.06
C PHE C 254 -20.05 -39.55 -1.36
N ASN C 255 -19.58 -38.46 -1.96
CA ASN C 255 -18.79 -38.45 -3.17
C ASN C 255 -17.33 -38.26 -2.77
N ALA C 256 -17.04 -38.50 -1.47
CA ALA C 256 -15.70 -38.36 -0.94
C ALA C 256 -14.88 -39.48 -1.48
N LYS C 257 -13.60 -39.20 -1.72
CA LYS C 257 -12.60 -40.10 -2.25
C LYS C 257 -11.39 -40.00 -1.36
N TYR C 258 -10.48 -40.98 -1.44
CA TYR C 258 -9.26 -41.00 -0.63
C TYR C 258 -8.08 -40.55 -1.41
N THR C 259 -7.19 -39.80 -0.74
CA THR C 259 -5.94 -39.36 -1.38
C THR C 259 -4.91 -40.46 -1.23
N TYR C 260 -4.43 -40.97 -2.36
CA TYR C 260 -3.38 -41.97 -2.39
C TYR C 260 -2.34 -41.51 -3.41
N GLY C 261 -1.19 -41.09 -2.93
CA GLY C 261 -0.15 -40.58 -3.81
C GLY C 261 -0.64 -39.35 -4.53
N ALA C 262 -0.62 -39.36 -5.87
CA ALA C 262 -1.11 -38.23 -6.63
C ALA C 262 -2.51 -38.53 -7.15
N PHE C 263 -3.29 -39.33 -6.40
CA PHE C 263 -4.59 -39.78 -6.89
C PHE C 263 -5.70 -39.75 -5.89
N CYS C 264 -6.94 -39.59 -6.40
CA CYS C 264 -8.15 -39.65 -5.61
C CYS C 264 -8.70 -40.98 -5.97
N VAL C 265 -8.76 -41.83 -4.94
CA VAL C 265 -9.14 -43.22 -5.10
C VAL C 265 -10.40 -43.60 -4.37
N LYS C 266 -11.13 -44.59 -4.94
CA LYS C 266 -12.37 -45.09 -4.35
C LYS C 266 -12.11 -45.91 -3.08
N LYS C 267 -10.87 -46.37 -2.88
CA LYS C 267 -10.49 -47.27 -1.79
C LYS C 267 -8.99 -47.17 -1.47
N CYS C 268 -8.60 -47.29 -0.19
CA CYS C 268 -7.16 -47.35 0.10
C CYS C 268 -6.64 -48.77 -0.14
N PRO C 269 -5.37 -48.95 -0.58
CA PRO C 269 -4.76 -50.28 -0.54
C PRO C 269 -4.94 -50.90 0.86
N HIS C 270 -5.22 -52.22 0.94
CA HIS C 270 -5.45 -52.90 2.21
C HIS C 270 -4.39 -52.72 3.30
N ASN C 271 -3.09 -52.68 2.90
CA ASN C 271 -1.92 -52.52 3.77
C ASN C 271 -1.77 -51.11 4.30
N PHE C 272 -2.37 -50.11 3.59
CA PHE C 272 -2.34 -48.70 4.00
C PHE C 272 -3.37 -48.41 5.08
N VAL C 273 -3.11 -47.35 5.83
CA VAL C 273 -3.92 -46.88 6.95
C VAL C 273 -4.69 -45.60 6.56
N VAL C 274 -5.99 -45.54 6.87
CA VAL C 274 -6.86 -44.43 6.51
C VAL C 274 -6.86 -43.41 7.64
N ASP C 275 -6.30 -42.21 7.39
CA ASP C 275 -6.25 -41.07 8.33
C ASP C 275 -6.99 -39.95 7.65
N SER C 276 -8.10 -39.49 8.25
CA SER C 276 -9.02 -38.48 7.69
C SER C 276 -9.60 -38.97 6.33
N SER C 277 -9.29 -38.30 5.23
CA SER C 277 -9.77 -38.72 3.92
C SER C 277 -8.57 -39.17 3.04
N SER C 278 -7.50 -39.71 3.67
CA SER C 278 -6.27 -40.08 2.99
C SER C 278 -5.67 -41.44 3.36
N CYS C 279 -4.86 -42.01 2.43
CA CYS C 279 -4.14 -43.28 2.52
C CYS C 279 -2.72 -43.00 2.93
N VAL C 280 -2.45 -43.15 4.22
CA VAL C 280 -1.12 -42.90 4.80
C VAL C 280 -0.35 -44.18 5.07
N ARG C 281 0.96 -44.04 5.27
CA ARG C 281 1.83 -45.17 5.54
C ARG C 281 1.90 -45.39 7.03
N ALA C 282 1.75 -44.31 7.81
CA ALA C 282 1.89 -44.35 9.25
C ALA C 282 0.91 -43.46 9.95
N CYS C 283 0.59 -43.80 11.20
CA CYS C 283 -0.26 -42.97 12.03
C CYS C 283 0.56 -41.89 12.67
N PRO C 284 -0.03 -40.71 12.92
CA PRO C 284 0.71 -39.69 13.67
C PRO C 284 1.04 -40.20 15.08
N SER C 285 2.19 -39.78 15.64
CA SER C 285 2.67 -40.14 16.98
C SER C 285 1.56 -40.13 18.08
N SER C 286 0.62 -39.16 17.95
CA SER C 286 -0.54 -38.90 18.81
C SER C 286 -1.71 -39.92 18.63
N LYS C 287 -1.80 -40.57 17.45
CA LYS C 287 -2.86 -41.54 17.13
C LYS C 287 -2.32 -42.98 17.08
N MET C 288 -3.21 -43.99 17.06
CA MET C 288 -2.88 -45.40 17.01
C MET C 288 -3.69 -46.18 15.96
N GLU C 289 -3.04 -47.14 15.30
CA GLU C 289 -3.62 -47.97 14.24
C GLU C 289 -4.68 -48.91 14.81
N VAL C 290 -5.89 -48.94 14.23
CA VAL C 290 -7.00 -49.81 14.68
C VAL C 290 -7.75 -50.39 13.47
N GLU C 291 -8.27 -51.63 13.56
CA GLU C 291 -8.99 -52.22 12.44
C GLU C 291 -10.49 -52.17 12.64
N GLU C 292 -11.22 -51.66 11.63
CA GLU C 292 -12.67 -51.56 11.66
C GLU C 292 -13.19 -52.09 10.35
N ASN C 293 -13.77 -53.30 10.37
CA ASN C 293 -14.27 -54.02 9.18
C ASN C 293 -13.14 -54.24 8.15
N GLY C 294 -11.97 -54.66 8.63
CA GLY C 294 -10.78 -54.93 7.82
C GLY C 294 -9.97 -53.71 7.41
N ILE C 295 -10.47 -52.50 7.77
CA ILE C 295 -9.85 -51.22 7.41
C ILE C 295 -9.02 -50.66 8.53
N LYS C 296 -7.72 -50.47 8.29
CA LYS C 296 -6.78 -49.91 9.25
C LYS C 296 -7.03 -48.40 9.33
N MET C 297 -7.13 -47.85 10.55
CA MET C 297 -7.45 -46.44 10.73
C MET C 297 -6.68 -45.84 11.86
N CYS C 298 -6.47 -44.52 11.80
CA CYS C 298 -5.83 -43.83 12.89
C CYS C 298 -6.90 -43.31 13.81
N LYS C 299 -6.88 -43.77 15.07
CA LYS C 299 -7.81 -43.36 16.12
C LYS C 299 -6.99 -42.86 17.32
N PRO C 300 -7.50 -41.93 18.16
CA PRO C 300 -6.69 -41.44 19.30
C PRO C 300 -6.30 -42.54 20.28
N CYS C 301 -5.15 -42.40 20.95
CA CYS C 301 -4.65 -43.39 21.90
C CYS C 301 -5.50 -43.44 23.16
N THR C 302 -5.78 -44.68 23.67
CA THR C 302 -6.58 -44.93 24.89
C THR C 302 -6.01 -44.08 26.02
N ASP C 303 -4.70 -44.26 26.28
CA ASP C 303 -3.93 -43.53 27.26
C ASP C 303 -2.51 -43.41 26.72
N ILE C 304 -1.86 -44.58 26.51
CA ILE C 304 -0.49 -44.67 26.02
C ILE C 304 -0.45 -45.34 24.64
N CYS C 305 0.20 -44.64 23.68
CA CYS C 305 0.40 -45.06 22.29
C CYS C 305 1.44 -46.18 22.22
N PRO C 306 1.24 -47.17 21.34
CA PRO C 306 2.24 -48.27 21.25
C PRO C 306 3.68 -47.84 20.89
N LYS C 307 4.71 -48.69 21.19
CA LYS C 307 6.12 -48.36 20.87
C LYS C 307 6.45 -48.59 19.40
N ALA C 308 6.16 -47.55 18.55
CA ALA C 308 6.44 -47.53 17.12
C ALA C 308 7.69 -46.73 16.88
N CYS C 309 8.63 -47.28 16.13
CA CYS C 309 9.93 -46.64 15.93
C CYS C 309 10.22 -46.30 14.53
N ASP C 310 10.95 -45.21 14.35
CA ASP C 310 11.38 -44.75 13.05
C ASP C 310 12.27 -45.80 12.40
N GLY C 311 11.93 -46.17 11.17
CA GLY C 311 12.70 -47.12 10.38
C GLY C 311 13.83 -46.43 9.65
N ILE C 312 14.65 -47.18 8.93
CA ILE C 312 15.75 -46.63 8.15
C ILE C 312 15.17 -45.81 6.98
N GLY C 313 15.44 -44.50 7.03
CA GLY C 313 14.98 -43.51 6.05
C GLY C 313 13.70 -42.78 6.44
N THR C 314 13.32 -42.84 7.73
CA THR C 314 12.11 -42.22 8.29
C THR C 314 12.42 -41.38 9.55
N GLY C 315 11.82 -40.18 9.62
CA GLY C 315 11.94 -39.25 10.75
C GLY C 315 13.34 -39.06 11.28
N SER C 316 13.57 -39.50 12.53
CA SER C 316 14.88 -39.39 13.20
C SER C 316 16.02 -40.09 12.42
N LEU C 317 15.66 -41.03 11.53
CA LEU C 317 16.62 -41.80 10.75
C LEU C 317 16.48 -41.59 9.26
N MET C 318 15.90 -40.44 8.86
CA MET C 318 15.70 -40.03 7.46
C MET C 318 16.97 -40.17 6.63
N SER C 319 18.09 -39.68 7.20
CA SER C 319 19.44 -39.68 6.62
C SER C 319 19.98 -41.11 6.37
N ALA C 320 19.74 -42.05 7.31
CA ALA C 320 20.19 -43.44 7.27
C ALA C 320 19.88 -44.26 6.01
N GLN C 321 20.84 -45.12 5.67
CA GLN C 321 20.78 -46.04 4.54
C GLN C 321 20.79 -47.47 5.06
N THR C 322 21.30 -47.68 6.29
CA THR C 322 21.42 -48.97 6.96
C THR C 322 21.40 -48.88 8.49
N VAL C 323 21.13 -50.02 9.14
CA VAL C 323 21.25 -50.14 10.60
C VAL C 323 22.76 -50.20 10.81
N ASP C 324 23.27 -49.48 11.82
CA ASP C 324 24.70 -49.48 12.13
C ASP C 324 24.91 -49.25 13.62
N SER C 325 26.18 -49.25 14.06
CA SER C 325 26.55 -49.03 15.47
C SER C 325 26.05 -47.68 16.01
N SER C 326 25.93 -46.66 15.12
CA SER C 326 25.46 -45.32 15.46
C SER C 326 23.93 -45.23 15.69
N ASN C 327 23.16 -46.25 15.29
CA ASN C 327 21.70 -46.23 15.42
C ASN C 327 21.04 -47.49 15.95
N ILE C 328 21.80 -48.59 16.09
CA ILE C 328 21.30 -49.87 16.62
C ILE C 328 20.56 -49.70 17.96
N ASP C 329 21.04 -48.76 18.80
CA ASP C 329 20.42 -48.49 20.10
C ASP C 329 19.10 -47.71 20.05
N LYS C 330 18.74 -47.14 18.88
CA LYS C 330 17.48 -46.42 18.72
C LYS C 330 16.31 -47.39 18.59
N PHE C 331 16.63 -48.70 18.64
CA PHE C 331 15.66 -49.80 18.49
C PHE C 331 15.32 -50.56 19.78
N ILE C 332 15.83 -50.10 20.95
CA ILE C 332 15.51 -50.75 22.24
C ILE C 332 13.99 -50.65 22.53
N ASN C 333 13.39 -51.81 22.81
CA ASN C 333 11.98 -52.02 23.16
C ASN C 333 10.93 -51.74 22.05
N CYS C 334 11.36 -51.69 20.77
CA CYS C 334 10.43 -51.45 19.65
C CYS C 334 9.60 -52.66 19.37
N THR C 335 8.29 -52.47 19.25
CA THR C 335 7.38 -53.56 18.91
C THR C 335 6.94 -53.42 17.46
N LYS C 336 6.96 -52.18 16.92
CA LYS C 336 6.57 -51.83 15.57
C LYS C 336 7.68 -50.99 14.96
N ILE C 337 8.09 -51.34 13.75
CA ILE C 337 9.07 -50.54 13.05
C ILE C 337 8.24 -49.76 12.08
N ASN C 338 8.23 -48.45 12.26
CA ASN C 338 7.45 -47.56 11.42
C ASN C 338 8.24 -47.18 10.17
N GLY C 339 8.41 -48.16 9.30
CA GLY C 339 9.18 -48.04 8.08
C GLY C 339 10.04 -49.25 7.77
N ASN C 340 11.28 -49.01 7.31
CA ASN C 340 12.21 -50.05 6.84
C ASN C 340 13.32 -50.50 7.78
N LEU C 341 13.82 -51.75 7.59
CA LEU C 341 15.00 -52.28 8.27
C LEU C 341 15.90 -52.78 7.19
N ILE C 342 17.04 -52.11 7.06
CA ILE C 342 18.03 -52.40 6.04
C ILE C 342 19.36 -52.65 6.71
N PHE C 343 20.02 -53.74 6.28
CA PHE C 343 21.35 -54.13 6.74
C PHE C 343 22.22 -54.21 5.52
N LEU C 344 23.06 -53.19 5.33
CA LEU C 344 23.98 -53.11 4.19
C LEU C 344 25.36 -53.57 4.64
N VAL C 345 26.27 -53.84 3.68
CA VAL C 345 27.63 -54.28 3.99
C VAL C 345 28.31 -53.29 4.98
N THR C 346 28.23 -51.97 4.67
CA THR C 346 28.77 -50.89 5.49
C THR C 346 28.10 -50.70 6.86
N GLY C 347 26.95 -51.36 7.08
CA GLY C 347 26.26 -51.31 8.35
C GLY C 347 26.85 -52.34 9.30
N ILE C 348 26.92 -53.59 8.82
CA ILE C 348 27.42 -54.76 9.54
C ILE C 348 28.95 -54.70 9.75
N HIS C 349 29.68 -54.37 8.69
CA HIS C 349 31.15 -54.34 8.67
C HIS C 349 31.76 -52.94 8.84
N GLY C 350 30.92 -51.97 9.18
CA GLY C 350 31.34 -50.59 9.42
C GLY C 350 31.71 -49.77 8.20
N ASP C 351 31.57 -48.43 8.33
CA ASP C 351 31.91 -47.43 7.33
C ASP C 351 33.10 -46.58 7.83
N PRO C 352 34.35 -47.04 7.54
CA PRO C 352 35.54 -46.32 8.00
C PRO C 352 35.60 -44.85 7.66
N TYR C 353 35.27 -44.48 6.40
CA TYR C 353 35.30 -43.09 5.93
C TYR C 353 34.52 -42.13 6.82
N ASN C 354 33.33 -42.54 7.28
CA ASN C 354 32.50 -41.72 8.15
C ASN C 354 32.67 -42.09 9.62
N ALA C 355 33.79 -42.77 9.94
CA ALA C 355 34.18 -43.22 11.27
C ALA C 355 33.06 -43.92 12.04
N ILE C 356 32.50 -44.95 11.41
CA ILE C 356 31.47 -45.80 12.03
C ILE C 356 32.07 -47.20 12.14
N GLU C 357 32.15 -47.69 13.38
CA GLU C 357 32.70 -49.01 13.70
C GLU C 357 31.69 -50.07 13.31
N ALA C 358 32.18 -51.28 12.97
CA ALA C 358 31.32 -52.40 12.62
C ALA C 358 30.40 -52.71 13.80
N ILE C 359 29.16 -53.09 13.49
CA ILE C 359 28.17 -53.40 14.51
C ILE C 359 28.59 -54.58 15.40
N ASP C 360 28.23 -54.52 16.69
CA ASP C 360 28.47 -55.59 17.66
C ASP C 360 27.36 -56.63 17.39
N PRO C 361 27.73 -57.85 16.92
CA PRO C 361 26.68 -58.85 16.60
C PRO C 361 25.68 -59.11 17.70
N GLU C 362 26.11 -59.00 18.98
CA GLU C 362 25.23 -59.19 20.14
C GLU C 362 24.12 -58.16 20.18
N LYS C 363 24.43 -56.91 19.79
CA LYS C 363 23.48 -55.79 19.75
C LYS C 363 22.26 -56.04 18.82
N LEU C 364 22.39 -56.97 17.85
CA LEU C 364 21.29 -57.33 16.95
C LEU C 364 20.11 -57.97 17.68
N ASN C 365 20.29 -58.33 18.97
CA ASN C 365 19.23 -58.90 19.79
C ASN C 365 18.13 -57.89 20.16
N VAL C 366 18.34 -56.58 19.87
CA VAL C 366 17.34 -55.52 20.14
C VAL C 366 16.04 -55.78 19.39
N PHE C 367 16.16 -56.47 18.23
CA PHE C 367 15.07 -56.80 17.32
C PHE C 367 14.13 -57.90 17.78
N ARG C 368 14.48 -58.58 18.88
CA ARG C 368 13.64 -59.66 19.41
C ARG C 368 12.27 -59.18 19.90
N THR C 369 12.12 -57.86 20.10
CA THR C 369 10.86 -57.24 20.54
C THR C 369 9.96 -56.90 19.36
N VAL C 370 10.56 -56.75 18.16
CA VAL C 370 9.87 -56.37 16.93
C VAL C 370 8.85 -57.41 16.46
N ARG C 371 7.58 -56.99 16.40
CA ARG C 371 6.45 -57.81 15.96
C ARG C 371 5.96 -57.42 14.56
N GLU C 372 6.15 -56.14 14.15
CA GLU C 372 5.71 -55.60 12.87
C GLU C 372 6.75 -54.67 12.25
N ILE C 373 6.88 -54.73 10.92
CA ILE C 373 7.71 -53.87 10.07
C ILE C 373 6.71 -53.37 9.05
N THR C 374 6.45 -52.05 9.07
CA THR C 374 5.45 -51.49 8.15
C THR C 374 5.89 -51.45 6.69
N GLY C 375 7.18 -51.22 6.45
CA GLY C 375 7.77 -51.13 5.11
C GLY C 375 8.31 -52.45 4.63
N PHE C 376 9.65 -52.51 4.36
CA PHE C 376 10.35 -53.72 3.90
C PHE C 376 11.52 -54.11 4.79
N LEU C 377 11.97 -55.38 4.66
CA LEU C 377 13.12 -55.93 5.36
C LEU C 377 14.17 -56.27 4.32
N ASN C 378 15.32 -55.58 4.37
CA ASN C 378 16.39 -55.75 3.39
C ASN C 378 17.69 -56.22 4.04
N ILE C 379 18.01 -57.52 3.89
CA ILE C 379 19.22 -58.09 4.44
C ILE C 379 20.24 -58.37 3.35
N GLN C 380 21.22 -57.46 3.21
CA GLN C 380 22.30 -57.54 2.22
C GLN C 380 23.62 -57.89 2.92
N SER C 381 23.63 -57.83 4.24
CA SER C 381 24.81 -58.15 5.04
C SER C 381 24.36 -58.65 6.39
N TRP C 382 25.15 -59.55 6.98
CA TRP C 382 24.84 -60.16 8.26
C TRP C 382 26.16 -60.67 8.86
N PRO C 383 26.31 -60.56 10.21
CA PRO C 383 27.55 -61.08 10.83
C PRO C 383 27.81 -62.53 10.41
N PRO C 384 29.08 -62.84 10.04
CA PRO C 384 29.42 -64.17 9.54
C PRO C 384 29.19 -65.34 10.49
N ASN C 385 29.36 -65.11 11.79
CA ASN C 385 29.18 -66.12 12.85
C ASN C 385 27.68 -66.46 13.10
N MET C 386 26.75 -65.67 12.52
CA MET C 386 25.31 -65.82 12.66
C MET C 386 24.70 -66.60 11.48
N THR C 387 24.13 -67.78 11.77
CA THR C 387 23.55 -68.72 10.80
C THR C 387 22.08 -68.52 10.44
N ASP C 388 21.39 -67.63 11.17
CA ASP C 388 19.95 -67.39 10.96
C ASP C 388 19.50 -66.05 11.53
N PHE C 389 18.21 -65.72 11.27
CA PHE C 389 17.58 -64.48 11.69
C PHE C 389 16.65 -64.69 12.89
N SER C 390 17.14 -65.47 13.89
CA SER C 390 16.37 -65.75 15.12
C SER C 390 16.14 -64.46 15.94
N VAL C 391 16.93 -63.39 15.68
CA VAL C 391 16.72 -62.10 16.33
C VAL C 391 15.31 -61.56 15.94
N PHE C 392 14.77 -62.04 14.78
CA PHE C 392 13.44 -61.70 14.26
C PHE C 392 12.39 -62.80 14.54
N SER C 393 12.58 -63.59 15.64
CA SER C 393 11.69 -64.68 16.06
C SER C 393 10.29 -64.24 16.41
N ASN C 394 10.10 -62.95 16.76
CA ASN C 394 8.81 -62.39 17.15
C ASN C 394 8.07 -61.64 16.06
N LEU C 395 8.75 -61.37 14.91
CA LEU C 395 8.23 -60.68 13.73
C LEU C 395 7.05 -61.45 13.13
N VAL C 396 5.85 -60.82 13.11
CA VAL C 396 4.63 -61.44 12.61
C VAL C 396 4.26 -60.91 11.22
N THR C 397 4.40 -59.58 11.05
CA THR C 397 4.01 -58.89 9.83
C THR C 397 5.10 -58.04 9.19
N ILE C 398 5.12 -58.07 7.86
CA ILE C 398 5.88 -57.19 6.99
C ILE C 398 4.76 -56.55 6.14
N GLY C 399 4.57 -55.26 6.37
CA GLY C 399 3.48 -54.52 5.74
C GLY C 399 3.57 -54.21 4.27
N GLY C 400 4.81 -54.06 3.75
CA GLY C 400 5.07 -53.70 2.37
C GLY C 400 4.50 -52.35 1.97
N ARG C 401 4.28 -51.45 2.96
CA ARG C 401 3.74 -50.10 2.74
C ARG C 401 4.74 -49.25 1.94
N VAL C 402 6.04 -49.64 1.99
CA VAL C 402 7.17 -49.09 1.22
C VAL C 402 7.82 -50.30 0.54
N LEU C 403 8.18 -50.21 -0.74
CA LEU C 403 8.85 -51.35 -1.41
C LEU C 403 10.20 -50.96 -2.01
N TYR C 404 11.13 -51.93 -2.05
CA TYR C 404 12.44 -51.74 -2.63
C TYR C 404 12.34 -52.50 -3.91
N SER C 405 12.17 -51.79 -5.03
CA SER C 405 12.03 -52.41 -6.35
C SER C 405 10.92 -53.48 -6.38
N GLY C 406 9.79 -53.16 -5.72
CA GLY C 406 8.63 -54.04 -5.63
C GLY C 406 8.77 -55.18 -4.63
N LEU C 407 9.93 -55.22 -3.93
CA LEU C 407 10.22 -56.23 -2.92
C LEU C 407 9.94 -55.73 -1.51
N SER C 408 9.40 -56.64 -0.68
CA SER C 408 9.05 -56.44 0.73
C SER C 408 9.95 -57.29 1.66
N LEU C 409 10.63 -58.30 1.11
CA LEU C 409 11.59 -59.13 1.84
C LEU C 409 12.71 -59.48 0.90
N LEU C 410 13.97 -59.25 1.34
CA LEU C 410 15.18 -59.51 0.58
C LEU C 410 16.22 -60.09 1.50
N ILE C 411 16.67 -61.26 1.17
CA ILE C 411 17.75 -61.91 1.87
C ILE C 411 18.65 -62.32 0.73
N LEU C 412 19.80 -61.64 0.60
CA LEU C 412 20.71 -61.94 -0.49
C LEU C 412 22.20 -61.97 -0.19
N LYS C 413 22.93 -62.79 -0.97
CA LYS C 413 24.39 -62.95 -0.94
C LYS C 413 24.97 -63.42 0.41
N GLN C 414 24.09 -63.82 1.35
CA GLN C 414 24.51 -64.25 2.68
C GLN C 414 25.02 -65.68 2.77
N GLN C 415 26.34 -65.83 2.88
CA GLN C 415 26.99 -67.14 2.93
C GLN C 415 26.84 -67.85 4.28
N GLY C 416 26.88 -67.09 5.36
CA GLY C 416 26.83 -67.59 6.73
C GLY C 416 25.51 -68.21 7.18
N ILE C 417 24.40 -67.81 6.53
CA ILE C 417 23.06 -68.30 6.89
C ILE C 417 22.75 -69.70 6.35
N THR C 418 22.24 -70.58 7.24
CA THR C 418 21.91 -71.97 6.90
C THR C 418 20.42 -72.29 7.08
N SER C 419 19.72 -71.43 7.85
CA SER C 419 18.27 -71.48 8.11
C SER C 419 17.78 -70.03 8.31
N LEU C 420 16.45 -69.84 8.40
CA LEU C 420 15.82 -68.53 8.53
C LEU C 420 15.39 -68.18 9.94
N GLN C 421 14.61 -69.08 10.60
CA GLN C 421 14.12 -68.90 11.98
C GLN C 421 13.12 -67.74 12.19
N PHE C 422 12.30 -67.43 11.17
CA PHE C 422 11.26 -66.41 11.28
C PHE C 422 10.03 -67.09 11.85
N GLN C 423 10.13 -67.62 13.08
CA GLN C 423 9.03 -68.39 13.65
C GLN C 423 7.68 -67.75 13.71
N SER C 424 7.62 -66.47 14.12
CA SER C 424 6.35 -65.74 14.21
C SER C 424 5.78 -65.22 12.88
N LEU C 425 6.59 -65.18 11.81
CA LEU C 425 6.15 -64.68 10.51
C LEU C 425 4.91 -65.42 9.96
N LYS C 426 3.80 -64.63 9.88
CA LYS C 426 2.47 -65.05 9.42
C LYS C 426 1.98 -64.23 8.22
N GLU C 427 2.44 -62.97 8.07
CA GLU C 427 1.97 -62.07 7.02
C GLU C 427 3.01 -61.17 6.32
N ILE C 428 2.97 -61.18 4.97
CA ILE C 428 3.73 -60.32 4.05
C ILE C 428 2.61 -59.73 3.15
N SER C 429 2.00 -58.63 3.67
CA SER C 429 0.81 -57.94 3.13
C SER C 429 0.93 -57.32 1.73
N ALA C 430 2.15 -56.98 1.30
CA ALA C 430 2.43 -56.35 0.00
C ALA C 430 3.83 -56.69 -0.41
N GLY C 431 4.08 -56.53 -1.70
CA GLY C 431 5.38 -56.78 -2.28
C GLY C 431 5.73 -58.24 -2.52
N ASN C 432 6.86 -58.45 -3.18
CA ASN C 432 7.39 -59.75 -3.51
C ASN C 432 8.56 -60.10 -2.60
N ILE C 433 8.93 -61.38 -2.61
CA ILE C 433 10.04 -61.91 -1.84
C ILE C 433 11.22 -62.22 -2.76
N TYR C 434 12.43 -61.91 -2.30
CA TYR C 434 13.65 -62.10 -3.07
C TYR C 434 14.70 -62.74 -2.16
N ILE C 435 14.83 -64.06 -2.24
CA ILE C 435 15.81 -64.83 -1.47
C ILE C 435 16.75 -65.47 -2.46
N THR C 436 17.92 -64.83 -2.67
CA THR C 436 18.90 -65.30 -3.66
C THR C 436 20.34 -65.30 -3.17
N ASP C 437 21.19 -66.13 -3.83
CA ASP C 437 22.64 -66.23 -3.63
C ASP C 437 23.14 -66.52 -2.21
N ASN C 438 22.26 -67.10 -1.37
CA ASN C 438 22.59 -67.50 0.00
C ASN C 438 22.95 -68.97 -0.08
N SER C 439 24.13 -69.22 -0.61
CA SER C 439 24.69 -70.53 -0.95
C SER C 439 24.50 -71.68 0.02
N ASN C 440 24.33 -71.38 1.31
CA ASN C 440 24.20 -72.38 2.37
C ASN C 440 22.84 -72.41 3.05
N LEU C 441 21.90 -71.54 2.64
CA LEU C 441 20.53 -71.50 3.16
C LEU C 441 19.80 -72.78 2.76
N CYS C 442 19.05 -73.38 3.70
CA CYS C 442 18.47 -74.69 3.49
C CYS C 442 17.01 -74.95 3.75
N TYR C 443 16.24 -74.03 4.30
CA TYR C 443 14.87 -74.47 4.58
C TYR C 443 13.79 -73.84 3.73
N TYR C 444 14.19 -72.76 3.06
CA TYR C 444 13.43 -71.89 2.17
C TYR C 444 12.52 -72.64 1.16
N HIS C 445 13.01 -73.77 0.61
CA HIS C 445 12.34 -74.56 -0.40
C HIS C 445 11.15 -75.37 0.09
N THR C 446 11.00 -75.50 1.42
CA THR C 446 9.92 -76.28 2.05
C THR C 446 8.68 -75.43 2.30
N ILE C 447 8.88 -74.09 2.33
CA ILE C 447 7.86 -73.11 2.64
C ILE C 447 6.94 -72.81 1.47
N ASN C 448 5.62 -72.80 1.74
CA ASN C 448 4.56 -72.41 0.81
C ASN C 448 4.27 -70.95 1.14
N TRP C 449 5.14 -70.08 0.63
CA TRP C 449 5.13 -68.64 0.81
C TRP C 449 3.75 -68.02 0.55
N THR C 450 2.98 -68.64 -0.36
CA THR C 450 1.62 -68.25 -0.74
C THR C 450 0.70 -68.00 0.49
N THR C 451 0.88 -68.82 1.54
CA THR C 451 0.10 -68.73 2.77
C THR C 451 0.32 -67.38 3.46
N LEU C 452 1.50 -66.75 3.24
CA LEU C 452 1.87 -65.48 3.86
C LEU C 452 1.36 -64.26 3.09
N PHE C 453 1.12 -64.43 1.79
CA PHE C 453 0.64 -63.36 0.90
C PHE C 453 -0.81 -63.00 1.05
N SER C 454 -1.15 -61.74 0.70
CA SER C 454 -2.50 -61.17 0.73
C SER C 454 -3.10 -61.11 -0.69
N THR C 455 -2.41 -60.43 -1.63
CA THR C 455 -2.81 -60.29 -3.04
C THR C 455 -2.32 -61.51 -3.82
N ILE C 456 -2.94 -61.85 -4.96
CA ILE C 456 -2.47 -63.00 -5.78
C ILE C 456 -1.36 -62.55 -6.77
N ASN C 457 -1.04 -61.25 -6.74
CA ASN C 457 -0.02 -60.59 -7.54
C ASN C 457 1.38 -60.73 -6.90
N GLN C 458 1.42 -61.19 -5.64
CA GLN C 458 2.64 -61.37 -4.88
C GLN C 458 3.37 -62.60 -5.41
N ARG C 459 4.63 -62.39 -5.84
CA ARG C 459 5.53 -63.39 -6.39
C ARG C 459 6.64 -63.71 -5.40
N ILE C 460 7.42 -64.74 -5.70
CA ILE C 460 8.56 -65.18 -4.93
C ILE C 460 9.70 -65.45 -5.90
N VAL C 461 10.87 -64.84 -5.63
CA VAL C 461 12.08 -64.98 -6.45
C VAL C 461 13.14 -65.73 -5.61
N ILE C 462 13.19 -67.06 -5.76
CA ILE C 462 14.17 -67.88 -5.05
C ILE C 462 15.16 -68.46 -6.05
N ARG C 463 16.41 -68.01 -5.96
CA ARG C 463 17.46 -68.37 -6.89
C ARG C 463 18.81 -68.53 -6.19
N ASP C 464 19.60 -69.53 -6.64
CA ASP C 464 20.98 -69.77 -6.21
C ASP C 464 21.24 -69.92 -4.71
N ASN C 465 20.31 -70.55 -4.00
CA ASN C 465 20.50 -70.89 -2.59
C ASN C 465 20.92 -72.38 -2.62
N ARG C 466 21.11 -73.07 -1.46
CA ARG C 466 21.53 -74.46 -1.54
C ARG C 466 20.46 -75.33 -2.17
N LYS C 467 20.82 -76.07 -3.24
CA LYS C 467 19.92 -76.95 -3.99
C LYS C 467 19.11 -77.84 -3.04
N ALA C 468 17.76 -77.83 -3.20
CA ALA C 468 16.82 -78.62 -2.39
C ALA C 468 17.22 -80.09 -2.26
N GLU C 469 17.82 -80.66 -3.30
CA GLU C 469 18.31 -82.04 -3.38
C GLU C 469 19.46 -82.24 -2.39
N ASN C 470 20.41 -81.26 -2.38
CA ASN C 470 21.59 -81.22 -1.52
C ASN C 470 21.17 -81.05 -0.06
N CYS C 471 20.12 -80.24 0.18
CA CYS C 471 19.56 -79.96 1.52
C CYS C 471 18.95 -81.23 2.11
N THR C 472 18.11 -81.92 1.31
CA THR C 472 17.42 -83.17 1.68
C THR C 472 18.45 -84.26 1.99
N ALA C 473 19.45 -84.44 1.09
CA ALA C 473 20.54 -85.41 1.21
C ALA C 473 21.32 -85.24 2.53
N GLU C 474 21.67 -83.99 2.89
CA GLU C 474 22.39 -83.66 4.13
C GLU C 474 21.48 -83.62 5.37
N GLY C 475 20.23 -84.07 5.20
CA GLY C 475 19.26 -84.18 6.27
C GLY C 475 18.62 -82.89 6.74
N MET C 476 18.79 -81.79 6.00
CA MET C 476 18.18 -80.50 6.35
C MET C 476 16.73 -80.52 5.90
N VAL C 477 15.91 -81.30 6.62
CA VAL C 477 14.49 -81.45 6.33
C VAL C 477 13.65 -80.95 7.51
N CYS C 478 12.36 -80.75 7.28
CA CYS C 478 11.45 -80.31 8.32
C CYS C 478 11.15 -81.46 9.23
N ASN C 479 10.91 -81.16 10.51
CA ASN C 479 10.53 -82.10 11.57
C ASN C 479 9.22 -82.78 11.13
N HIS C 480 9.05 -84.06 11.47
CA HIS C 480 7.84 -84.82 11.06
C HIS C 480 6.53 -84.20 11.58
N LEU C 481 6.61 -83.40 12.65
CA LEU C 481 5.50 -82.70 13.28
C LEU C 481 5.06 -81.41 12.54
N CYS C 482 5.85 -80.93 11.53
CA CYS C 482 5.51 -79.75 10.72
C CYS C 482 4.51 -80.21 9.64
N SER C 483 3.50 -79.35 9.31
CA SER C 483 2.51 -79.61 8.27
C SER C 483 3.20 -79.60 6.87
N SER C 484 2.44 -79.74 5.76
CA SER C 484 3.07 -79.67 4.42
C SER C 484 3.45 -78.20 4.01
N ASP C 485 3.14 -77.23 4.90
CA ASP C 485 3.44 -75.81 4.67
C ASP C 485 4.92 -75.45 4.86
N GLY C 486 5.70 -76.40 5.36
CA GLY C 486 7.14 -76.24 5.55
C GLY C 486 7.58 -75.70 6.89
N CYS C 487 8.85 -75.33 6.97
CA CYS C 487 9.49 -74.82 8.17
C CYS C 487 10.57 -73.76 7.89
N TRP C 488 10.90 -72.96 8.93
CA TRP C 488 11.92 -71.90 8.90
C TRP C 488 13.32 -72.43 9.24
N GLY C 489 13.38 -73.65 9.73
CA GLY C 489 14.62 -74.31 10.12
C GLY C 489 14.40 -75.65 10.78
N PRO C 490 15.39 -76.16 11.54
CA PRO C 490 15.21 -77.46 12.17
C PRO C 490 14.42 -77.40 13.47
N GLY C 491 13.72 -78.49 13.71
CA GLY C 491 12.94 -78.69 14.91
C GLY C 491 11.45 -78.48 14.79
N PRO C 492 10.79 -78.61 15.96
CA PRO C 492 9.33 -78.46 16.02
C PRO C 492 8.84 -77.03 16.30
N ASP C 493 9.70 -76.17 16.86
CA ASP C 493 9.34 -74.78 17.17
C ASP C 493 9.27 -73.92 15.90
N GLN C 494 10.02 -74.35 14.88
CA GLN C 494 10.23 -73.72 13.59
C GLN C 494 9.31 -74.16 12.44
N CYS C 495 8.14 -74.73 12.73
CA CYS C 495 7.17 -75.12 11.68
C CYS C 495 6.32 -73.91 11.35
N LEU C 496 5.64 -73.94 10.19
CA LEU C 496 4.70 -72.88 9.82
C LEU C 496 3.36 -73.17 10.51
N SER C 497 3.03 -74.47 10.60
CA SER C 497 1.83 -75.05 11.23
C SER C 497 2.18 -76.46 11.72
N CYS C 498 1.51 -76.94 12.79
CA CYS C 498 1.74 -78.29 13.35
C CYS C 498 0.84 -79.34 12.71
N ARG C 499 1.37 -80.56 12.59
CA ARG C 499 0.68 -81.74 12.07
C ARG C 499 -0.25 -82.29 13.16
N ARG C 500 0.23 -82.34 14.43
CA ARG C 500 -0.49 -82.83 15.60
C ARG C 500 -0.76 -81.68 16.60
N PHE C 501 -0.44 -81.87 17.91
CA PHE C 501 -0.62 -80.88 18.98
C PHE C 501 0.42 -79.73 18.94
N SER C 502 0.37 -78.79 19.93
CA SER C 502 1.33 -77.68 20.10
C SER C 502 1.44 -77.21 21.56
N ARG C 503 2.68 -77.14 22.09
CA ARG C 503 3.02 -76.74 23.46
C ARG C 503 3.74 -75.39 23.38
N GLY C 504 2.96 -74.30 23.33
CA GLY C 504 3.49 -72.95 23.15
C GLY C 504 3.87 -72.78 21.68
N ARG C 505 5.17 -72.53 21.42
CA ARG C 505 5.66 -72.40 20.04
C ARG C 505 6.14 -73.74 19.44
N ILE C 506 6.17 -74.82 20.27
CA ILE C 506 6.65 -76.16 19.92
C ILE C 506 5.52 -77.12 19.51
N CYS C 507 5.71 -77.83 18.39
CA CYS C 507 4.78 -78.85 17.88
C CYS C 507 5.13 -80.16 18.60
N ILE C 508 4.13 -80.82 19.19
CA ILE C 508 4.35 -82.06 19.96
C ILE C 508 3.46 -83.21 19.50
N GLU C 509 3.83 -84.46 19.84
CA GLU C 509 3.07 -85.66 19.48
C GLU C 509 1.86 -85.83 20.37
N SER C 510 2.01 -85.53 21.68
CA SER C 510 0.92 -85.68 22.65
C SER C 510 1.03 -84.78 23.86
N CYS C 511 -0.12 -84.54 24.48
CA CYS C 511 -0.32 -83.74 25.67
C CYS C 511 0.13 -84.48 26.92
N ASN C 512 0.65 -83.75 27.92
CA ASN C 512 1.10 -84.30 29.21
C ASN C 512 -0.12 -84.74 30.06
N LEU C 513 -0.92 -85.69 29.54
CA LEU C 513 -2.14 -86.18 30.17
C LEU C 513 -1.88 -87.27 31.20
N TYR C 514 -0.99 -88.23 30.87
CA TYR C 514 -0.70 -89.36 31.73
C TYR C 514 0.74 -89.51 32.24
N ASP C 515 1.69 -88.71 31.69
CA ASP C 515 3.10 -88.69 32.12
C ASP C 515 3.89 -87.48 31.63
N GLY C 516 4.78 -87.00 32.49
CA GLY C 516 5.67 -85.88 32.24
C GLY C 516 6.31 -85.35 33.51
N GLU C 517 6.07 -84.05 33.80
CA GLU C 517 6.53 -83.29 34.98
C GLU C 517 5.43 -82.30 35.39
N PHE C 518 4.99 -81.45 34.45
CA PHE C 518 3.94 -80.45 34.62
C PHE C 518 2.79 -80.84 33.69
N ARG C 519 1.88 -81.69 34.19
CA ARG C 519 0.73 -82.24 33.45
C ARG C 519 -0.18 -81.19 32.83
N GLU C 520 -0.73 -81.51 31.63
CA GLU C 520 -1.53 -80.61 30.78
C GLU C 520 -2.92 -81.14 30.36
N PHE C 521 -3.87 -80.21 30.14
CA PHE C 521 -5.20 -80.49 29.60
C PHE C 521 -5.18 -79.99 28.15
N GLU C 522 -6.05 -80.52 27.30
CA GLU C 522 -6.08 -80.15 25.88
C GLU C 522 -7.18 -79.13 25.52
N ASN C 523 -6.77 -77.90 25.11
CA ASN C 523 -7.67 -76.83 24.63
C ASN C 523 -7.70 -76.87 23.09
N ASP C 524 -8.13 -78.02 22.54
CA ASP C 524 -8.26 -78.33 21.09
C ASP C 524 -6.88 -78.16 20.43
N SER C 525 -6.00 -79.20 20.56
CA SER C 525 -4.60 -79.25 20.08
C SER C 525 -3.59 -78.44 20.91
N ILE C 526 -4.02 -77.32 21.54
CA ILE C 526 -3.13 -76.49 22.36
C ILE C 526 -3.02 -77.13 23.73
N CYS C 527 -1.79 -77.48 24.12
CA CYS C 527 -1.50 -78.10 25.40
C CYS C 527 -1.19 -77.05 26.45
N VAL C 528 -2.14 -76.86 27.38
CA VAL C 528 -2.06 -75.88 28.45
C VAL C 528 -1.83 -76.59 29.79
N GLU C 529 -0.85 -76.09 30.56
CA GLU C 529 -0.48 -76.62 31.87
C GLU C 529 -1.59 -76.44 32.93
N CYS C 530 -1.78 -77.48 33.77
CA CYS C 530 -2.74 -77.49 34.87
C CYS C 530 -2.24 -76.52 35.92
N ASP C 531 -3.16 -75.90 36.68
CA ASP C 531 -2.82 -74.97 37.74
C ASP C 531 -1.86 -75.65 38.75
N PRO C 532 -0.85 -74.94 39.32
CA PRO C 532 0.08 -75.60 40.27
C PRO C 532 -0.58 -76.23 41.51
N GLN C 533 -1.79 -75.74 41.85
CA GLN C 533 -2.56 -76.21 42.98
C GLN C 533 -3.31 -77.53 42.75
N CYS C 534 -3.07 -78.18 41.57
CA CYS C 534 -3.64 -79.49 41.19
C CYS C 534 -2.71 -80.64 41.62
N GLU C 535 -3.30 -81.80 41.99
CA GLU C 535 -2.50 -82.95 42.42
C GLU C 535 -2.26 -83.89 41.27
N LYS C 536 -1.00 -84.34 41.12
CA LYS C 536 -0.54 -85.25 40.08
C LYS C 536 -1.24 -86.61 40.14
N MET C 537 -2.33 -86.72 39.34
CA MET C 537 -3.20 -87.89 39.24
C MET C 537 -2.57 -89.04 38.43
N GLU C 538 -2.41 -90.20 39.05
CA GLU C 538 -1.88 -91.37 38.36
C GLU C 538 -2.97 -92.40 38.08
N ASP C 539 -2.59 -93.56 37.50
CA ASP C 539 -3.48 -94.68 37.14
C ASP C 539 -4.60 -94.27 36.14
N GLY C 540 -4.18 -93.73 34.99
CA GLY C 540 -5.04 -93.28 33.91
C GLY C 540 -6.04 -92.18 34.24
N LEU C 541 -5.69 -91.31 35.22
CA LEU C 541 -6.56 -90.23 35.66
C LEU C 541 -6.07 -88.89 35.16
N LEU C 542 -7.03 -88.04 34.80
CA LEU C 542 -6.81 -86.67 34.33
C LEU C 542 -6.36 -85.84 35.54
N THR C 543 -5.21 -85.15 35.42
CA THR C 543 -4.65 -84.30 36.48
C THR C 543 -5.54 -83.06 36.70
N CYS C 544 -6.18 -82.59 35.59
CA CYS C 544 -7.11 -81.46 35.52
C CYS C 544 -8.05 -81.60 34.31
N HIS C 545 -9.19 -80.87 34.33
CA HIS C 545 -10.18 -80.91 33.25
C HIS C 545 -10.51 -79.50 32.76
N GLY C 546 -9.53 -78.59 32.88
CA GLY C 546 -9.65 -77.20 32.45
C GLY C 546 -8.66 -76.26 33.11
N PRO C 547 -8.78 -74.94 32.84
CA PRO C 547 -7.84 -73.97 33.42
C PRO C 547 -8.25 -73.37 34.76
N GLY C 548 -7.25 -73.04 35.57
CA GLY C 548 -7.44 -72.44 36.90
C GLY C 548 -7.56 -73.47 38.01
N PRO C 549 -7.58 -73.03 39.28
CA PRO C 549 -7.67 -74.01 40.39
C PRO C 549 -9.07 -74.62 40.57
N ASP C 550 -10.10 -74.00 39.96
CA ASP C 550 -11.50 -74.45 40.02
C ASP C 550 -11.74 -75.73 39.20
N ASN C 551 -11.33 -75.72 37.90
CA ASN C 551 -11.51 -76.86 37.00
C ASN C 551 -10.37 -77.87 37.23
N CYS C 552 -10.35 -78.49 38.42
CA CYS C 552 -9.33 -79.43 38.86
C CYS C 552 -9.92 -80.79 39.33
N THR C 553 -9.06 -81.80 39.50
CA THR C 553 -9.43 -83.15 39.95
C THR C 553 -9.38 -83.19 41.49
N LYS C 554 -8.17 -83.24 42.09
CA LYS C 554 -7.95 -83.24 43.54
C LYS C 554 -6.89 -82.18 43.86
N CYS C 555 -7.15 -81.37 44.90
CA CYS C 555 -6.26 -80.31 45.33
C CYS C 555 -5.08 -80.89 46.04
N SER C 556 -3.88 -80.35 45.76
CA SER C 556 -2.63 -80.81 46.37
C SER C 556 -2.55 -80.40 47.85
N HIS C 557 -3.18 -79.27 48.24
CA HIS C 557 -3.17 -78.76 49.62
C HIS C 557 -4.60 -78.52 50.19
N PHE C 558 -5.16 -77.32 49.99
CA PHE C 558 -6.49 -76.95 50.50
C PHE C 558 -7.47 -76.58 49.37
N LYS C 559 -8.74 -76.28 49.74
CA LYS C 559 -9.80 -75.87 48.81
C LYS C 559 -10.66 -74.73 49.41
N ASP C 560 -10.40 -73.47 48.99
CA ASP C 560 -11.19 -72.32 49.45
C ASP C 560 -12.36 -72.14 48.47
N GLY C 561 -13.42 -72.87 48.74
CA GLY C 561 -14.64 -72.86 47.94
C GLY C 561 -14.47 -73.66 46.67
N PRO C 562 -14.48 -72.99 45.49
CA PRO C 562 -14.34 -73.75 44.22
C PRO C 562 -12.91 -74.10 43.80
N ASN C 563 -11.95 -73.17 44.04
CA ASN C 563 -10.56 -73.25 43.63
C ASN C 563 -9.56 -73.65 44.75
N CYS C 564 -8.62 -74.56 44.40
CA CYS C 564 -7.54 -75.11 45.23
C CYS C 564 -6.55 -74.04 45.62
N VAL C 565 -6.13 -74.04 46.90
CA VAL C 565 -5.20 -73.04 47.43
C VAL C 565 -4.06 -73.72 48.20
N GLU C 566 -2.91 -73.05 48.24
CA GLU C 566 -1.70 -73.46 48.94
C GLU C 566 -1.97 -73.45 50.46
N LYS C 567 -2.68 -72.42 50.96
CA LYS C 567 -3.02 -72.22 52.36
C LYS C 567 -4.35 -71.46 52.50
N CYS C 568 -5.02 -71.62 53.65
CA CYS C 568 -6.27 -70.92 53.95
C CYS C 568 -5.97 -69.44 54.21
N PRO C 569 -6.80 -68.49 53.70
CA PRO C 569 -6.54 -67.05 53.91
C PRO C 569 -6.17 -66.61 55.31
N ASP C 570 -5.19 -65.71 55.37
CA ASP C 570 -4.61 -65.18 56.59
C ASP C 570 -4.10 -63.74 56.35
N GLY C 571 -4.64 -62.79 57.11
CA GLY C 571 -4.32 -61.36 57.11
C GLY C 571 -4.43 -60.59 55.81
N LEU C 572 -5.26 -61.09 54.87
CA LEU C 572 -5.47 -60.51 53.53
C LEU C 572 -6.57 -59.44 53.49
N ILE C 579 -8.89 -60.52 56.61
CA ILE C 579 -9.42 -61.71 55.92
C ILE C 579 -8.77 -62.96 56.54
N PHE C 580 -9.57 -63.78 57.24
CA PHE C 580 -9.12 -64.98 57.94
C PHE C 580 -10.06 -66.16 57.74
N LYS C 581 -9.48 -67.34 57.45
CA LYS C 581 -10.20 -68.59 57.26
C LYS C 581 -9.42 -69.73 57.87
N TYR C 582 -10.14 -70.67 58.51
CA TYR C 582 -9.56 -71.87 59.13
C TYR C 582 -9.81 -73.08 58.18
N ALA C 583 -9.13 -74.20 58.41
CA ALA C 583 -9.27 -75.43 57.61
C ALA C 583 -9.89 -76.57 58.42
N ASP C 584 -10.95 -77.20 57.90
CA ASP C 584 -11.63 -78.33 58.56
C ASP C 584 -10.84 -79.64 58.32
N PRO C 585 -11.10 -80.78 59.03
CA PRO C 585 -10.33 -82.02 58.76
C PRO C 585 -10.39 -82.57 57.32
N ASP C 586 -11.31 -82.03 56.51
CA ASP C 586 -11.51 -82.38 55.09
C ASP C 586 -10.73 -81.40 54.18
N ARG C 587 -9.86 -80.57 54.80
CA ARG C 587 -8.99 -79.57 54.15
C ARG C 587 -9.67 -78.40 53.40
N GLU C 588 -10.96 -78.12 53.68
CA GLU C 588 -11.68 -77.01 53.05
C GLU C 588 -11.64 -75.74 53.90
N CYS C 589 -11.51 -74.56 53.25
CA CYS C 589 -11.43 -73.28 53.96
C CYS C 589 -12.79 -72.67 54.28
N HIS C 590 -13.04 -72.42 55.59
CA HIS C 590 -14.27 -71.81 56.11
C HIS C 590 -13.90 -70.53 56.87
N PRO C 591 -14.73 -69.44 56.85
CA PRO C 591 -14.33 -68.20 57.55
C PRO C 591 -14.30 -68.26 59.07
N CYS C 592 -13.58 -67.30 59.68
CA CYS C 592 -13.43 -67.17 61.12
C CYS C 592 -14.62 -66.45 61.69
N HIS C 593 -14.88 -66.64 63.00
CA HIS C 593 -15.93 -65.92 63.73
C HIS C 593 -15.50 -64.44 63.71
N PRO C 594 -16.43 -63.47 63.48
CA PRO C 594 -16.00 -62.04 63.42
C PRO C 594 -15.08 -61.55 64.53
N ASN C 595 -15.24 -62.06 65.77
CA ASN C 595 -14.43 -61.71 66.94
C ASN C 595 -12.93 -61.99 66.80
N CYS C 596 -12.56 -63.08 66.09
CA CYS C 596 -11.16 -63.48 65.87
C CYS C 596 -10.46 -62.55 64.86
N THR C 597 -9.93 -61.41 65.36
CA THR C 597 -9.25 -60.36 64.59
C THR C 597 -7.80 -60.71 64.21
N GLN C 598 -7.23 -61.74 64.85
CA GLN C 598 -5.87 -62.22 64.62
C GLN C 598 -5.84 -63.64 64.02
N GLY C 599 -7.01 -64.14 63.60
CA GLY C 599 -7.16 -65.48 63.03
C GLY C 599 -7.79 -66.48 63.97
N CYS C 600 -8.07 -67.69 63.46
CA CYS C 600 -8.71 -68.76 64.23
C CYS C 600 -8.28 -70.17 63.77
N ASN C 601 -8.72 -71.20 64.53
CA ASN C 601 -8.45 -72.63 64.27
C ASN C 601 -9.76 -73.37 63.99
N GLY C 602 -10.84 -72.82 64.52
CA GLY C 602 -12.18 -73.38 64.43
C GLY C 602 -13.22 -72.32 64.09
N PRO C 603 -14.51 -72.70 63.95
CA PRO C 603 -15.52 -71.71 63.55
C PRO C 603 -16.03 -70.78 64.64
N THR C 604 -16.08 -71.28 65.89
CA THR C 604 -16.59 -70.59 67.08
C THR C 604 -15.76 -69.37 67.53
N SER C 605 -16.37 -68.54 68.40
CA SER C 605 -15.78 -67.34 68.97
C SER C 605 -14.66 -67.66 69.98
N HIS C 606 -14.58 -68.94 70.38
CA HIS C 606 -13.64 -69.45 71.38
C HIS C 606 -12.42 -70.20 70.79
N ASP C 607 -12.25 -70.11 69.46
CA ASP C 607 -11.14 -70.72 68.73
C ASP C 607 -10.19 -69.67 68.09
N CYS C 608 -10.23 -68.41 68.59
CA CYS C 608 -9.38 -67.30 68.12
C CYS C 608 -7.89 -67.51 68.48
N ILE C 609 -6.97 -66.69 67.94
CA ILE C 609 -5.55 -66.78 68.29
C ILE C 609 -5.17 -66.00 69.56
N GLN D 1 -23.23 -6.41 1.39
CA GLN D 1 -22.76 -6.22 2.78
C GLN D 1 -23.85 -6.02 3.90
N SER D 2 -24.85 -5.07 3.75
CA SER D 2 -25.92 -4.90 4.75
C SER D 2 -26.94 -6.06 4.71
N VAL D 3 -26.88 -6.90 5.73
CA VAL D 3 -27.67 -8.11 5.87
C VAL D 3 -28.93 -7.92 6.70
N CYS D 4 -30.03 -8.59 6.34
CA CYS D 4 -31.28 -8.59 7.08
C CYS D 4 -31.84 -10.01 7.11
N ALA D 5 -32.83 -10.27 7.99
CA ALA D 5 -33.39 -11.60 8.13
C ALA D 5 -34.54 -11.95 7.22
N GLY D 6 -35.43 -11.00 6.98
CA GLY D 6 -36.60 -11.28 6.17
C GLY D 6 -37.64 -12.16 6.87
N THR D 7 -38.91 -12.06 6.43
CA THR D 7 -40.04 -12.79 6.99
C THR D 7 -40.17 -14.28 6.57
N GLU D 8 -41.16 -14.96 7.18
CA GLU D 8 -41.57 -16.36 7.00
C GLU D 8 -43.11 -16.44 7.20
N ASN D 9 -43.80 -15.42 6.71
CA ASN D 9 -45.26 -15.28 6.84
C ASN D 9 -46.05 -15.95 5.75
N LYS D 10 -45.44 -16.13 4.57
CA LYS D 10 -46.06 -16.67 3.36
C LYS D 10 -47.13 -15.65 2.91
N LEU D 11 -48.39 -16.08 2.71
CA LEU D 11 -49.44 -15.17 2.26
C LEU D 11 -50.10 -14.36 3.39
N SER D 12 -49.81 -14.72 4.66
CA SER D 12 -50.29 -14.04 5.84
C SER D 12 -49.71 -12.63 5.91
N SER D 13 -50.50 -11.69 6.42
CA SER D 13 -50.18 -10.26 6.47
C SER D 13 -50.89 -9.55 7.62
N LEU D 14 -50.73 -8.22 7.74
CA LEU D 14 -51.42 -7.48 8.76
C LEU D 14 -52.72 -6.97 8.17
N SER D 15 -53.79 -6.90 8.99
CA SER D 15 -55.10 -6.41 8.59
C SER D 15 -55.00 -4.96 8.13
N ASP D 16 -54.24 -4.13 8.89
CA ASP D 16 -54.00 -2.72 8.55
C ASP D 16 -53.03 -2.69 7.38
N LEU D 17 -53.54 -2.30 6.20
CA LEU D 17 -52.76 -2.25 4.97
C LEU D 17 -51.59 -1.26 4.99
N GLU D 18 -51.73 -0.15 5.75
CA GLU D 18 -50.65 0.82 5.93
C GLU D 18 -49.61 0.17 6.86
N GLN D 19 -50.07 -0.57 7.89
CA GLN D 19 -49.18 -1.27 8.81
C GLN D 19 -48.43 -2.37 8.12
N GLN D 20 -49.08 -3.00 7.11
CA GLN D 20 -48.47 -4.05 6.28
C GLN D 20 -47.36 -3.43 5.43
N TYR D 21 -47.65 -2.27 4.79
CA TYR D 21 -46.66 -1.53 3.98
C TYR D 21 -45.50 -1.07 4.83
N ARG D 22 -45.81 -0.40 5.96
CA ARG D 22 -44.82 0.09 6.91
C ARG D 22 -43.92 -1.05 7.38
N ALA D 23 -44.46 -2.28 7.57
CA ALA D 23 -43.68 -3.47 7.98
C ALA D 23 -42.70 -3.90 6.88
N LEU D 24 -43.15 -3.94 5.60
CA LEU D 24 -42.30 -4.28 4.46
C LEU D 24 -41.09 -3.35 4.45
N ARG D 25 -41.35 -2.01 4.52
CA ARG D 25 -40.33 -0.97 4.60
C ARG D 25 -39.37 -1.21 5.79
N LYS D 26 -39.92 -1.52 6.98
CA LYS D 26 -39.14 -1.78 8.20
C LYS D 26 -38.17 -2.94 8.00
N TYR D 27 -38.67 -4.07 7.48
CA TYR D 27 -37.88 -5.27 7.28
C TYR D 27 -36.82 -5.24 6.22
N TYR D 28 -37.07 -4.55 5.09
CA TYR D 28 -36.18 -4.62 3.93
C TYR D 28 -35.48 -3.37 3.44
N GLU D 29 -35.76 -2.21 4.02
CA GLU D 29 -35.07 -1.03 3.52
C GLU D 29 -33.59 -0.98 3.97
N ASN D 30 -32.70 -0.59 3.02
CA ASN D 30 -31.24 -0.53 3.17
C ASN D 30 -30.59 -1.92 3.29
N CYS D 31 -31.33 -2.97 3.00
CA CYS D 31 -30.84 -4.33 3.07
C CYS D 31 -30.33 -4.75 1.69
N GLU D 32 -29.10 -5.28 1.62
CA GLU D 32 -28.45 -5.74 0.39
C GLU D 32 -28.61 -7.24 0.23
N VAL D 33 -28.40 -8.00 1.33
CA VAL D 33 -28.55 -9.46 1.35
C VAL D 33 -29.68 -9.85 2.26
N VAL D 34 -30.78 -10.35 1.69
CA VAL D 34 -31.91 -10.88 2.46
C VAL D 34 -31.48 -12.28 2.84
N MET D 35 -31.33 -12.52 4.14
CA MET D 35 -30.86 -13.82 4.64
C MET D 35 -32.02 -14.64 5.09
N GLY D 36 -32.86 -14.92 4.11
CA GLY D 36 -34.11 -15.60 4.31
C GLY D 36 -35.00 -15.27 3.15
N ASN D 37 -36.26 -14.95 3.43
CA ASN D 37 -37.22 -14.71 2.36
C ASN D 37 -37.62 -13.29 2.18
N LEU D 38 -37.82 -12.90 0.92
CA LEU D 38 -38.30 -11.59 0.56
C LEU D 38 -39.74 -11.83 0.16
N GLU D 39 -40.65 -11.43 1.07
CA GLU D 39 -42.10 -11.57 0.94
C GLU D 39 -42.73 -10.20 0.76
N ILE D 40 -43.33 -9.99 -0.42
CA ILE D 40 -44.02 -8.75 -0.77
C ILE D 40 -45.49 -9.17 -1.06
N THR D 41 -46.37 -9.02 -0.05
CA THR D 41 -47.78 -9.43 -0.15
C THR D 41 -48.72 -8.37 0.35
N SER D 42 -49.88 -8.23 -0.33
CA SER D 42 -50.96 -7.30 -0.02
C SER D 42 -50.56 -5.82 0.05
N ILE D 43 -49.80 -5.36 -0.97
CA ILE D 43 -49.35 -3.97 -1.04
C ILE D 43 -50.21 -3.20 -2.06
N GLU D 44 -50.77 -2.07 -1.61
CA GLU D 44 -51.68 -1.20 -2.38
C GLU D 44 -51.02 -0.54 -3.58
N HIS D 45 -51.85 -0.10 -4.53
CA HIS D 45 -51.47 0.55 -5.78
C HIS D 45 -50.55 1.79 -5.66
N ASN D 46 -50.90 2.75 -4.79
CA ASN D 46 -50.17 4.00 -4.61
C ASN D 46 -48.70 3.91 -4.17
N ARG D 47 -48.41 2.94 -3.27
CA ARG D 47 -47.16 2.66 -2.56
C ARG D 47 -45.80 2.80 -3.25
N ASP D 48 -44.81 3.38 -2.52
CA ASP D 48 -43.44 3.57 -3.00
C ASP D 48 -42.57 2.38 -2.63
N LEU D 49 -42.00 1.72 -3.65
CA LEU D 49 -41.17 0.54 -3.42
C LEU D 49 -39.71 0.70 -3.84
N SER D 50 -39.29 1.95 -4.12
CA SER D 50 -37.93 2.31 -4.51
C SER D 50 -36.87 1.69 -3.57
N PHE D 51 -37.16 1.56 -2.26
CA PHE D 51 -36.27 0.97 -1.26
C PHE D 51 -35.81 -0.45 -1.56
N LEU D 52 -36.60 -1.21 -2.39
CA LEU D 52 -36.30 -2.57 -2.80
C LEU D 52 -35.11 -2.64 -3.75
N ARG D 53 -34.69 -1.48 -4.28
CA ARG D 53 -33.53 -1.39 -5.15
C ARG D 53 -32.23 -1.70 -4.39
N SER D 54 -32.27 -1.77 -3.05
CA SER D 54 -31.08 -2.07 -2.27
C SER D 54 -30.72 -3.55 -2.35
N VAL D 55 -31.75 -4.40 -2.55
CA VAL D 55 -31.60 -5.86 -2.58
C VAL D 55 -30.81 -6.33 -3.79
N ARG D 56 -29.69 -7.05 -3.51
CA ARG D 56 -28.76 -7.68 -4.44
C ARG D 56 -28.88 -9.23 -4.41
N GLU D 57 -29.25 -9.81 -3.25
CA GLU D 57 -29.31 -11.26 -3.04
C GLU D 57 -30.37 -11.68 -2.02
N VAL D 58 -30.99 -12.86 -2.25
CA VAL D 58 -32.01 -13.47 -1.38
C VAL D 58 -31.62 -14.95 -1.19
N THR D 59 -31.33 -15.31 0.05
CA THR D 59 -30.92 -16.63 0.52
C THR D 59 -32.01 -17.73 0.31
N GLY D 60 -33.25 -17.39 0.62
CA GLY D 60 -34.40 -18.27 0.53
C GLY D 60 -35.19 -18.02 -0.73
N TYR D 61 -36.47 -17.63 -0.60
CA TYR D 61 -37.32 -17.40 -1.76
C TYR D 61 -37.84 -15.98 -1.86
N VAL D 62 -38.41 -15.66 -3.02
CA VAL D 62 -39.03 -14.38 -3.34
C VAL D 62 -40.49 -14.67 -3.67
N LEU D 63 -41.38 -14.17 -2.80
CA LEU D 63 -42.84 -14.28 -2.91
C LEU D 63 -43.41 -12.89 -3.16
N VAL D 64 -44.10 -12.73 -4.31
CA VAL D 64 -44.71 -11.48 -4.75
C VAL D 64 -46.12 -11.84 -5.11
N ALA D 65 -47.04 -11.68 -4.15
CA ALA D 65 -48.44 -12.06 -4.37
C ALA D 65 -49.41 -11.05 -3.80
N LEU D 66 -50.67 -11.09 -4.30
CA LEU D 66 -51.80 -10.29 -3.84
C LEU D 66 -51.58 -8.78 -3.72
N ASN D 67 -50.72 -8.21 -4.59
CA ASN D 67 -50.38 -6.78 -4.59
C ASN D 67 -51.09 -6.07 -5.72
N GLN D 68 -51.13 -4.73 -5.68
CA GLN D 68 -51.80 -3.93 -6.72
C GLN D 68 -50.92 -2.86 -7.38
N PHE D 69 -49.65 -2.74 -6.94
CA PHE D 69 -48.69 -1.78 -7.51
C PHE D 69 -48.29 -2.18 -8.93
N ARG D 70 -48.04 -1.17 -9.78
CA ARG D 70 -47.69 -1.27 -11.20
C ARG D 70 -46.38 -2.00 -11.50
N TYR D 71 -45.32 -1.70 -10.75
CA TYR D 71 -43.99 -2.19 -11.06
C TYR D 71 -43.19 -2.66 -9.85
N LEU D 72 -42.41 -3.77 -10.03
CA LEU D 72 -41.57 -4.40 -9.01
C LEU D 72 -40.12 -3.93 -9.16
N PRO D 73 -39.65 -2.98 -8.31
CA PRO D 73 -38.30 -2.43 -8.51
C PRO D 73 -37.15 -3.18 -7.87
N LEU D 74 -37.02 -4.49 -8.18
CA LEU D 74 -35.91 -5.32 -7.65
C LEU D 74 -34.73 -5.31 -8.64
N GLU D 75 -34.47 -4.11 -9.19
CA GLU D 75 -33.50 -3.78 -10.23
C GLU D 75 -32.07 -4.24 -9.96
N ASN D 76 -31.70 -4.39 -8.67
CA ASN D 76 -30.36 -4.83 -8.30
C ASN D 76 -30.23 -6.30 -7.90
N LEU D 77 -31.39 -7.01 -7.70
CA LEU D 77 -31.47 -8.44 -7.38
C LEU D 77 -30.80 -9.26 -8.48
N ARG D 78 -29.73 -9.96 -8.08
CA ARG D 78 -28.95 -10.78 -8.99
C ARG D 78 -29.21 -12.30 -8.80
N ILE D 79 -29.24 -12.76 -7.55
CA ILE D 79 -29.37 -14.17 -7.18
C ILE D 79 -30.46 -14.43 -6.16
N ILE D 80 -31.14 -15.56 -6.31
CA ILE D 80 -32.10 -16.15 -5.37
C ILE D 80 -31.48 -17.56 -5.16
N ARG D 81 -30.97 -17.84 -3.95
CA ARG D 81 -30.32 -19.11 -3.68
C ARG D 81 -31.25 -20.27 -3.51
N GLY D 82 -32.46 -19.98 -3.05
CA GLY D 82 -33.51 -20.96 -2.85
C GLY D 82 -33.18 -22.00 -1.81
N THR D 83 -32.46 -21.59 -0.73
CA THR D 83 -32.12 -22.50 0.37
C THR D 83 -33.39 -23.01 1.05
N LYS D 84 -34.47 -22.20 1.03
CA LYS D 84 -35.79 -22.52 1.52
C LYS D 84 -36.74 -22.08 0.41
N LEU D 85 -37.68 -22.94 0.00
CA LEU D 85 -38.58 -22.64 -1.11
C LEU D 85 -40.05 -22.47 -0.74
N TYR D 86 -40.76 -21.58 -1.47
CA TYR D 86 -42.20 -21.41 -1.27
C TYR D 86 -42.87 -22.68 -1.75
N GLU D 87 -43.79 -23.22 -0.93
CA GLU D 87 -44.51 -24.48 -1.20
C GLU D 87 -43.53 -25.63 -1.47
N ASP D 88 -42.32 -25.51 -0.90
CA ASP D 88 -41.23 -26.45 -1.04
C ASP D 88 -40.84 -26.76 -2.49
N ARG D 89 -41.18 -25.82 -3.41
CA ARG D 89 -40.89 -25.94 -4.83
C ARG D 89 -40.46 -24.66 -5.56
N TYR D 90 -40.94 -23.49 -5.16
CA TYR D 90 -40.57 -22.27 -5.89
C TYR D 90 -39.60 -21.34 -5.20
N ALA D 91 -38.56 -20.93 -5.94
CA ALA D 91 -37.58 -19.93 -5.52
C ALA D 91 -38.11 -18.54 -5.84
N LEU D 92 -38.96 -18.43 -6.89
CA LEU D 92 -39.63 -17.19 -7.30
C LEU D 92 -41.10 -17.49 -7.56
N ALA D 93 -41.98 -16.75 -6.86
CA ALA D 93 -43.40 -16.93 -6.94
C ALA D 93 -44.16 -15.59 -7.07
N ILE D 94 -44.61 -15.27 -8.31
CA ILE D 94 -45.32 -14.03 -8.61
C ILE D 94 -46.71 -14.40 -9.12
N PHE D 95 -47.74 -14.19 -8.28
CA PHE D 95 -49.12 -14.55 -8.63
C PHE D 95 -50.15 -13.65 -7.96
N LEU D 96 -51.33 -13.49 -8.63
CA LEU D 96 -52.50 -12.73 -8.19
C LEU D 96 -52.20 -11.26 -7.86
N ASN D 97 -51.29 -10.66 -8.63
CA ASN D 97 -50.89 -9.26 -8.42
C ASN D 97 -51.74 -8.27 -9.21
N TYR D 98 -53.06 -8.26 -8.88
CA TYR D 98 -54.09 -7.38 -9.44
C TYR D 98 -55.33 -7.44 -8.55
N ARG D 99 -56.22 -6.43 -8.67
CA ARG D 99 -57.48 -6.44 -7.94
C ARG D 99 -58.59 -7.06 -8.83
N LYS D 100 -59.30 -8.09 -8.31
CA LYS D 100 -60.34 -8.83 -9.02
C LYS D 100 -61.38 -7.93 -9.71
N ASP D 101 -61.61 -6.69 -9.18
CA ASP D 101 -62.48 -5.64 -9.72
C ASP D 101 -62.04 -5.31 -11.15
N GLY D 102 -60.71 -5.23 -11.36
CA GLY D 102 -60.09 -5.02 -12.67
C GLY D 102 -59.48 -3.65 -12.95
N ASN D 103 -59.30 -2.85 -11.90
CA ASN D 103 -58.75 -1.51 -12.02
C ASN D 103 -57.23 -1.59 -12.34
N PHE D 104 -56.41 -1.85 -11.30
CA PHE D 104 -54.96 -1.92 -11.37
C PHE D 104 -54.38 -3.30 -11.06
N GLY D 105 -53.08 -3.39 -11.26
CA GLY D 105 -52.30 -4.56 -11.01
C GLY D 105 -50.89 -4.32 -11.45
N LEU D 106 -50.08 -5.36 -11.37
CA LEU D 106 -48.68 -5.37 -11.78
C LEU D 106 -48.61 -5.42 -13.31
N GLN D 107 -47.77 -4.59 -13.88
CA GLN D 107 -47.61 -4.47 -15.32
C GLN D 107 -46.23 -4.87 -15.81
N GLU D 108 -45.19 -4.63 -14.96
CA GLU D 108 -43.79 -4.86 -15.31
C GLU D 108 -42.96 -5.35 -14.12
N LEU D 109 -41.99 -6.24 -14.39
CA LEU D 109 -41.02 -6.76 -13.42
C LEU D 109 -39.65 -6.13 -13.70
N GLY D 110 -39.10 -5.45 -12.71
CA GLY D 110 -37.78 -4.84 -12.78
C GLY D 110 -36.76 -5.83 -12.25
N LEU D 111 -36.51 -6.90 -13.03
CA LEU D 111 -35.62 -8.01 -12.69
C LEU D 111 -34.47 -8.19 -13.68
N LYS D 112 -34.11 -7.14 -14.46
CA LYS D 112 -33.03 -7.19 -15.47
C LYS D 112 -31.68 -7.75 -14.96
N ASN D 113 -31.45 -7.74 -13.64
CA ASN D 113 -30.19 -8.21 -13.09
C ASN D 113 -30.29 -9.62 -12.55
N LEU D 114 -31.55 -10.17 -12.45
CA LEU D 114 -31.76 -11.52 -11.98
C LEU D 114 -31.34 -12.50 -13.07
N THR D 115 -30.09 -13.01 -12.97
CA THR D 115 -29.52 -13.98 -13.90
C THR D 115 -29.34 -15.37 -13.25
N GLU D 116 -29.55 -15.46 -11.90
CA GLU D 116 -29.31 -16.67 -11.12
C GLU D 116 -30.40 -17.10 -10.15
N ILE D 117 -30.82 -18.37 -10.22
CA ILE D 117 -31.75 -19.04 -9.28
C ILE D 117 -31.09 -20.39 -9.05
N LEU D 118 -30.44 -20.53 -7.87
CA LEU D 118 -29.61 -21.71 -7.56
C LEU D 118 -30.37 -22.99 -7.36
N ASN D 119 -31.45 -22.89 -6.59
CA ASN D 119 -32.27 -24.04 -6.28
C ASN D 119 -33.73 -23.61 -6.31
N GLY D 120 -34.59 -24.47 -6.80
CA GLY D 120 -36.01 -24.20 -6.86
C GLY D 120 -36.48 -23.77 -8.24
N GLY D 121 -37.80 -23.66 -8.38
CA GLY D 121 -38.46 -23.27 -9.62
C GLY D 121 -39.06 -21.88 -9.62
N VAL D 122 -39.75 -21.54 -10.72
CA VAL D 122 -40.37 -20.24 -10.95
C VAL D 122 -41.86 -20.43 -11.17
N TYR D 123 -42.69 -19.71 -10.41
CA TYR D 123 -44.14 -19.75 -10.57
C TYR D 123 -44.64 -18.33 -10.79
N VAL D 124 -44.88 -17.99 -12.06
CA VAL D 124 -45.39 -16.66 -12.43
C VAL D 124 -46.70 -16.96 -13.12
N ASP D 125 -47.84 -16.71 -12.45
CA ASP D 125 -49.17 -17.01 -12.98
C ASP D 125 -50.21 -16.05 -12.38
N GLN D 126 -51.43 -16.02 -13.00
CA GLN D 126 -52.60 -15.28 -12.54
C GLN D 126 -52.31 -13.80 -12.34
N ASN D 127 -51.66 -13.16 -13.33
CA ASN D 127 -51.34 -11.75 -13.16
C ASN D 127 -52.17 -10.72 -13.97
N LYS D 128 -53.10 -11.18 -14.84
CA LYS D 128 -54.02 -10.36 -15.65
C LYS D 128 -53.40 -9.18 -16.43
N PHE D 129 -52.74 -8.22 -15.73
CA PHE D 129 -52.13 -6.99 -16.26
C PHE D 129 -50.64 -7.05 -16.59
N LEU D 130 -49.90 -8.12 -16.12
CA LEU D 130 -48.46 -8.29 -16.36
C LEU D 130 -48.12 -8.57 -17.84
N CYS D 131 -47.08 -7.87 -18.34
CA CYS D 131 -46.55 -7.96 -19.70
C CYS D 131 -45.08 -8.47 -19.69
N TYR D 132 -44.56 -8.88 -20.86
CA TYR D 132 -43.17 -9.28 -21.11
C TYR D 132 -42.67 -10.53 -20.39
N ALA D 133 -43.18 -10.79 -19.18
CA ALA D 133 -42.76 -11.94 -18.36
C ALA D 133 -42.84 -13.27 -19.10
N ASP D 134 -43.73 -13.33 -20.10
CA ASP D 134 -43.96 -14.49 -20.94
C ASP D 134 -42.78 -14.75 -21.89
N THR D 135 -42.06 -13.68 -22.27
CA THR D 135 -40.92 -13.73 -23.19
C THR D 135 -39.66 -14.21 -22.54
N ILE D 136 -39.56 -14.15 -21.19
CA ILE D 136 -38.40 -14.55 -20.41
C ILE D 136 -38.04 -16.02 -20.51
N HIS D 137 -36.74 -16.28 -20.75
CA HIS D 137 -36.20 -17.62 -20.85
C HIS D 137 -35.74 -18.00 -19.46
N TRP D 138 -36.67 -18.51 -18.65
CA TRP D 138 -36.39 -18.88 -17.27
C TRP D 138 -35.34 -19.98 -17.13
N GLN D 139 -35.21 -20.91 -18.10
CA GLN D 139 -34.20 -21.97 -18.07
C GLN D 139 -32.78 -21.38 -18.02
N ASP D 140 -32.57 -20.17 -18.53
CA ASP D 140 -31.24 -19.59 -18.47
C ASP D 140 -31.00 -19.08 -17.06
N ILE D 141 -32.04 -18.54 -16.40
CA ILE D 141 -31.94 -18.02 -15.02
C ILE D 141 -31.77 -19.16 -14.01
N VAL D 142 -32.56 -20.24 -14.18
CA VAL D 142 -32.53 -21.42 -13.32
C VAL D 142 -31.29 -22.24 -13.57
N ARG D 143 -30.55 -22.57 -12.48
CA ARG D 143 -29.34 -23.44 -12.45
C ARG D 143 -29.81 -24.89 -12.19
N ASN D 144 -30.92 -25.02 -11.44
CA ASN D 144 -31.62 -26.22 -10.98
C ASN D 144 -32.56 -26.91 -12.04
N PRO D 145 -32.23 -27.20 -13.34
CA PRO D 145 -33.23 -27.86 -14.20
C PRO D 145 -33.21 -29.40 -14.07
N SER D 148 -36.35 -29.20 -11.23
CA SER D 148 -37.28 -28.08 -11.17
C SER D 148 -38.44 -28.20 -12.19
N ASN D 149 -39.04 -29.42 -12.38
CA ASN D 149 -40.15 -29.68 -13.35
C ASN D 149 -41.33 -28.65 -13.31
N LEU D 150 -41.05 -27.44 -12.77
CA LEU D 150 -41.95 -26.30 -12.59
C LEU D 150 -41.21 -24.97 -12.87
N THR D 151 -41.14 -24.57 -14.15
CA THR D 151 -40.53 -23.33 -14.67
C THR D 151 -41.45 -22.77 -15.80
N LEU D 152 -42.60 -22.14 -15.44
CA LEU D 152 -43.57 -21.65 -16.43
C LEU D 152 -44.26 -20.33 -16.10
N VAL D 153 -44.64 -19.57 -17.17
CA VAL D 153 -45.37 -18.29 -17.13
C VAL D 153 -46.77 -18.38 -17.83
N SER D 154 -47.85 -18.04 -17.08
CA SER D 154 -49.23 -18.07 -17.56
C SER D 154 -49.91 -16.67 -17.48
N SER D 159 -52.15 -9.94 -21.96
CA SER D 159 -53.04 -10.31 -23.09
C SER D 159 -52.94 -9.38 -24.34
N GLY D 160 -53.11 -8.08 -24.10
CA GLY D 160 -52.96 -6.97 -25.03
C GLY D 160 -51.66 -6.29 -24.65
N CYS D 161 -50.55 -6.99 -24.95
CA CYS D 161 -49.22 -6.54 -24.60
C CYS D 161 -48.44 -6.08 -25.80
N GLY D 162 -47.60 -5.06 -25.58
CA GLY D 162 -46.70 -4.56 -26.61
C GLY D 162 -45.57 -5.54 -26.85
N ARG D 163 -45.00 -5.54 -28.06
CA ARG D 163 -43.91 -6.45 -28.34
C ARG D 163 -42.57 -5.95 -27.74
N CYS D 164 -41.57 -6.86 -27.66
CA CYS D 164 -40.21 -6.56 -27.21
C CYS D 164 -39.55 -5.68 -28.27
N HIS D 165 -38.55 -4.89 -27.85
CA HIS D 165 -37.77 -4.07 -28.76
C HIS D 165 -37.01 -4.97 -29.77
N LYS D 166 -36.69 -4.45 -30.96
CA LYS D 166 -35.96 -5.15 -32.02
C LYS D 166 -34.67 -5.74 -31.51
N SER D 167 -33.87 -4.91 -30.78
CA SER D 167 -32.58 -5.31 -30.22
C SER D 167 -32.63 -6.45 -29.20
N CYS D 168 -33.79 -6.61 -28.52
CA CYS D 168 -34.02 -7.62 -27.50
C CYS D 168 -34.05 -9.06 -27.91
N THR D 169 -34.27 -9.33 -29.21
CA THR D 169 -34.30 -10.69 -29.74
C THR D 169 -35.44 -11.50 -29.13
N GLY D 170 -36.57 -10.81 -28.95
CA GLY D 170 -37.82 -11.35 -28.45
C GLY D 170 -37.88 -11.77 -27.01
N ARG D 171 -36.86 -11.38 -26.18
CA ARG D 171 -36.80 -11.68 -24.75
C ARG D 171 -36.45 -10.41 -23.97
N CYS D 172 -37.43 -9.90 -23.21
CA CYS D 172 -37.30 -8.66 -22.47
C CYS D 172 -38.24 -8.58 -21.26
N TRP D 173 -37.95 -7.65 -20.33
CA TRP D 173 -38.70 -7.40 -19.11
C TRP D 173 -39.68 -6.25 -19.29
N GLY D 174 -39.35 -5.37 -20.25
CA GLY D 174 -40.13 -4.18 -20.58
C GLY D 174 -40.06 -3.78 -22.04
N PRO D 175 -40.68 -2.63 -22.39
CA PRO D 175 -40.77 -2.23 -23.82
C PRO D 175 -39.53 -1.65 -24.51
N THR D 176 -38.65 -0.98 -23.75
CA THR D 176 -37.45 -0.31 -24.27
C THR D 176 -36.34 -1.25 -24.71
N GLU D 177 -35.30 -0.66 -25.31
CA GLU D 177 -34.09 -1.33 -25.76
C GLU D 177 -33.16 -1.61 -24.59
N ASN D 178 -33.44 -1.03 -23.42
CA ASN D 178 -32.61 -1.19 -22.22
C ASN D 178 -33.24 -2.21 -21.28
N HIS D 179 -34.28 -2.91 -21.79
CA HIS D 179 -35.06 -3.89 -21.04
C HIS D 179 -34.78 -5.32 -21.44
N CYS D 180 -33.79 -5.53 -22.29
CA CYS D 180 -33.46 -6.86 -22.80
C CYS D 180 -33.01 -7.82 -21.73
N GLN D 181 -33.45 -9.09 -21.82
CA GLN D 181 -33.07 -10.12 -20.87
C GLN D 181 -31.63 -10.53 -21.16
N THR D 182 -30.72 -10.38 -20.19
CA THR D 182 -29.33 -10.78 -20.38
C THR D 182 -29.19 -12.29 -20.17
N LEU D 183 -29.05 -13.04 -21.26
CA LEU D 183 -28.87 -14.50 -21.16
C LEU D 183 -27.40 -14.81 -20.78
N THR D 184 -27.18 -15.66 -19.76
CA THR D 184 -25.81 -15.95 -19.29
C THR D 184 -25.46 -17.42 -19.25
N ARG D 185 -26.31 -18.29 -19.81
CA ARG D 185 -26.00 -19.71 -19.75
C ARG D 185 -26.11 -20.42 -21.06
N THR D 186 -27.25 -20.30 -21.71
CA THR D 186 -27.58 -20.97 -22.96
C THR D 186 -26.81 -20.41 -24.13
N VAL D 187 -26.41 -19.14 -24.02
CA VAL D 187 -25.68 -18.37 -25.04
C VAL D 187 -24.17 -18.55 -25.02
N CYS D 188 -23.67 -19.34 -24.09
CA CYS D 188 -22.25 -19.51 -23.92
C CYS D 188 -21.62 -20.42 -24.92
N ALA D 189 -20.30 -20.26 -25.09
CA ALA D 189 -19.45 -21.07 -25.95
C ALA D 189 -19.57 -22.51 -25.50
N GLU D 190 -19.47 -23.47 -26.44
CA GLU D 190 -19.61 -24.88 -26.05
C GLU D 190 -18.65 -25.37 -24.94
N GLN D 191 -17.59 -24.57 -24.69
CA GLN D 191 -16.56 -24.84 -23.71
C GLN D 191 -16.76 -24.26 -22.32
N CYS D 192 -17.73 -23.33 -22.13
CA CYS D 192 -18.08 -22.79 -20.80
C CYS D 192 -18.86 -23.84 -20.11
N ASP D 193 -18.58 -24.06 -18.82
CA ASP D 193 -19.34 -25.04 -18.04
C ASP D 193 -20.33 -24.33 -17.12
N GLY D 194 -20.00 -23.05 -16.84
CA GLY D 194 -20.83 -22.18 -16.01
C GLY D 194 -21.53 -21.13 -16.82
N ARG D 195 -21.42 -19.89 -16.38
CA ARG D 195 -22.02 -18.75 -17.05
C ARG D 195 -20.97 -18.03 -17.92
N CYS D 196 -21.33 -16.89 -18.53
CA CYS D 196 -20.48 -16.12 -19.44
C CYS D 196 -20.98 -14.69 -19.59
N TYR D 197 -20.09 -13.79 -20.07
CA TYR D 197 -20.37 -12.37 -20.33
C TYR D 197 -20.36 -12.05 -21.83
N GLY D 198 -20.26 -13.08 -22.66
CA GLY D 198 -20.25 -13.02 -24.12
C GLY D 198 -20.30 -14.40 -24.75
N PRO D 199 -20.18 -14.56 -26.08
CA PRO D 199 -20.29 -15.90 -26.67
C PRO D 199 -19.01 -16.66 -27.00
N TYR D 200 -17.81 -16.07 -26.85
CA TYR D 200 -16.54 -16.73 -27.19
C TYR D 200 -15.91 -17.43 -26.01
N VAL D 201 -14.92 -18.33 -26.21
CA VAL D 201 -14.30 -19.09 -25.11
C VAL D 201 -13.56 -18.17 -24.13
N SER D 202 -13.16 -16.96 -24.60
CA SER D 202 -12.50 -15.90 -23.84
C SER D 202 -13.47 -15.39 -22.77
N ASP D 203 -14.77 -15.38 -23.13
CA ASP D 203 -15.88 -14.87 -22.34
C ASP D 203 -16.53 -15.76 -21.27
N CYS D 204 -16.00 -16.96 -20.97
CA CYS D 204 -16.57 -17.80 -19.93
C CYS D 204 -16.21 -17.30 -18.56
N CYS D 205 -17.14 -17.47 -17.63
CA CYS D 205 -16.96 -17.19 -16.23
C CYS D 205 -16.26 -18.38 -15.60
N HIS D 206 -15.63 -18.15 -14.44
CA HIS D 206 -15.04 -19.19 -13.65
C HIS D 206 -16.19 -20.07 -13.22
N ARG D 207 -15.95 -21.36 -13.10
CA ARG D 207 -16.95 -22.34 -12.67
C ARG D 207 -17.68 -21.95 -11.37
N GLU D 208 -16.98 -21.22 -10.47
CA GLU D 208 -17.47 -20.80 -9.15
C GLU D 208 -18.34 -19.54 -9.11
N CYS D 209 -18.52 -18.88 -10.26
CA CYS D 209 -19.34 -17.67 -10.36
C CYS D 209 -20.79 -17.98 -10.41
N ALA D 210 -21.56 -17.29 -9.61
CA ALA D 210 -23.02 -17.41 -9.63
C ALA D 210 -23.48 -16.06 -10.14
N GLY D 211 -24.50 -16.05 -10.99
CA GLY D 211 -25.02 -14.83 -11.58
C GLY D 211 -24.35 -14.48 -12.89
N GLY D 212 -23.04 -14.37 -12.85
CA GLY D 212 -22.18 -14.05 -13.98
C GLY D 212 -20.86 -13.50 -13.49
N CYS D 213 -20.15 -12.84 -14.42
CA CYS D 213 -18.87 -12.23 -14.15
C CYS D 213 -18.55 -11.09 -15.06
N SER D 214 -17.41 -10.46 -14.79
CA SER D 214 -16.88 -9.31 -15.54
C SER D 214 -15.54 -9.67 -16.12
N GLY D 215 -15.12 -10.92 -15.94
CA GLY D 215 -13.84 -11.42 -16.39
C GLY D 215 -13.67 -12.88 -16.09
N PRO D 216 -12.55 -13.49 -16.51
CA PRO D 216 -12.39 -14.96 -16.33
C PRO D 216 -12.06 -15.52 -14.96
N LYS D 217 -11.46 -14.70 -14.08
CA LYS D 217 -10.95 -15.10 -12.78
C LYS D 217 -12.06 -15.34 -11.76
N ASP D 218 -11.75 -16.12 -10.68
CA ASP D 218 -12.70 -16.45 -9.58
C ASP D 218 -12.96 -15.22 -8.68
N THR D 219 -12.28 -14.12 -8.99
CA THR D 219 -12.43 -12.86 -8.26
C THR D 219 -13.31 -11.91 -9.06
N ASP D 220 -13.70 -12.32 -10.28
CA ASP D 220 -14.52 -11.55 -11.22
C ASP D 220 -16.02 -11.89 -11.17
N CYS D 221 -16.49 -12.68 -10.17
CA CYS D 221 -17.88 -13.12 -10.03
C CYS D 221 -18.80 -12.02 -9.60
N PHE D 222 -20.11 -12.14 -9.97
CA PHE D 222 -21.15 -11.24 -9.47
C PHE D 222 -21.57 -11.73 -8.08
N ALA D 223 -21.56 -13.07 -7.89
CA ALA D 223 -21.87 -13.74 -6.65
C ALA D 223 -21.11 -15.06 -6.59
N CYS D 224 -20.96 -15.62 -5.38
CA CYS D 224 -20.27 -16.90 -5.25
C CYS D 224 -21.24 -18.06 -5.26
N MET D 225 -20.84 -19.16 -5.89
CA MET D 225 -21.65 -20.37 -5.93
C MET D 225 -21.64 -21.03 -4.57
N ASN D 226 -20.49 -20.97 -3.87
CA ASN D 226 -20.26 -21.64 -2.60
C ASN D 226 -19.76 -20.77 -1.52
N PHE D 227 -18.43 -20.55 -1.44
CA PHE D 227 -17.80 -19.76 -0.38
C PHE D 227 -16.97 -18.61 -0.92
N ASN D 228 -16.86 -17.55 -0.14
CA ASN D 228 -16.05 -16.42 -0.49
C ASN D 228 -14.81 -16.43 0.42
N ASP D 229 -13.62 -16.52 -0.19
CA ASP D 229 -12.35 -16.54 0.52
C ASP D 229 -11.53 -15.36 0.05
N SER D 230 -11.65 -14.24 0.78
CA SER D 230 -10.94 -12.99 0.48
C SER D 230 -11.13 -12.54 -0.97
N GLY D 231 -12.40 -12.53 -1.38
CA GLY D 231 -12.80 -12.06 -2.70
C GLY D 231 -12.92 -13.14 -3.73
N ALA D 232 -12.24 -14.27 -3.52
CA ALA D 232 -12.21 -15.42 -4.43
C ALA D 232 -13.30 -16.36 -4.13
N CYS D 233 -14.04 -16.78 -5.16
CA CYS D 233 -15.10 -17.78 -5.01
C CYS D 233 -14.49 -19.15 -5.12
N VAL D 234 -14.54 -19.85 -3.98
CA VAL D 234 -13.93 -21.16 -3.76
C VAL D 234 -14.99 -22.22 -3.50
N THR D 235 -14.66 -23.49 -3.82
CA THR D 235 -15.63 -24.57 -3.60
C THR D 235 -15.61 -24.96 -2.14
N GLN D 236 -14.46 -24.76 -1.51
CA GLN D 236 -14.12 -25.14 -0.15
C GLN D 236 -13.00 -24.30 0.37
N CYS D 237 -12.95 -24.13 1.69
CA CYS D 237 -11.89 -23.32 2.29
C CYS D 237 -10.59 -24.12 2.38
N PRO D 238 -9.43 -23.44 2.45
CA PRO D 238 -8.17 -24.19 2.66
C PRO D 238 -8.22 -24.99 3.98
N GLN D 239 -8.04 -26.32 3.92
CA GLN D 239 -8.16 -27.17 5.12
C GLN D 239 -6.91 -27.10 5.96
N THR D 240 -6.99 -27.50 7.23
CA THR D 240 -5.88 -27.49 8.20
C THR D 240 -4.80 -28.48 7.82
N PHE D 241 -5.18 -29.57 7.16
CA PHE D 241 -4.26 -30.58 6.68
C PHE D 241 -4.22 -30.67 5.19
N VAL D 242 -3.06 -31.05 4.66
CA VAL D 242 -2.81 -31.17 3.23
C VAL D 242 -2.03 -32.47 2.93
N TYR D 243 -2.46 -33.28 1.98
CA TYR D 243 -1.74 -34.51 1.71
C TYR D 243 -0.47 -34.30 0.89
N ASN D 244 0.65 -34.95 1.29
CA ASN D 244 1.92 -34.91 0.59
C ASN D 244 2.08 -36.16 -0.32
N PRO D 245 1.94 -35.98 -1.66
CA PRO D 245 2.03 -37.11 -2.61
C PRO D 245 3.28 -37.97 -2.60
N THR D 246 4.41 -37.42 -2.17
CA THR D 246 5.68 -38.18 -2.16
C THR D 246 5.96 -38.86 -0.81
N THR D 247 5.41 -38.31 0.30
CA THR D 247 5.61 -38.88 1.62
C THR D 247 4.43 -39.74 2.10
N PHE D 248 3.27 -39.65 1.40
CA PHE D 248 2.06 -40.39 1.75
C PHE D 248 1.63 -40.09 3.16
N GLN D 249 1.67 -38.78 3.54
CA GLN D 249 1.28 -38.32 4.87
C GLN D 249 0.60 -36.97 4.81
N LEU D 250 -0.28 -36.70 5.78
CA LEU D 250 -0.93 -35.40 5.91
C LEU D 250 0.10 -34.48 6.57
N GLU D 251 0.11 -33.21 6.13
CA GLU D 251 0.98 -32.15 6.57
C GLU D 251 0.16 -30.98 6.99
N HIS D 252 0.70 -30.17 7.87
CA HIS D 252 0.00 -29.00 8.36
C HIS D 252 0.01 -27.88 7.33
N ASN D 253 -1.20 -27.36 7.03
CA ASN D 253 -1.39 -26.24 6.12
C ASN D 253 -1.49 -25.02 7.01
N PHE D 254 -0.60 -24.09 6.80
CA PHE D 254 -0.60 -22.92 7.65
C PHE D 254 -1.34 -21.74 7.06
N ASN D 255 -1.82 -21.94 5.83
CA ASN D 255 -2.64 -20.99 5.07
C ASN D 255 -4.10 -21.45 5.19
N ALA D 256 -4.37 -22.34 6.15
CA ALA D 256 -5.69 -22.85 6.40
C ALA D 256 -6.52 -21.72 6.94
N LYS D 257 -7.82 -21.75 6.60
CA LYS D 257 -8.83 -20.79 6.99
C LYS D 257 -10.00 -21.60 7.49
N TYR D 258 -10.92 -20.93 8.24
CA TYR D 258 -12.12 -21.57 8.79
C TYR D 258 -13.31 -21.25 8.00
N THR D 259 -14.21 -22.25 7.84
CA THR D 259 -15.48 -22.03 7.15
C THR D 259 -16.48 -21.48 8.15
N TYR D 260 -17.01 -20.29 7.83
CA TYR D 260 -18.05 -19.68 8.64
C TYR D 260 -19.12 -19.18 7.70
N GLY D 261 -20.23 -19.89 7.67
CA GLY D 261 -21.32 -19.54 6.78
C GLY D 261 -20.89 -19.73 5.36
N ALA D 262 -20.95 -18.67 4.56
CA ALA D 262 -20.50 -18.74 3.17
C ALA D 262 -19.14 -18.11 3.03
N PHE D 263 -18.29 -18.22 4.08
CA PHE D 263 -17.01 -17.53 4.10
C PHE D 263 -15.86 -18.35 4.64
N CYS D 264 -14.65 -18.01 4.18
CA CYS D 264 -13.39 -18.53 4.67
C CYS D 264 -12.83 -17.41 5.49
N VAL D 265 -12.76 -17.71 6.80
CA VAL D 265 -12.36 -16.72 7.78
C VAL D 265 -11.04 -17.01 8.49
N LYS D 266 -10.34 -15.96 8.89
CA LYS D 266 -9.07 -16.06 9.59
C LYS D 266 -9.26 -16.57 11.02
N LYS D 267 -10.48 -16.46 11.57
CA LYS D 267 -10.79 -16.81 12.96
C LYS D 267 -12.30 -17.13 13.13
N CYS D 268 -12.64 -18.07 14.02
CA CYS D 268 -14.07 -18.28 14.25
C CYS D 268 -14.59 -17.20 15.21
N PRO D 269 -15.88 -16.78 15.10
CA PRO D 269 -16.44 -15.94 16.15
C PRO D 269 -16.21 -16.63 17.51
N HIS D 270 -15.93 -15.83 18.58
CA HIS D 270 -15.67 -16.39 19.91
C HIS D 270 -16.67 -17.42 20.44
N ASN D 271 -17.99 -17.19 20.26
CA ASN D 271 -19.07 -18.06 20.73
C ASN D 271 -19.34 -19.31 19.83
N PHE D 272 -18.51 -19.49 18.79
CA PHE D 272 -18.63 -20.61 17.86
C PHE D 272 -17.68 -21.69 18.19
N VAL D 273 -18.10 -22.90 17.90
CA VAL D 273 -17.25 -24.05 18.19
C VAL D 273 -16.47 -24.49 16.92
N VAL D 274 -15.16 -24.72 17.04
CA VAL D 274 -14.29 -25.08 15.91
C VAL D 274 -14.25 -26.59 15.81
N ASP D 275 -14.81 -27.17 14.74
CA ASP D 275 -14.82 -28.61 14.46
C ASP D 275 -14.17 -28.74 13.11
N SER D 276 -13.06 -29.51 13.06
CA SER D 276 -12.18 -29.69 11.89
C SER D 276 -11.69 -28.29 11.40
N SER D 277 -12.04 -27.85 10.18
CA SER D 277 -11.60 -26.51 9.77
C SER D 277 -12.76 -25.50 9.76
N SER D 278 -13.88 -25.84 10.43
CA SER D 278 -15.11 -25.09 10.39
C SER D 278 -15.62 -24.46 11.69
N CYS D 279 -16.46 -23.41 11.57
CA CYS D 279 -17.14 -22.74 12.66
C CYS D 279 -18.56 -23.29 12.71
N VAL D 280 -18.78 -24.24 13.62
CA VAL D 280 -20.07 -24.91 13.80
C VAL D 280 -20.86 -24.38 14.98
N ARG D 281 -22.18 -24.66 14.99
CA ARG D 281 -23.07 -24.23 16.06
C ARG D 281 -23.08 -25.27 17.14
N ALA D 282 -22.87 -26.54 16.77
CA ALA D 282 -22.95 -27.64 17.71
C ALA D 282 -21.94 -28.70 17.46
N CYS D 283 -21.60 -29.45 18.50
CA CYS D 283 -20.71 -30.59 18.35
C CYS D 283 -21.51 -31.78 17.96
N PRO D 284 -20.91 -32.71 17.19
CA PRO D 284 -21.62 -33.97 16.87
C PRO D 284 -21.89 -34.75 18.16
N SER D 285 -22.99 -35.50 18.21
CA SER D 285 -23.44 -36.30 19.37
C SER D 285 -22.30 -37.12 20.04
N SER D 286 -21.37 -37.62 19.20
CA SER D 286 -20.18 -38.41 19.53
C SER D 286 -19.02 -37.59 20.17
N LYS D 287 -18.95 -36.26 19.92
CA LYS D 287 -17.91 -35.38 20.44
C LYS D 287 -18.48 -34.43 21.53
N MET D 288 -17.59 -33.76 22.27
CA MET D 288 -17.96 -32.82 23.34
C MET D 288 -17.18 -31.49 23.26
N GLU D 289 -17.88 -30.39 23.58
CA GLU D 289 -17.33 -29.06 23.55
C GLU D 289 -16.30 -28.86 24.67
N VAL D 290 -15.09 -28.37 24.33
CA VAL D 290 -14.00 -28.13 25.29
C VAL D 290 -13.30 -26.79 24.98
N GLU D 291 -12.80 -26.07 26.01
CA GLU D 291 -12.12 -24.80 25.75
C GLU D 291 -10.61 -24.96 25.83
N GLU D 292 -9.88 -24.49 24.82
CA GLU D 292 -8.43 -24.56 24.77
C GLU D 292 -7.95 -23.20 24.38
N ASN D 293 -7.38 -22.46 25.34
CA ASN D 293 -6.88 -21.09 25.17
C ASN D 293 -8.00 -20.14 24.67
N GLY D 294 -9.20 -20.27 25.28
CA GLY D 294 -10.39 -19.49 24.98
C GLY D 294 -11.18 -19.95 23.76
N ILE D 295 -10.67 -20.96 23.03
CA ILE D 295 -11.26 -21.50 21.81
C ILE D 295 -12.08 -22.76 22.07
N LYS D 296 -13.39 -22.70 21.76
CA LYS D 296 -14.30 -23.82 21.94
C LYS D 296 -14.06 -24.82 20.81
N MET D 297 -13.92 -26.12 21.14
CA MET D 297 -13.58 -27.15 20.16
C MET D 297 -14.32 -28.42 20.40
N CYS D 298 -14.50 -29.23 19.34
CA CYS D 298 -15.11 -30.53 19.49
C CYS D 298 -14.01 -31.54 19.66
N LYS D 299 -14.01 -32.24 20.80
CA LYS D 299 -13.04 -33.27 21.14
C LYS D 299 -13.81 -34.54 21.52
N PRO D 300 -13.27 -35.77 21.32
CA PRO D 300 -14.04 -36.99 21.71
C PRO D 300 -14.36 -37.03 23.19
N CYS D 301 -15.50 -37.68 23.54
CA CYS D 301 -15.97 -37.78 24.93
C CYS D 301 -15.07 -38.65 25.78
N THR D 302 -14.80 -38.21 27.05
CA THR D 302 -13.94 -38.92 28.02
C THR D 302 -14.43 -40.36 28.14
N ASP D 303 -15.72 -40.52 28.46
CA ASP D 303 -16.41 -41.79 28.56
C ASP D 303 -17.84 -41.56 28.11
N ILE D 304 -18.57 -40.71 28.87
CA ILE D 304 -19.96 -40.38 28.58
C ILE D 304 -20.09 -38.89 28.22
N CYS D 305 -20.71 -38.63 27.06
CA CYS D 305 -20.96 -37.30 26.50
C CYS D 305 -21.99 -36.57 27.32
N PRO D 306 -21.81 -35.24 27.53
CA PRO D 306 -22.80 -34.48 28.31
C PRO D 306 -24.21 -34.50 27.69
N LYS D 307 -25.24 -34.24 28.53
CA LYS D 307 -26.63 -34.23 28.06
C LYS D 307 -26.98 -32.93 27.30
N ALA D 308 -26.73 -32.93 25.97
CA ALA D 308 -27.04 -31.81 25.08
C ALA D 308 -28.33 -32.14 24.37
N CYS D 309 -29.27 -31.21 24.35
CA CYS D 309 -30.58 -31.44 23.78
C CYS D 309 -30.92 -30.55 22.66
N ASP D 310 -31.72 -31.07 21.75
CA ASP D 310 -32.18 -30.32 20.60
C ASP D 310 -33.10 -29.23 21.08
N GLY D 311 -32.86 -28.04 20.59
CA GLY D 311 -33.64 -26.87 20.92
C GLY D 311 -34.78 -26.73 19.95
N ILE D 312 -35.58 -25.72 20.14
CA ILE D 312 -36.74 -25.44 19.28
C ILE D 312 -36.25 -24.97 17.91
N GLY D 313 -36.52 -25.83 16.92
CA GLY D 313 -36.14 -25.62 15.52
C GLY D 313 -34.85 -26.33 15.11
N THR D 314 -34.39 -27.32 15.93
CA THR D 314 -33.17 -28.10 15.72
C THR D 314 -33.44 -29.62 15.84
N GLY D 315 -32.84 -30.40 14.90
CA GLY D 315 -32.89 -31.85 14.86
C GLY D 315 -34.26 -32.45 15.09
N SER D 316 -34.43 -33.16 16.22
CA SER D 316 -35.71 -33.78 16.60
C SER D 316 -36.87 -32.79 16.73
N LEU D 317 -36.54 -31.50 16.94
CA LEU D 317 -37.53 -30.44 17.11
C LEU D 317 -37.46 -29.38 16.02
N MET D 318 -36.93 -29.74 14.84
CA MET D 318 -36.81 -28.89 13.65
C MET D 318 -38.12 -28.20 13.32
N SER D 319 -39.22 -28.97 13.32
CA SER D 319 -40.57 -28.54 13.04
C SER D 319 -41.10 -27.48 14.02
N ALA D 320 -40.81 -27.67 15.34
CA ALA D 320 -41.26 -26.81 16.45
C ALA D 320 -41.00 -25.28 16.31
N GLN D 321 -41.96 -24.53 16.85
CA GLN D 321 -41.94 -23.08 16.87
C GLN D 321 -41.86 -22.59 18.33
N THR D 322 -42.31 -23.45 19.27
CA THR D 322 -42.36 -23.18 20.71
C THR D 322 -42.27 -24.45 21.58
N VAL D 323 -41.92 -24.26 22.86
CA VAL D 323 -41.97 -25.35 23.84
C VAL D 323 -43.46 -25.50 24.09
N ASP D 324 -43.96 -26.72 24.19
CA ASP D 324 -45.39 -26.97 24.46
C ASP D 324 -45.53 -28.27 25.20
N SER D 325 -46.79 -28.64 25.56
CA SER D 325 -47.09 -29.89 26.28
C SER D 325 -46.63 -31.15 25.52
N SER D 326 -46.57 -31.08 24.17
CA SER D 326 -46.15 -32.15 23.30
C SER D 326 -44.61 -32.39 23.28
N ASN D 327 -43.82 -31.41 23.78
CA ASN D 327 -42.35 -31.53 23.74
C ASN D 327 -41.62 -31.15 25.02
N ILE D 328 -42.33 -30.59 26.02
CA ILE D 328 -41.76 -30.22 27.33
C ILE D 328 -40.98 -31.37 27.98
N ASP D 329 -41.45 -32.61 27.79
CA ASP D 329 -40.78 -33.79 28.33
C ASP D 329 -39.50 -34.23 27.61
N LYS D 330 -39.22 -33.65 26.42
CA LYS D 330 -37.99 -33.95 25.69
C LYS D 330 -36.79 -33.22 26.35
N PHE D 331 -37.06 -32.45 27.41
CA PHE D 331 -36.06 -31.63 28.12
C PHE D 331 -35.65 -32.17 29.50
N ILE D 332 -36.11 -33.39 29.89
CA ILE D 332 -35.73 -33.97 31.19
C ILE D 332 -34.21 -34.21 31.23
N ASN D 333 -33.56 -33.69 32.29
CA ASN D 333 -32.13 -33.80 32.60
C ASN D 333 -31.17 -33.12 31.63
N CYS D 334 -31.64 -32.15 30.80
CA CYS D 334 -30.78 -31.41 29.88
C CYS D 334 -29.94 -30.41 30.61
N THR D 335 -28.64 -30.42 30.33
CA THR D 335 -27.69 -29.48 30.92
C THR D 335 -27.31 -28.41 29.88
N LYS D 336 -27.43 -28.76 28.59
CA LYS D 336 -27.13 -27.90 27.46
C LYS D 336 -28.28 -27.98 26.45
N ILE D 337 -28.62 -26.85 25.82
CA ILE D 337 -29.66 -26.85 24.80
C ILE D 337 -28.96 -26.49 23.48
N ASN D 338 -28.92 -27.45 22.52
CA ASN D 338 -28.32 -27.19 21.23
C ASN D 338 -29.32 -26.50 20.36
N GLY D 339 -29.31 -25.18 20.47
CA GLY D 339 -30.25 -24.34 19.75
C GLY D 339 -30.96 -23.36 20.65
N ASN D 340 -32.26 -23.14 20.40
CA ASN D 340 -33.07 -22.17 21.10
C ASN D 340 -34.13 -22.72 22.06
N LEU D 341 -34.65 -21.83 22.93
CA LEU D 341 -35.79 -22.07 23.81
C LEU D 341 -36.74 -20.94 23.57
N ILE D 342 -37.90 -21.27 23.03
CA ILE D 342 -38.91 -20.30 22.68
C ILE D 342 -40.20 -20.70 23.38
N PHE D 343 -40.87 -19.71 24.00
CA PHE D 343 -42.15 -19.86 24.68
C PHE D 343 -43.08 -18.85 24.05
N LEU D 344 -43.95 -19.34 23.17
CA LEU D 344 -44.92 -18.51 22.47
C LEU D 344 -46.25 -18.60 23.18
N VAL D 345 -47.19 -17.68 22.86
CA VAL D 345 -48.52 -17.67 23.47
C VAL D 345 -49.18 -19.06 23.33
N THR D 346 -49.17 -19.64 22.13
CA THR D 346 -49.73 -20.98 21.89
C THR D 346 -49.01 -22.12 22.59
N GLY D 347 -47.78 -21.89 23.02
CA GLY D 347 -47.03 -22.92 23.72
C GLY D 347 -47.53 -23.04 25.13
N ILE D 348 -47.58 -21.89 25.84
CA ILE D 348 -48.02 -21.74 27.23
C ILE D 348 -49.54 -21.95 27.40
N HIS D 349 -50.33 -21.31 26.53
CA HIS D 349 -51.79 -21.33 26.58
C HIS D 349 -52.47 -22.32 25.60
N GLY D 350 -51.66 -23.19 24.99
CA GLY D 350 -52.16 -24.22 24.10
C GLY D 350 -52.61 -23.76 22.73
N ASP D 351 -52.49 -24.68 21.76
CA ASP D 351 -52.89 -24.52 20.36
C ASP D 351 -54.05 -25.47 20.06
N PRO D 352 -55.30 -25.00 20.30
CA PRO D 352 -56.48 -25.85 20.07
C PRO D 352 -56.57 -26.46 18.68
N TYR D 353 -56.29 -25.69 17.61
CA TYR D 353 -56.37 -26.18 16.23
C TYR D 353 -55.58 -27.47 16.00
N ASN D 354 -54.38 -27.56 16.57
CA ASN D 354 -53.53 -28.75 16.42
C ASN D 354 -53.64 -29.68 17.63
N ALA D 355 -54.74 -29.51 18.40
CA ALA D 355 -55.08 -30.29 19.59
C ALA D 355 -53.92 -30.43 20.60
N ILE D 356 -53.34 -29.28 20.98
CA ILE D 356 -52.29 -29.22 21.97
C ILE D 356 -52.84 -28.47 23.16
N GLU D 357 -52.83 -29.15 24.32
CA GLU D 357 -53.32 -28.59 25.58
C GLU D 357 -52.29 -27.61 26.11
N ALA D 358 -52.75 -26.59 26.86
CA ALA D 358 -51.86 -25.62 27.49
C ALA D 358 -50.87 -26.35 28.40
N ILE D 359 -49.64 -25.87 28.43
CA ILE D 359 -48.59 -26.47 29.22
C ILE D 359 -48.92 -26.48 30.73
N ASP D 360 -48.48 -27.55 31.43
CA ASP D 360 -48.64 -27.68 32.88
C ASP D 360 -47.53 -26.82 33.50
N PRO D 361 -47.88 -25.72 34.20
CA PRO D 361 -46.84 -24.85 34.75
C PRO D 361 -45.77 -25.53 35.58
N GLU D 362 -46.14 -26.62 36.28
CA GLU D 362 -45.20 -27.40 37.09
C GLU D 362 -44.11 -28.00 36.23
N LYS D 363 -44.47 -28.48 35.01
CA LYS D 363 -43.55 -29.10 34.05
C LYS D 363 -42.41 -28.20 33.62
N LEU D 364 -42.55 -26.87 33.77
CA LEU D 364 -41.49 -25.93 33.43
C LEU D 364 -40.25 -26.07 34.32
N ASN D 365 -40.36 -26.86 35.41
CA ASN D 365 -39.24 -27.12 36.32
C ASN D 365 -38.16 -28.04 35.70
N VAL D 366 -38.44 -28.64 34.51
CA VAL D 366 -37.47 -29.48 33.77
C VAL D 366 -36.20 -28.69 33.43
N PHE D 367 -36.34 -27.35 33.27
CA PHE D 367 -35.29 -26.42 32.90
C PHE D 367 -34.32 -26.09 34.02
N ARG D 368 -34.59 -26.54 35.25
CA ARG D 368 -33.69 -26.26 36.35
C ARG D 368 -32.32 -26.90 36.20
N THR D 369 -32.19 -27.88 35.29
CA THR D 369 -30.93 -28.57 35.02
C THR D 369 -30.11 -27.85 33.97
N VAL D 370 -30.78 -27.00 33.13
CA VAL D 370 -30.15 -26.26 32.04
C VAL D 370 -29.14 -25.23 32.51
N ARG D 371 -27.87 -25.42 32.08
CA ARG D 371 -26.73 -24.54 32.39
C ARG D 371 -26.32 -23.66 31.19
N GLU D 372 -26.64 -24.12 29.96
CA GLU D 372 -26.30 -23.42 28.73
C GLU D 372 -27.38 -23.54 27.67
N ILE D 373 -27.61 -22.44 26.93
CA ILE D 373 -28.54 -22.33 25.79
C ILE D 373 -27.66 -21.77 24.72
N THR D 374 -27.35 -22.59 23.69
CA THR D 374 -26.42 -22.20 22.62
C THR D 374 -26.90 -21.11 21.70
N GLY D 375 -28.20 -21.13 21.40
CA GLY D 375 -28.83 -20.15 20.53
C GLY D 375 -29.38 -19.01 21.34
N PHE D 376 -30.72 -18.80 21.26
CA PHE D 376 -31.39 -17.73 21.99
C PHE D 376 -32.53 -18.20 22.91
N LEU D 377 -32.92 -17.29 23.85
CA LEU D 377 -34.02 -17.46 24.81
C LEU D 377 -35.08 -16.44 24.47
N ASN D 378 -36.24 -16.94 24.04
CA ASN D 378 -37.35 -16.09 23.59
C ASN D 378 -38.59 -16.34 24.43
N ILE D 379 -38.87 -15.43 25.37
CA ILE D 379 -40.03 -15.54 26.26
C ILE D 379 -41.10 -14.54 25.85
N GLN D 380 -42.11 -15.03 25.09
CA GLN D 380 -43.24 -14.23 24.62
C GLN D 380 -44.51 -14.57 25.44
N SER D 381 -44.44 -15.65 26.23
CA SER D 381 -45.55 -16.10 27.06
C SER D 381 -45.01 -16.87 28.23
N TRP D 382 -45.73 -16.79 29.35
CA TRP D 382 -45.36 -17.43 30.61
C TRP D 382 -46.61 -17.62 31.47
N PRO D 383 -46.72 -18.77 32.20
CA PRO D 383 -47.88 -18.97 33.05
C PRO D 383 -48.12 -17.77 33.97
N PRO D 384 -49.41 -17.34 34.07
CA PRO D 384 -49.74 -16.14 34.85
C PRO D 384 -49.42 -16.18 36.35
N ASN D 385 -49.50 -17.36 36.96
CA ASN D 385 -49.22 -17.58 38.38
C ASN D 385 -47.70 -17.55 38.72
N MET D 386 -46.85 -17.52 37.68
CA MET D 386 -45.39 -17.50 37.80
C MET D 386 -44.84 -16.09 37.64
N THR D 387 -44.23 -15.56 38.74
CA THR D 387 -43.70 -14.20 38.86
C THR D 387 -42.26 -13.96 38.39
N ASP D 388 -41.50 -15.06 38.09
CA ASP D 388 -40.09 -14.98 37.68
C ASP D 388 -39.65 -16.20 36.93
N PHE D 389 -38.41 -16.17 36.42
CA PHE D 389 -37.80 -17.26 35.65
C PHE D 389 -36.82 -18.05 36.49
N SER D 390 -37.19 -18.38 37.73
CA SER D 390 -36.31 -19.16 38.61
C SER D 390 -36.13 -20.61 38.12
N VAL D 391 -37.01 -21.09 37.19
CA VAL D 391 -36.82 -22.40 36.56
C VAL D 391 -35.46 -22.38 35.80
N PHE D 392 -34.97 -21.17 35.45
CA PHE D 392 -33.69 -20.97 34.77
C PHE D 392 -32.63 -20.49 35.74
N SER D 393 -32.79 -20.84 37.05
CA SER D 393 -31.85 -20.44 38.09
C SER D 393 -30.42 -20.99 37.96
N ASN D 394 -30.21 -22.04 37.09
CA ASN D 394 -28.91 -22.70 36.83
C ASN D 394 -28.25 -22.30 35.52
N LEU D 395 -29.00 -21.60 34.63
CA LEU D 395 -28.57 -21.07 33.33
C LEU D 395 -27.41 -20.08 33.53
N VAL D 396 -26.24 -20.42 32.99
CA VAL D 396 -25.03 -19.58 33.11
C VAL D 396 -24.75 -18.81 31.82
N THR D 397 -24.96 -19.48 30.67
CA THR D 397 -24.65 -18.93 29.36
C THR D 397 -25.76 -18.98 28.35
N ILE D 398 -25.85 -17.92 27.54
CA ILE D 398 -26.67 -17.81 26.35
C ILE D 398 -25.63 -17.51 25.27
N GLY D 399 -25.47 -18.47 24.38
CA GLY D 399 -24.52 -18.43 23.28
C GLY D 399 -24.77 -17.33 22.26
N GLY D 400 -25.95 -17.33 21.65
CA GLY D 400 -26.27 -16.40 20.57
C GLY D 400 -25.63 -16.94 19.30
N ARG D 401 -25.48 -18.27 19.22
CA ARG D 401 -24.95 -18.94 18.02
C ARG D 401 -25.99 -18.75 16.88
N VAL D 402 -27.27 -18.56 17.29
CA VAL D 402 -28.42 -18.21 16.47
C VAL D 402 -29.09 -16.96 17.10
N LEU D 403 -29.61 -16.03 16.29
CA LEU D 403 -30.26 -14.83 16.82
C LEU D 403 -31.65 -14.58 16.22
N TYR D 404 -32.59 -14.12 17.03
CA TYR D 404 -33.91 -13.83 16.49
C TYR D 404 -33.88 -12.36 16.24
N SER D 405 -33.64 -12.01 14.98
CA SER D 405 -33.56 -10.61 14.54
C SER D 405 -32.51 -9.83 15.35
N GLY D 406 -31.39 -10.50 15.65
CA GLY D 406 -30.25 -9.94 16.36
C GLY D 406 -30.30 -9.97 17.86
N LEU D 407 -31.32 -10.65 18.40
CA LEU D 407 -31.56 -10.76 19.82
C LEU D 407 -31.20 -12.14 20.38
N SER D 408 -30.51 -12.15 21.50
CA SER D 408 -30.20 -13.43 22.08
C SER D 408 -31.09 -13.67 23.30
N LEU D 409 -31.69 -12.57 23.87
CA LEU D 409 -32.63 -12.58 24.98
C LEU D 409 -33.82 -11.69 24.72
N LEU D 410 -35.01 -12.28 24.87
CA LEU D 410 -36.30 -11.61 24.73
C LEU D 410 -37.17 -11.97 25.91
N ILE D 411 -37.69 -10.95 26.57
CA ILE D 411 -38.68 -11.12 27.60
C ILE D 411 -39.67 -10.02 27.28
N LEU D 412 -40.86 -10.38 26.77
CA LEU D 412 -41.82 -9.35 26.39
C LEU D 412 -43.28 -9.64 26.70
N LYS D 413 -44.05 -8.56 26.93
CA LYS D 413 -45.50 -8.54 27.16
C LYS D 413 -45.97 -9.33 28.39
N GLN D 414 -45.02 -9.79 29.22
CA GLN D 414 -45.34 -10.58 30.40
C GLN D 414 -45.82 -9.79 31.63
N GLN D 415 -47.12 -9.85 31.90
CA GLN D 415 -47.72 -9.10 33.02
C GLN D 415 -47.47 -9.71 34.38
N GLY D 416 -47.45 -11.04 34.45
CA GLY D 416 -47.28 -11.79 35.70
C GLY D 416 -45.92 -11.75 36.35
N ILE D 417 -44.88 -11.39 35.59
CA ILE D 417 -43.52 -11.33 36.12
C ILE D 417 -43.23 -10.04 36.88
N THR D 418 -42.62 -10.17 38.08
CA THR D 418 -42.28 -9.05 38.96
C THR D 418 -40.77 -8.94 39.24
N SER D 419 -40.03 -10.04 39.01
CA SER D 419 -38.58 -10.13 39.10
C SER D 419 -38.12 -11.13 38.02
N LEU D 420 -36.80 -11.18 37.73
CA LEU D 420 -36.27 -12.03 36.68
C LEU D 420 -35.75 -13.35 37.26
N GLN D 421 -34.84 -13.23 38.24
CA GLN D 421 -34.23 -14.32 38.98
C GLN D 421 -33.41 -15.31 38.14
N PHE D 422 -32.52 -14.77 37.28
CA PHE D 422 -31.58 -15.53 36.45
C PHE D 422 -30.25 -15.61 37.24
N GLN D 423 -30.40 -15.99 38.50
CA GLN D 423 -29.36 -16.17 39.48
C GLN D 423 -27.98 -16.54 38.92
N SER D 424 -27.87 -17.65 38.13
CA SER D 424 -26.59 -18.11 37.60
C SER D 424 -26.04 -17.48 36.32
N LEU D 425 -26.92 -16.73 35.57
CA LEU D 425 -26.61 -16.03 34.32
C LEU D 425 -25.44 -15.04 34.47
N LYS D 426 -24.31 -15.43 33.86
CA LYS D 426 -23.05 -14.69 33.87
C LYS D 426 -22.68 -14.23 32.46
N GLU D 427 -23.17 -14.93 31.41
CA GLU D 427 -22.76 -14.65 30.03
C GLU D 427 -23.83 -14.70 28.93
N ILE D 428 -23.86 -13.66 28.07
CA ILE D 428 -24.70 -13.51 26.88
C ILE D 428 -23.69 -13.13 25.79
N SER D 429 -23.07 -14.16 25.21
CA SER D 429 -21.96 -14.13 24.24
C SER D 429 -22.11 -13.29 22.95
N ALA D 430 -23.32 -13.29 22.39
CA ALA D 430 -23.60 -12.58 21.16
C ALA D 430 -25.01 -12.07 21.27
N GLY D 431 -25.42 -11.22 20.35
CA GLY D 431 -26.79 -10.71 20.30
C GLY D 431 -27.17 -9.63 21.29
N ASN D 432 -28.33 -9.02 21.05
CA ASN D 432 -28.84 -7.96 21.90
C ASN D 432 -29.95 -8.46 22.79
N ILE D 433 -30.29 -7.64 23.78
CA ILE D 433 -31.33 -7.93 24.75
C ILE D 433 -32.55 -7.07 24.47
N TYR D 434 -33.73 -7.67 24.60
CA TYR D 434 -34.99 -7.00 24.37
C TYR D 434 -35.95 -7.35 25.50
N ILE D 435 -36.05 -6.47 26.50
CA ILE D 435 -36.93 -6.65 27.65
C ILE D 435 -37.92 -5.52 27.62
N THR D 436 -39.13 -5.79 27.09
CA THR D 436 -40.17 -4.76 26.94
C THR D 436 -41.55 -5.20 27.36
N ASP D 437 -42.42 -4.21 27.68
CA ASP D 437 -43.85 -4.34 27.98
C ASP D 437 -44.24 -5.30 29.11
N ASN D 438 -43.29 -5.59 30.03
CA ASN D 438 -43.50 -6.42 31.22
C ASN D 438 -43.83 -5.46 32.34
N SER D 439 -45.04 -4.92 32.30
CA SER D 439 -45.59 -3.87 33.15
C SER D 439 -45.31 -3.91 34.64
N ASN D 440 -45.05 -5.11 35.19
CA ASN D 440 -44.82 -5.29 36.62
C ASN D 440 -43.42 -5.77 37.00
N LEU D 441 -42.54 -5.96 36.01
CA LEU D 441 -41.14 -6.36 36.20
C LEU D 441 -40.39 -5.23 36.92
N CYS D 442 -39.52 -5.58 37.89
CA CYS D 442 -38.91 -4.58 38.75
C CYS D 442 -37.42 -4.57 39.00
N TYR D 443 -36.66 -5.57 38.55
CA TYR D 443 -35.26 -5.42 38.98
C TYR D 443 -34.28 -5.10 37.88
N TYR D 444 -34.75 -5.28 36.66
CA TYR D 444 -34.08 -5.13 35.37
C TYR D 444 -33.24 -3.85 35.25
N HIS D 445 -33.73 -2.73 35.84
CA HIS D 445 -33.09 -1.42 35.76
C HIS D 445 -31.82 -1.30 36.60
N THR D 446 -31.58 -2.24 37.53
CA THR D 446 -30.43 -2.18 38.43
C THR D 446 -29.23 -2.82 37.78
N ILE D 447 -29.48 -3.77 36.90
CA ILE D 447 -28.50 -4.62 36.25
C ILE D 447 -27.62 -3.88 35.24
N ASN D 448 -26.30 -4.01 35.40
CA ASN D 448 -25.30 -3.52 34.46
C ASN D 448 -25.13 -4.68 33.44
N TRP D 449 -26.05 -4.74 32.45
CA TRP D 449 -26.08 -5.75 31.38
C TRP D 449 -24.75 -5.90 30.66
N THR D 450 -24.02 -4.78 30.55
CA THR D 450 -22.69 -4.69 29.94
C THR D 450 -21.72 -5.76 30.44
N THR D 451 -21.79 -6.07 31.74
CA THR D 451 -20.93 -7.07 32.37
C THR D 451 -21.18 -8.48 31.80
N LEU D 452 -22.38 -8.73 31.24
CA LEU D 452 -22.75 -10.03 30.68
C LEU D 452 -22.34 -10.19 29.24
N PHE D 453 -22.15 -9.06 28.53
CA PHE D 453 -21.77 -9.05 27.12
C PHE D 453 -20.28 -9.36 26.90
N SER D 454 -19.97 -9.89 25.71
CA SER D 454 -18.62 -10.21 25.25
C SER D 454 -18.11 -9.13 24.25
N THR D 455 -18.86 -8.89 23.15
CA THR D 455 -18.61 -7.91 22.08
C THR D 455 -19.08 -6.54 22.54
N ILE D 456 -18.51 -5.45 22.01
CA ILE D 456 -18.97 -4.09 22.40
C ILE D 456 -20.14 -3.64 21.52
N ASN D 457 -20.54 -4.51 20.58
CA ASN D 457 -21.65 -4.30 19.64
C ASN D 457 -23.01 -4.64 20.24
N GLN D 458 -23.01 -5.33 21.37
CA GLN D 458 -24.24 -5.77 21.98
C GLN D 458 -24.90 -4.62 22.69
N ARG D 459 -26.15 -4.39 22.32
CA ARG D 459 -27.05 -3.34 22.83
C ARG D 459 -28.10 -3.98 23.75
N ILE D 460 -28.86 -3.11 24.39
CA ILE D 460 -29.93 -3.46 25.31
C ILE D 460 -31.14 -2.56 24.99
N VAL D 461 -32.31 -3.17 24.75
CA VAL D 461 -33.57 -2.50 24.46
C VAL D 461 -34.54 -2.74 25.64
N ILE D 462 -34.57 -1.80 26.59
CA ILE D 462 -35.46 -1.90 27.74
C ILE D 462 -36.51 -0.81 27.62
N ARG D 463 -37.77 -1.20 27.45
CA ARG D 463 -38.86 -0.28 27.29
C ARG D 463 -40.14 -0.78 27.95
N ASP D 464 -40.92 0.15 28.52
CA ASP D 464 -42.26 -0.10 29.08
C ASP D 464 -42.41 -1.20 30.12
N ASN D 465 -41.40 -1.36 30.99
CA ASN D 465 -41.49 -2.25 32.15
C ASN D 465 -41.85 -1.31 33.33
N ARG D 466 -41.93 -1.80 34.59
CA ARG D 466 -42.30 -0.87 35.67
C ARG D 466 -41.24 0.18 35.90
N LYS D 467 -41.64 1.48 35.87
CA LYS D 467 -40.76 2.62 36.02
C LYS D 467 -39.85 2.46 37.24
N ALA D 468 -38.53 2.64 37.04
CA ALA D 468 -37.50 2.52 38.08
C ALA D 468 -37.85 3.29 39.38
N GLU D 469 -38.53 4.44 39.24
CA GLU D 469 -38.99 5.33 40.31
C GLU D 469 -40.05 4.62 41.15
N ASN D 470 -41.04 3.94 40.50
CA ASN D 470 -42.11 3.18 41.14
C ASN D 470 -41.53 2.00 41.91
N CYS D 471 -40.65 1.23 41.23
CA CYS D 471 -39.94 0.07 41.75
C CYS D 471 -39.20 0.39 43.02
N THR D 472 -38.42 1.49 43.03
CA THR D 472 -37.68 2.00 44.20
C THR D 472 -38.67 2.38 45.28
N ALA D 473 -39.73 3.13 44.91
CA ALA D 473 -40.79 3.59 45.82
C ALA D 473 -41.47 2.40 46.55
N GLU D 474 -41.80 1.32 45.81
CA GLU D 474 -42.43 0.14 46.39
C GLU D 474 -41.43 -0.80 47.12
N GLY D 475 -40.21 -0.32 47.29
CA GLY D 475 -39.15 -1.03 47.97
C GLY D 475 -38.49 -2.18 47.23
N MET D 476 -38.74 -2.30 45.89
CA MET D 476 -38.13 -3.34 45.07
C MET D 476 -36.71 -2.89 44.71
N VAL D 477 -35.83 -2.96 45.71
CA VAL D 477 -34.43 -2.57 45.57
C VAL D 477 -33.53 -3.76 45.81
N CYS D 478 -32.26 -3.64 45.40
CA CYS D 478 -31.27 -4.69 45.60
C CYS D 478 -30.83 -4.70 47.04
N ASN D 479 -30.38 -5.90 47.47
CA ASN D 479 -29.83 -6.20 48.79
C ASN D 479 -28.59 -5.35 49.03
N HIS D 480 -28.38 -4.89 50.28
CA HIS D 480 -27.22 -4.08 50.62
C HIS D 480 -25.89 -4.79 50.29
N LEU D 481 -25.94 -6.12 50.18
CA LEU D 481 -24.80 -6.99 49.87
C LEU D 481 -24.46 -7.18 48.37
N CYS D 482 -25.17 -6.47 47.46
CA CYS D 482 -24.88 -6.54 46.02
C CYS D 482 -23.95 -5.40 45.64
N SER D 483 -23.09 -5.61 44.66
CA SER D 483 -22.24 -4.53 44.16
C SER D 483 -23.14 -3.62 43.33
N SER D 484 -22.64 -2.47 42.87
CA SER D 484 -23.40 -1.53 42.04
C SER D 484 -23.83 -2.13 40.68
N ASP D 485 -23.46 -3.40 40.41
CA ASP D 485 -23.81 -4.09 39.17
C ASP D 485 -25.26 -4.57 39.07
N GLY D 486 -25.98 -4.47 40.18
CA GLY D 486 -27.41 -4.77 40.23
C GLY D 486 -27.80 -6.14 40.73
N CYS D 487 -29.08 -6.46 40.55
CA CYS D 487 -29.65 -7.73 40.96
C CYS D 487 -30.77 -8.22 40.05
N TRP D 488 -30.97 -9.57 40.05
CA TRP D 488 -31.97 -10.32 39.32
C TRP D 488 -33.35 -10.34 40.01
N GLY D 489 -33.33 -10.05 41.30
CA GLY D 489 -34.53 -10.01 42.13
C GLY D 489 -34.16 -9.71 43.58
N PRO D 490 -35.04 -9.97 44.56
CA PRO D 490 -34.68 -9.66 45.95
C PRO D 490 -33.78 -10.73 46.61
N GLY D 491 -33.01 -10.28 47.60
CA GLY D 491 -32.14 -11.15 48.39
C GLY D 491 -30.68 -11.09 48.03
N PRO D 492 -29.78 -11.69 48.87
CA PRO D 492 -28.33 -11.67 48.55
C PRO D 492 -27.86 -12.78 47.61
N ASP D 493 -28.70 -13.79 47.39
CA ASP D 493 -28.40 -14.87 46.45
C ASP D 493 -28.58 -14.39 44.98
N GLN D 494 -29.39 -13.31 44.81
CA GLN D 494 -29.71 -12.73 43.51
C GLN D 494 -28.79 -11.61 43.01
N CYS D 495 -27.64 -11.38 43.64
CA CYS D 495 -26.74 -10.34 43.16
C CYS D 495 -26.05 -10.72 41.86
N LEU D 496 -25.56 -9.74 41.12
CA LEU D 496 -24.79 -10.04 39.91
C LEU D 496 -23.37 -10.31 40.37
N SER D 497 -22.93 -9.49 41.33
CA SER D 497 -21.65 -9.57 42.02
C SER D 497 -21.86 -8.99 43.40
N CYS D 498 -21.01 -9.39 44.37
CA CYS D 498 -21.14 -8.95 45.76
C CYS D 498 -20.32 -7.74 46.11
N ARG D 499 -20.85 -6.95 47.07
CA ARG D 499 -20.22 -5.74 47.59
C ARG D 499 -19.00 -6.13 48.40
N ARG D 500 -19.13 -7.23 49.17
CA ARG D 500 -18.12 -7.75 50.08
C ARG D 500 -17.64 -9.16 49.69
N PHE D 501 -18.26 -10.22 50.31
CA PHE D 501 -17.91 -11.63 50.09
C PHE D 501 -19.05 -12.52 49.61
N SER D 502 -18.72 -13.75 49.17
CA SER D 502 -19.67 -14.74 48.68
C SER D 502 -19.35 -16.18 49.06
N ARG D 503 -20.33 -16.88 49.66
CA ARG D 503 -20.23 -18.30 49.96
C ARG D 503 -21.25 -19.02 49.07
N GLY D 504 -20.74 -19.49 47.94
CA GLY D 504 -21.56 -20.15 46.95
C GLY D 504 -22.34 -19.12 46.17
N ARG D 505 -23.68 -19.22 46.20
CA ARG D 505 -24.53 -18.28 45.48
C ARG D 505 -24.95 -17.06 46.31
N ILE D 506 -24.63 -17.08 47.61
CA ILE D 506 -25.02 -16.04 48.56
C ILE D 506 -23.90 -15.04 48.83
N CYS D 507 -24.26 -13.73 48.85
CA CYS D 507 -23.37 -12.64 49.22
C CYS D 507 -23.43 -12.47 50.73
N ILE D 508 -22.25 -12.51 51.36
CA ILE D 508 -22.12 -12.47 52.81
C ILE D 508 -21.27 -11.29 53.30
N GLU D 509 -21.41 -11.01 54.62
CA GLU D 509 -20.65 -9.98 55.30
C GLU D 509 -19.14 -10.33 55.33
N SER D 510 -18.78 -11.56 55.82
CA SER D 510 -17.38 -12.03 55.90
C SER D 510 -17.29 -13.54 55.92
N CYS D 511 -16.10 -14.08 55.59
CA CYS D 511 -15.82 -15.53 55.61
C CYS D 511 -15.71 -16.03 57.07
N ASN D 512 -15.74 -17.35 57.25
CA ASN D 512 -15.59 -17.95 58.57
C ASN D 512 -14.07 -18.03 58.89
N LEU D 513 -13.43 -16.86 59.07
CA LEU D 513 -11.99 -16.74 59.31
C LEU D 513 -11.56 -17.08 60.73
N TYR D 514 -12.30 -16.58 61.72
CA TYR D 514 -11.96 -16.75 63.13
C TYR D 514 -13.03 -17.51 63.93
N ASP D 515 -14.20 -17.71 63.32
CA ASP D 515 -15.36 -18.37 63.94
C ASP D 515 -16.07 -19.22 62.91
N GLY D 516 -16.94 -20.13 63.36
CA GLY D 516 -17.74 -20.96 62.46
C GLY D 516 -17.36 -22.43 62.37
N GLU D 517 -18.38 -23.30 62.17
CA GLU D 517 -18.31 -24.76 62.02
C GLU D 517 -17.21 -25.21 61.06
N PHE D 518 -17.11 -24.54 59.89
CA PHE D 518 -16.09 -24.79 58.87
C PHE D 518 -15.37 -23.50 58.60
N ARG D 519 -14.08 -23.45 58.96
CA ARG D 519 -13.27 -22.26 58.74
C ARG D 519 -12.93 -22.09 57.27
N GLU D 520 -12.68 -20.86 56.87
CA GLU D 520 -12.41 -20.51 55.47
C GLU D 520 -11.24 -19.57 55.37
N PHE D 521 -10.83 -19.35 54.14
CA PHE D 521 -9.84 -18.35 53.76
C PHE D 521 -10.53 -17.59 52.64
N GLU D 522 -10.12 -16.34 52.41
CA GLU D 522 -10.70 -15.55 51.34
C GLU D 522 -9.89 -15.57 50.06
N ASN D 523 -10.45 -16.22 49.03
CA ASN D 523 -9.89 -16.32 47.67
C ASN D 523 -10.36 -15.08 46.90
N ASP D 524 -10.14 -13.87 47.51
CA ASP D 524 -10.54 -12.57 46.98
C ASP D 524 -12.07 -12.59 46.73
N SER D 525 -12.85 -12.27 47.79
CA SER D 525 -14.31 -12.25 47.80
C SER D 525 -15.01 -13.63 47.79
N ILE D 526 -14.34 -14.70 47.37
CA ILE D 526 -14.92 -16.06 47.40
C ILE D 526 -14.45 -16.75 48.68
N CYS D 527 -15.41 -17.20 49.51
CA CYS D 527 -15.11 -17.89 50.76
C CYS D 527 -15.00 -19.39 50.54
N VAL D 528 -13.76 -19.87 50.58
CA VAL D 528 -13.41 -21.27 50.37
C VAL D 528 -13.00 -21.90 51.69
N GLU D 529 -13.58 -23.08 51.98
CA GLU D 529 -13.33 -23.84 53.20
C GLU D 529 -11.91 -24.39 53.26
N CYS D 530 -11.29 -24.34 54.45
CA CYS D 530 -9.94 -24.87 54.70
C CYS D 530 -9.98 -26.39 54.56
N ASP D 531 -8.81 -26.99 54.19
CA ASP D 531 -8.67 -28.43 54.03
C ASP D 531 -9.13 -29.15 55.31
N PRO D 532 -9.81 -30.31 55.23
CA PRO D 532 -10.28 -30.98 56.47
C PRO D 532 -9.17 -31.34 57.47
N GLN D 533 -7.93 -31.46 56.99
CA GLN D 533 -6.76 -31.78 57.79
C GLN D 533 -6.24 -30.58 58.61
N CYS D 534 -6.70 -29.35 58.30
CA CYS D 534 -6.34 -28.14 59.05
C CYS D 534 -7.03 -28.21 60.39
N GLU D 535 -6.33 -27.78 61.45
CA GLU D 535 -6.90 -27.77 62.80
C GLU D 535 -7.56 -26.42 63.05
N LYS D 536 -8.82 -26.46 63.55
CA LYS D 536 -9.65 -25.30 63.87
C LYS D 536 -8.98 -24.37 64.90
N MET D 537 -8.26 -23.37 64.39
CA MET D 537 -7.54 -22.38 65.17
C MET D 537 -8.47 -21.40 65.87
N GLU D 538 -8.42 -21.37 67.22
CA GLU D 538 -9.22 -20.48 68.05
C GLU D 538 -8.34 -19.28 68.51
N ASP D 539 -8.95 -18.32 69.26
CA ASP D 539 -8.31 -17.12 69.80
C ASP D 539 -7.71 -16.21 68.72
N GLY D 540 -8.58 -15.75 67.82
CA GLY D 540 -8.24 -14.84 66.73
C GLY D 540 -7.18 -15.29 65.75
N LEU D 541 -7.04 -16.61 65.55
CA LEU D 541 -6.04 -17.18 64.63
C LEU D 541 -6.69 -17.72 63.36
N LEU D 542 -5.99 -17.61 62.23
CA LEU D 542 -6.50 -18.13 60.97
C LEU D 542 -6.19 -19.63 60.87
N THR D 543 -7.19 -20.47 60.45
CA THR D 543 -7.06 -21.93 60.32
C THR D 543 -6.17 -22.31 59.12
N CYS D 544 -6.26 -21.53 58.04
CA CYS D 544 -5.46 -21.70 56.84
C CYS D 544 -5.17 -20.36 56.16
N HIS D 545 -4.20 -20.36 55.24
CA HIS D 545 -3.79 -19.17 54.47
C HIS D 545 -3.78 -19.52 52.97
N GLY D 546 -4.65 -20.44 52.59
CA GLY D 546 -4.79 -20.91 51.22
C GLY D 546 -5.42 -22.28 51.09
N PRO D 547 -5.51 -22.82 49.85
CA PRO D 547 -6.12 -24.14 49.67
C PRO D 547 -5.16 -25.32 49.73
N GLY D 548 -5.72 -26.45 50.15
CA GLY D 548 -5.01 -27.70 50.26
C GLY D 548 -4.36 -27.90 51.62
N PRO D 549 -3.86 -29.14 51.83
CA PRO D 549 -3.22 -29.47 53.10
C PRO D 549 -1.87 -28.76 53.38
N ASP D 550 -1.19 -28.31 52.30
CA ASP D 550 0.10 -27.63 52.37
C ASP D 550 -0.01 -26.24 53.00
N ASN D 551 -1.14 -25.53 52.76
CA ASN D 551 -1.42 -24.19 53.27
C ASN D 551 -2.15 -24.13 54.62
N CYS D 552 -1.88 -25.13 55.51
CA CYS D 552 -2.47 -25.21 56.86
C CYS D 552 -1.68 -24.35 57.85
N THR D 553 -2.31 -24.05 59.00
CA THR D 553 -1.66 -23.32 60.10
C THR D 553 -1.05 -24.36 61.06
N LYS D 554 -1.87 -25.36 61.44
CA LYS D 554 -1.53 -26.49 62.31
C LYS D 554 -2.25 -27.73 61.77
N CYS D 555 -1.62 -28.89 61.80
CA CYS D 555 -2.22 -30.11 61.31
C CYS D 555 -3.04 -30.76 62.39
N SER D 556 -4.23 -31.26 62.01
CA SER D 556 -5.14 -31.94 62.92
C SER D 556 -4.69 -33.38 63.27
N HIS D 557 -3.74 -33.97 62.49
CA HIS D 557 -3.18 -35.30 62.75
C HIS D 557 -1.65 -35.37 62.52
N PHE D 558 -1.20 -35.69 61.29
CA PHE D 558 0.23 -35.79 60.92
C PHE D 558 0.60 -34.88 59.75
N LYS D 559 1.93 -34.71 59.50
CA LYS D 559 2.48 -33.87 58.43
C LYS D 559 3.50 -34.63 57.57
N ASP D 560 3.09 -35.12 56.39
CA ASP D 560 3.99 -35.82 55.48
C ASP D 560 4.65 -34.80 54.55
N GLY D 561 5.74 -34.21 55.03
CA GLY D 561 6.49 -33.19 54.31
C GLY D 561 5.76 -31.85 54.35
N PRO D 562 5.25 -31.37 53.19
CA PRO D 562 4.55 -30.07 53.19
C PRO D 562 3.07 -30.11 53.61
N ASN D 563 2.37 -31.22 53.30
CA ASN D 563 0.94 -31.43 53.56
C ASN D 563 0.61 -32.13 54.87
N CYS D 564 -0.55 -31.77 55.46
CA CYS D 564 -1.11 -32.42 56.62
C CYS D 564 -1.83 -33.68 56.14
N VAL D 565 -1.66 -34.79 56.86
CA VAL D 565 -2.27 -36.06 56.49
C VAL D 565 -2.99 -36.69 57.67
N GLU D 566 -4.02 -37.48 57.36
CA GLU D 566 -4.81 -38.23 58.32
C GLU D 566 -3.94 -39.29 59.00
N LYS D 567 -3.08 -39.96 58.21
CA LYS D 567 -2.21 -41.07 58.63
C LYS D 567 -0.93 -41.07 57.80
N CYS D 568 0.18 -41.59 58.36
CA CYS D 568 1.45 -41.70 57.62
C CYS D 568 1.31 -42.83 56.59
N PRO D 569 1.84 -42.64 55.35
CA PRO D 569 1.69 -43.67 54.32
C PRO D 569 1.92 -45.10 54.81
N ASP D 570 0.92 -45.99 54.58
CA ASP D 570 0.88 -47.38 55.03
C ASP D 570 1.24 -48.39 53.90
N ILE D 579 4.92 -47.80 49.35
CA ILE D 579 5.27 -46.59 50.12
C ILE D 579 4.83 -46.66 51.60
N PHE D 580 5.84 -46.75 52.50
CA PHE D 580 5.71 -46.85 53.96
C PHE D 580 6.51 -45.75 54.65
N LYS D 581 5.87 -45.09 55.62
CA LYS D 581 6.46 -44.02 56.40
C LYS D 581 6.00 -44.13 57.84
N TYR D 582 6.91 -43.83 58.79
CA TYR D 582 6.61 -43.82 60.22
C TYR D 582 6.44 -42.38 60.69
N ALA D 583 5.87 -42.18 61.89
CA ALA D 583 5.64 -40.86 62.47
C ALA D 583 6.56 -40.62 63.66
N ASP D 584 7.36 -39.54 63.62
CA ASP D 584 8.28 -39.19 64.70
C ASP D 584 7.50 -38.56 65.90
N PRO D 585 8.12 -38.40 67.12
CA PRO D 585 7.36 -37.82 68.26
C PRO D 585 6.76 -36.42 68.04
N ASP D 586 7.20 -35.71 66.98
CA ASP D 586 6.72 -34.39 66.57
C ASP D 586 5.62 -34.51 65.50
N ARG D 587 5.10 -35.72 65.29
CA ARG D 587 4.05 -36.11 64.35
C ARG D 587 4.34 -35.92 62.86
N GLU D 588 5.62 -35.84 62.46
CA GLU D 588 5.98 -35.71 61.04
C GLU D 588 6.31 -37.06 60.41
N CYS D 589 5.91 -37.28 59.14
CA CYS D 589 6.15 -38.55 58.43
C CYS D 589 7.51 -38.64 57.76
N HIS D 590 8.31 -39.67 58.13
CA HIS D 590 9.63 -39.94 57.57
C HIS D 590 9.65 -41.37 57.00
N PRO D 591 10.42 -41.68 55.90
CA PRO D 591 10.34 -43.03 55.30
C PRO D 591 10.93 -44.16 56.12
N CYS D 592 10.52 -45.39 55.77
CA CYS D 592 10.96 -46.62 56.43
C CYS D 592 12.29 -47.07 55.86
N HIS D 593 13.02 -47.90 56.62
CA HIS D 593 14.26 -48.50 56.15
C HIS D 593 13.84 -49.45 54.97
N PRO D 594 14.60 -49.51 53.85
CA PRO D 594 14.19 -50.38 52.72
C PRO D 594 13.74 -51.80 53.08
N ASN D 595 14.38 -52.44 54.09
CA ASN D 595 14.07 -53.79 54.56
C ASN D 595 12.63 -53.99 55.03
N CYS D 596 12.03 -52.97 55.68
CA CYS D 596 10.66 -53.03 56.22
C CYS D 596 9.60 -52.97 55.09
N THR D 597 9.31 -54.15 54.49
CA THR D 597 8.33 -54.33 53.39
C THR D 597 6.86 -54.35 53.85
N GLN D 598 6.61 -54.47 55.17
CA GLN D 598 5.28 -54.48 55.76
C GLN D 598 5.06 -53.25 56.66
N GLY D 599 5.97 -52.27 56.59
CA GLY D 599 5.89 -51.05 57.38
C GLY D 599 6.86 -51.01 58.54
N CYS D 600 6.90 -49.87 59.24
CA CYS D 600 7.79 -49.65 60.37
C CYS D 600 7.23 -48.68 61.41
N ASN D 601 7.91 -48.58 62.58
CA ASN D 601 7.55 -47.65 63.66
C ASN D 601 8.71 -46.70 64.05
N GLY D 602 9.87 -46.89 63.42
CA GLY D 602 11.08 -46.10 63.58
C GLY D 602 11.91 -46.09 62.29
N PRO D 603 13.04 -45.38 62.24
CA PRO D 603 13.81 -45.33 60.97
C PRO D 603 14.72 -46.54 60.65
N THR D 604 15.29 -47.18 61.67
CA THR D 604 16.27 -48.25 61.51
C THR D 604 15.72 -49.55 60.90
N SER D 605 16.61 -50.50 60.58
CA SER D 605 16.26 -51.80 60.02
C SER D 605 15.64 -52.73 61.11
N HIS D 606 15.81 -52.30 62.35
CA HIS D 606 15.34 -52.97 63.55
C HIS D 606 13.90 -52.55 63.86
N ASP D 607 13.42 -51.49 63.24
CA ASP D 607 12.10 -50.96 63.52
C ASP D 607 10.98 -51.41 62.53
N CYS D 608 11.09 -52.60 61.92
CA CYS D 608 10.09 -53.10 60.96
C CYS D 608 8.89 -53.67 61.68
N ILE D 609 7.67 -53.65 61.03
CA ILE D 609 6.46 -54.23 61.65
C ILE D 609 6.25 -55.74 61.41
N TYR D 610 6.21 -56.56 62.53
CA TYR D 610 5.97 -58.01 62.49
C TYR D 610 4.48 -58.34 62.56
N TYR D 611 4.02 -59.03 61.51
CA TYR D 611 2.66 -59.49 61.36
C TYR D 611 2.64 -60.98 61.66
N PRO D 612 2.14 -61.37 62.87
CA PRO D 612 2.17 -62.80 63.27
C PRO D 612 1.58 -63.85 62.32
N TRP D 613 0.87 -63.39 61.25
CA TRP D 613 0.26 -64.24 60.22
C TRP D 613 1.28 -64.69 59.15
N THR D 614 1.44 -66.04 59.01
CA THR D 614 2.38 -66.75 58.12
C THR D 614 3.83 -66.44 58.51
N GLN E 1 17.12 3.21 16.14
CA GLN E 1 18.24 4.04 15.67
C GLN E 1 19.66 3.48 16.04
N SER E 2 19.97 3.23 17.36
CA SER E 2 21.25 2.65 17.82
C SER E 2 21.31 1.18 17.44
N VAL E 3 22.34 0.84 16.67
CA VAL E 3 22.57 -0.46 16.07
C VAL E 3 23.78 -1.19 16.67
N CYS E 4 23.70 -2.52 16.77
CA CYS E 4 24.79 -3.40 17.21
C CYS E 4 24.85 -4.66 16.34
N ALA E 5 25.94 -5.43 16.44
CA ALA E 5 26.13 -6.60 15.59
C ALA E 5 25.57 -7.90 16.12
N GLY E 6 25.69 -8.13 17.43
CA GLY E 6 25.24 -9.36 18.04
C GLY E 6 26.12 -10.55 17.69
N THR E 7 26.08 -11.59 18.53
CA THR E 7 26.88 -12.80 18.38
C THR E 7 26.37 -13.82 17.35
N GLU E 8 27.18 -14.90 17.18
CA GLU E 8 27.01 -16.05 16.30
C GLU E 8 27.66 -17.28 16.99
N ASN E 9 27.53 -17.34 18.33
CA ASN E 9 28.13 -18.37 19.15
C ASN E 9 27.26 -19.62 19.29
N LYS E 10 25.94 -19.48 19.13
CA LYS E 10 24.93 -20.53 19.33
C LYS E 10 24.93 -20.88 20.84
N LEU E 11 25.13 -22.18 21.19
CA LEU E 11 25.14 -22.59 22.58
C LEU E 11 26.48 -22.37 23.31
N SER E 12 27.54 -22.09 22.53
CA SER E 12 28.88 -21.81 23.03
C SER E 12 28.86 -20.53 23.88
N SER E 13 29.69 -20.50 24.91
CA SER E 13 29.77 -19.43 25.90
C SER E 13 31.16 -19.42 26.57
N LEU E 14 31.36 -18.50 27.52
CA LEU E 14 32.62 -18.43 28.24
C LEU E 14 32.49 -19.28 29.48
N SER E 15 33.60 -19.94 29.89
CA SER E 15 33.64 -20.79 31.08
C SER E 15 33.35 -19.95 32.33
N ASP E 16 33.93 -18.72 32.39
CA ASP E 16 33.69 -17.79 33.50
C ASP E 16 32.29 -17.24 33.34
N LEU E 17 31.39 -17.64 34.24
CA LEU E 17 29.99 -17.23 34.19
C LEU E 17 29.74 -15.74 34.37
N GLU E 18 30.61 -15.05 35.14
CA GLU E 18 30.55 -13.62 35.33
C GLU E 18 31.03 -12.98 34.01
N GLN E 19 32.08 -13.57 33.38
CA GLN E 19 32.60 -13.08 32.11
C GLN E 19 31.59 -13.25 31.00
N GLN E 20 30.77 -14.32 31.08
CA GLN E 20 29.70 -14.60 30.14
C GLN E 20 28.63 -13.51 30.27
N TYR E 21 28.22 -13.20 31.54
CA TYR E 21 27.23 -12.16 31.82
C TYR E 21 27.73 -10.79 31.37
N ARG E 22 28.97 -10.46 31.78
CA ARG E 22 29.61 -9.20 31.42
C ARG E 22 29.66 -9.02 29.90
N ALA E 23 29.88 -10.12 29.14
CA ALA E 23 29.91 -10.11 27.68
C ALA E 23 28.54 -9.79 27.08
N LEU E 24 27.46 -10.41 27.63
CA LEU E 24 26.08 -10.17 27.18
C LEU E 24 25.79 -8.66 27.30
N ARG E 25 26.09 -8.10 28.48
CA ARG E 25 25.95 -6.67 28.77
C ARG E 25 26.77 -5.81 27.76
N LYS E 26 28.03 -6.20 27.49
CA LYS E 26 28.92 -5.52 26.55
C LYS E 26 28.32 -5.46 25.16
N TYR E 27 27.88 -6.59 24.64
CA TYR E 27 27.32 -6.71 23.31
C TYR E 27 25.99 -6.04 23.03
N TYR E 28 25.07 -6.05 24.01
CA TYR E 28 23.69 -5.62 23.78
C TYR E 28 23.13 -4.44 24.54
N GLU E 29 23.89 -3.86 25.48
CA GLU E 29 23.31 -2.75 26.22
C GLU E 29 23.27 -1.48 25.37
N ASN E 30 22.14 -0.74 25.46
CA ASN E 30 21.83 0.49 24.71
C ASN E 30 21.64 0.26 23.19
N CYS E 31 21.48 -1.00 22.81
CA CYS E 31 21.25 -1.37 21.45
C CYS E 31 19.74 -1.50 21.19
N GLU E 32 19.26 -0.80 20.15
CA GLU E 32 17.86 -0.81 19.76
C GLU E 32 17.59 -1.85 18.65
N VAL E 33 18.49 -1.88 17.65
CA VAL E 33 18.41 -2.83 16.54
C VAL E 33 19.60 -3.77 16.58
N VAL E 34 19.34 -5.06 16.86
CA VAL E 34 20.39 -6.09 16.86
C VAL E 34 20.47 -6.52 15.42
N MET E 35 21.61 -6.24 14.78
CA MET E 35 21.78 -6.53 13.36
C MET E 35 22.45 -7.82 13.21
N GLY E 36 21.77 -8.83 13.69
CA GLY E 36 22.26 -10.19 13.73
C GLY E 36 21.46 -10.95 14.75
N ASN E 37 22.15 -11.71 15.59
CA ASN E 37 21.45 -12.55 16.56
C ASN E 37 21.56 -12.10 17.98
N LEU E 38 20.47 -12.29 18.72
CA LEU E 38 20.40 -12.00 20.13
C LEU E 38 20.45 -13.36 20.81
N GLU E 39 21.62 -13.66 21.38
CA GLU E 39 21.93 -14.92 22.04
C GLU E 39 22.11 -14.68 23.53
N ILE E 40 21.20 -15.27 24.32
CA ILE E 40 21.19 -15.18 25.78
C ILE E 40 21.31 -16.64 26.27
N THR E 41 22.55 -17.07 26.60
CA THR E 41 22.86 -18.43 27.03
C THR E 41 23.73 -18.45 28.25
N SER E 42 23.47 -19.42 29.15
CA SER E 42 24.21 -19.69 30.40
C SER E 42 24.29 -18.50 31.39
N ILE E 43 23.14 -17.82 31.61
CA ILE E 43 23.07 -16.68 32.53
C ILE E 43 22.43 -17.11 33.85
N GLU E 44 23.15 -16.85 34.97
CA GLU E 44 22.78 -17.21 36.35
C GLU E 44 21.50 -16.54 36.85
N HIS E 45 20.88 -17.16 37.88
CA HIS E 45 19.65 -16.72 38.50
C HIS E 45 19.63 -15.27 39.02
N ASN E 46 20.65 -14.84 39.77
CA ASN E 46 20.72 -13.50 40.35
C ASN E 46 20.69 -12.29 39.39
N ARG E 47 21.39 -12.41 38.24
CA ARG E 47 21.64 -11.43 37.17
C ARG E 47 20.58 -10.41 36.77
N ASP E 48 21.02 -9.15 36.52
CA ASP E 48 20.17 -8.05 36.08
C ASP E 48 20.12 -7.96 34.55
N LEU E 49 18.92 -8.08 33.98
CA LEU E 49 18.76 -8.06 32.53
C LEU E 49 17.94 -6.89 31.97
N SER E 50 17.67 -5.89 32.83
CA SER E 50 16.93 -4.68 32.49
C SER E 50 17.43 -4.01 31.19
N PHE E 51 18.74 -4.11 30.89
CA PHE E 51 19.35 -3.53 29.69
C PHE E 51 18.79 -4.05 28.37
N LEU E 52 18.17 -5.24 28.41
CA LEU E 52 17.55 -5.88 27.24
C LEU E 52 16.28 -5.15 26.81
N ARG E 53 15.78 -4.23 27.66
CA ARG E 53 14.60 -3.44 27.34
C ARG E 53 14.88 -2.47 26.21
N SER E 54 16.15 -2.25 25.85
CA SER E 54 16.51 -1.34 24.77
C SER E 54 16.17 -1.93 23.40
N VAL E 55 16.22 -3.28 23.29
CA VAL E 55 16.00 -4.02 22.05
C VAL E 55 14.57 -3.93 21.56
N ARG E 56 14.42 -3.43 20.32
CA ARG E 56 13.12 -3.31 19.65
C ARG E 56 13.08 -4.28 18.45
N GLU E 57 14.22 -4.52 17.80
CA GLU E 57 14.30 -5.33 16.59
C GLU E 57 15.53 -6.22 16.57
N VAL E 58 15.39 -7.44 16.01
CA VAL E 58 16.46 -8.42 15.81
C VAL E 58 16.40 -8.92 14.35
N THR E 59 17.48 -8.61 13.61
CA THR E 59 17.68 -8.97 12.20
C THR E 59 17.66 -10.49 11.95
N GLY E 60 18.35 -11.25 12.80
CA GLY E 60 18.49 -12.70 12.67
C GLY E 60 17.59 -13.46 13.61
N TYR E 61 18.17 -14.21 14.56
CA TYR E 61 17.36 -14.98 15.50
C TYR E 61 17.55 -14.61 16.95
N VAL E 62 16.66 -15.11 17.80
CA VAL E 62 16.68 -14.93 19.24
C VAL E 62 16.78 -16.32 19.87
N LEU E 63 17.95 -16.58 20.53
CA LEU E 63 18.27 -17.82 21.22
C LEU E 63 18.34 -17.55 22.72
N VAL E 64 17.47 -18.19 23.49
CA VAL E 64 17.37 -18.05 24.94
C VAL E 64 17.41 -19.47 25.49
N ALA E 65 18.62 -19.93 25.85
CA ALA E 65 18.84 -21.29 26.33
C ALA E 65 19.77 -21.39 27.51
N LEU E 66 19.67 -22.49 28.27
CA LEU E 66 20.53 -22.83 29.41
C LEU E 66 20.72 -21.74 30.49
N ASN E 67 19.69 -20.90 30.68
CA ASN E 67 19.72 -19.80 31.66
C ASN E 67 18.94 -20.18 32.92
N GLN E 68 19.12 -19.42 34.01
CA GLN E 68 18.42 -19.70 35.27
C GLN E 68 17.62 -18.52 35.83
N PHE E 69 17.68 -17.35 35.17
CA PHE E 69 16.93 -16.15 35.59
C PHE E 69 15.41 -16.33 35.39
N ARG E 70 14.63 -15.74 36.30
CA ARG E 70 13.17 -15.81 36.38
C ARG E 70 12.41 -15.23 35.18
N TYR E 71 12.84 -14.06 34.69
CA TYR E 71 12.09 -13.31 33.69
C TYR E 71 12.96 -12.72 32.60
N LEU E 72 12.45 -12.77 31.35
CA LEU E 72 13.11 -12.28 30.13
C LEU E 72 12.55 -10.88 29.79
N PRO E 73 13.31 -9.79 30.09
CA PRO E 73 12.77 -8.45 29.90
C PRO E 73 12.96 -7.84 28.51
N LEU E 74 12.48 -8.53 27.46
CA LEU E 74 12.57 -8.03 26.08
C LEU E 74 11.26 -7.29 25.73
N GLU E 75 10.78 -6.50 26.71
CA GLU E 75 9.54 -5.75 26.72
C GLU E 75 9.29 -4.84 25.53
N ASN E 76 10.37 -4.42 24.84
CA ASN E 76 10.28 -3.54 23.68
C ASN E 76 10.47 -4.20 22.33
N LEU E 77 10.93 -5.49 22.33
CA LEU E 77 11.13 -6.31 21.12
C LEU E 77 9.81 -6.46 20.37
N ARG E 78 9.77 -5.96 19.12
CA ARG E 78 8.58 -5.99 18.26
C ARG E 78 8.70 -7.01 17.15
N ILE E 79 9.86 -7.02 16.48
CA ILE E 79 10.12 -7.86 15.31
C ILE E 79 11.40 -8.68 15.40
N ILE E 80 11.34 -9.91 14.89
CA ILE E 80 12.47 -10.83 14.67
C ILE E 80 12.36 -11.10 13.17
N ARG E 81 13.31 -10.60 12.37
CA ARG E 81 13.22 -10.76 10.90
C ARG E 81 13.55 -12.15 10.39
N GLY E 82 14.39 -12.86 11.16
CA GLY E 82 14.80 -14.22 10.86
C GLY E 82 15.58 -14.37 9.58
N THR E 83 16.45 -13.36 9.27
CA THR E 83 17.35 -13.35 8.09
C THR E 83 18.34 -14.53 8.13
N LYS E 84 18.66 -15.00 9.35
CA LYS E 84 19.48 -16.16 9.67
C LYS E 84 18.76 -16.82 10.84
N LEU E 85 18.58 -18.13 10.75
CA LEU E 85 17.83 -18.88 11.76
C LEU E 85 18.65 -19.88 12.56
N TYR E 86 18.27 -20.08 13.83
CA TYR E 86 18.92 -21.08 14.65
C TYR E 86 18.53 -22.45 14.09
N GLU E 87 19.54 -23.32 13.90
CA GLU E 87 19.39 -24.66 13.31
C GLU E 87 18.69 -24.56 11.94
N ASP E 88 18.86 -23.41 11.26
CA ASP E 88 18.28 -23.08 9.96
C ASP E 88 16.75 -23.24 9.91
N ARG E 89 16.10 -23.18 11.09
CA ARG E 89 14.65 -23.30 11.23
C ARG E 89 13.97 -22.38 12.25
N TYR E 90 14.64 -22.02 13.35
CA TYR E 90 13.96 -21.18 14.32
C TYR E 90 14.39 -19.74 14.40
N ALA E 91 13.42 -18.82 14.40
CA ALA E 91 13.62 -17.40 14.56
C ALA E 91 13.63 -17.10 16.06
N LEU E 92 12.91 -17.90 16.86
CA LEU E 92 12.85 -17.81 18.32
C LEU E 92 13.01 -19.21 18.92
N ALA E 93 14.06 -19.38 19.75
CA ALA E 93 14.34 -20.66 20.40
C ALA E 93 14.57 -20.42 21.89
N ILE E 94 13.62 -20.88 22.71
CA ILE E 94 13.65 -20.78 24.18
C ILE E 94 13.56 -22.21 24.74
N PHE E 95 14.71 -22.74 25.21
CA PHE E 95 14.77 -24.10 25.74
C PHE E 95 15.78 -24.29 26.86
N LEU E 96 15.52 -25.25 27.77
CA LEU E 96 16.36 -25.63 28.91
C LEU E 96 16.72 -24.48 29.85
N ASN E 97 15.78 -23.55 30.05
CA ASN E 97 16.00 -22.40 30.91
C ASN E 97 15.60 -22.63 32.36
N TYR E 98 16.29 -23.59 32.99
CA TYR E 98 16.15 -24.02 34.38
C TYR E 98 17.36 -24.87 34.76
N ARG E 99 17.61 -25.04 36.07
CA ARG E 99 18.70 -25.91 36.51
C ARG E 99 18.12 -27.31 36.80
N LYS E 100 18.74 -28.36 36.20
CA LYS E 100 18.31 -29.76 36.32
C LYS E 100 18.04 -30.23 37.77
N ASP E 101 18.75 -29.60 38.75
CA ASP E 101 18.60 -29.78 40.20
C ASP E 101 17.12 -29.53 40.60
N GLY E 102 16.54 -28.47 40.03
CA GLY E 102 15.13 -28.10 40.21
C GLY E 102 14.83 -26.89 41.07
N ASN E 103 15.85 -26.10 41.38
CA ASN E 103 15.69 -24.91 42.22
C ASN E 103 14.91 -23.82 41.43
N PHE E 104 15.63 -23.11 40.53
CA PHE E 104 15.12 -22.00 39.73
C PHE E 104 15.12 -22.25 38.24
N GLY E 105 14.62 -21.24 37.53
CA GLY E 105 14.54 -21.16 36.09
C GLY E 105 13.66 -20.02 35.65
N LEU E 106 13.46 -19.91 34.33
CA LEU E 106 12.59 -18.92 33.68
C LEU E 106 11.14 -19.27 33.98
N GLN E 107 10.36 -18.25 34.35
CA GLN E 107 8.94 -18.34 34.72
C GLN E 107 8.00 -17.55 33.84
N GLU E 108 8.48 -16.43 33.29
CA GLU E 108 7.69 -15.50 32.47
C GLU E 108 8.53 -14.88 31.36
N LEU E 109 7.90 -14.70 30.20
CA LEU E 109 8.49 -14.04 29.02
C LEU E 109 7.87 -12.63 28.89
N GLY E 110 8.72 -11.62 28.91
CA GLY E 110 8.31 -10.23 28.73
C GLY E 110 8.40 -9.90 27.26
N LEU E 111 7.48 -10.50 26.46
CA LEU E 111 7.42 -10.36 25.00
C LEU E 111 6.12 -9.75 24.49
N LYS E 112 5.38 -9.00 25.36
CA LYS E 112 4.10 -8.37 25.03
C LYS E 112 4.11 -7.52 23.73
N ASN E 113 5.30 -7.07 23.29
CA ASN E 113 5.41 -6.25 22.09
C ASN E 113 5.81 -7.04 20.85
N LEU E 114 6.18 -8.36 21.03
CA LEU E 114 6.57 -9.25 19.93
C LEU E 114 5.31 -9.72 19.18
N THR E 115 5.04 -9.06 18.07
CA THR E 115 3.88 -9.25 17.23
C THR E 115 4.26 -9.65 15.80
N GLU E 116 5.59 -9.65 15.49
CA GLU E 116 6.07 -9.99 14.16
C GLU E 116 7.36 -10.87 14.08
N ILE E 117 7.24 -12.11 13.53
CA ILE E 117 8.39 -13.00 13.21
C ILE E 117 8.30 -13.18 11.69
N LEU E 118 9.17 -12.50 10.91
CA LEU E 118 9.09 -12.46 9.44
C LEU E 118 9.38 -13.76 8.72
N ASN E 119 10.41 -14.43 9.17
CA ASN E 119 10.84 -15.68 8.58
C ASN E 119 11.31 -16.59 9.73
N GLY E 120 11.00 -17.86 9.61
CA GLY E 120 11.41 -18.85 10.61
C GLY E 120 10.32 -19.22 11.58
N GLY E 121 10.60 -20.23 12.38
CA GLY E 121 9.65 -20.77 13.34
C GLY E 121 9.98 -20.48 14.78
N VAL E 122 9.18 -21.06 15.68
CA VAL E 122 9.29 -20.87 17.12
C VAL E 122 9.53 -22.23 17.80
N TYR E 123 10.56 -22.32 18.62
CA TYR E 123 10.86 -23.52 19.40
C TYR E 123 10.95 -23.15 20.87
N VAL E 124 9.87 -23.38 21.60
CA VAL E 124 9.80 -23.10 23.04
C VAL E 124 9.51 -24.44 23.66
N ASP E 125 10.51 -25.06 24.29
CA ASP E 125 10.39 -26.39 24.87
C ASP E 125 11.36 -26.59 26.04
N GLN E 126 11.12 -27.64 26.85
CA GLN E 126 12.00 -28.03 27.97
C GLN E 126 12.25 -26.87 28.94
N ASN E 127 11.23 -26.09 29.31
CA ASN E 127 11.46 -24.96 30.22
C ASN E 127 10.66 -25.09 31.53
N LYS E 128 10.93 -26.17 32.29
CA LYS E 128 10.29 -26.61 33.54
C LYS E 128 9.44 -25.60 34.33
N PHE E 129 9.93 -24.36 34.51
CA PHE E 129 9.27 -23.36 35.35
C PHE E 129 8.48 -22.27 34.63
N LEU E 130 8.49 -22.27 33.30
CA LEU E 130 7.80 -21.27 32.47
C LEU E 130 6.29 -21.42 32.49
N CYS E 131 5.58 -20.32 32.65
CA CYS E 131 4.13 -20.29 32.61
C CYS E 131 3.63 -19.37 31.50
N TYR E 132 2.35 -19.53 31.14
CA TYR E 132 1.61 -18.69 30.19
C TYR E 132 2.01 -18.80 28.73
N ALA E 133 3.28 -19.08 28.42
CA ALA E 133 3.76 -19.16 27.03
C ALA E 133 3.04 -20.22 26.20
N ASP E 134 2.43 -21.20 26.87
CA ASP E 134 1.67 -22.26 26.23
C ASP E 134 0.27 -21.78 25.80
N THR E 135 -0.08 -20.53 26.14
CA THR E 135 -1.39 -19.94 25.77
C THR E 135 -1.24 -19.15 24.49
N ILE E 136 -0.02 -18.67 24.20
CA ILE E 136 0.33 -17.83 23.06
C ILE E 136 -0.02 -18.41 21.69
N HIS E 137 -0.67 -17.59 20.86
CA HIS E 137 -1.05 -17.93 19.51
C HIS E 137 0.11 -17.50 18.62
N TRP E 138 1.10 -18.38 18.49
CA TRP E 138 2.31 -18.12 17.70
C TRP E 138 2.02 -17.94 16.24
N GLN E 139 0.93 -18.58 15.74
CA GLN E 139 0.47 -18.42 14.34
C GLN E 139 0.19 -16.95 13.97
N ASP E 140 -0.23 -16.11 14.92
CA ASP E 140 -0.48 -14.70 14.66
C ASP E 140 0.84 -13.93 14.51
N ILE E 141 1.87 -14.29 15.34
CA ILE E 141 3.20 -13.66 15.36
C ILE E 141 4.01 -13.98 14.10
N VAL E 142 4.06 -15.27 13.71
CA VAL E 142 4.76 -15.71 12.50
C VAL E 142 3.96 -15.29 11.26
N ARG E 143 4.61 -14.56 10.33
CA ARG E 143 3.96 -14.13 9.09
C ARG E 143 4.13 -15.20 8.00
N ASN E 144 5.24 -15.95 8.15
CA ASN E 144 5.77 -17.04 7.34
C ASN E 144 4.93 -18.34 7.57
N PRO E 145 3.79 -18.57 6.85
CA PRO E 145 3.02 -19.79 7.10
C PRO E 145 3.32 -20.97 6.15
N SER E 148 7.02 -22.63 7.64
CA SER E 148 7.54 -22.82 9.00
C SER E 148 6.83 -23.99 9.76
N ASN E 149 6.91 -25.23 9.22
CA ASN E 149 6.28 -26.46 9.76
C ASN E 149 6.67 -26.83 11.22
N LEU E 150 7.21 -25.81 11.99
CA LEU E 150 7.69 -25.92 13.37
C LEU E 150 7.30 -24.66 14.20
N THR E 151 6.10 -24.67 14.83
CA THR E 151 5.53 -23.56 15.64
C THR E 151 4.79 -24.17 16.87
N LEU E 152 5.53 -24.64 17.90
CA LEU E 152 4.90 -25.28 19.07
C LEU E 152 5.58 -24.99 20.42
N VAL E 153 4.77 -25.05 21.52
CA VAL E 153 5.17 -24.88 22.93
C VAL E 153 4.93 -26.16 23.79
N SER E 154 5.98 -26.67 24.45
CA SER E 154 5.91 -27.86 25.31
C SER E 154 6.35 -27.58 26.77
N SER E 159 3.32 -27.07 33.80
CA SER E 159 2.20 -27.56 34.64
C SER E 159 2.18 -26.87 36.01
N GLY E 160 0.99 -26.79 36.62
CA GLY E 160 0.80 -26.11 37.91
C GLY E 160 0.92 -24.60 37.76
N CYS E 161 0.34 -24.08 36.68
CA CYS E 161 0.39 -22.66 36.34
C CYS E 161 -0.93 -21.97 36.57
N GLY E 162 -0.83 -20.66 36.84
CA GLY E 162 -2.00 -19.81 37.03
C GLY E 162 -2.72 -19.60 35.71
N ARG E 163 -4.03 -19.38 35.77
CA ARG E 163 -4.82 -19.14 34.57
C ARG E 163 -4.64 -17.69 34.10
N CYS E 164 -4.97 -17.42 32.81
CA CYS E 164 -4.88 -16.08 32.21
C CYS E 164 -6.00 -15.26 32.83
N HIS E 165 -5.85 -13.93 32.84
CA HIS E 165 -6.87 -13.01 33.31
C HIS E 165 -8.12 -13.14 32.40
N LYS E 166 -9.32 -12.82 32.94
CA LYS E 166 -10.58 -12.91 32.21
C LYS E 166 -10.51 -12.09 30.94
N SER E 167 -10.03 -10.83 31.02
CA SER E 167 -9.93 -9.92 29.88
C SER E 167 -9.01 -10.42 28.73
N CYS E 168 -8.05 -11.31 29.05
CA CYS E 168 -7.08 -11.84 28.12
C CYS E 168 -7.59 -12.79 27.07
N THR E 169 -8.76 -13.38 27.28
CA THR E 169 -9.38 -14.30 26.30
C THR E 169 -8.51 -15.57 26.13
N GLY E 170 -7.94 -16.00 27.25
CA GLY E 170 -7.14 -17.22 27.35
C GLY E 170 -5.79 -17.22 26.70
N ARG E 171 -5.30 -16.03 26.26
CA ARG E 171 -3.99 -15.84 25.64
C ARG E 171 -3.24 -14.68 26.32
N CYS E 172 -2.20 -15.00 27.08
CA CYS E 172 -1.43 -14.02 27.82
C CYS E 172 0.03 -14.47 28.07
N TRP E 173 0.90 -13.51 28.43
CA TRP E 173 2.32 -13.73 28.73
C TRP E 173 2.55 -13.86 30.23
N GLY E 174 1.61 -13.34 31.02
CA GLY E 174 1.64 -13.34 32.48
C GLY E 174 0.27 -13.34 33.14
N PRO E 175 0.21 -13.23 34.49
CA PRO E 175 -1.07 -13.35 35.22
C PRO E 175 -2.06 -12.18 35.21
N THR E 176 -1.55 -10.95 35.09
CA THR E 176 -2.36 -9.72 35.15
C THR E 176 -3.20 -9.46 33.89
N GLU E 177 -4.05 -8.43 33.96
CA GLU E 177 -4.91 -7.93 32.90
C GLU E 177 -4.09 -7.09 31.89
N ASN E 178 -2.83 -6.77 32.24
CA ASN E 178 -1.96 -5.96 31.39
C ASN E 178 -0.97 -6.87 30.65
N HIS E 179 -1.19 -8.19 30.76
CA HIS E 179 -0.33 -9.22 30.19
C HIS E 179 -0.92 -9.91 28.97
N CYS E 180 -2.06 -9.42 28.48
CA CYS E 180 -2.75 -10.03 27.35
C CYS E 180 -1.95 -9.98 26.07
N GLN E 181 -2.04 -11.07 25.29
CA GLN E 181 -1.35 -11.16 24.01
C GLN E 181 -2.11 -10.30 22.99
N THR E 182 -1.43 -9.31 22.40
CA THR E 182 -2.05 -8.45 21.41
C THR E 182 -2.11 -9.16 20.09
N LEU E 183 -3.28 -9.70 19.75
CA LEU E 183 -3.37 -10.36 18.44
C LEU E 183 -3.51 -9.27 17.37
N THR E 184 -2.73 -9.39 16.28
CA THR E 184 -2.73 -8.36 15.23
C THR E 184 -2.96 -8.89 13.80
N ARG E 185 -3.22 -10.20 13.61
CA ARG E 185 -3.38 -10.72 12.25
C ARG E 185 -4.67 -11.48 12.02
N THR E 186 -4.92 -12.53 12.83
CA THR E 186 -6.08 -13.41 12.78
C THR E 186 -7.38 -12.65 13.08
N VAL E 187 -7.31 -11.61 13.91
CA VAL E 187 -8.45 -10.79 14.36
C VAL E 187 -8.89 -9.70 13.36
N CYS E 188 -8.22 -9.65 12.21
CA CYS E 188 -8.49 -8.61 11.25
C CYS E 188 -9.72 -8.80 10.43
N ALA E 189 -10.24 -7.72 9.84
CA ALA E 189 -11.36 -7.73 8.92
C ALA E 189 -10.96 -8.59 7.71
N GLU E 190 -11.91 -9.31 7.12
CA GLU E 190 -11.59 -10.17 5.99
C GLU E 190 -10.91 -9.47 4.83
N GLN E 191 -10.97 -8.12 4.80
CA GLN E 191 -10.36 -7.29 3.76
C GLN E 191 -8.93 -6.84 3.99
N CYS E 192 -8.40 -6.95 5.26
CA CYS E 192 -7.00 -6.62 5.55
C CYS E 192 -6.16 -7.73 4.96
N ASP E 193 -5.04 -7.36 4.35
CA ASP E 193 -4.14 -8.38 3.81
C ASP E 193 -2.91 -8.52 4.72
N GLY E 194 -2.70 -7.51 5.54
CA GLY E 194 -1.61 -7.43 6.48
C GLY E 194 -2.09 -7.52 7.90
N ARG E 195 -1.50 -6.69 8.76
CA ARG E 195 -1.83 -6.63 10.16
C ARG E 195 -2.90 -5.55 10.40
N CYS E 196 -3.38 -5.40 11.68
CA CYS E 196 -4.40 -4.44 12.10
C CYS E 196 -4.30 -4.04 13.56
N TYR E 197 -4.91 -2.86 13.92
CA TYR E 197 -5.01 -2.31 15.28
C TYR E 197 -6.47 -2.39 15.77
N GLY E 198 -7.32 -3.06 15.00
CA GLY E 198 -8.75 -3.21 15.30
C GLY E 198 -9.45 -4.17 14.36
N PRO E 199 -10.78 -4.43 14.53
CA PRO E 199 -11.44 -5.44 13.70
C PRO E 199 -12.23 -4.98 12.48
N TYR E 200 -12.41 -3.67 12.24
CA TYR E 200 -13.15 -3.16 11.07
C TYR E 200 -12.21 -2.81 9.92
N VAL E 201 -12.74 -2.56 8.71
CA VAL E 201 -11.89 -2.27 7.53
C VAL E 201 -11.07 -0.98 7.71
N SER E 202 -11.57 -0.06 8.58
CA SER E 202 -10.93 1.21 8.98
C SER E 202 -9.59 0.91 9.66
N ASP E 203 -9.55 -0.20 10.42
CA ASP E 203 -8.42 -0.60 11.23
C ASP E 203 -7.29 -1.43 10.62
N CYS E 204 -7.28 -1.63 9.30
CA CYS E 204 -6.19 -2.38 8.69
C CYS E 204 -4.94 -1.50 8.62
N CYS E 205 -3.80 -2.15 8.77
CA CYS E 205 -2.51 -1.54 8.59
C CYS E 205 -2.20 -1.54 7.09
N HIS E 206 -1.30 -0.65 6.67
CA HIS E 206 -0.84 -0.61 5.31
C HIS E 206 -0.14 -1.94 5.09
N ARG E 207 -0.22 -2.53 3.87
CA ARG E 207 0.42 -3.83 3.57
C ARG E 207 1.92 -3.88 3.96
N GLU E 208 2.61 -2.71 3.86
CA GLU E 208 4.04 -2.54 4.19
C GLU E 208 4.44 -2.52 5.65
N CYS E 209 3.47 -2.50 6.56
CA CYS E 209 3.73 -2.49 8.00
C CYS E 209 4.07 -3.85 8.50
N ALA E 210 5.13 -3.92 9.29
CA ALA E 210 5.55 -5.13 9.95
C ALA E 210 5.32 -4.84 11.42
N GLY E 211 4.82 -5.82 12.16
CA GLY E 211 4.52 -5.68 13.58
C GLY E 211 3.11 -5.18 13.88
N GLY E 212 2.78 -4.06 13.27
CA GLY E 212 1.48 -3.40 13.40
C GLY E 212 1.58 -1.95 13.00
N CYS E 213 0.57 -1.18 13.42
CA CYS E 213 0.50 0.25 13.17
C CYS E 213 -0.38 0.97 14.16
N SER E 214 -0.41 2.26 14.02
CA SER E 214 -1.21 3.19 14.85
C SER E 214 -2.21 3.93 13.98
N GLY E 215 -2.25 3.60 12.69
CA GLY E 215 -3.11 4.24 11.72
C GLY E 215 -2.99 3.59 10.37
N PRO E 216 -3.78 4.04 9.38
CA PRO E 216 -3.78 3.36 8.08
C PRO E 216 -2.61 3.60 7.13
N LYS E 217 -1.92 4.73 7.26
CA LYS E 217 -0.85 5.16 6.36
C LYS E 217 0.43 4.34 6.48
N ASP E 218 1.27 4.34 5.40
CA ASP E 218 2.57 3.63 5.39
C ASP E 218 3.62 4.31 6.31
N THR E 219 3.24 5.41 6.92
CA THR E 219 4.08 6.14 7.83
C THR E 219 3.68 5.84 9.27
N ASP E 220 2.60 5.05 9.45
CA ASP E 220 2.02 4.67 10.74
C ASP E 220 2.49 3.31 11.26
N CYS E 221 3.50 2.68 10.59
CA CYS E 221 4.01 1.34 10.90
C CYS E 221 4.81 1.29 12.16
N PHE E 222 4.85 0.13 12.83
CA PHE E 222 5.72 -0.10 13.97
C PHE E 222 7.09 -0.48 13.43
N ALA E 223 7.13 -1.16 12.29
CA ALA E 223 8.35 -1.56 11.62
C ALA E 223 8.07 -1.69 10.13
N CYS E 224 9.11 -1.64 9.28
CA CYS E 224 8.91 -1.77 7.85
C CYS E 224 9.09 -3.22 7.41
N MET E 225 8.26 -3.66 6.47
CA MET E 225 8.37 -5.00 5.92
C MET E 225 9.61 -5.09 5.04
N ASN E 226 9.93 -3.98 4.32
CA ASN E 226 11.01 -3.92 3.35
C ASN E 226 11.96 -2.85 3.56
N PHE E 227 11.67 -1.63 3.02
CA PHE E 227 12.55 -0.44 3.09
C PHE E 227 11.89 0.75 3.69
N ASN E 228 12.68 1.59 4.30
CA ASN E 228 12.22 2.82 4.92
C ASN E 228 12.69 3.95 4.05
N ASP E 229 11.75 4.72 3.49
CA ASP E 229 12.02 5.89 2.65
C ASP E 229 11.48 7.12 3.33
N SER E 230 12.33 7.78 4.15
CA SER E 230 11.96 8.98 4.89
C SER E 230 10.66 8.80 5.71
N GLY E 231 10.63 7.72 6.48
CA GLY E 231 9.55 7.41 7.40
C GLY E 231 8.45 6.57 6.82
N ALA E 232 8.39 6.45 5.48
CA ALA E 232 7.41 5.69 4.74
C ALA E 232 7.94 4.31 4.46
N CYS E 233 7.16 3.27 4.76
CA CYS E 233 7.54 1.89 4.45
C CYS E 233 7.12 1.60 3.03
N VAL E 234 8.13 1.37 2.19
CA VAL E 234 8.04 1.14 0.75
C VAL E 234 8.52 -0.24 0.38
N THR E 235 8.01 -0.79 -0.75
CA THR E 235 8.43 -2.14 -1.20
C THR E 235 9.78 -2.07 -1.87
N GLN E 236 10.08 -0.90 -2.46
CA GLN E 236 11.26 -0.58 -3.24
C GLN E 236 11.50 0.90 -3.24
N CYS E 237 12.71 1.32 -3.49
CA CYS E 237 12.97 2.76 -3.52
C CYS E 237 12.55 3.40 -4.87
N PRO E 238 12.28 4.72 -4.93
CA PRO E 238 12.03 5.35 -6.25
C PRO E 238 13.23 5.11 -7.20
N GLN E 239 12.97 4.49 -8.35
CA GLN E 239 14.05 4.15 -9.31
C GLN E 239 14.46 5.37 -10.12
N THR E 240 15.65 5.32 -10.73
CA THR E 240 16.25 6.43 -11.50
C THR E 240 15.49 6.67 -12.76
N PHE E 241 14.89 5.61 -13.31
CA PHE E 241 14.09 5.66 -14.51
C PHE E 241 12.65 5.34 -14.25
N VAL E 242 11.78 6.00 -15.01
CA VAL E 242 10.35 5.87 -14.89
C VAL E 242 9.71 5.72 -16.28
N TYR E 243 8.89 4.68 -16.46
CA TYR E 243 8.31 4.46 -17.78
C TYR E 243 7.15 5.44 -18.04
N ASN E 244 7.13 6.09 -19.20
CA ASN E 244 6.06 6.99 -19.57
C ASN E 244 5.09 6.20 -20.47
N PRO E 245 3.87 5.95 -19.97
CA PRO E 245 2.90 5.10 -20.72
C PRO E 245 2.46 5.59 -22.07
N THR E 246 2.45 6.92 -22.24
CA THR E 246 2.00 7.63 -23.45
C THR E 246 3.07 7.68 -24.50
N THR E 247 4.40 7.70 -24.08
CA THR E 247 5.54 7.78 -25.01
C THR E 247 6.28 6.45 -25.26
N PHE E 248 6.03 5.39 -24.40
CA PHE E 248 6.66 4.07 -24.46
C PHE E 248 8.16 4.20 -24.32
N GLN E 249 8.60 5.13 -23.45
CA GLN E 249 10.04 5.32 -23.23
C GLN E 249 10.32 5.55 -21.77
N LEU E 250 11.54 5.23 -21.33
CA LEU E 250 11.88 5.54 -19.96
C LEU E 250 12.29 7.00 -19.93
N GLU E 251 12.09 7.61 -18.77
CA GLU E 251 12.39 8.99 -18.48
C GLU E 251 13.11 9.07 -17.16
N HIS E 252 13.84 10.15 -16.95
CA HIS E 252 14.54 10.35 -15.72
C HIS E 252 13.62 10.68 -14.61
N ASN E 253 13.82 10.03 -13.49
CA ASN E 253 13.09 10.34 -12.28
C ASN E 253 14.11 11.10 -11.48
N PHE E 254 13.76 12.31 -11.12
CA PHE E 254 14.71 13.14 -10.39
C PHE E 254 14.50 13.08 -8.89
N ASN E 255 13.43 12.37 -8.48
CA ASN E 255 13.03 12.10 -7.10
C ASN E 255 13.50 10.68 -6.76
N ALA E 256 14.41 10.13 -7.58
CA ALA E 256 14.97 8.82 -7.38
C ALA E 256 15.86 8.90 -6.17
N LYS E 257 15.88 7.81 -5.43
CA LYS E 257 16.67 7.60 -4.23
C LYS E 257 17.44 6.30 -4.41
N TYR E 258 18.49 6.10 -3.59
CA TYR E 258 19.31 4.88 -3.63
C TYR E 258 18.98 3.95 -2.53
N THR E 259 18.95 2.63 -2.84
CA THR E 259 18.70 1.60 -1.85
C THR E 259 19.98 1.32 -1.12
N TYR E 260 19.99 1.50 0.19
CA TYR E 260 21.15 1.18 0.98
C TYR E 260 20.64 0.42 2.20
N GLY E 261 20.92 -0.87 2.25
CA GLY E 261 20.44 -1.70 3.34
C GLY E 261 18.93 -1.72 3.36
N ALA E 262 18.30 -1.30 4.47
CA ALA E 262 16.83 -1.28 4.52
C ALA E 262 16.34 0.14 4.35
N PHE E 263 17.08 0.97 3.56
CA PHE E 263 16.77 2.38 3.43
C PHE E 263 16.86 2.94 2.04
N CYS E 264 16.09 4.00 1.79
CA CYS E 264 16.14 4.80 0.57
C CYS E 264 16.86 6.06 0.99
N VAL E 265 18.03 6.23 0.37
CA VAL E 265 18.95 7.30 0.70
C VAL E 265 19.19 8.30 -0.43
N LYS E 266 19.46 9.56 -0.07
CA LYS E 266 19.70 10.63 -1.04
C LYS E 266 21.06 10.48 -1.74
N LYS E 267 21.97 9.69 -1.15
CA LYS E 267 23.34 9.50 -1.64
C LYS E 267 23.93 8.15 -1.13
N CYS E 268 24.76 7.48 -1.94
CA CYS E 268 25.43 6.27 -1.44
C CYS E 268 26.61 6.67 -0.57
N PRO E 269 26.95 5.87 0.48
CA PRO E 269 28.23 6.11 1.17
C PRO E 269 29.35 6.18 0.13
N HIS E 270 30.31 7.08 0.30
CA HIS E 270 31.39 7.27 -0.68
C HIS E 270 32.15 6.02 -1.12
N ASN E 271 32.35 5.08 -0.15
CA ASN E 271 33.02 3.79 -0.32
C ASN E 271 32.20 2.75 -1.07
N PHE E 272 30.89 2.97 -1.18
CA PHE E 272 29.99 2.06 -1.88
C PHE E 272 29.93 2.28 -3.37
N VAL E 273 29.60 1.25 -4.12
CA VAL E 273 29.51 1.34 -5.57
C VAL E 273 28.03 1.47 -5.97
N VAL E 274 27.75 2.36 -6.92
CA VAL E 274 26.39 2.67 -7.37
C VAL E 274 26.09 1.85 -8.63
N ASP E 275 25.23 0.80 -8.51
CA ASP E 275 24.78 -0.08 -9.60
C ASP E 275 23.28 0.10 -9.69
N SER E 276 22.77 0.49 -10.88
CA SER E 276 21.37 0.85 -11.14
C SER E 276 20.95 1.97 -10.16
N SER E 277 19.97 1.70 -9.26
CA SER E 277 19.53 2.70 -8.27
C SER E 277 19.83 2.24 -6.84
N SER E 278 20.95 1.47 -6.68
CA SER E 278 21.34 0.84 -5.43
C SER E 278 22.80 1.04 -5.02
N CYS E 279 23.07 1.00 -3.70
CA CYS E 279 24.37 1.05 -3.06
C CYS E 279 24.80 -0.35 -2.80
N VAL E 280 25.59 -0.88 -3.73
CA VAL E 280 26.09 -2.25 -3.67
C VAL E 280 27.51 -2.35 -3.14
N ARG E 281 27.89 -3.54 -2.67
CA ARG E 281 29.23 -3.77 -2.14
C ARG E 281 30.16 -4.18 -3.27
N ALA E 282 29.61 -4.76 -4.33
CA ALA E 282 30.36 -5.33 -5.44
C ALA E 282 29.70 -5.17 -6.77
N CYS E 283 30.52 -5.14 -7.82
CA CYS E 283 30.03 -5.13 -9.19
C CYS E 283 29.76 -6.53 -9.64
N PRO E 284 28.76 -6.74 -10.50
CA PRO E 284 28.55 -8.07 -11.06
C PRO E 284 29.79 -8.50 -11.88
N SER E 285 30.09 -9.80 -11.91
CA SER E 285 31.23 -10.41 -12.63
C SER E 285 31.46 -9.83 -14.04
N SER E 286 30.34 -9.54 -14.75
CA SER E 286 30.21 -8.98 -16.11
C SER E 286 30.55 -7.47 -16.22
N LYS E 287 30.43 -6.70 -15.11
CA LYS E 287 30.71 -5.26 -15.06
C LYS E 287 32.00 -4.97 -14.28
N MET E 288 32.50 -3.72 -14.38
CA MET E 288 33.73 -3.25 -13.71
C MET E 288 33.54 -1.88 -13.03
N GLU E 289 34.14 -1.71 -11.85
CA GLU E 289 34.07 -0.49 -11.03
C GLU E 289 34.81 0.67 -11.70
N VAL E 290 34.15 1.82 -11.86
CA VAL E 290 34.72 3.03 -12.49
C VAL E 290 34.33 4.30 -11.71
N GLU E 291 35.19 5.33 -11.65
CA GLU E 291 34.84 6.55 -10.92
C GLU E 291 34.45 7.68 -11.85
N GLU E 292 33.29 8.30 -11.60
CA GLU E 292 32.76 9.41 -12.40
C GLU E 292 32.34 10.49 -11.45
N ASN E 293 33.15 11.57 -11.38
CA ASN E 293 32.99 12.73 -10.49
C ASN E 293 32.93 12.26 -9.02
N GLY E 294 33.86 11.39 -8.66
CA GLY E 294 34.00 10.81 -7.31
C GLY E 294 33.06 9.66 -6.98
N ILE E 295 32.15 9.32 -7.91
CA ILE E 295 31.16 8.27 -7.70
C ILE E 295 31.56 6.96 -8.34
N LYS E 296 31.70 5.90 -7.52
CA LYS E 296 32.05 4.54 -7.99
C LYS E 296 30.83 3.92 -8.66
N MET E 297 30.98 3.37 -9.85
CA MET E 297 29.85 2.83 -10.61
C MET E 297 30.18 1.58 -11.33
N CYS E 298 29.19 0.74 -11.61
CA CYS E 298 29.43 -0.46 -12.39
C CYS E 298 29.15 -0.14 -13.83
N LYS E 299 30.16 -0.29 -14.68
CA LYS E 299 30.08 -0.05 -16.12
C LYS E 299 30.58 -1.31 -16.83
N PRO E 300 30.10 -1.63 -18.07
CA PRO E 300 30.58 -2.85 -18.74
C PRO E 300 32.08 -2.84 -18.98
N CYS E 301 32.67 -4.04 -19.01
CA CYS E 301 34.11 -4.22 -19.20
C CYS E 301 34.56 -3.83 -20.61
N THR E 302 35.75 -3.19 -20.72
CA THR E 302 36.38 -2.75 -21.98
C THR E 302 36.37 -3.92 -22.97
N ASP E 303 36.97 -5.05 -22.55
CA ASP E 303 37.02 -6.30 -23.28
C ASP E 303 37.04 -7.42 -22.24
N ILE E 304 38.09 -7.42 -21.39
CA ILE E 304 38.29 -8.40 -20.33
C ILE E 304 38.18 -7.72 -18.96
N CYS E 305 37.32 -8.28 -18.10
CA CYS E 305 37.04 -7.80 -16.75
C CYS E 305 38.22 -8.06 -15.83
N PRO E 306 38.50 -7.15 -14.89
CA PRO E 306 39.58 -7.43 -13.93
C PRO E 306 39.29 -8.67 -13.05
N LYS E 307 40.34 -9.28 -12.51
CA LYS E 307 40.18 -10.47 -11.69
C LYS E 307 39.71 -10.13 -10.26
N ALA E 308 38.38 -10.12 -10.04
CA ALA E 308 37.79 -9.87 -8.72
C ALA E 308 37.40 -11.22 -8.11
N CYS E 309 37.73 -11.44 -6.83
CA CYS E 309 37.49 -12.72 -6.17
C CYS E 309 36.67 -12.64 -4.93
N ASP E 310 35.88 -13.68 -4.69
CA ASP E 310 35.04 -13.76 -3.51
C ASP E 310 35.92 -13.80 -2.27
N GLY E 311 35.60 -12.96 -1.31
CA GLY E 311 36.31 -12.90 -0.04
C GLY E 311 35.72 -13.87 0.95
N ILE E 312 36.30 -13.94 2.13
CA ILE E 312 35.85 -14.86 3.18
C ILE E 312 34.48 -14.39 3.68
N GLY E 313 33.48 -15.23 3.43
CA GLY E 313 32.09 -14.99 3.81
C GLY E 313 31.22 -14.38 2.72
N THR E 314 31.70 -14.43 1.45
CA THR E 314 31.03 -13.88 0.26
C THR E 314 30.94 -14.93 -0.87
N GLY E 315 29.75 -14.99 -1.50
CA GLY E 315 29.46 -15.86 -2.63
C GLY E 315 29.93 -17.28 -2.48
N SER E 316 30.89 -17.69 -3.33
CA SER E 316 31.46 -19.04 -3.33
C SER E 316 32.10 -19.41 -1.98
N LEU E 317 32.44 -18.39 -1.17
CA LEU E 317 33.09 -18.54 0.11
C LEU E 317 32.26 -18.09 1.30
N MET E 318 30.94 -18.02 1.11
CA MET E 318 29.95 -17.62 2.10
C MET E 318 30.12 -18.37 3.42
N SER E 319 30.32 -19.70 3.31
CA SER E 319 30.51 -20.64 4.42
C SER E 319 31.75 -20.32 5.28
N ALA E 320 32.89 -19.96 4.61
CA ALA E 320 34.18 -19.69 5.24
C ALA E 320 34.22 -18.66 6.39
N GLN E 321 35.11 -18.92 7.32
CA GLN E 321 35.34 -18.08 8.49
C GLN E 321 36.78 -17.54 8.43
N THR E 322 37.67 -18.24 7.69
CA THR E 322 39.09 -17.92 7.53
C THR E 322 39.70 -18.44 6.23
N VAL E 323 40.84 -17.85 5.80
CA VAL E 323 41.64 -18.30 4.67
C VAL E 323 42.36 -19.54 5.22
N ASP E 324 42.27 -20.67 4.52
CA ASP E 324 42.92 -21.93 4.94
C ASP E 324 43.46 -22.66 3.72
N SER E 325 44.08 -23.84 3.94
CA SER E 325 44.64 -24.65 2.85
C SER E 325 43.60 -25.08 1.81
N SER E 326 42.33 -25.22 2.24
CA SER E 326 41.21 -25.61 1.40
C SER E 326 40.71 -24.49 0.46
N ASN E 327 41.05 -23.23 0.75
CA ASN E 327 40.55 -22.12 -0.09
C ASN E 327 41.63 -21.20 -0.64
N ILE E 328 42.83 -21.25 -0.03
CA ILE E 328 43.99 -20.45 -0.41
C ILE E 328 44.22 -20.38 -1.93
N ASP E 329 44.00 -21.50 -2.62
CA ASP E 329 44.16 -21.59 -4.06
C ASP E 329 43.09 -20.86 -4.90
N LYS E 330 41.98 -20.46 -4.26
CA LYS E 330 40.91 -19.70 -4.94
C LYS E 330 41.36 -18.27 -5.26
N PHE E 331 42.41 -17.80 -4.54
CA PHE E 331 43.04 -16.46 -4.62
C PHE E 331 44.16 -16.35 -5.65
N ILE E 332 44.28 -17.35 -6.52
CA ILE E 332 45.32 -17.30 -7.54
C ILE E 332 45.01 -16.21 -8.57
N ASN E 333 45.97 -15.27 -8.75
CA ASN E 333 45.93 -14.11 -9.65
C ASN E 333 44.87 -13.04 -9.33
N CYS E 334 44.35 -12.99 -8.09
CA CYS E 334 43.36 -11.99 -7.69
C CYS E 334 43.96 -10.63 -7.50
N THR E 335 43.36 -9.63 -8.12
CA THR E 335 43.80 -8.23 -8.00
C THR E 335 42.85 -7.45 -7.08
N LYS E 336 41.61 -7.93 -6.96
CA LYS E 336 40.57 -7.34 -6.11
C LYS E 336 39.91 -8.47 -5.32
N ILE E 337 39.64 -8.26 -4.03
CA ILE E 337 38.93 -9.25 -3.21
C ILE E 337 37.57 -8.67 -2.87
N ASN E 338 36.53 -9.26 -3.45
CA ASN E 338 35.18 -8.79 -3.18
C ASN E 338 34.74 -9.33 -1.86
N GLY E 339 35.08 -8.59 -0.82
CA GLY E 339 34.75 -8.98 0.53
C GLY E 339 35.92 -8.81 1.47
N ASN E 340 36.00 -9.71 2.45
CA ASN E 340 36.98 -9.72 3.51
C ASN E 340 38.09 -10.72 3.29
N LEU E 341 39.18 -10.58 4.09
CA LEU E 341 40.32 -11.48 4.23
C LEU E 341 40.52 -11.64 5.72
N ILE E 342 40.28 -12.86 6.19
CA ILE E 342 40.38 -13.18 7.59
C ILE E 342 41.34 -14.33 7.75
N PHE E 343 42.28 -14.21 8.71
CA PHE E 343 43.26 -15.22 9.06
C PHE E 343 43.06 -15.51 10.53
N LEU E 344 42.42 -16.66 10.82
CA LEU E 344 42.13 -17.08 12.19
C LEU E 344 43.16 -18.11 12.58
N VAL E 345 43.26 -18.40 13.89
CA VAL E 345 44.22 -19.41 14.40
C VAL E 345 44.06 -20.75 13.63
N THR E 346 42.80 -21.21 13.52
CA THR E 346 42.29 -22.37 12.78
C THR E 346 42.79 -22.41 11.32
N GLY E 347 42.95 -21.25 10.71
CA GLY E 347 43.29 -21.11 9.31
C GLY E 347 44.75 -21.36 9.04
N ILE E 348 45.59 -20.65 9.81
CA ILE E 348 47.06 -20.70 9.75
C ILE E 348 47.61 -22.03 10.29
N HIS E 349 47.11 -22.47 11.44
CA HIS E 349 47.56 -23.66 12.13
C HIS E 349 46.70 -24.91 11.91
N GLY E 350 45.77 -24.83 10.97
CA GLY E 350 44.89 -25.94 10.59
C GLY E 350 43.82 -26.32 11.59
N ASP E 351 42.76 -26.94 11.07
CA ASP E 351 41.60 -27.41 11.82
C ASP E 351 41.55 -28.94 11.71
N PRO E 352 42.26 -29.66 12.62
CA PRO E 352 42.28 -31.13 12.57
C PRO E 352 40.91 -31.80 12.53
N TYR E 353 39.95 -31.33 13.37
CA TYR E 353 38.61 -31.87 13.47
C TYR E 353 37.92 -31.98 12.11
N ASN E 354 38.05 -30.94 11.28
CA ASN E 354 37.44 -30.92 9.94
C ASN E 354 38.44 -31.30 8.84
N ALA E 355 39.53 -31.99 9.26
CA ALA E 355 40.59 -32.51 8.40
C ALA E 355 41.17 -31.48 7.43
N ILE E 356 41.55 -30.31 7.96
CA ILE E 356 42.17 -29.23 7.19
C ILE E 356 43.56 -29.05 7.73
N GLU E 357 44.55 -29.23 6.84
CA GLU E 357 45.96 -29.11 7.17
C GLU E 357 46.32 -27.64 7.33
N ALA E 358 47.31 -27.33 8.18
CA ALA E 358 47.79 -25.96 8.38
C ALA E 358 48.27 -25.41 7.05
N ILE E 359 48.04 -24.15 6.82
CA ILE E 359 48.40 -23.49 5.57
C ILE E 359 49.91 -23.54 5.33
N ASP E 360 50.31 -23.73 4.07
CA ASP E 360 51.72 -23.73 3.66
C ASP E 360 52.12 -22.26 3.60
N PRO E 361 53.05 -21.80 4.48
CA PRO E 361 53.40 -20.36 4.49
C PRO E 361 53.80 -19.79 3.14
N GLU E 362 54.37 -20.62 2.23
CA GLU E 362 54.75 -20.19 0.89
C GLU E 362 53.51 -19.78 0.10
N LYS E 363 52.41 -20.54 0.26
CA LYS E 363 51.15 -20.29 -0.44
C LYS E 363 50.54 -18.89 -0.17
N LEU E 364 50.94 -18.22 0.94
CA LEU E 364 50.46 -16.88 1.27
C LEU E 364 50.92 -15.85 0.24
N ASN E 365 51.82 -16.23 -0.69
CA ASN E 365 52.31 -15.35 -1.75
C ASN E 365 51.28 -15.09 -2.84
N VAL E 366 50.12 -15.81 -2.80
CA VAL E 366 48.98 -15.62 -3.73
C VAL E 366 48.49 -14.18 -3.67
N PHE E 367 48.55 -13.60 -2.48
CA PHE E 367 48.08 -12.27 -2.17
C PHE E 367 48.91 -11.11 -2.73
N ARG E 368 50.08 -11.40 -3.32
CA ARG E 368 50.93 -10.35 -3.87
C ARG E 368 50.31 -9.67 -5.08
N THR E 369 49.26 -10.29 -5.68
CA THR E 369 48.55 -9.74 -6.85
C THR E 369 47.48 -8.67 -6.45
N VAL E 370 46.87 -8.89 -5.24
CA VAL E 370 45.82 -8.11 -4.56
C VAL E 370 46.22 -6.64 -4.41
N ARG E 371 45.39 -5.78 -4.96
CA ARG E 371 45.56 -4.33 -4.94
C ARG E 371 44.48 -3.68 -4.12
N GLU E 372 43.28 -4.33 -4.05
CA GLU E 372 42.11 -3.84 -3.33
C GLU E 372 41.39 -4.94 -2.55
N ILE E 373 41.00 -4.65 -1.27
CA ILE E 373 40.17 -5.53 -0.43
C ILE E 373 38.93 -4.67 -0.08
N THR E 374 37.77 -4.98 -0.70
CA THR E 374 36.54 -4.19 -0.52
C THR E 374 35.97 -4.18 0.90
N GLY E 375 36.08 -5.31 1.59
CA GLY E 375 35.61 -5.42 2.96
C GLY E 375 36.69 -5.02 3.96
N PHE E 376 37.08 -5.98 4.83
CA PHE E 376 38.09 -5.75 5.85
C PHE E 376 39.22 -6.77 5.83
N LEU E 377 40.30 -6.44 6.57
CA LEU E 377 41.47 -7.29 6.78
C LEU E 377 41.47 -7.63 8.24
N ASN E 378 41.43 -8.92 8.54
CA ASN E 378 41.44 -9.38 9.91
C ASN E 378 42.54 -10.41 10.14
N ILE E 379 43.66 -9.98 10.73
CA ILE E 379 44.80 -10.86 11.01
C ILE E 379 44.87 -11.18 12.50
N GLN E 380 44.37 -12.37 12.85
CA GLN E 380 44.34 -12.90 14.20
C GLN E 380 45.38 -14.02 14.34
N SER E 381 45.95 -14.46 13.20
CA SER E 381 46.96 -15.52 13.16
C SER E 381 47.83 -15.34 11.95
N TRP E 382 49.11 -15.73 12.07
CA TRP E 382 50.10 -15.61 11.02
C TRP E 382 51.23 -16.62 11.25
N PRO E 383 51.80 -17.24 10.19
CA PRO E 383 52.91 -18.18 10.38
C PRO E 383 54.00 -17.57 11.26
N PRO E 384 54.51 -18.33 12.27
CA PRO E 384 55.47 -17.77 13.23
C PRO E 384 56.80 -17.33 12.64
N ASN E 385 57.26 -18.03 11.59
CA ASN E 385 58.53 -17.68 10.98
C ASN E 385 58.48 -16.44 10.03
N MET E 386 57.26 -15.83 9.87
CA MET E 386 56.96 -14.62 9.07
C MET E 386 56.86 -13.39 9.98
N THR E 387 57.78 -12.43 9.77
CA THR E 387 57.93 -11.18 10.54
C THR E 387 57.10 -9.97 10.07
N ASP E 388 56.49 -10.08 8.89
CA ASP E 388 55.73 -8.98 8.28
C ASP E 388 54.69 -9.44 7.25
N PHE E 389 53.89 -8.50 6.76
CA PHE E 389 52.84 -8.73 5.78
C PHE E 389 53.26 -8.29 4.37
N SER E 390 54.48 -8.68 3.93
CA SER E 390 55.01 -8.30 2.61
C SER E 390 54.31 -9.03 1.47
N VAL E 391 53.45 -10.01 1.81
CA VAL E 391 52.61 -10.69 0.82
C VAL E 391 51.52 -9.69 0.35
N PHE E 392 51.23 -8.67 1.19
CA PHE E 392 50.28 -7.60 0.91
C PHE E 392 50.98 -6.32 0.43
N SER E 393 52.08 -6.47 -0.34
CA SER E 393 52.87 -5.34 -0.83
C SER E 393 52.16 -4.53 -1.90
N ASN E 394 51.26 -5.17 -2.68
CA ASN E 394 50.49 -4.50 -3.72
C ASN E 394 49.19 -3.89 -3.25
N LEU E 395 48.76 -4.21 -2.01
CA LEU E 395 47.53 -3.70 -1.42
C LEU E 395 47.56 -2.17 -1.30
N VAL E 396 46.69 -1.49 -2.07
CA VAL E 396 46.61 -0.03 -2.13
C VAL E 396 45.43 0.51 -1.33
N THR E 397 44.28 -0.21 -1.40
CA THR E 397 43.05 0.23 -0.72
C THR E 397 42.41 -0.84 0.10
N ILE E 398 41.79 -0.42 1.19
CA ILE E 398 40.93 -1.24 2.03
C ILE E 398 39.60 -0.47 1.94
N GLY E 399 38.56 -1.15 1.53
CA GLY E 399 37.27 -0.52 1.29
C GLY E 399 36.50 -0.11 2.52
N GLY E 400 36.40 -1.01 3.47
CA GLY E 400 35.60 -0.80 4.66
C GLY E 400 34.12 -0.82 4.32
N ARG E 401 33.75 -1.51 3.20
CA ARG E 401 32.38 -1.70 2.72
C ARG E 401 31.65 -2.72 3.59
N VAL E 402 32.43 -3.41 4.44
CA VAL E 402 32.03 -4.35 5.46
C VAL E 402 32.97 -4.05 6.67
N LEU E 403 32.46 -4.07 7.90
CA LEU E 403 33.31 -3.85 9.06
C LEU E 403 33.11 -4.92 10.13
N TYR E 404 33.98 -4.97 11.13
CA TYR E 404 33.97 -5.98 12.19
C TYR E 404 34.11 -5.21 13.46
N SER E 405 32.99 -4.98 14.18
CA SER E 405 32.95 -4.15 15.41
C SER E 405 33.43 -2.74 15.03
N GLY E 406 33.08 -2.34 13.80
CA GLY E 406 33.43 -1.06 13.20
C GLY E 406 34.84 -0.96 12.65
N LEU E 407 35.48 -2.11 12.41
CA LEU E 407 36.87 -2.13 11.93
C LEU E 407 37.09 -2.69 10.50
N SER E 408 38.12 -2.11 9.80
CA SER E 408 38.55 -2.49 8.46
C SER E 408 39.98 -3.06 8.44
N LEU E 409 40.78 -2.75 9.47
CA LEU E 409 42.12 -3.31 9.63
C LEU E 409 42.33 -3.80 11.05
N LEU E 410 42.60 -5.11 11.19
CA LEU E 410 42.85 -5.76 12.47
C LEU E 410 44.10 -6.54 12.44
N ILE E 411 45.03 -6.22 13.35
CA ILE E 411 46.28 -6.96 13.46
C ILE E 411 46.44 -7.14 14.95
N LEU E 412 46.20 -8.36 15.43
CA LEU E 412 46.28 -8.59 16.88
C LEU E 412 46.94 -9.88 17.34
N LYS E 413 47.53 -9.83 18.56
CA LYS E 413 48.15 -10.94 19.27
C LYS E 413 49.30 -11.62 18.52
N GLN E 414 49.76 -11.01 17.42
CA GLN E 414 50.86 -11.58 16.62
C GLN E 414 52.25 -11.30 17.17
N GLN E 415 52.87 -12.33 17.77
CA GLN E 415 54.20 -12.20 18.38
C GLN E 415 55.33 -12.17 17.36
N GLY E 416 55.21 -12.95 16.28
CA GLY E 416 56.20 -13.09 15.22
C GLY E 416 56.48 -11.88 14.36
N ILE E 417 55.53 -10.93 14.30
CA ILE E 417 55.67 -9.73 13.47
C ILE E 417 56.48 -8.63 14.15
N THR E 418 57.43 -8.06 13.38
CA THR E 418 58.32 -7.00 13.86
C THR E 418 58.15 -5.68 13.06
N SER E 419 57.53 -5.79 11.89
CA SER E 419 57.27 -4.70 10.95
C SER E 419 55.96 -5.05 10.25
N LEU E 420 55.25 -4.02 9.73
CA LEU E 420 53.96 -4.22 9.05
C LEU E 420 54.22 -4.55 7.60
N GLN E 421 54.90 -3.63 6.92
CA GLN E 421 55.35 -3.74 5.53
C GLN E 421 54.27 -3.79 4.45
N PHE E 422 53.17 -3.00 4.65
CA PHE E 422 52.09 -2.79 3.67
C PHE E 422 52.57 -1.60 2.83
N GLN E 423 53.54 -1.88 1.96
CA GLN E 423 54.24 -0.95 1.08
C GLN E 423 53.36 0.08 0.31
N SER E 424 52.33 -0.40 -0.40
CA SER E 424 51.47 0.42 -1.26
C SER E 424 50.19 0.94 -0.62
N LEU E 425 49.88 0.50 0.62
CA LEU E 425 48.65 0.92 1.32
C LEU E 425 48.61 2.45 1.47
N LYS E 426 47.77 3.08 0.60
CA LYS E 426 47.53 4.53 0.47
C LYS E 426 46.14 4.93 0.99
N GLU E 427 45.16 3.97 1.00
CA GLU E 427 43.79 4.28 1.42
C GLU E 427 43.06 3.23 2.25
N ILE E 428 42.38 3.70 3.33
CA ILE E 428 41.43 2.95 4.19
C ILE E 428 40.19 3.84 4.18
N SER E 429 39.29 3.53 3.26
CA SER E 429 38.10 4.32 2.95
C SER E 429 37.04 4.44 4.03
N ALA E 430 36.96 3.47 4.95
CA ALA E 430 35.94 3.42 6.00
C ALA E 430 36.37 2.53 7.17
N GLY E 431 35.74 2.72 8.34
CA GLY E 431 36.02 1.92 9.54
C GLY E 431 37.28 2.31 10.27
N ASN E 432 37.51 1.65 11.40
CA ASN E 432 38.66 1.95 12.24
C ASN E 432 39.76 0.89 12.16
N ILE E 433 40.98 1.28 12.63
CA ILE E 433 42.18 0.44 12.69
C ILE E 433 42.41 -0.01 14.15
N TYR E 434 42.70 -1.31 14.35
CA TYR E 434 42.92 -1.92 15.65
C TYR E 434 44.18 -2.77 15.56
N ILE E 435 45.30 -2.21 16.03
CA ILE E 435 46.60 -2.87 16.04
C ILE E 435 47.02 -3.02 17.49
N THR E 436 46.78 -4.22 18.08
CA THR E 436 47.07 -4.45 19.49
C THR E 436 47.77 -5.77 19.77
N ASP E 437 48.45 -5.84 20.94
CA ASP E 437 49.10 -7.02 21.51
C ASP E 437 50.14 -7.75 20.62
N ASN E 438 50.70 -7.02 19.64
CA ASN E 438 51.76 -7.54 18.76
C ASN E 438 53.06 -7.08 19.38
N SER E 439 53.43 -7.75 20.48
CA SER E 439 54.56 -7.45 21.39
C SER E 439 55.89 -7.04 20.78
N ASN E 440 56.15 -7.46 19.53
CA ASN E 440 57.42 -7.18 18.86
C ASN E 440 57.32 -6.28 17.62
N LEU E 441 56.09 -5.82 17.29
CA LEU E 441 55.84 -4.90 16.18
C LEU E 441 56.49 -3.54 16.48
N CYS E 442 57.14 -2.93 15.46
CA CYS E 442 57.92 -1.73 15.70
C CYS E 442 57.74 -0.50 14.81
N TYR E 443 56.95 -0.54 13.74
CA TYR E 443 56.97 0.69 12.93
C TYR E 443 55.74 1.52 12.98
N TYR E 444 54.68 0.89 13.44
CA TYR E 444 53.32 1.36 13.62
C TYR E 444 53.18 2.79 14.21
N HIS E 445 54.06 3.13 15.17
CA HIS E 445 54.03 4.39 15.89
C HIS E 445 54.55 5.58 15.09
N THR E 446 55.33 5.33 14.03
CA THR E 446 55.90 6.38 13.20
C THR E 446 54.80 6.99 12.29
N ILE E 447 54.03 6.08 11.66
CA ILE E 447 52.93 6.26 10.70
C ILE E 447 51.94 7.32 11.13
N ASN E 448 51.49 8.12 10.14
CA ASN E 448 50.41 9.10 10.27
C ASN E 448 49.22 8.38 9.63
N TRP E 449 48.39 7.76 10.45
CA TRP E 449 47.25 6.99 9.94
C TRP E 449 46.16 7.84 9.27
N THR E 450 45.96 9.08 9.76
CA THR E 450 44.97 10.03 9.23
C THR E 450 45.17 10.34 7.74
N THR E 451 46.43 10.25 7.26
CA THR E 451 46.73 10.47 5.85
C THR E 451 46.05 9.41 4.98
N LEU E 452 45.78 8.20 5.56
CA LEU E 452 45.14 7.07 4.88
C LEU E 452 43.62 7.12 4.94
N PHE E 453 43.04 7.66 6.04
CA PHE E 453 41.59 7.75 6.18
C PHE E 453 40.91 8.72 5.18
N SER E 454 39.60 8.55 5.01
CA SER E 454 38.72 9.37 4.17
C SER E 454 37.90 10.32 5.07
N THR E 455 37.02 9.78 5.93
CA THR E 455 36.23 10.58 6.88
C THR E 455 37.12 11.10 8.07
N ILE E 456 36.51 11.86 8.96
CA ILE E 456 37.20 12.32 10.16
C ILE E 456 36.69 11.54 11.40
N ASN E 457 35.70 10.67 11.15
CA ASN E 457 35.04 9.78 12.12
C ASN E 457 35.83 8.48 12.26
N GLN E 458 36.93 8.38 11.50
CA GLN E 458 37.75 7.20 11.52
C GLN E 458 38.82 7.34 12.57
N ARG E 459 38.81 6.44 13.57
CA ARG E 459 39.76 6.40 14.69
C ARG E 459 40.77 5.22 14.65
N ILE E 460 41.84 5.32 15.46
CA ILE E 460 42.95 4.36 15.54
C ILE E 460 43.14 3.84 16.99
N VAL E 461 43.16 2.51 17.16
CA VAL E 461 43.33 1.85 18.45
C VAL E 461 44.68 1.08 18.45
N ILE E 462 45.74 1.73 18.93
CA ILE E 462 47.07 1.10 19.01
C ILE E 462 47.43 0.92 20.48
N ARG E 463 47.52 -0.36 20.90
CA ARG E 463 47.75 -0.73 22.29
C ARG E 463 48.62 -1.97 22.39
N ASP E 464 49.51 -1.99 23.40
CA ASP E 464 50.36 -3.13 23.78
C ASP E 464 51.24 -3.75 22.68
N ASN E 465 51.76 -2.91 21.77
CA ASN E 465 52.74 -3.34 20.78
C ASN E 465 54.09 -2.93 21.39
N ARG E 466 55.24 -3.12 20.71
CA ARG E 466 56.50 -2.71 21.35
C ARG E 466 56.58 -1.21 21.56
N LYS E 467 56.84 -0.76 22.83
CA LYS E 467 56.92 0.66 23.20
C LYS E 467 57.79 1.44 22.25
N ALA E 468 57.27 2.57 21.73
CA ALA E 468 57.95 3.45 20.78
C ALA E 468 59.38 3.84 21.22
N GLU E 469 59.57 3.98 22.54
CA GLU E 469 60.85 4.32 23.18
C GLU E 469 61.84 3.17 22.98
N ASN E 470 61.37 1.93 23.21
CA ASN E 470 62.08 0.67 23.07
C ASN E 470 62.50 0.46 21.62
N CYS E 471 61.58 0.81 20.68
CA CYS E 471 61.80 0.69 19.24
C CYS E 471 62.91 1.65 18.80
N THR E 472 62.77 2.96 19.15
CA THR E 472 63.74 4.03 18.83
C THR E 472 65.12 3.64 19.32
N ALA E 473 65.20 3.17 20.59
CA ALA E 473 66.43 2.73 21.24
C ALA E 473 67.10 1.59 20.48
N GLU E 474 66.33 0.58 20.03
CA GLU E 474 66.87 -0.54 19.28
C GLU E 474 67.15 -0.22 17.81
N GLY E 475 66.96 1.04 17.45
CA GLY E 475 67.19 1.56 16.11
C GLY E 475 66.08 1.32 15.11
N MET E 476 64.83 0.97 15.56
CA MET E 476 63.68 0.79 14.64
C MET E 476 63.08 2.15 14.29
N VAL E 477 63.85 2.92 13.52
CA VAL E 477 63.49 4.28 13.07
C VAL E 477 63.35 4.27 11.58
N CYS E 478 62.68 5.30 11.05
CA CYS E 478 62.47 5.41 9.61
C CYS E 478 63.74 5.82 8.94
N ASN E 479 63.93 5.37 7.69
CA ASN E 479 65.05 5.72 6.84
C ASN E 479 65.07 7.27 6.65
N HIS E 480 66.26 7.88 6.53
CA HIS E 480 66.36 9.35 6.39
C HIS E 480 65.64 9.89 5.16
N LEU E 481 65.49 9.06 4.10
CA LEU E 481 64.84 9.46 2.84
C LEU E 481 63.30 9.43 2.94
N CYS E 482 62.79 8.99 4.09
CA CYS E 482 61.40 8.89 4.48
C CYS E 482 60.98 10.22 5.09
N SER E 483 59.89 10.82 4.59
CA SER E 483 59.29 12.06 5.11
C SER E 483 58.78 11.87 6.58
N SER E 484 58.11 12.90 7.13
CA SER E 484 57.56 12.89 8.47
C SER E 484 56.28 12.02 8.61
N ASP E 485 55.77 11.45 7.49
CA ASP E 485 54.59 10.60 7.49
C ASP E 485 54.79 9.17 8.06
N GLY E 486 56.01 8.87 8.46
CA GLY E 486 56.35 7.58 9.04
C GLY E 486 56.63 6.52 8.01
N CYS E 487 56.68 5.24 8.47
CA CYS E 487 57.01 4.09 7.63
C CYS E 487 56.41 2.77 8.11
N TRP E 488 56.19 1.88 7.13
CA TRP E 488 55.65 0.53 7.24
C TRP E 488 56.67 -0.49 7.75
N GLY E 489 57.94 -0.08 7.84
CA GLY E 489 59.06 -0.91 8.27
C GLY E 489 60.40 -0.28 7.92
N PRO E 490 61.50 -1.03 8.00
CA PRO E 490 62.80 -0.45 7.64
C PRO E 490 63.05 -0.43 6.13
N GLY E 491 63.93 0.48 5.73
CA GLY E 491 64.33 0.66 4.34
C GLY E 491 63.69 1.86 3.67
N PRO E 492 64.16 2.21 2.46
CA PRO E 492 63.57 3.38 1.76
C PRO E 492 62.36 3.03 0.90
N ASP E 493 62.12 1.74 0.67
CA ASP E 493 60.97 1.26 -0.08
C ASP E 493 59.72 1.32 0.79
N GLN E 494 59.89 1.10 2.11
CA GLN E 494 58.83 1.09 3.12
C GLN E 494 58.45 2.49 3.63
N CYS E 495 58.56 3.50 2.77
CA CYS E 495 58.17 4.86 3.10
C CYS E 495 56.68 5.03 2.85
N LEU E 496 56.09 6.10 3.39
CA LEU E 496 54.70 6.45 3.15
C LEU E 496 54.75 7.54 2.05
N SER E 497 55.84 8.33 2.07
CA SER E 497 56.21 9.40 1.13
C SER E 497 57.72 9.67 1.24
N CYS E 498 58.35 10.08 0.12
CA CYS E 498 59.79 10.37 0.08
C CYS E 498 60.16 11.82 0.41
N ARG E 499 61.37 11.99 0.96
CA ARG E 499 61.90 13.28 1.32
C ARG E 499 62.44 13.93 0.05
N ARG E 500 63.08 13.12 -0.86
CA ARG E 500 63.64 13.64 -2.12
C ARG E 500 62.99 13.04 -3.35
N PHE E 501 63.64 12.07 -4.01
CA PHE E 501 63.18 11.40 -5.24
C PHE E 501 62.66 9.97 -5.01
N SER E 502 62.01 9.36 -6.03
CA SER E 502 61.46 8.00 -5.98
C SER E 502 61.55 7.18 -7.29
N ARG E 503 62.44 6.15 -7.33
CA ARG E 503 62.54 5.26 -8.49
C ARG E 503 61.66 4.04 -8.20
N GLY E 504 60.41 4.14 -8.61
CA GLY E 504 59.42 3.10 -8.36
C GLY E 504 58.95 3.21 -6.93
N ARG E 505 59.14 2.13 -6.16
CA ARG E 505 58.72 2.09 -4.75
C ARG E 505 59.82 2.53 -3.78
N ILE E 506 61.06 2.76 -4.29
CA ILE E 506 62.23 3.14 -3.50
C ILE E 506 62.49 4.64 -3.52
N CYS E 507 62.73 5.21 -2.33
CA CYS E 507 63.05 6.62 -2.17
C CYS E 507 64.55 6.76 -2.39
N ILE E 508 64.95 7.51 -3.41
CA ILE E 508 66.35 7.67 -3.75
C ILE E 508 66.89 9.07 -3.48
N GLU E 509 68.21 9.21 -3.57
CA GLU E 509 68.89 10.47 -3.37
C GLU E 509 68.66 11.38 -4.59
N SER E 510 69.00 10.88 -5.82
CA SER E 510 68.85 11.60 -7.09
C SER E 510 68.65 10.65 -8.25
N CYS E 511 68.09 11.16 -9.39
CA CYS E 511 67.87 10.35 -10.59
C CYS E 511 69.20 10.09 -11.31
N ASN E 512 69.18 9.13 -12.26
CA ASN E 512 70.33 8.76 -13.09
C ASN E 512 70.37 9.70 -14.30
N LEU E 513 70.59 10.98 -14.01
CA LEU E 513 70.62 12.04 -15.01
C LEU E 513 71.89 12.03 -15.87
N TYR E 514 73.06 11.88 -15.23
CA TYR E 514 74.37 11.95 -15.87
C TYR E 514 75.19 10.68 -15.71
N ASP E 515 74.92 9.96 -14.63
CA ASP E 515 75.55 8.71 -14.24
C ASP E 515 74.51 7.59 -14.41
N GLY E 516 74.94 6.34 -14.24
CA GLY E 516 74.06 5.19 -14.39
C GLY E 516 73.96 4.71 -15.81
N GLU E 517 73.75 3.39 -15.98
CA GLU E 517 73.64 2.79 -17.31
C GLU E 517 72.21 2.70 -17.81
N PHE E 518 71.25 3.09 -16.94
CA PHE E 518 69.82 3.19 -17.26
C PHE E 518 69.32 4.61 -16.92
N ARG E 519 69.55 5.54 -17.87
CA ARG E 519 69.32 6.98 -17.81
C ARG E 519 67.91 7.42 -17.59
N GLU E 520 67.74 8.53 -16.83
CA GLU E 520 66.44 9.09 -16.47
C GLU E 520 66.33 10.62 -16.63
N PHE E 521 65.12 11.14 -16.31
CA PHE E 521 64.73 12.55 -16.27
C PHE E 521 63.79 12.70 -15.08
N GLU E 522 63.82 13.85 -14.37
CA GLU E 522 62.95 14.03 -13.21
C GLU E 522 61.59 14.59 -13.52
N ASN E 523 60.57 13.73 -13.39
CA ASN E 523 59.15 14.04 -13.58
C ASN E 523 58.61 14.54 -12.22
N ASP E 524 59.34 15.53 -11.63
CA ASP E 524 59.07 16.15 -10.33
C ASP E 524 59.02 15.04 -9.25
N SER E 525 60.20 14.68 -8.70
CA SER E 525 60.42 13.63 -7.70
C SER E 525 60.30 12.17 -8.21
N ILE E 526 59.66 11.93 -9.35
CA ILE E 526 59.57 10.59 -9.91
C ILE E 526 60.66 10.44 -10.99
N CYS E 527 61.54 9.44 -10.83
CA CYS E 527 62.62 9.22 -11.81
C CYS E 527 62.14 8.23 -12.89
N VAL E 528 61.92 8.74 -14.11
CA VAL E 528 61.44 7.92 -15.24
C VAL E 528 62.56 7.66 -16.24
N GLU E 529 62.74 6.38 -16.66
CA GLU E 529 63.74 5.94 -17.63
C GLU E 529 63.52 6.56 -19.01
N CYS E 530 64.62 6.97 -19.68
CA CYS E 530 64.57 7.55 -21.03
C CYS E 530 64.20 6.45 -22.02
N ASP E 531 63.57 6.82 -23.14
CA ASP E 531 63.17 5.87 -24.17
C ASP E 531 64.40 5.04 -24.64
N PRO E 532 64.25 3.71 -24.92
CA PRO E 532 65.41 2.90 -25.34
C PRO E 532 66.13 3.40 -26.60
N GLN E 533 65.44 4.20 -27.43
CA GLN E 533 65.97 4.78 -28.66
C GLN E 533 66.90 5.99 -28.41
N CYS E 534 66.83 6.61 -27.19
CA CYS E 534 67.70 7.73 -26.77
C CYS E 534 69.12 7.15 -26.57
N GLU E 535 70.13 7.85 -27.10
CA GLU E 535 71.52 7.39 -26.97
C GLU E 535 72.08 7.86 -25.63
N LYS E 536 72.71 6.92 -24.88
CA LYS E 536 73.26 7.20 -23.55
C LYS E 536 74.39 8.22 -23.59
N MET E 537 74.00 9.49 -23.34
CA MET E 537 74.84 10.69 -23.35
C MET E 537 75.82 10.73 -22.18
N GLU E 538 77.12 10.74 -22.49
CA GLU E 538 78.18 10.82 -21.50
C GLU E 538 78.73 12.26 -21.43
N ASP E 539 79.69 12.51 -20.53
CA ASP E 539 80.34 13.81 -20.29
C ASP E 539 79.34 14.91 -19.86
N GLY E 540 78.65 14.65 -18.75
CA GLY E 540 77.68 15.55 -18.13
C GLY E 540 76.52 16.03 -18.99
N LEU E 541 76.08 15.18 -19.91
CA LEU E 541 74.97 15.49 -20.81
C LEU E 541 73.72 14.69 -20.42
N LEU E 542 72.53 15.30 -20.60
CA LEU E 542 71.28 14.59 -20.30
C LEU E 542 70.93 13.72 -21.52
N THR E 543 70.51 12.45 -21.28
CA THR E 543 70.14 11.49 -22.33
C THR E 543 68.80 11.87 -22.98
N CYS E 544 67.93 12.46 -22.16
CA CYS E 544 66.62 12.92 -22.59
C CYS E 544 66.21 14.15 -21.77
N HIS E 545 65.05 14.71 -22.12
CA HIS E 545 64.45 15.87 -21.45
C HIS E 545 62.91 15.66 -21.38
N GLY E 546 62.50 14.39 -21.31
CA GLY E 546 61.11 13.98 -21.24
C GLY E 546 60.85 12.56 -21.71
N PRO E 547 59.55 12.16 -21.74
CA PRO E 547 59.23 10.79 -22.15
C PRO E 547 58.97 10.60 -23.65
N GLY E 548 59.27 9.40 -24.13
CA GLY E 548 59.09 9.02 -25.53
C GLY E 548 60.30 9.29 -26.40
N PRO E 549 60.28 8.82 -27.68
CA PRO E 549 61.44 9.05 -28.56
C PRO E 549 61.55 10.47 -29.13
N ASP E 550 60.45 11.25 -29.02
CA ASP E 550 60.41 12.64 -29.47
C ASP E 550 61.27 13.54 -28.58
N ASN E 551 61.31 13.24 -27.26
CA ASN E 551 62.08 13.98 -26.26
C ASN E 551 63.52 13.47 -26.00
N CYS E 552 64.17 12.92 -27.05
CA CYS E 552 65.55 12.42 -27.00
C CYS E 552 66.56 13.56 -27.19
N THR E 553 67.83 13.32 -26.83
CA THR E 553 68.93 14.27 -27.02
C THR E 553 69.59 13.92 -28.36
N LYS E 554 69.92 12.63 -28.54
CA LYS E 554 70.52 12.07 -29.74
C LYS E 554 69.85 10.69 -29.95
N CYS E 555 69.55 10.34 -31.23
CA CYS E 555 68.93 9.07 -31.61
C CYS E 555 69.99 7.98 -31.81
N SER E 556 69.84 6.83 -31.10
CA SER E 556 70.76 5.70 -31.17
C SER E 556 70.84 5.07 -32.57
N HIS E 557 69.74 5.13 -33.36
CA HIS E 557 69.66 4.57 -34.72
C HIS E 557 69.19 5.60 -35.77
N PHE E 558 67.87 5.71 -36.02
CA PHE E 558 67.29 6.64 -37.00
C PHE E 558 66.26 7.58 -36.39
N LYS E 559 65.85 8.63 -37.14
CA LYS E 559 64.87 9.65 -36.72
C LYS E 559 63.76 9.84 -37.76
N ASP E 560 62.56 9.24 -37.54
CA ASP E 560 61.43 9.39 -38.44
C ASP E 560 60.61 10.60 -37.99
N GLY E 561 61.03 11.77 -38.46
CA GLY E 561 60.41 13.05 -38.14
C GLY E 561 60.77 13.49 -36.73
N PRO E 562 59.81 13.51 -35.79
CA PRO E 562 60.14 13.96 -34.42
C PRO E 562 60.76 12.88 -33.51
N ASN E 563 60.36 11.60 -33.68
CA ASN E 563 60.77 10.45 -32.88
C ASN E 563 61.96 9.68 -33.43
N CYS E 564 62.76 9.09 -32.51
CA CYS E 564 63.88 8.22 -32.83
C CYS E 564 63.31 6.82 -33.05
N VAL E 565 63.78 6.13 -34.09
CA VAL E 565 63.29 4.79 -34.44
C VAL E 565 64.44 3.81 -34.66
N GLU E 566 64.16 2.52 -34.43
CA GLU E 566 65.08 1.41 -34.61
C GLU E 566 65.44 1.26 -36.09
N LYS E 567 64.42 1.37 -36.97
CA LYS E 567 64.54 1.26 -38.42
C LYS E 567 63.51 2.15 -39.13
N CYS E 568 63.80 2.54 -40.39
CA CYS E 568 62.87 3.34 -41.20
C CYS E 568 61.69 2.47 -41.64
N PRO E 569 60.45 3.01 -41.63
CA PRO E 569 59.29 2.19 -42.02
C PRO E 569 59.37 1.41 -43.34
N ASP E 570 58.71 0.22 -43.42
CA ASP E 570 58.64 -0.60 -44.64
C ASP E 570 57.35 -1.42 -44.79
N PHE E 580 56.36 3.08 -46.61
CA PHE E 580 57.78 2.90 -46.95
C PHE E 580 58.55 4.20 -46.86
N LYS E 581 59.70 4.16 -46.17
CA LYS E 581 60.58 5.29 -46.00
C LYS E 581 62.03 4.85 -46.08
N TYR E 582 62.86 5.68 -46.74
CA TYR E 582 64.29 5.42 -46.87
C TYR E 582 65.04 6.29 -45.85
N ALA E 583 66.34 5.99 -45.60
CA ALA E 583 67.18 6.75 -44.66
C ALA E 583 68.26 7.53 -45.41
N ASP E 584 68.30 8.86 -45.21
CA ASP E 584 69.30 9.73 -45.82
C ASP E 584 70.70 9.59 -45.12
N PRO E 585 71.82 10.09 -45.70
CA PRO E 585 73.14 9.92 -45.01
C PRO E 585 73.27 10.47 -43.59
N ASP E 586 72.30 11.33 -43.18
CA ASP E 586 72.21 11.94 -41.85
C ASP E 586 71.27 11.12 -40.94
N ARG E 587 70.92 9.89 -41.38
CA ARG E 587 70.07 8.92 -40.69
C ARG E 587 68.60 9.31 -40.42
N GLU E 588 68.05 10.29 -41.17
CA GLU E 588 66.64 10.68 -41.01
C GLU E 588 65.73 9.97 -42.03
N CYS E 589 64.51 9.57 -41.60
CA CYS E 589 63.58 8.86 -42.47
C CYS E 589 62.71 9.81 -43.33
N HIS E 590 62.78 9.64 -44.67
CA HIS E 590 62.02 10.41 -45.66
C HIS E 590 61.18 9.42 -46.50
N PRO E 591 59.96 9.79 -46.97
CA PRO E 591 59.15 8.82 -47.73
C PRO E 591 59.66 8.43 -49.11
N CYS E 592 59.18 7.29 -49.62
CA CYS E 592 59.54 6.76 -50.93
C CYS E 592 58.73 7.44 -52.01
N HIS E 593 59.24 7.38 -53.26
CA HIS E 593 58.53 7.88 -54.43
C HIS E 593 57.27 6.98 -54.58
N PRO E 594 56.07 7.53 -54.89
CA PRO E 594 54.86 6.68 -54.97
C PRO E 594 54.98 5.37 -55.75
N ASN E 595 55.80 5.35 -56.83
CA ASN E 595 56.04 4.20 -57.71
C ASN E 595 56.63 2.99 -56.99
N CYS E 596 57.53 3.22 -56.02
CA CYS E 596 58.17 2.14 -55.26
C CYS E 596 57.17 1.52 -54.28
N THR E 597 56.48 0.46 -54.75
CA THR E 597 55.46 -0.30 -54.00
C THR E 597 56.04 -1.36 -53.07
N GLN E 598 57.33 -1.72 -53.26
CA GLN E 598 58.04 -2.71 -52.44
C GLN E 598 59.18 -2.08 -51.61
N GLY E 599 59.23 -0.75 -51.56
CA GLY E 599 60.24 0.00 -50.83
C GLY E 599 61.27 0.67 -51.72
N CYS E 600 62.16 1.48 -51.13
CA CYS E 600 63.19 2.22 -51.85
C CYS E 600 64.47 2.46 -51.02
N ASN E 601 65.53 2.99 -51.65
CA ASN E 601 66.80 3.35 -50.97
C ASN E 601 67.21 4.81 -51.21
N GLY E 602 66.39 5.52 -51.98
CA GLY E 602 66.54 6.93 -52.31
C GLY E 602 65.19 7.60 -52.55
N PRO E 603 65.14 8.94 -52.79
CA PRO E 603 63.84 9.60 -52.96
C PRO E 603 63.19 9.45 -54.34
N THR E 604 64.00 9.35 -55.39
CA THR E 604 63.63 9.25 -56.80
C THR E 604 62.87 7.97 -57.18
N SER E 605 62.23 7.99 -58.35
CA SER E 605 61.46 6.88 -58.92
C SER E 605 62.34 5.70 -59.36
N HIS E 606 63.66 5.92 -59.51
CA HIS E 606 64.57 4.87 -59.93
C HIS E 606 65.29 4.13 -58.80
N ASP E 607 65.04 4.54 -57.55
CA ASP E 607 65.67 3.94 -56.39
C ASP E 607 64.79 2.88 -55.70
N CYS E 608 63.79 2.33 -56.44
CA CYS E 608 62.86 1.31 -55.92
C CYS E 608 63.54 -0.02 -55.61
N GLN F 1 -11.58 -2.09 -22.70
CA GLN F 1 -10.90 -3.07 -23.56
C GLN F 1 -10.85 -2.69 -25.07
N SER F 2 -12.02 -2.30 -25.71
CA SER F 2 -12.02 -1.85 -27.13
C SER F 2 -11.48 -0.43 -27.19
N VAL F 3 -10.44 -0.30 -27.98
CA VAL F 3 -9.64 0.90 -28.08
C VAL F 3 -9.78 1.57 -29.42
N CYS F 4 -9.73 2.88 -29.41
CA CYS F 4 -9.71 3.65 -30.62
C CYS F 4 -8.82 4.84 -30.42
N ALA F 5 -8.40 5.47 -31.51
CA ALA F 5 -7.45 6.56 -31.47
C ALA F 5 -8.04 7.90 -31.18
N GLY F 6 -9.08 8.29 -31.93
CA GLY F 6 -9.64 9.62 -31.79
C GLY F 6 -8.88 10.67 -32.61
N THR F 7 -9.55 11.79 -32.93
CA THR F 7 -9.01 12.89 -33.73
C THR F 7 -8.07 13.88 -32.97
N GLU F 8 -7.55 14.86 -33.76
CA GLU F 8 -6.65 15.96 -33.41
C GLU F 8 -6.99 17.16 -34.32
N ASN F 9 -8.30 17.37 -34.58
CA ASN F 9 -8.78 18.42 -35.47
C ASN F 9 -9.04 19.75 -34.78
N LYS F 10 -9.28 19.71 -33.45
CA LYS F 10 -9.66 20.85 -32.60
C LYS F 10 -11.06 21.34 -33.08
N LEU F 11 -11.19 22.65 -33.41
CA LEU F 11 -12.47 23.19 -33.88
C LEU F 11 -12.77 22.95 -35.38
N SER F 12 -11.74 22.50 -36.15
CA SER F 12 -11.86 22.18 -37.56
C SER F 12 -12.79 20.99 -37.73
N SER F 13 -13.53 20.96 -38.85
CA SER F 13 -14.55 19.96 -39.13
C SER F 13 -14.79 19.84 -40.63
N LEU F 14 -15.75 18.98 -41.05
CA LEU F 14 -16.06 18.85 -42.46
C LEU F 14 -17.19 19.82 -42.77
N SER F 15 -17.16 20.41 -43.98
CA SER F 15 -18.19 21.35 -44.45
C SER F 15 -19.53 20.63 -44.54
N ASP F 16 -19.55 19.36 -45.02
CA ASP F 16 -20.78 18.58 -45.07
C ASP F 16 -21.12 18.15 -43.66
N LEU F 17 -22.18 18.71 -43.09
CA LEU F 17 -22.58 18.43 -41.72
C LEU F 17 -23.01 16.99 -41.45
N GLU F 18 -23.56 16.29 -42.47
CA GLU F 18 -23.92 14.88 -42.39
C GLU F 18 -22.58 14.10 -42.40
N GLN F 19 -21.60 14.53 -43.24
CA GLN F 19 -20.30 13.90 -43.31
C GLN F 19 -19.53 14.07 -42.01
N GLN F 20 -19.74 15.20 -41.33
CA GLN F 20 -19.13 15.50 -40.03
C GLN F 20 -19.70 14.55 -38.99
N TYR F 21 -21.05 14.38 -38.99
CA TYR F 21 -21.75 13.47 -38.07
C TYR F 21 -21.33 12.04 -38.31
N ARG F 22 -21.37 11.60 -39.60
CA ARG F 22 -20.97 10.26 -40.01
C ARG F 22 -19.55 9.97 -39.58
N ALA F 23 -18.63 10.97 -39.64
CA ALA F 23 -17.24 10.83 -39.20
C ALA F 23 -17.13 10.60 -37.68
N LEU F 24 -17.92 11.36 -36.86
CA LEU F 24 -17.95 11.22 -35.41
C LEU F 24 -18.30 9.77 -35.06
N ARG F 25 -19.40 9.28 -35.68
CA ARG F 25 -19.87 7.91 -35.54
C ARG F 25 -18.77 6.90 -35.94
N LYS F 26 -18.08 7.15 -37.08
CA LYS F 26 -17.01 6.29 -37.59
C LYS F 26 -15.90 6.16 -36.60
N TYR F 27 -15.42 7.28 -36.09
CA TYR F 27 -14.29 7.33 -35.17
C TYR F 27 -14.50 6.76 -33.80
N TYR F 28 -15.69 6.94 -33.21
CA TYR F 28 -15.94 6.63 -31.80
C TYR F 28 -16.98 5.59 -31.43
N GLU F 29 -17.69 5.02 -32.40
CA GLU F 29 -18.69 4.03 -32.01
C GLU F 29 -18.04 2.70 -31.65
N ASN F 30 -18.54 2.07 -30.56
CA ASN F 30 -18.05 0.83 -29.96
C ASN F 30 -16.67 0.98 -29.31
N CYS F 31 -16.26 2.21 -29.08
CA CYS F 31 -14.98 2.50 -28.46
C CYS F 31 -15.17 2.71 -26.99
N GLU F 32 -14.39 2.00 -26.16
CA GLU F 32 -14.45 2.09 -24.70
C GLU F 32 -13.37 3.02 -24.19
N VAL F 33 -12.14 2.89 -24.74
CA VAL F 33 -10.98 3.72 -24.40
C VAL F 33 -10.56 4.55 -25.61
N VAL F 34 -10.77 5.89 -25.56
CA VAL F 34 -10.31 6.78 -26.62
C VAL F 34 -8.85 7.02 -26.34
N MET F 35 -8.02 6.31 -27.08
CA MET F 35 -6.56 6.37 -26.95
C MET F 35 -5.99 7.67 -27.55
N GLY F 36 -6.58 8.80 -27.16
CA GLY F 36 -6.32 10.15 -27.64
C GLY F 36 -7.45 11.12 -27.31
N ASN F 37 -7.90 12.00 -28.25
CA ASN F 37 -8.94 13.00 -27.94
C ASN F 37 -10.33 12.69 -28.45
N LEU F 38 -11.34 13.09 -27.65
CA LEU F 38 -12.74 12.92 -28.00
C LEU F 38 -13.20 14.32 -28.34
N GLU F 39 -13.40 14.53 -29.67
CA GLU F 39 -13.75 15.78 -30.28
C GLU F 39 -15.12 15.75 -30.91
N ILE F 40 -16.09 16.43 -30.26
CA ILE F 40 -17.48 16.52 -30.69
C ILE F 40 -17.74 17.99 -31.07
N THR F 41 -17.64 18.32 -32.38
CA THR F 41 -17.81 19.68 -32.88
C THR F 41 -18.71 19.74 -34.07
N SER F 42 -19.53 20.82 -34.16
CA SER F 42 -20.46 21.14 -35.25
C SER F 42 -21.49 20.04 -35.55
N ILE F 43 -22.12 19.50 -34.49
CA ILE F 43 -23.15 18.46 -34.64
C ILE F 43 -24.55 19.08 -34.50
N GLU F 44 -25.41 18.84 -35.50
CA GLU F 44 -26.78 19.35 -35.61
C GLU F 44 -27.71 18.87 -34.49
N HIS F 45 -28.81 19.61 -34.30
CA HIS F 45 -29.84 19.36 -33.30
C HIS F 45 -30.49 17.96 -33.33
N ASN F 46 -30.93 17.50 -34.50
CA ASN F 46 -31.62 16.22 -34.65
C ASN F 46 -30.85 14.95 -34.22
N ARG F 47 -29.52 14.91 -34.52
CA ARG F 47 -28.56 13.82 -34.38
C ARG F 47 -28.60 12.87 -33.19
N ASP F 48 -28.37 11.55 -33.45
CA ASP F 48 -28.33 10.50 -32.42
C ASP F 48 -26.92 10.29 -31.91
N LEU F 49 -26.70 10.47 -30.61
CA LEU F 49 -25.38 10.32 -30.01
C LEU F 49 -25.25 9.19 -28.98
N SER F 50 -26.26 8.32 -28.91
CA SER F 50 -26.33 7.17 -28.01
C SER F 50 -25.04 6.33 -28.05
N PHE F 51 -24.35 6.24 -29.22
CA PHE F 51 -23.11 5.49 -29.39
C PHE F 51 -21.96 5.93 -28.47
N LEU F 52 -22.03 7.18 -27.96
CA LEU F 52 -21.04 7.76 -27.05
C LEU F 52 -21.12 7.12 -25.66
N ARG F 53 -22.17 6.34 -25.41
CA ARG F 53 -22.33 5.65 -24.13
C ARG F 53 -21.28 4.53 -23.97
N SER F 54 -20.60 4.15 -25.07
CA SER F 54 -19.58 3.12 -25.02
C SER F 54 -18.32 3.62 -24.31
N VAL F 55 -18.04 4.95 -24.39
CA VAL F 55 -16.85 5.59 -23.83
C VAL F 55 -16.84 5.55 -22.30
N ARG F 56 -15.77 4.91 -21.75
CA ARG F 56 -15.42 4.73 -20.35
C ARG F 56 -14.21 5.60 -19.94
N GLU F 57 -13.28 5.84 -20.89
CA GLU F 57 -12.03 6.57 -20.64
C GLU F 57 -11.52 7.34 -21.86
N VAL F 58 -10.89 8.50 -21.63
CA VAL F 58 -10.28 9.36 -22.66
C VAL F 58 -8.88 9.75 -22.18
N THR F 59 -7.86 9.35 -22.98
CA THR F 59 -6.44 9.58 -22.71
C THR F 59 -6.03 11.05 -22.77
N GLY F 60 -6.45 11.72 -23.83
CA GLY F 60 -6.15 13.13 -24.08
C GLY F 60 -7.20 14.00 -23.45
N TYR F 61 -7.87 14.82 -24.29
CA TYR F 61 -8.91 15.75 -23.86
C TYR F 61 -10.26 15.48 -24.48
N VAL F 62 -11.28 16.15 -23.93
CA VAL F 62 -12.67 16.10 -24.37
C VAL F 62 -13.07 17.52 -24.77
N LEU F 63 -13.29 17.72 -26.11
CA LEU F 63 -13.71 18.99 -26.69
C LEU F 63 -15.14 18.85 -27.20
N VAL F 64 -16.04 19.62 -26.62
CA VAL F 64 -17.44 19.65 -27.00
C VAL F 64 -17.76 21.10 -27.31
N ALA F 65 -17.75 21.46 -28.61
CA ALA F 65 -17.99 22.83 -29.04
C ALA F 65 -18.82 22.95 -30.29
N LEU F 66 -19.45 24.13 -30.47
CA LEU F 66 -20.23 24.49 -31.66
C LEU F 66 -21.32 23.51 -32.11
N ASN F 67 -21.92 22.79 -31.15
CA ASN F 67 -22.97 21.80 -31.41
C ASN F 67 -24.35 22.34 -31.10
N GLN F 68 -25.42 21.71 -31.59
CA GLN F 68 -26.81 22.15 -31.32
C GLN F 68 -27.72 21.10 -30.68
N PHE F 69 -27.19 19.87 -30.43
CA PHE F 69 -27.95 18.79 -29.79
C PHE F 69 -28.21 19.08 -28.30
N ARG F 70 -29.38 18.63 -27.80
CA ARG F 70 -29.88 18.88 -26.45
C ARG F 70 -29.05 18.27 -25.32
N TYR F 71 -28.62 17.02 -25.50
CA TYR F 71 -28.00 16.27 -24.43
C TYR F 71 -26.74 15.50 -24.86
N LEU F 72 -25.69 15.49 -23.99
CA LEU F 72 -24.40 14.83 -24.19
C LEU F 72 -24.39 13.47 -23.47
N PRO F 73 -24.52 12.36 -24.20
CA PRO F 73 -24.70 11.07 -23.52
C PRO F 73 -23.47 10.27 -23.15
N LEU F 74 -22.48 10.92 -22.50
CA LEU F 74 -21.21 10.30 -22.08
C LEU F 74 -21.37 9.66 -20.67
N GLU F 75 -22.52 9.00 -20.51
CA GLU F 75 -23.02 8.36 -19.29
C GLU F 75 -22.09 7.35 -18.64
N ASN F 76 -21.15 6.76 -19.43
CA ASN F 76 -20.17 5.80 -18.92
C ASN F 76 -18.75 6.29 -18.71
N LEU F 77 -18.46 7.50 -19.21
CA LEU F 77 -17.15 8.18 -19.08
C LEU F 77 -16.77 8.47 -17.62
N ARG F 78 -15.68 7.83 -17.17
CA ARG F 78 -15.22 7.89 -15.79
C ARG F 78 -14.01 8.82 -15.62
N ILE F 79 -13.04 8.68 -16.51
CA ILE F 79 -11.77 9.40 -16.42
C ILE F 79 -11.37 10.08 -17.72
N ILE F 80 -10.77 11.27 -17.60
CA ILE F 80 -10.13 12.03 -18.67
C ILE F 80 -8.70 12.19 -18.11
N ARG F 81 -7.71 11.54 -18.75
CA ARG F 81 -6.33 11.59 -18.26
C ARG F 81 -5.61 12.89 -18.52
N GLY F 82 -5.98 13.58 -19.58
CA GLY F 82 -5.41 14.85 -19.97
C GLY F 82 -3.93 14.79 -20.32
N THR F 83 -3.50 13.70 -21.01
CA THR F 83 -2.09 13.52 -21.42
C THR F 83 -1.76 14.57 -22.46
N LYS F 84 -2.76 15.00 -23.23
CA LYS F 84 -2.67 16.11 -24.19
C LYS F 84 -3.88 16.99 -23.89
N LEU F 85 -3.68 18.31 -23.77
CA LEU F 85 -4.76 19.22 -23.42
C LEU F 85 -5.17 20.19 -24.52
N TYR F 86 -6.48 20.55 -24.55
CA TYR F 86 -6.96 21.54 -25.48
C TYR F 86 -6.39 22.87 -25.05
N GLU F 87 -5.80 23.63 -26.03
CA GLU F 87 -5.13 24.93 -25.77
C GLU F 87 -4.06 24.79 -24.71
N ASP F 88 -3.48 23.57 -24.59
CA ASP F 88 -2.46 23.19 -23.63
C ASP F 88 -2.82 23.50 -22.18
N ARG F 89 -4.15 23.61 -21.88
CA ARG F 89 -4.68 23.89 -20.56
C ARG F 89 -5.94 23.14 -20.15
N TYR F 90 -6.85 22.83 -21.08
CA TYR F 90 -8.07 22.13 -20.67
C TYR F 90 -8.17 20.67 -21.03
N ALA F 91 -8.53 19.85 -20.03
CA ALA F 91 -8.81 18.42 -20.18
C ALA F 91 -10.28 18.27 -20.65
N LEU F 92 -11.16 19.21 -20.24
CA LEU F 92 -12.57 19.25 -20.62
C LEU F 92 -12.93 20.66 -21.05
N ALA F 93 -13.38 20.81 -22.31
CA ALA F 93 -13.76 22.09 -22.88
C ALA F 93 -15.13 21.98 -23.54
N ILE F 94 -16.18 22.59 -22.91
CA ILE F 94 -17.55 22.58 -23.41
C ILE F 94 -17.95 24.03 -23.58
N PHE F 95 -18.01 24.51 -24.84
CA PHE F 95 -18.34 25.91 -25.13
C PHE F 95 -19.06 26.11 -26.44
N LEU F 96 -19.91 27.19 -26.52
CA LEU F 96 -20.69 27.60 -27.69
C LEU F 96 -21.60 26.53 -28.27
N ASN F 97 -22.18 25.71 -27.39
CA ASN F 97 -23.05 24.64 -27.80
C ASN F 97 -24.53 25.05 -27.88
N TYR F 98 -24.79 26.00 -28.80
CA TYR F 98 -26.12 26.55 -29.13
C TYR F 98 -26.03 27.31 -30.45
N ARG F 99 -27.18 27.59 -31.09
CA ARG F 99 -27.18 28.41 -32.32
C ARG F 99 -27.46 29.86 -31.94
N LYS F 100 -26.58 30.79 -32.40
CA LYS F 100 -26.65 32.23 -32.10
C LYS F 100 -28.04 32.85 -32.32
N ASP F 101 -28.85 32.28 -33.25
CA ASP F 101 -30.24 32.63 -33.55
C ASP F 101 -31.08 32.53 -32.27
N GLY F 102 -30.85 31.46 -31.50
CA GLY F 102 -31.47 31.22 -30.20
C GLY F 102 -32.53 30.14 -30.11
N ASN F 103 -32.61 29.29 -31.11
CA ASN F 103 -33.59 28.22 -31.15
C ASN F 103 -33.21 27.13 -30.12
N PHE F 104 -32.24 26.26 -30.47
CA PHE F 104 -31.77 25.14 -29.67
C PHE F 104 -30.31 25.24 -29.22
N GLY F 105 -29.93 24.23 -28.44
CA GLY F 105 -28.59 24.06 -27.90
C GLY F 105 -28.52 22.96 -26.88
N LEU F 106 -27.34 22.83 -26.27
CA LEU F 106 -27.03 21.87 -25.22
C LEU F 106 -27.67 22.36 -23.93
N GLN F 107 -28.44 21.45 -23.32
CA GLN F 107 -29.19 21.71 -22.10
C GLN F 107 -28.72 20.94 -20.90
N GLU F 108 -28.26 19.69 -21.10
CA GLU F 108 -27.84 18.78 -20.04
C GLU F 108 -26.61 17.98 -20.44
N LEU F 109 -25.71 17.74 -19.45
CA LEU F 109 -24.51 16.94 -19.59
C LEU F 109 -24.74 15.59 -18.88
N GLY F 110 -24.64 14.49 -19.62
CA GLY F 110 -24.76 13.14 -19.06
C GLY F 110 -23.38 12.68 -18.65
N LEU F 111 -22.83 13.30 -17.58
CA LEU F 111 -21.47 13.03 -17.07
C LEU F 111 -21.43 12.49 -15.62
N LYS F 112 -22.55 11.89 -15.15
CA LYS F 112 -22.68 11.35 -13.79
C LYS F 112 -21.54 10.40 -13.36
N ASN F 113 -20.81 9.83 -14.34
CA ASN F 113 -19.74 8.90 -14.03
C ASN F 113 -18.37 9.52 -14.03
N LEU F 114 -18.29 10.75 -14.57
CA LEU F 114 -17.04 11.50 -14.61
C LEU F 114 -16.65 12.00 -13.21
N THR F 115 -15.74 11.27 -12.57
CA THR F 115 -15.26 11.58 -11.25
C THR F 115 -13.77 11.93 -11.23
N GLU F 116 -13.12 11.77 -12.39
CA GLU F 116 -11.70 11.96 -12.46
C GLU F 116 -11.22 12.73 -13.65
N ILE F 117 -10.49 13.82 -13.40
CA ILE F 117 -9.69 14.53 -14.42
C ILE F 117 -8.25 14.53 -13.87
N LEU F 118 -7.32 13.71 -14.49
CA LEU F 118 -5.95 13.51 -13.97
C LEU F 118 -5.06 14.69 -14.11
N ASN F 119 -5.10 15.32 -15.28
CA ASN F 119 -4.27 16.45 -15.60
C ASN F 119 -5.07 17.42 -16.47
N GLY F 120 -4.86 18.71 -16.26
CA GLY F 120 -5.52 19.77 -17.01
C GLY F 120 -6.71 20.34 -16.27
N GLY F 121 -7.30 21.39 -16.84
CA GLY F 121 -8.45 22.07 -16.26
C GLY F 121 -9.76 21.83 -16.99
N VAL F 122 -10.80 22.55 -16.54
CA VAL F 122 -12.17 22.48 -17.06
C VAL F 122 -12.61 23.84 -17.58
N TYR F 123 -13.05 23.90 -18.83
CA TYR F 123 -13.58 25.12 -19.43
C TYR F 123 -14.99 24.88 -19.96
N VAL F 124 -15.99 25.26 -19.16
CA VAL F 124 -17.41 25.13 -19.52
C VAL F 124 -17.90 26.56 -19.49
N ASP F 125 -18.08 27.18 -20.66
CA ASP F 125 -18.46 28.61 -20.79
C ASP F 125 -19.26 28.78 -22.06
N GLN F 126 -20.06 29.86 -22.17
CA GLN F 126 -20.83 30.23 -23.37
C GLN F 126 -21.84 29.16 -23.87
N ASN F 127 -22.62 28.52 -22.97
CA ASN F 127 -23.63 27.54 -23.43
C ASN F 127 -25.06 27.97 -23.07
N LYS F 128 -25.53 29.04 -23.71
CA LYS F 128 -26.84 29.69 -23.51
C LYS F 128 -27.96 28.84 -22.92
N PHE F 129 -28.08 27.55 -23.33
CA PHE F 129 -29.16 26.68 -22.86
C PHE F 129 -28.83 25.61 -21.78
N LEU F 130 -27.57 25.53 -21.33
CA LEU F 130 -27.08 24.57 -20.33
C LEU F 130 -27.55 24.81 -18.88
N CYS F 131 -28.13 23.78 -18.27
CA CYS F 131 -28.55 23.83 -16.88
C CYS F 131 -27.75 22.85 -16.04
N TYR F 132 -27.83 23.01 -14.71
CA TYR F 132 -27.21 22.19 -13.66
C TYR F 132 -25.67 22.13 -13.58
N ALA F 133 -24.96 22.29 -14.72
CA ALA F 133 -23.49 22.22 -14.76
C ALA F 133 -22.78 23.24 -13.88
N ASP F 134 -23.48 24.34 -13.55
CA ASP F 134 -22.99 25.41 -12.66
C ASP F 134 -22.86 24.92 -11.22
N THR F 135 -23.66 23.89 -10.85
CA THR F 135 -23.70 23.34 -9.51
C THR F 135 -22.58 22.37 -9.25
N ILE F 136 -21.96 21.85 -10.29
CA ILE F 136 -20.88 20.87 -10.21
C ILE F 136 -19.63 21.34 -9.50
N HIS F 137 -19.16 20.53 -8.57
CA HIS F 137 -17.96 20.80 -7.79
C HIS F 137 -16.81 20.18 -8.56
N TRP F 138 -16.27 20.92 -9.54
CA TRP F 138 -15.19 20.42 -10.41
C TRP F 138 -13.92 20.17 -9.64
N GLN F 139 -13.74 20.84 -8.50
CA GLN F 139 -12.57 20.69 -7.64
C GLN F 139 -12.46 19.22 -7.15
N ASP F 140 -13.60 18.52 -6.97
CA ASP F 140 -13.64 17.11 -6.57
C ASP F 140 -13.17 16.22 -7.74
N ILE F 141 -13.62 16.52 -8.97
CA ILE F 141 -13.21 15.79 -10.18
C ILE F 141 -11.70 16.00 -10.52
N VAL F 142 -11.24 17.27 -10.66
CA VAL F 142 -9.85 17.57 -11.01
C VAL F 142 -8.86 17.14 -9.91
N ARG F 143 -8.07 16.01 -10.08
CA ARG F 143 -7.07 15.47 -9.10
C ARG F 143 -5.98 16.48 -8.61
N ASN F 144 -5.55 17.46 -9.48
CA ASN F 144 -4.59 18.55 -9.15
C ASN F 144 -4.65 19.69 -10.20
N PRO F 147 -2.56 22.35 -9.59
CA PRO F 147 -2.04 23.67 -10.01
C PRO F 147 -2.90 24.40 -11.05
N SER F 148 -3.75 23.63 -11.82
CA SER F 148 -4.75 23.94 -12.89
C SER F 148 -5.62 25.17 -12.59
N ASN F 149 -4.99 26.37 -12.51
CA ASN F 149 -5.62 27.67 -12.16
C ASN F 149 -6.79 28.11 -13.08
N LEU F 150 -7.43 27.12 -13.78
CA LEU F 150 -8.56 27.28 -14.70
C LEU F 150 -9.59 26.14 -14.50
N THR F 151 -10.56 26.32 -13.56
CA THR F 151 -11.61 25.34 -13.20
C THR F 151 -12.93 26.12 -12.89
N LEU F 152 -13.62 26.62 -13.95
CA LEU F 152 -14.85 27.42 -13.76
C LEU F 152 -15.97 27.19 -14.79
N VAL F 153 -17.25 27.43 -14.37
CA VAL F 153 -18.49 27.32 -15.18
C VAL F 153 -19.23 28.68 -15.30
N SER F 154 -19.54 29.11 -16.54
CA SER F 154 -20.23 30.37 -16.80
C SER F 154 -21.51 30.18 -17.68
N SER F 159 -29.03 30.82 -16.48
CA SER F 159 -30.17 31.45 -15.79
C SER F 159 -31.53 30.91 -16.29
N GLY F 160 -32.53 30.96 -15.41
CA GLY F 160 -33.87 30.43 -15.64
C GLY F 160 -33.86 28.91 -15.67
N CYS F 161 -33.11 28.30 -14.72
CA CYS F 161 -32.95 26.86 -14.62
C CYS F 161 -33.65 26.29 -13.41
N GLY F 162 -34.04 25.02 -13.52
CA GLY F 162 -34.66 24.29 -12.41
C GLY F 162 -33.66 24.04 -11.28
N ARG F 163 -34.15 23.95 -10.03
CA ARG F 163 -33.23 23.65 -8.93
C ARG F 163 -32.86 22.13 -8.91
N CYS F 164 -31.75 21.78 -8.21
CA CYS F 164 -31.31 20.40 -8.00
C CYS F 164 -32.35 19.73 -7.08
N HIS F 165 -32.48 18.41 -7.15
CA HIS F 165 -33.35 17.64 -6.27
C HIS F 165 -32.85 17.79 -4.81
N LYS F 166 -33.76 17.63 -3.85
CA LYS F 166 -33.48 17.74 -2.41
C LYS F 166 -32.36 16.80 -1.99
N SER F 167 -32.41 15.54 -2.45
CA SER F 167 -31.40 14.52 -2.14
C SER F 167 -29.99 14.83 -2.67
N CYS F 168 -29.90 15.64 -3.73
CA CYS F 168 -28.65 16.01 -4.40
C CYS F 168 -27.68 16.88 -3.62
N THR F 169 -28.17 17.58 -2.59
CA THR F 169 -27.32 18.43 -1.77
C THR F 169 -26.75 19.61 -2.59
N GLY F 170 -27.58 20.11 -3.50
CA GLY F 170 -27.31 21.26 -4.35
C GLY F 170 -26.27 21.09 -5.45
N ARG F 171 -25.86 19.83 -5.74
CA ARG F 171 -24.89 19.48 -6.78
C ARG F 171 -25.44 18.34 -7.64
N CYS F 172 -25.75 18.64 -8.90
CA CYS F 172 -26.32 17.69 -9.83
C CYS F 172 -26.03 18.02 -11.29
N TRP F 173 -26.32 17.04 -12.16
CA TRP F 173 -26.16 17.14 -13.62
C TRP F 173 -27.49 17.40 -14.31
N GLY F 174 -28.56 16.96 -13.64
CA GLY F 174 -29.94 17.04 -14.09
C GLY F 174 -30.96 17.25 -12.98
N PRO F 175 -32.26 17.30 -13.35
CA PRO F 175 -33.31 17.62 -12.35
C PRO F 175 -33.76 16.54 -11.36
N THR F 176 -33.64 15.25 -11.75
CA THR F 176 -34.07 14.11 -10.94
C THR F 176 -33.16 13.82 -9.74
N GLU F 177 -33.60 12.88 -8.90
CA GLU F 177 -32.89 12.37 -7.72
C GLU F 177 -31.79 11.38 -8.15
N ASN F 178 -31.78 10.97 -9.43
CA ASN F 178 -30.78 10.03 -9.93
C ASN F 178 -29.69 10.77 -10.69
N HIS F 179 -29.72 12.11 -10.60
CA HIS F 179 -28.80 13.00 -11.30
C HIS F 179 -27.77 13.65 -10.39
N CYS F 180 -27.69 13.21 -9.12
CA CYS F 180 -26.78 13.78 -8.15
C CYS F 180 -25.32 13.55 -8.50
N GLN F 181 -24.48 14.57 -8.27
CA GLN F 181 -23.05 14.47 -8.54
C GLN F 181 -22.41 13.61 -7.48
N THR F 182 -21.75 12.52 -7.88
CA THR F 182 -21.09 11.65 -6.91
C THR F 182 -19.73 12.22 -6.50
N LEU F 183 -19.66 12.83 -5.28
CA LEU F 183 -18.39 13.39 -4.80
C LEU F 183 -17.47 12.27 -4.28
N THR F 184 -16.18 12.25 -4.67
CA THR F 184 -15.25 11.15 -4.28
C THR F 184 -13.95 11.55 -3.66
N ARG F 185 -13.70 12.87 -3.43
CA ARG F 185 -12.45 13.29 -2.81
C ARG F 185 -12.63 14.12 -1.56
N THR F 186 -13.47 15.15 -1.68
CA THR F 186 -13.72 16.16 -0.67
C THR F 186 -14.53 15.61 0.50
N VAL F 187 -15.39 14.61 0.20
CA VAL F 187 -16.29 13.93 1.16
C VAL F 187 -15.63 12.77 1.95
N CYS F 188 -14.35 12.53 1.70
CA CYS F 188 -13.64 11.43 2.32
C CYS F 188 -13.22 11.71 3.73
N ALA F 189 -12.96 10.63 4.47
CA ALA F 189 -12.46 10.62 5.83
C ALA F 189 -11.11 11.33 5.82
N GLU F 190 -10.77 12.06 6.89
CA GLU F 190 -9.50 12.77 6.92
C GLU F 190 -8.24 11.90 6.72
N GLN F 191 -8.43 10.57 6.81
CA GLN F 191 -7.37 9.58 6.64
C GLN F 191 -7.21 9.02 5.26
N CYS F 192 -8.18 9.26 4.34
CA CYS F 192 -8.05 8.83 2.93
C CYS F 192 -7.06 9.75 2.29
N ASP F 193 -6.18 9.17 1.47
CA ASP F 193 -5.18 9.91 0.72
C ASP F 193 -5.60 10.02 -0.74
N GLY F 194 -6.48 9.12 -1.16
CA GLY F 194 -7.03 9.11 -2.50
C GLY F 194 -8.48 9.47 -2.49
N ARG F 195 -9.28 8.60 -3.11
CA ARG F 195 -10.71 8.74 -3.27
C ARG F 195 -11.40 7.81 -2.29
N CYS F 196 -12.75 7.72 -2.33
CA CYS F 196 -13.59 6.96 -1.38
C CYS F 196 -14.98 6.69 -1.97
N TYR F 197 -15.62 5.59 -1.52
CA TYR F 197 -16.97 5.18 -1.90
C TYR F 197 -17.96 5.44 -0.75
N GLY F 198 -17.51 6.18 0.27
CA GLY F 198 -18.28 6.55 1.46
C GLY F 198 -17.50 7.47 2.38
N PRO F 199 -18.04 7.86 3.58
CA PRO F 199 -17.33 8.84 4.43
C PRO F 199 -16.49 8.34 5.60
N TYR F 200 -16.47 7.02 5.89
CA TYR F 200 -15.70 6.46 7.00
C TYR F 200 -14.34 5.95 6.54
N VAL F 201 -13.42 5.67 7.48
CA VAL F 201 -12.04 5.22 7.13
C VAL F 201 -12.06 3.86 6.39
N SER F 202 -13.14 3.08 6.59
CA SER F 202 -13.41 1.78 5.95
C SER F 202 -13.58 1.98 4.45
N ASP F 203 -14.21 3.13 4.08
CA ASP F 203 -14.57 3.52 2.72
C ASP F 203 -13.51 4.15 1.82
N CYS F 204 -12.22 4.26 2.23
CA CYS F 204 -11.18 4.81 1.34
C CYS F 204 -10.79 3.85 0.26
N CYS F 205 -10.47 4.41 -0.89
CA CYS F 205 -9.93 3.70 -2.03
C CYS F 205 -8.44 3.52 -1.85
N HIS F 206 -7.85 2.55 -2.53
CA HIS F 206 -6.41 2.36 -2.52
C HIS F 206 -5.83 3.58 -3.22
N ARG F 207 -4.58 4.01 -2.86
CA ARG F 207 -3.87 5.19 -3.39
C ARG F 207 -3.75 5.18 -4.90
N GLU F 208 -3.80 3.98 -5.49
CA GLU F 208 -3.65 3.73 -6.93
C GLU F 208 -4.92 3.78 -7.75
N CYS F 209 -6.09 3.93 -7.11
CA CYS F 209 -7.34 3.95 -7.83
C CYS F 209 -7.56 5.31 -8.39
N ALA F 210 -7.80 5.38 -9.66
CA ALA F 210 -8.16 6.61 -10.33
C ALA F 210 -9.69 6.51 -10.49
N GLY F 211 -10.39 7.63 -10.36
CA GLY F 211 -11.84 7.66 -10.53
C GLY F 211 -12.68 7.17 -9.38
N GLY F 212 -12.18 6.20 -8.63
CA GLY F 212 -12.89 5.61 -7.51
C GLY F 212 -12.75 4.09 -7.38
N CYS F 213 -13.57 3.50 -6.52
CA CYS F 213 -13.49 2.05 -6.27
C CYS F 213 -14.76 1.48 -5.69
N SER F 214 -14.79 0.13 -5.56
CA SER F 214 -15.90 -0.66 -5.02
C SER F 214 -15.48 -1.38 -3.75
N GLY F 215 -14.25 -1.15 -3.30
CA GLY F 215 -13.68 -1.77 -2.12
C GLY F 215 -12.30 -1.22 -1.85
N PRO F 216 -11.66 -1.68 -0.75
CA PRO F 216 -10.36 -1.10 -0.36
C PRO F 216 -9.11 -1.52 -1.14
N LYS F 217 -9.14 -2.71 -1.77
CA LYS F 217 -8.00 -3.30 -2.47
C LYS F 217 -7.63 -2.61 -3.75
N ASP F 218 -6.36 -2.79 -4.23
CA ASP F 218 -5.85 -2.23 -5.49
C ASP F 218 -6.45 -2.93 -6.73
N THR F 219 -7.27 -3.95 -6.48
CA THR F 219 -7.96 -4.69 -7.51
C THR F 219 -9.43 -4.23 -7.59
N ASP F 220 -9.84 -3.32 -6.69
CA ASP F 220 -11.19 -2.78 -6.60
C ASP F 220 -11.35 -1.41 -7.28
N CYS F 221 -10.36 -0.94 -8.07
CA CYS F 221 -10.38 0.37 -8.71
C CYS F 221 -11.33 0.47 -9.86
N PHE F 222 -11.83 1.69 -10.17
CA PHE F 222 -12.64 1.93 -11.38
C PHE F 222 -11.68 2.09 -12.54
N ALA F 223 -10.51 2.70 -12.27
CA ALA F 223 -9.45 2.92 -13.24
C ALA F 223 -8.11 2.95 -12.53
N CYS F 224 -7.00 2.75 -13.28
CA CYS F 224 -5.70 2.79 -12.64
C CYS F 224 -5.06 4.14 -12.78
N MET F 225 -4.36 4.56 -11.73
CA MET F 225 -3.66 5.86 -11.73
C MET F 225 -2.44 5.78 -12.62
N ASN F 226 -1.79 4.58 -12.63
CA ASN F 226 -0.56 4.36 -13.33
C ASN F 226 -0.58 3.18 -14.25
N PHE F 227 -0.30 1.97 -13.71
CA PHE F 227 -0.21 0.74 -14.47
C PHE F 227 -1.12 -0.35 -13.96
N ASN F 228 -1.53 -1.23 -14.87
CA ASN F 228 -2.37 -2.34 -14.53
C ASN F 228 -1.52 -3.58 -14.63
N ASP F 229 -1.34 -4.29 -13.50
CA ASP F 229 -0.58 -5.53 -13.44
C ASP F 229 -1.52 -6.64 -13.02
N SER F 230 -2.10 -7.32 -14.02
CA SER F 230 -3.03 -8.44 -13.82
C SER F 230 -4.17 -8.08 -12.86
N GLY F 231 -4.79 -6.93 -13.14
CA GLY F 231 -5.95 -6.44 -12.43
C GLY F 231 -5.66 -5.59 -11.24
N ALA F 232 -4.39 -5.55 -10.80
CA ALA F 232 -3.92 -4.74 -9.70
C ALA F 232 -3.36 -3.44 -10.22
N CYS F 233 -3.78 -2.26 -9.69
CA CYS F 233 -3.21 -0.96 -10.08
C CYS F 233 -1.96 -0.79 -9.24
N VAL F 234 -0.86 -0.71 -9.93
CA VAL F 234 0.49 -0.61 -9.38
C VAL F 234 1.13 0.73 -9.82
N THR F 235 2.11 1.23 -9.04
CA THR F 235 2.78 2.50 -9.39
C THR F 235 3.82 2.23 -10.46
N GLN F 236 4.34 1.00 -10.48
CA GLN F 236 5.42 0.51 -11.34
C GLN F 236 5.34 -1.00 -11.44
N CYS F 237 5.87 -1.55 -12.51
CA CYS F 237 5.85 -2.99 -12.66
C CYS F 237 6.96 -3.67 -11.83
N PRO F 238 6.82 -4.98 -11.52
CA PRO F 238 7.94 -5.67 -10.83
C PRO F 238 9.20 -5.61 -11.70
N GLN F 239 10.29 -5.02 -11.16
CA GLN F 239 11.54 -4.84 -11.88
C GLN F 239 12.31 -6.16 -11.95
N THR F 240 13.28 -6.22 -12.90
CA THR F 240 14.10 -7.41 -13.15
C THR F 240 15.06 -7.69 -12.02
N PHE F 241 15.46 -6.63 -11.33
CA PHE F 241 16.35 -6.70 -10.18
C PHE F 241 15.68 -6.27 -8.92
N VAL F 242 16.12 -6.89 -7.82
CA VAL F 242 15.59 -6.64 -6.50
C VAL F 242 16.72 -6.50 -5.47
N TYR F 243 16.73 -5.46 -4.65
CA TYR F 243 17.83 -5.29 -3.72
C TYR F 243 17.68 -6.21 -2.50
N ASN F 244 18.77 -6.95 -2.14
CA ASN F 244 18.82 -7.76 -0.92
C ASN F 244 19.42 -6.89 0.20
N PRO F 245 18.63 -6.53 1.23
CA PRO F 245 19.15 -5.63 2.29
C PRO F 245 20.26 -6.16 3.13
N THR F 246 20.37 -7.49 3.28
CA THR F 246 21.40 -8.12 4.11
C THR F 246 22.68 -8.41 3.35
N THR F 247 22.58 -8.60 2.04
CA THR F 247 23.75 -8.85 1.20
C THR F 247 24.28 -7.60 0.51
N PHE F 248 23.50 -6.50 0.51
CA PHE F 248 23.81 -5.23 -0.16
C PHE F 248 24.11 -5.45 -1.62
N GLN F 249 23.26 -6.27 -2.29
CA GLN F 249 23.43 -6.59 -3.72
C GLN F 249 22.11 -6.74 -4.39
N LEU F 250 22.11 -6.48 -5.71
CA LEU F 250 20.93 -6.69 -6.54
C LEU F 250 20.85 -8.16 -6.85
N GLU F 251 19.64 -8.70 -6.89
CA GLU F 251 19.33 -10.10 -7.17
C GLU F 251 18.29 -10.15 -8.25
N HIS F 252 18.22 -11.25 -8.98
CA HIS F 252 17.22 -11.44 -10.03
C HIS F 252 15.87 -11.64 -9.46
N ASN F 253 14.92 -10.93 -10.01
CA ASN F 253 13.51 -11.09 -9.65
C ASN F 253 12.96 -11.90 -10.79
N PHE F 254 12.42 -13.05 -10.48
CA PHE F 254 11.95 -13.89 -11.56
C PHE F 254 10.46 -13.74 -11.84
N ASN F 255 9.80 -12.92 -11.01
CA ASN F 255 8.39 -12.52 -11.09
C ASN F 255 8.33 -11.14 -11.72
N ALA F 256 9.44 -10.73 -12.36
CA ALA F 256 9.54 -9.46 -13.04
C ALA F 256 8.62 -9.54 -14.24
N LYS F 257 8.02 -8.41 -14.56
CA LYS F 257 7.13 -8.22 -15.69
C LYS F 257 7.65 -7.01 -16.46
N TYR F 258 7.20 -6.83 -17.71
CA TYR F 258 7.61 -5.70 -18.54
C TYR F 258 6.56 -4.67 -18.61
N THR F 259 6.94 -3.42 -18.59
CA THR F 259 6.03 -2.29 -18.68
C THR F 259 5.76 -2.01 -20.15
N TYR F 260 4.54 -2.10 -20.54
CA TYR F 260 4.13 -1.83 -21.92
C TYR F 260 2.88 -0.93 -21.87
N GLY F 261 3.05 0.32 -22.23
CA GLY F 261 1.95 1.26 -22.15
C GLY F 261 1.53 1.45 -20.71
N ALA F 262 0.26 1.17 -20.41
CA ALA F 262 -0.23 1.29 -19.05
C ALA F 262 -0.34 -0.10 -18.43
N PHE F 263 0.55 -1.04 -18.85
CA PHE F 263 0.45 -2.43 -18.43
C PHE F 263 1.73 -3.09 -18.06
N CYS F 264 1.63 -4.10 -17.18
CA CYS F 264 2.71 -4.98 -16.78
C CYS F 264 2.40 -6.27 -17.49
N VAL F 265 3.28 -6.60 -18.43
CA VAL F 265 3.11 -7.72 -19.32
C VAL F 265 4.13 -8.83 -19.16
N LYS F 266 3.71 -10.07 -19.45
CA LYS F 266 4.58 -11.25 -19.35
C LYS F 266 5.65 -11.28 -20.45
N LYS F 267 5.43 -10.50 -21.55
CA LYS F 267 6.30 -10.49 -22.73
C LYS F 267 6.15 -9.16 -23.50
N CYS F 268 7.23 -8.66 -24.09
CA CYS F 268 7.09 -7.47 -24.95
C CYS F 268 6.59 -7.91 -26.34
N PRO F 269 5.80 -7.04 -27.02
CA PRO F 269 5.45 -7.33 -28.43
C PRO F 269 6.75 -7.58 -29.19
N HIS F 270 6.78 -8.58 -30.10
CA HIS F 270 8.00 -8.91 -30.86
C HIS F 270 8.72 -7.75 -31.49
N ASN F 271 7.95 -6.78 -32.03
CA ASN F 271 8.50 -5.61 -32.70
C ASN F 271 9.00 -4.53 -31.76
N PHE F 272 8.77 -4.68 -30.46
CA PHE F 272 9.24 -3.72 -29.48
C PHE F 272 10.66 -4.05 -29.02
N VAL F 273 11.35 -3.08 -28.43
CA VAL F 273 12.72 -3.24 -27.92
C VAL F 273 12.71 -3.24 -26.37
N VAL F 274 13.46 -4.15 -25.73
CA VAL F 274 13.53 -4.31 -24.27
C VAL F 274 14.73 -3.55 -23.71
N ASP F 275 14.49 -2.42 -23.05
CA ASP F 275 15.50 -1.60 -22.39
C ASP F 275 15.08 -1.68 -20.95
N SER F 276 15.94 -2.28 -20.12
CA SER F 276 15.72 -2.49 -18.68
C SER F 276 14.57 -3.52 -18.49
N SER F 277 13.47 -3.10 -17.82
CA SER F 277 12.30 -3.97 -17.60
C SER F 277 11.09 -3.43 -18.32
N SER F 278 11.32 -2.75 -19.47
CA SER F 278 10.31 -2.02 -20.24
C SER F 278 10.32 -2.26 -21.73
N CYS F 279 9.13 -2.15 -22.38
CA CYS F 279 8.90 -2.30 -23.80
C CYS F 279 8.92 -0.93 -24.39
N VAL F 280 10.06 -0.55 -24.93
CA VAL F 280 10.28 0.77 -25.52
C VAL F 280 10.16 0.80 -27.03
N ARG F 281 10.00 2.01 -27.59
CA ARG F 281 9.90 2.18 -29.03
C ARG F 281 11.28 2.39 -29.62
N ALA F 282 12.19 2.97 -28.82
CA ALA F 282 13.52 3.32 -29.26
C ALA F 282 14.56 3.15 -28.19
N CYS F 283 15.81 2.96 -28.63
CA CYS F 283 16.96 2.86 -27.72
C CYS F 283 17.43 4.25 -27.42
N PRO F 284 18.00 4.46 -26.22
CA PRO F 284 18.62 5.77 -25.92
C PRO F 284 19.82 6.00 -26.87
N SER F 285 20.08 7.25 -27.24
CA SER F 285 21.19 7.68 -28.13
C SER F 285 22.55 6.97 -27.85
N SER F 286 22.83 6.72 -26.55
CA SER F 286 23.99 6.05 -25.97
C SER F 286 24.02 4.51 -26.18
N LYS F 287 22.84 3.85 -26.33
CA LYS F 287 22.72 2.41 -26.53
C LYS F 287 22.34 2.06 -27.98
N MET F 288 22.44 0.78 -28.35
CA MET F 288 22.07 0.34 -29.69
C MET F 288 21.29 -0.97 -29.66
N GLU F 289 20.33 -1.10 -30.57
CA GLU F 289 19.42 -2.23 -30.68
C GLU F 289 20.15 -3.48 -31.12
N VAL F 290 19.98 -4.60 -30.38
CA VAL F 290 20.63 -5.88 -30.67
C VAL F 290 19.63 -7.04 -30.49
N GLU F 291 19.73 -8.09 -31.32
CA GLU F 291 18.80 -9.21 -31.19
C GLU F 291 19.45 -10.38 -30.47
N GLU F 292 18.81 -10.89 -29.43
CA GLU F 292 19.30 -12.03 -28.67
C GLU F 292 18.17 -13.03 -28.58
N ASN F 293 18.25 -14.12 -29.37
CA ASN F 293 17.23 -15.17 -29.47
C ASN F 293 15.86 -14.59 -29.86
N GLY F 294 15.89 -13.73 -30.88
CA GLY F 294 14.72 -13.08 -31.46
C GLY F 294 14.21 -11.86 -30.71
N ILE F 295 14.85 -11.55 -29.54
CA ILE F 295 14.46 -10.46 -28.67
C ILE F 295 15.31 -9.22 -28.87
N LYS F 296 14.69 -8.11 -29.28
CA LYS F 296 15.39 -6.84 -29.51
C LYS F 296 15.69 -6.20 -28.17
N MET F 297 16.93 -5.73 -27.95
CA MET F 297 17.35 -5.17 -26.67
C MET F 297 18.25 -4.01 -26.82
N CYS F 298 18.31 -3.12 -25.82
CA CYS F 298 19.25 -2.01 -25.83
C CYS F 298 20.48 -2.43 -25.11
N LYS F 299 21.63 -2.44 -25.80
CA LYS F 299 22.92 -2.79 -25.25
C LYS F 299 23.89 -1.65 -25.56
N PRO F 300 24.95 -1.40 -24.74
CA PRO F 300 25.85 -0.29 -25.03
C PRO F 300 26.57 -0.43 -26.37
N CYS F 301 26.88 0.70 -27.01
CA CYS F 301 27.56 0.73 -28.32
C CYS F 301 29.02 0.30 -28.16
N THR F 302 29.53 -0.47 -29.15
CA THR F 302 30.93 -0.97 -29.21
C THR F 302 31.88 0.22 -28.94
N ASP F 303 31.75 1.26 -29.77
CA ASP F 303 32.48 2.51 -29.69
C ASP F 303 31.57 3.59 -30.25
N ILE F 304 31.18 3.44 -31.53
CA ILE F 304 30.31 4.37 -32.24
C ILE F 304 28.96 3.72 -32.58
N CYS F 305 27.88 4.40 -32.14
CA CYS F 305 26.48 4.01 -32.32
C CYS F 305 26.07 4.18 -33.77
N PRO F 306 25.23 3.28 -34.32
CA PRO F 306 24.75 3.47 -35.70
C PRO F 306 23.89 4.74 -35.86
N LYS F 307 23.79 5.23 -37.11
CA LYS F 307 23.04 6.46 -37.41
C LYS F 307 21.51 6.28 -37.37
N ALA F 308 20.91 6.47 -36.16
CA ALA F 308 19.46 6.43 -35.95
C ALA F 308 18.95 7.87 -35.89
N CYS F 309 17.90 8.18 -36.65
CA CYS F 309 17.39 9.53 -36.77
C CYS F 309 16.00 9.70 -36.30
N ASP F 310 15.72 10.89 -35.80
CA ASP F 310 14.39 11.23 -35.35
C ASP F 310 13.46 11.24 -36.54
N GLY F 311 12.33 10.56 -36.39
CA GLY F 311 11.30 10.50 -37.40
C GLY F 311 10.35 11.65 -37.27
N ILE F 312 9.37 11.74 -38.16
CA ILE F 312 8.37 12.80 -38.13
C ILE F 312 7.47 12.58 -36.89
N GLY F 313 7.55 13.55 -35.97
CA GLY F 313 6.82 13.57 -34.71
C GLY F 313 7.60 13.03 -33.52
N THR F 314 8.93 12.94 -33.65
CA THR F 314 9.84 12.41 -32.62
C THR F 314 11.03 13.36 -32.36
N GLY F 315 11.35 13.58 -31.08
CA GLY F 315 12.47 14.39 -30.61
C GLY F 315 12.63 15.73 -31.32
N SER F 316 13.73 15.89 -32.09
CA SER F 316 14.02 17.11 -32.83
C SER F 316 12.92 17.46 -33.85
N LEU F 317 12.10 16.48 -34.23
CA LEU F 317 11.03 16.69 -35.20
C LEU F 317 9.65 16.43 -34.62
N MET F 318 9.51 16.55 -33.29
CA MET F 318 8.26 16.38 -32.54
C MET F 318 7.12 17.19 -33.17
N SER F 319 7.41 18.47 -33.49
CA SER F 319 6.50 19.45 -34.09
C SER F 319 6.00 19.03 -35.49
N ALA F 320 6.88 18.41 -36.30
CA ALA F 320 6.60 18.01 -37.68
C ALA F 320 5.41 17.08 -37.92
N GLN F 321 4.75 17.32 -39.06
CA GLN F 321 3.61 16.56 -39.53
C GLN F 321 3.98 15.82 -40.81
N THR F 322 4.98 16.33 -41.54
CA THR F 322 5.48 15.80 -42.80
C THR F 322 6.95 16.10 -43.07
N VAL F 323 7.56 15.33 -44.01
CA VAL F 323 8.90 15.61 -44.50
C VAL F 323 8.70 16.81 -45.42
N ASP F 324 9.56 17.82 -45.33
CA ASP F 324 9.46 19.02 -46.17
C ASP F 324 10.85 19.57 -46.41
N SER F 325 10.94 20.66 -47.18
CA SER F 325 12.23 21.31 -47.50
C SER F 325 12.99 21.79 -46.26
N SER F 326 12.26 22.13 -45.18
CA SER F 326 12.84 22.58 -43.90
C SER F 326 13.48 21.45 -43.06
N ASN F 327 13.18 20.17 -43.37
CA ASN F 327 13.69 19.04 -42.59
C ASN F 327 14.26 17.86 -43.39
N ILE F 328 14.09 17.85 -44.73
CA ILE F 328 14.64 16.81 -45.61
C ILE F 328 16.15 16.58 -45.38
N ASP F 329 16.88 17.66 -45.07
CA ASP F 329 18.32 17.59 -44.79
C ASP F 329 18.70 16.99 -43.43
N LYS F 330 17.73 16.78 -42.54
CA LYS F 330 18.00 16.18 -41.23
C LYS F 330 18.12 14.66 -41.39
N PHE F 331 17.97 14.17 -42.64
CA PHE F 331 18.00 12.74 -42.96
C PHE F 331 19.25 12.28 -43.72
N ILE F 332 20.27 13.16 -43.87
CA ILE F 332 21.51 12.77 -44.55
C ILE F 332 22.22 11.65 -43.74
N ASN F 333 22.52 10.53 -44.43
CA ASN F 333 23.23 9.35 -43.94
C ASN F 333 22.50 8.51 -42.90
N CYS F 334 21.16 8.64 -42.78
CA CYS F 334 20.38 7.84 -41.84
C CYS F 334 20.21 6.44 -42.31
N THR F 335 20.46 5.47 -41.43
CA THR F 335 20.27 4.06 -41.73
C THR F 335 19.01 3.54 -41.03
N LYS F 336 18.60 4.19 -39.94
CA LYS F 336 17.43 3.84 -39.14
C LYS F 336 16.64 5.12 -38.86
N ILE F 337 15.31 5.04 -38.88
CA ILE F 337 14.47 6.18 -38.57
C ILE F 337 13.73 5.83 -37.28
N ASN F 338 14.05 6.55 -36.19
CA ASN F 338 13.37 6.32 -34.93
C ASN F 338 12.08 7.08 -34.93
N GLY F 339 11.06 6.43 -35.46
CA GLY F 339 9.76 7.04 -35.63
C GLY F 339 9.26 6.83 -37.04
N ASN F 340 8.40 7.74 -37.49
CA ASN F 340 7.73 7.67 -38.78
C ASN F 340 8.30 8.51 -39.91
N LEU F 341 7.85 8.22 -41.13
CA LEU F 341 8.14 8.99 -42.34
C LEU F 341 6.81 9.25 -42.98
N ILE F 342 6.45 10.50 -43.03
CA ILE F 342 5.18 10.94 -43.55
C ILE F 342 5.46 11.97 -44.64
N PHE F 343 4.78 11.81 -45.79
CA PHE F 343 4.84 12.71 -46.92
C PHE F 343 3.42 13.14 -47.17
N LEU F 344 3.10 14.36 -46.75
CA LEU F 344 1.77 14.94 -46.94
C LEU F 344 1.79 15.84 -48.17
N VAL F 345 0.62 16.23 -48.68
CA VAL F 345 0.51 17.11 -49.85
C VAL F 345 1.33 18.39 -49.61
N THR F 346 1.15 19.03 -48.44
CA THR F 346 1.88 20.23 -47.99
C THR F 346 3.39 20.04 -47.78
N GLY F 347 3.87 18.80 -47.76
CA GLY F 347 5.29 18.51 -47.63
C GLY F 347 5.96 18.55 -48.99
N ILE F 348 5.38 17.80 -49.95
CA ILE F 348 5.84 17.67 -51.33
C ILE F 348 5.63 18.95 -52.13
N HIS F 349 4.42 19.53 -52.02
CA HIS F 349 4.02 20.73 -52.77
C HIS F 349 4.12 22.06 -51.98
N GLY F 350 4.76 22.01 -50.82
CA GLY F 350 4.98 23.17 -49.98
C GLY F 350 3.79 23.70 -49.22
N ASP F 351 4.07 24.36 -48.06
CA ASP F 351 3.08 25.01 -47.21
C ASP F 351 3.33 26.54 -47.23
N PRO F 352 2.71 27.25 -48.21
CA PRO F 352 2.90 28.70 -48.34
C PRO F 352 2.66 29.52 -47.08
N TYR F 353 1.57 29.23 -46.32
CA TYR F 353 1.24 29.97 -45.09
C TYR F 353 2.40 30.02 -44.09
N ASN F 354 3.11 28.90 -43.91
CA ASN F 354 4.25 28.84 -43.00
C ASN F 354 5.58 29.03 -43.74
N ALA F 355 5.50 29.64 -44.95
CA ALA F 355 6.63 30.00 -45.82
C ALA F 355 7.60 28.86 -46.06
N ILE F 356 7.06 27.67 -46.38
CA ILE F 356 7.88 26.50 -46.70
C ILE F 356 7.72 26.14 -48.18
N GLU F 357 8.85 26.20 -48.94
CA GLU F 357 8.91 25.90 -50.37
C GLU F 357 8.70 24.41 -50.61
N ALA F 358 8.12 24.06 -51.77
CA ALA F 358 7.92 22.66 -52.15
C ALA F 358 9.28 21.96 -52.19
N ILE F 359 9.29 20.71 -51.77
CA ILE F 359 10.51 19.92 -51.72
C ILE F 359 11.16 19.74 -53.12
N ASP F 360 12.51 19.71 -53.16
CA ASP F 360 13.28 19.46 -54.38
C ASP F 360 13.25 17.94 -54.58
N PRO F 361 12.59 17.45 -55.66
CA PRO F 361 12.49 15.99 -55.86
C PRO F 361 13.79 15.22 -55.76
N GLU F 362 14.91 15.83 -56.17
CA GLU F 362 16.23 15.22 -56.13
C GLU F 362 16.66 14.93 -54.71
N LYS F 363 16.30 15.85 -53.76
CA LYS F 363 16.62 15.71 -52.33
C LYS F 363 16.03 14.45 -51.68
N LEU F 364 14.99 13.86 -52.30
CA LEU F 364 14.39 12.63 -51.78
C LEU F 364 15.34 11.44 -51.82
N ASN F 365 16.50 11.59 -52.51
CA ASN F 365 17.53 10.56 -52.60
C ASN F 365 18.29 10.33 -51.28
N VAL F 366 18.07 11.22 -50.25
CA VAL F 366 18.66 11.08 -48.92
C VAL F 366 18.25 9.74 -48.27
N PHE F 367 17.05 9.24 -48.63
CA PHE F 367 16.45 8.03 -48.10
C PHE F 367 17.03 6.72 -48.62
N ARG F 368 17.97 6.80 -49.59
CA ARG F 368 18.60 5.60 -50.14
C ARG F 368 19.45 4.85 -49.11
N THR F 369 19.80 5.54 -48.00
CA THR F 369 20.60 4.96 -46.93
C THR F 369 19.72 4.25 -45.92
N VAL F 370 18.42 4.62 -45.85
CA VAL F 370 17.45 4.08 -44.89
C VAL F 370 17.18 2.60 -45.07
N ARG F 371 17.48 1.82 -44.01
CA ARG F 371 17.31 0.36 -43.96
C ARG F 371 16.14 -0.02 -43.09
N GLU F 372 15.80 0.83 -42.10
CA GLU F 372 14.72 0.57 -41.14
C GLU F 372 13.95 1.81 -40.80
N ILE F 373 12.62 1.67 -40.66
CA ILE F 373 11.66 2.68 -40.21
C ILE F 373 10.96 1.97 -39.06
N THR F 374 11.24 2.38 -37.82
CA THR F 374 10.68 1.78 -36.61
C THR F 374 9.16 1.88 -36.50
N GLY F 375 8.62 3.07 -36.79
CA GLY F 375 7.18 3.31 -36.75
C GLY F 375 6.49 2.97 -38.06
N PHE F 376 5.86 3.98 -38.72
CA PHE F 376 5.15 3.78 -40.00
C PHE F 376 5.62 4.66 -41.18
N LEU F 377 5.26 4.23 -42.41
CA LEU F 377 5.54 4.92 -43.65
C LEU F 377 4.21 5.35 -44.25
N ASN F 378 4.01 6.68 -44.35
CA ASN F 378 2.77 7.27 -44.83
C ASN F 378 3.01 8.14 -46.06
N ILE F 379 2.67 7.62 -47.25
CA ILE F 379 2.86 8.35 -48.51
C ILE F 379 1.53 8.83 -49.05
N GLN F 380 1.22 10.12 -48.80
CA GLN F 380 -0.02 10.75 -49.24
C GLN F 380 0.31 11.68 -50.39
N SER F 381 1.60 11.83 -50.68
CA SER F 381 2.07 12.69 -51.75
C SER F 381 3.42 12.30 -52.25
N TRP F 382 3.68 12.67 -53.49
CA TRP F 382 4.91 12.33 -54.13
C TRP F 382 5.10 13.17 -55.39
N PRO F 383 6.34 13.61 -55.68
CA PRO F 383 6.58 14.41 -56.88
C PRO F 383 5.99 13.73 -58.13
N PRO F 384 5.29 14.52 -58.98
CA PRO F 384 4.61 13.95 -60.15
C PRO F 384 5.47 13.22 -61.17
N ASN F 385 6.70 13.71 -61.38
CA ASN F 385 7.67 13.13 -62.32
C ASN F 385 8.27 11.78 -61.86
N MET F 386 8.04 11.42 -60.57
CA MET F 386 8.56 10.20 -59.93
C MET F 386 7.54 9.07 -59.97
N THR F 387 7.89 7.99 -60.68
CA THR F 387 7.03 6.81 -60.92
C THR F 387 7.07 5.69 -59.87
N ASP F 388 8.02 5.74 -58.91
CA ASP F 388 8.17 4.71 -57.90
C ASP F 388 8.93 5.20 -56.67
N PHE F 389 9.02 4.32 -55.64
CA PHE F 389 9.70 4.61 -54.38
C PHE F 389 11.07 3.96 -54.29
N SER F 390 11.84 4.02 -55.39
CA SER F 390 13.18 3.44 -55.44
C SER F 390 14.14 4.16 -54.51
N VAL F 391 13.81 5.39 -54.03
CA VAL F 391 14.64 6.09 -53.04
C VAL F 391 14.71 5.18 -51.79
N PHE F 392 13.66 4.33 -51.58
CA PHE F 392 13.57 3.35 -50.49
C PHE F 392 13.97 1.95 -50.91
N SER F 393 14.94 1.84 -51.85
CA SER F 393 15.48 0.57 -52.36
C SER F 393 16.20 -0.25 -51.30
N ASN F 394 16.70 0.41 -50.24
CA ASN F 394 17.46 -0.22 -49.17
C ASN F 394 16.66 -0.55 -47.93
N LEU F 395 15.39 -0.05 -47.85
CA LEU F 395 14.45 -0.27 -46.73
C LEU F 395 14.14 -1.75 -46.60
N VAL F 396 14.51 -2.33 -45.46
CA VAL F 396 14.29 -3.76 -45.17
C VAL F 396 13.11 -3.97 -44.24
N THR F 397 12.99 -3.11 -43.19
CA THR F 397 11.96 -3.24 -42.17
C THR F 397 11.14 -2.01 -41.92
N ILE F 398 9.86 -2.23 -41.64
CA ILE F 398 8.88 -1.28 -41.13
C ILE F 398 8.38 -1.98 -39.84
N GLY F 399 8.73 -1.42 -38.69
CA GLY F 399 8.46 -2.03 -37.41
C GLY F 399 7.06 -1.91 -36.88
N GLY F 400 6.32 -0.91 -37.38
CA GLY F 400 4.95 -0.63 -36.94
C GLY F 400 4.84 -0.45 -35.43
N ARG F 401 5.90 0.12 -34.77
CA ARG F 401 5.93 0.37 -33.33
C ARG F 401 4.99 1.50 -32.99
N VAL F 402 4.55 2.22 -34.02
CA VAL F 402 3.53 3.26 -33.98
C VAL F 402 2.74 3.03 -35.24
N LEU F 403 1.41 3.04 -35.14
CA LEU F 403 0.60 2.89 -36.35
C LEU F 403 -0.24 4.15 -36.60
N TYR F 404 -0.71 4.34 -37.83
CA TYR F 404 -1.58 5.45 -38.18
C TYR F 404 -2.84 4.75 -38.46
N SER F 405 -3.76 4.78 -37.51
CA SER F 405 -5.07 4.13 -37.61
C SER F 405 -4.96 2.63 -37.93
N GLY F 406 -4.03 1.97 -37.22
CA GLY F 406 -3.76 0.53 -37.31
C GLY F 406 -2.91 0.10 -38.47
N LEU F 407 -2.35 1.10 -39.19
CA LEU F 407 -1.57 0.97 -40.41
C LEU F 407 -0.10 1.30 -40.25
N SER F 408 0.78 0.47 -40.85
CA SER F 408 2.23 0.68 -40.89
C SER F 408 2.72 1.06 -42.30
N LEU F 409 1.87 0.88 -43.32
CA LEU F 409 2.16 1.27 -44.69
C LEU F 409 0.91 1.83 -45.36
N LEU F 410 1.07 3.04 -45.90
CA LEU F 410 -0.02 3.71 -46.63
C LEU F 410 0.58 4.37 -47.81
N ILE F 411 0.06 4.00 -48.98
CA ILE F 411 0.40 4.59 -50.26
C ILE F 411 -0.95 4.90 -50.84
N LEU F 412 -1.30 6.19 -50.89
CA LEU F 412 -2.60 6.57 -51.41
C LEU F 412 -2.69 7.80 -52.31
N LYS F 413 -3.67 7.79 -53.22
CA LYS F 413 -4.02 8.88 -54.13
C LYS F 413 -2.90 9.29 -55.09
N GLN F 414 -1.81 8.52 -55.15
CA GLN F 414 -0.67 8.82 -56.02
C GLN F 414 -0.83 8.43 -57.49
N GLN F 415 -1.08 9.43 -58.36
CA GLN F 415 -1.30 9.21 -59.79
C GLN F 415 -0.04 8.92 -60.59
N GLY F 416 1.07 9.56 -60.22
CA GLY F 416 2.34 9.44 -60.93
C GLY F 416 3.08 8.12 -60.80
N ILE F 417 2.76 7.33 -59.75
CA ILE F 417 3.42 6.04 -59.51
C ILE F 417 2.87 4.92 -60.37
N THR F 418 3.78 4.16 -60.98
CA THR F 418 3.43 3.03 -61.85
C THR F 418 3.94 1.67 -61.33
N SER F 419 4.89 1.70 -60.36
CA SER F 419 5.47 0.55 -59.68
C SER F 419 5.88 1.04 -58.29
N LEU F 420 6.20 0.12 -57.37
CA LEU F 420 6.56 0.44 -55.99
C LEU F 420 8.06 0.51 -55.83
N GLN F 421 8.76 -0.61 -56.11
CA GLN F 421 10.22 -0.71 -56.08
C GLN F 421 10.89 -0.64 -54.71
N PHE F 422 10.21 -1.20 -53.70
CA PHE F 422 10.72 -1.38 -52.33
C PHE F 422 11.59 -2.66 -52.32
N GLN F 423 12.60 -2.70 -53.22
CA GLN F 423 13.53 -3.79 -53.48
C GLN F 423 13.95 -4.66 -52.30
N SER F 424 14.55 -4.04 -51.24
CA SER F 424 15.06 -4.72 -50.04
C SER F 424 14.02 -5.07 -48.96
N LEU F 425 12.77 -4.57 -49.12
CA LEU F 425 11.70 -4.80 -48.16
C LEU F 425 11.38 -6.25 -47.97
N LYS F 426 11.66 -6.73 -46.75
CA LYS F 426 11.47 -8.11 -46.32
C LYS F 426 10.51 -8.23 -45.13
N GLU F 427 10.36 -7.12 -44.33
CA GLU F 427 9.55 -7.17 -43.11
C GLU F 427 8.67 -5.94 -42.79
N ILE F 428 7.39 -6.21 -42.48
CA ILE F 428 6.36 -5.27 -41.98
C ILE F 428 5.83 -5.98 -40.69
N SER F 429 6.53 -5.73 -39.56
CA SER F 429 6.39 -6.33 -38.22
C SER F 429 5.02 -6.23 -37.52
N ALA F 430 4.42 -5.06 -37.61
CA ALA F 430 3.10 -4.84 -37.03
C ALA F 430 2.35 -3.94 -38.00
N GLY F 431 1.05 -3.84 -37.81
CA GLY F 431 0.21 -2.98 -38.64
C GLY F 431 -0.27 -3.59 -39.94
N ASN F 432 -1.28 -2.93 -40.51
CA ASN F 432 -1.89 -3.29 -41.76
C ASN F 432 -1.40 -2.39 -42.88
N ILE F 433 -1.65 -2.81 -44.11
CA ILE F 433 -1.23 -2.11 -45.31
C ILE F 433 -2.45 -1.51 -45.99
N TYR F 434 -2.28 -0.29 -46.50
CA TYR F 434 -3.35 0.42 -47.15
C TYR F 434 -2.80 1.04 -48.43
N ILE F 435 -3.03 0.38 -49.56
CA ILE F 435 -2.57 0.83 -50.87
C ILE F 435 -3.80 1.07 -51.70
N THR F 436 -4.25 2.33 -51.79
CA THR F 436 -5.47 2.68 -52.52
C THR F 436 -5.35 3.91 -53.40
N ASP F 437 -6.25 4.01 -54.39
CA ASP F 437 -6.44 5.17 -55.29
C ASP F 437 -5.21 5.63 -56.09
N ASN F 438 -4.22 4.72 -56.28
CA ASN F 438 -3.01 4.97 -57.06
C ASN F 438 -3.32 4.41 -58.44
N SER F 439 -4.15 5.16 -59.19
CA SER F 439 -4.72 4.81 -60.48
C SER F 439 -3.84 4.16 -61.52
N ASN F 440 -2.52 4.38 -61.45
CA ASN F 440 -1.57 3.87 -62.43
C ASN F 440 -0.56 2.88 -61.90
N LEU F 441 -0.64 2.56 -60.58
CA LEU F 441 0.22 1.57 -59.92
C LEU F 441 -0.09 0.18 -60.47
N CYS F 442 0.97 -0.62 -60.74
CA CYS F 442 0.83 -1.88 -61.44
C CYS F 442 1.44 -3.14 -60.90
N TYR F 443 2.22 -3.13 -59.83
CA TYR F 443 2.80 -4.45 -59.54
C TYR F 443 2.30 -5.09 -58.27
N TYR F 444 1.63 -4.25 -57.47
CA TYR F 444 1.04 -4.51 -56.15
C TYR F 444 0.24 -5.82 -56.05
N HIS F 445 -0.48 -6.18 -57.13
CA HIS F 445 -1.36 -7.33 -57.20
C HIS F 445 -0.65 -8.65 -57.30
N THR F 446 0.65 -8.63 -57.63
CA THR F 446 1.44 -9.85 -57.81
C THR F 446 2.02 -10.26 -56.47
N ILE F 447 2.13 -9.28 -55.54
CA ILE F 447 2.77 -9.44 -54.24
C ILE F 447 2.00 -10.23 -53.23
N ASN F 448 2.67 -11.25 -52.67
CA ASN F 448 2.20 -12.07 -51.55
C ASN F 448 2.70 -11.35 -50.28
N TRP F 449 1.96 -10.29 -49.90
CA TRP F 449 2.15 -9.45 -48.72
C TRP F 449 2.32 -10.26 -47.44
N THR F 450 1.60 -11.37 -47.33
CA THR F 450 1.63 -12.30 -46.20
C THR F 450 3.05 -12.69 -45.79
N THR F 451 3.94 -12.86 -46.77
CA THR F 451 5.30 -13.26 -46.52
C THR F 451 6.03 -12.21 -45.69
N LEU F 452 5.59 -10.90 -45.77
CA LEU F 452 6.24 -9.78 -45.08
C LEU F 452 5.74 -9.62 -43.64
N PHE F 453 4.51 -10.10 -43.37
CA PHE F 453 3.88 -10.02 -42.05
C PHE F 453 4.45 -10.99 -40.98
N SER F 454 4.35 -10.59 -39.70
CA SER F 454 4.78 -11.31 -38.51
C SER F 454 3.59 -11.99 -37.79
N THR F 455 2.54 -11.20 -37.44
CA THR F 455 1.30 -11.64 -36.79
C THR F 455 0.31 -12.14 -37.86
N ILE F 456 -0.67 -12.99 -37.48
CA ILE F 456 -1.69 -13.47 -38.43
C ILE F 456 -2.87 -12.49 -38.55
N ASN F 457 -2.82 -11.45 -37.73
CA ASN F 457 -3.81 -10.37 -37.62
C ASN F 457 -3.61 -9.25 -38.66
N GLN F 458 -2.47 -9.25 -39.34
CA GLN F 458 -2.15 -8.22 -40.31
C GLN F 458 -2.91 -8.41 -41.59
N ARG F 459 -3.66 -7.37 -41.93
CA ARG F 459 -4.52 -7.32 -43.11
C ARG F 459 -3.86 -6.47 -44.16
N ILE F 460 -4.47 -6.50 -45.34
CA ILE F 460 -4.08 -5.72 -46.49
C ILE F 460 -5.36 -5.11 -47.12
N VAL F 461 -5.36 -3.78 -47.32
CA VAL F 461 -6.47 -3.03 -47.93
C VAL F 461 -5.97 -2.48 -49.29
N ILE F 462 -6.23 -3.22 -50.37
CA ILE F 462 -5.85 -2.79 -51.72
C ILE F 462 -7.11 -2.48 -52.51
N ARG F 463 -7.29 -1.22 -52.88
CA ARG F 463 -8.47 -0.76 -53.58
C ARG F 463 -8.14 0.36 -54.58
N ASP F 464 -8.83 0.34 -55.72
CA ASP F 464 -8.78 1.39 -56.73
C ASP F 464 -7.41 1.77 -57.32
N ASN F 465 -6.54 0.76 -57.48
CA ASN F 465 -5.25 0.95 -58.16
C ASN F 465 -5.51 0.43 -59.59
N ARG F 466 -4.52 0.38 -60.50
CA ARG F 466 -4.84 -0.10 -61.86
C ARG F 466 -5.25 -1.57 -61.86
N LYS F 467 -6.43 -1.89 -62.46
CA LYS F 467 -6.96 -3.25 -62.53
C LYS F 467 -5.89 -4.27 -63.00
N ALA F 468 -5.72 -5.36 -62.25
CA ALA F 468 -4.74 -6.43 -62.53
C ALA F 468 -4.80 -6.93 -63.96
N GLU F 469 -6.01 -6.98 -64.54
CA GLU F 469 -6.30 -7.42 -65.92
C GLU F 469 -5.66 -6.44 -66.92
N ASN F 470 -5.82 -5.12 -66.66
CA ASN F 470 -5.32 -4.00 -67.43
C ASN F 470 -3.80 -4.00 -67.39
N CYS F 471 -3.22 -4.33 -66.20
CA CYS F 471 -1.78 -4.38 -65.96
C CYS F 471 -1.19 -5.49 -66.80
N THR F 472 -1.72 -6.71 -66.66
CA THR F 472 -1.30 -7.92 -67.37
C THR F 472 -1.32 -7.70 -68.88
N ALA F 473 -2.45 -7.17 -69.40
CA ALA F 473 -2.67 -6.84 -70.81
C ALA F 473 -1.58 -5.89 -71.33
N GLU F 474 -1.25 -4.83 -70.58
CA GLU F 474 -0.24 -3.86 -70.99
C GLU F 474 1.19 -4.35 -70.72
N GLY F 475 1.31 -5.63 -70.35
CA GLY F 475 2.59 -6.30 -70.12
C GLY F 475 3.31 -5.99 -68.83
N MET F 476 2.66 -5.31 -67.87
CA MET F 476 3.28 -4.98 -66.57
C MET F 476 3.20 -6.22 -65.69
N VAL F 477 4.04 -7.21 -66.02
CA VAL F 477 4.12 -8.46 -65.28
C VAL F 477 5.53 -8.65 -64.70
N CYS F 478 5.67 -9.57 -63.74
CA CYS F 478 6.96 -9.86 -63.15
C CYS F 478 7.80 -10.65 -64.12
N ASN F 479 9.13 -10.43 -64.07
CA ASN F 479 10.16 -11.12 -64.85
C ASN F 479 9.98 -12.63 -64.65
N HIS F 480 10.30 -13.45 -65.67
CA HIS F 480 10.11 -14.91 -65.58
C HIS F 480 10.88 -15.59 -64.42
N LEU F 481 12.00 -14.99 -63.99
CA LEU F 481 12.82 -15.55 -62.91
C LEU F 481 12.30 -15.24 -61.51
N CYS F 482 11.16 -14.48 -61.41
CA CYS F 482 10.53 -14.17 -60.12
C CYS F 482 9.68 -15.37 -59.71
N SER F 483 9.53 -15.64 -58.42
CA SER F 483 8.64 -16.72 -57.98
C SER F 483 7.18 -16.25 -58.07
N SER F 484 6.25 -17.03 -57.52
CA SER F 484 4.85 -16.67 -57.51
C SER F 484 4.57 -15.63 -56.38
N ASP F 485 5.62 -15.22 -55.63
CA ASP F 485 5.46 -14.25 -54.55
C ASP F 485 5.40 -12.80 -55.03
N GLY F 486 5.64 -12.59 -56.33
CA GLY F 486 5.51 -11.30 -56.95
C GLY F 486 6.73 -10.42 -56.97
N CYS F 487 6.55 -9.21 -57.47
CA CYS F 487 7.61 -8.24 -57.59
C CYS F 487 7.12 -6.84 -57.28
N TRP F 488 8.08 -5.95 -57.00
CA TRP F 488 7.87 -4.57 -56.63
C TRP F 488 7.76 -3.62 -57.82
N GLY F 489 8.14 -4.11 -59.00
CA GLY F 489 8.17 -3.36 -60.25
C GLY F 489 8.87 -4.20 -61.31
N PRO F 490 9.30 -3.64 -62.49
CA PRO F 490 9.94 -4.50 -63.48
C PRO F 490 11.44 -4.71 -63.23
N GLY F 491 11.89 -5.88 -63.64
CA GLY F 491 13.27 -6.30 -63.54
C GLY F 491 13.46 -7.48 -62.61
N PRO F 492 14.58 -8.22 -62.79
CA PRO F 492 14.86 -9.35 -61.88
C PRO F 492 15.37 -8.87 -60.51
N ASP F 493 15.78 -7.59 -60.40
CA ASP F 493 16.22 -6.99 -59.15
C ASP F 493 15.02 -6.92 -58.16
N GLN F 494 13.84 -6.60 -58.75
CA GLN F 494 12.56 -6.39 -58.13
C GLN F 494 11.79 -7.61 -57.63
N CYS F 495 12.34 -8.86 -57.71
CA CYS F 495 11.62 -10.05 -57.21
C CYS F 495 11.55 -10.04 -55.68
N LEU F 496 10.60 -10.81 -55.12
CA LEU F 496 10.45 -11.02 -53.66
C LEU F 496 11.27 -12.27 -53.26
N SER F 497 11.30 -13.25 -54.18
CA SER F 497 12.01 -14.51 -54.11
C SER F 497 12.21 -15.04 -55.54
N CYS F 498 13.40 -15.61 -55.85
CA CYS F 498 13.78 -16.15 -57.18
C CYS F 498 13.23 -17.54 -57.44
N ARG F 499 12.88 -17.76 -58.69
CA ARG F 499 12.41 -19.03 -59.20
C ARG F 499 13.64 -19.99 -59.31
N ARG F 500 14.87 -19.44 -59.55
CA ARG F 500 16.09 -20.24 -59.63
C ARG F 500 17.23 -19.76 -58.72
N PHE F 501 18.26 -19.09 -59.28
CA PHE F 501 19.46 -18.59 -58.60
C PHE F 501 19.46 -17.06 -58.42
N SER F 502 20.41 -16.57 -57.60
CA SER F 502 20.54 -15.14 -57.29
C SER F 502 22.02 -14.70 -57.10
N ARG F 503 22.41 -13.62 -57.78
CA ARG F 503 23.73 -13.01 -57.64
C ARG F 503 23.51 -11.62 -57.05
N GLY F 504 23.56 -11.54 -55.74
CA GLY F 504 23.30 -10.29 -55.01
C GLY F 504 21.81 -10.04 -55.00
N ARG F 505 21.39 -8.89 -55.54
CA ARG F 505 19.97 -8.53 -55.61
C ARG F 505 19.27 -9.05 -56.88
N ILE F 506 20.00 -9.74 -57.79
CA ILE F 506 19.50 -10.18 -59.10
C ILE F 506 19.14 -11.66 -59.21
N CYS F 507 17.94 -11.98 -59.70
CA CYS F 507 17.54 -13.36 -59.96
C CYS F 507 18.09 -13.78 -61.29
N ILE F 508 18.83 -14.89 -61.31
CA ILE F 508 19.47 -15.38 -62.53
C ILE F 508 19.08 -16.83 -62.88
N GLU F 509 19.33 -17.26 -64.15
CA GLU F 509 19.02 -18.62 -64.60
C GLU F 509 20.04 -19.63 -64.09
N SER F 510 21.33 -19.25 -64.08
CA SER F 510 22.41 -20.09 -63.56
C SER F 510 23.64 -19.28 -63.21
N CYS F 511 24.50 -19.84 -62.34
CA CYS F 511 25.76 -19.21 -61.93
C CYS F 511 26.77 -19.25 -63.06
N ASN F 512 27.86 -18.51 -62.91
CA ASN F 512 28.95 -18.49 -63.87
C ASN F 512 29.84 -19.71 -63.62
N LEU F 513 29.29 -20.91 -63.88
CA LEU F 513 29.98 -22.19 -63.66
C LEU F 513 30.98 -22.53 -64.76
N TYR F 514 30.57 -22.37 -66.02
CA TYR F 514 31.38 -22.74 -67.17
C TYR F 514 31.74 -21.56 -68.06
N ASP F 515 30.99 -20.45 -67.91
CA ASP F 515 31.16 -19.23 -68.69
C ASP F 515 31.15 -18.02 -67.74
N GLY F 516 31.67 -16.87 -68.21
CA GLY F 516 31.61 -15.62 -67.44
C GLY F 516 32.91 -15.08 -66.93
N GLU F 517 33.02 -13.72 -66.87
CA GLU F 517 34.19 -12.96 -66.46
C GLU F 517 34.79 -13.45 -65.13
N PHE F 518 33.90 -13.72 -64.16
CA PHE F 518 34.27 -14.23 -62.84
C PHE F 518 33.48 -15.50 -62.61
N ARG F 519 34.20 -16.62 -62.55
CA ARG F 519 33.58 -17.91 -62.34
C ARG F 519 33.05 -18.06 -60.93
N GLU F 520 32.06 -18.94 -60.77
CA GLU F 520 31.37 -19.13 -59.52
C GLU F 520 31.04 -20.60 -59.23
N PHE F 521 30.59 -20.81 -57.99
CA PHE F 521 30.07 -22.08 -57.51
C PHE F 521 28.72 -21.76 -56.89
N GLU F 522 27.83 -22.76 -56.81
CA GLU F 522 26.51 -22.54 -56.23
C GLU F 522 26.40 -22.93 -54.78
N ASN F 523 26.26 -21.92 -53.89
CA ASN F 523 26.06 -22.07 -52.46
C ASN F 523 24.54 -22.23 -52.24
N ASP F 524 23.92 -23.17 -52.97
CA ASP F 524 22.49 -23.46 -52.98
C ASP F 524 21.70 -22.18 -53.27
N SER F 525 21.48 -21.90 -54.56
CA SER F 525 20.78 -20.72 -55.10
C SER F 525 21.53 -19.38 -55.02
N ILE F 526 22.56 -19.28 -54.15
CA ILE F 526 23.37 -18.06 -54.08
C ILE F 526 24.65 -18.30 -54.90
N CYS F 527 24.90 -17.42 -55.87
CA CYS F 527 26.08 -17.54 -56.74
C CYS F 527 27.25 -16.77 -56.17
N VAL F 528 28.24 -17.52 -55.68
CA VAL F 528 29.44 -17.00 -55.03
C VAL F 528 30.65 -17.20 -55.94
N GLU F 529 31.44 -16.12 -56.12
CA GLU F 529 32.67 -16.10 -56.92
C GLU F 529 33.77 -17.00 -56.35
N CYS F 530 34.48 -17.72 -57.25
CA CYS F 530 35.61 -18.58 -56.91
C CYS F 530 36.76 -17.71 -56.42
N ASP F 531 37.64 -18.26 -55.58
CA ASP F 531 38.79 -17.53 -55.06
C ASP F 531 39.63 -16.93 -56.21
N PRO F 532 40.19 -15.70 -56.07
CA PRO F 532 40.97 -15.11 -57.19
C PRO F 532 42.16 -15.96 -57.66
N GLN F 533 42.63 -16.87 -56.80
CA GLN F 533 43.73 -17.77 -57.11
C GLN F 533 43.35 -18.97 -57.98
N CYS F 534 42.04 -19.29 -58.09
CA CYS F 534 41.53 -20.37 -58.94
C CYS F 534 41.73 -19.94 -60.41
N GLU F 535 42.23 -20.84 -61.26
CA GLU F 535 42.46 -20.53 -62.67
C GLU F 535 41.18 -20.76 -63.45
N LYS F 536 40.80 -19.78 -64.31
CA LYS F 536 39.60 -19.79 -65.13
C LYS F 536 39.58 -20.98 -66.10
N MET F 537 38.93 -22.07 -65.66
CA MET F 537 38.82 -23.34 -66.38
C MET F 537 37.89 -23.24 -67.58
N GLU F 538 38.44 -23.48 -68.78
CA GLU F 538 37.69 -23.47 -70.03
C GLU F 538 37.39 -24.91 -70.48
N ASP F 539 36.64 -25.06 -71.60
CA ASP F 539 36.20 -26.34 -72.19
C ASP F 539 35.35 -27.19 -71.21
N GLY F 540 34.21 -26.61 -70.78
CA GLY F 540 33.23 -27.23 -69.89
C GLY F 540 33.72 -27.74 -68.54
N LEU F 541 34.80 -27.15 -68.02
CA LEU F 541 35.35 -27.50 -66.72
C LEU F 541 34.89 -26.48 -65.67
N LEU F 542 34.97 -26.85 -64.39
CA LEU F 542 34.57 -25.95 -63.32
C LEU F 542 35.81 -25.33 -62.76
N THR F 543 35.72 -24.04 -62.39
CA THR F 543 36.86 -23.30 -61.87
C THR F 543 37.10 -23.66 -60.41
N CYS F 544 36.01 -23.89 -59.65
CA CYS F 544 36.04 -24.25 -58.24
C CYS F 544 34.85 -25.15 -57.84
N HIS F 545 34.96 -25.79 -56.68
CA HIS F 545 33.94 -26.67 -56.11
C HIS F 545 33.64 -26.28 -54.66
N GLY F 546 33.77 -24.98 -54.36
CA GLY F 546 33.54 -24.40 -53.04
C GLY F 546 34.32 -23.12 -52.79
N PRO F 547 34.27 -22.58 -51.55
CA PRO F 547 34.99 -21.33 -51.27
C PRO F 547 36.43 -21.51 -50.77
N GLY F 548 37.25 -20.52 -51.05
CA GLY F 548 38.65 -20.51 -50.65
C GLY F 548 39.60 -21.10 -51.67
N PRO F 549 40.93 -20.94 -51.46
CA PRO F 549 41.91 -21.47 -52.41
C PRO F 549 42.11 -22.99 -52.30
N ASP F 550 41.51 -23.60 -51.24
CA ASP F 550 41.49 -25.04 -50.97
C ASP F 550 40.58 -25.79 -52.01
N ASN F 551 39.55 -25.09 -52.54
CA ASN F 551 38.59 -25.66 -53.48
C ASN F 551 38.82 -25.33 -54.96
N CYS F 552 40.06 -24.92 -55.29
CA CYS F 552 40.46 -24.60 -56.66
C CYS F 552 40.68 -25.85 -57.48
N THR F 553 40.22 -25.83 -58.72
CA THR F 553 40.40 -26.92 -59.67
C THR F 553 41.88 -26.96 -60.08
N LYS F 554 42.43 -25.79 -60.45
CA LYS F 554 43.81 -25.58 -60.83
C LYS F 554 44.22 -24.21 -60.26
N CYS F 555 45.48 -24.08 -59.79
CA CYS F 555 45.97 -22.82 -59.24
C CYS F 555 46.53 -21.96 -60.34
N SER F 556 46.22 -20.66 -60.31
CA SER F 556 46.69 -19.70 -61.30
C SER F 556 48.20 -19.44 -61.19
N HIS F 557 48.75 -19.51 -59.94
CA HIS F 557 50.16 -19.25 -59.67
C HIS F 557 50.87 -20.42 -58.95
N PHE F 558 50.86 -20.45 -57.61
CA PHE F 558 51.50 -21.47 -56.79
C PHE F 558 50.53 -22.17 -55.82
N LYS F 559 50.97 -23.29 -55.22
CA LYS F 559 50.19 -24.10 -54.27
C LYS F 559 50.98 -24.38 -52.97
N ASP F 560 50.68 -23.65 -51.88
CA ASP F 560 51.34 -23.87 -50.60
C ASP F 560 50.51 -24.87 -49.80
N GLY F 561 50.78 -26.15 -50.06
CA GLY F 561 50.09 -27.26 -49.44
C GLY F 561 48.71 -27.47 -50.03
N PRO F 562 47.62 -27.22 -49.26
CA PRO F 562 46.27 -27.42 -49.82
C PRO F 562 45.72 -26.25 -50.66
N ASN F 563 46.08 -24.99 -50.28
CA ASN F 563 45.64 -23.74 -50.91
C ASN F 563 46.55 -23.17 -51.99
N CYS F 564 45.92 -22.51 -52.98
CA CYS F 564 46.58 -21.80 -54.06
C CYS F 564 47.03 -20.43 -53.54
N VAL F 565 48.27 -20.03 -53.87
CA VAL F 565 48.82 -18.76 -53.43
C VAL F 565 49.42 -17.97 -54.60
N GLU F 566 49.41 -16.64 -54.45
CA GLU F 566 49.95 -15.67 -55.41
C GLU F 566 51.47 -15.84 -55.51
N LYS F 567 52.14 -16.02 -54.34
CA LYS F 567 53.59 -16.20 -54.20
C LYS F 567 53.91 -17.09 -53.00
N CYS F 568 55.08 -17.76 -53.02
CA CYS F 568 55.51 -18.60 -51.91
C CYS F 568 55.91 -17.72 -50.71
N PRO F 569 55.54 -18.11 -49.46
CA PRO F 569 55.89 -17.27 -48.29
C PRO F 569 57.37 -16.86 -48.15
N ALA F 583 59.83 -22.38 -54.35
CA ALA F 583 58.88 -23.02 -55.26
C ALA F 583 59.59 -24.01 -56.18
N ASP F 584 59.13 -25.27 -56.17
CA ASP F 584 59.70 -26.34 -57.00
C ASP F 584 59.26 -26.22 -58.49
N PRO F 585 59.90 -26.94 -59.47
CA PRO F 585 59.46 -26.80 -60.88
C PRO F 585 57.99 -27.11 -61.20
N ASP F 586 57.27 -27.76 -60.25
CA ASP F 586 55.86 -28.10 -60.35
C ASP F 586 54.99 -27.03 -59.65
N ARG F 587 55.61 -25.88 -59.32
CA ARG F 587 55.03 -24.70 -58.68
C ARG F 587 54.46 -24.87 -57.25
N GLU F 588 54.89 -25.91 -56.52
CA GLU F 588 54.43 -26.11 -55.13
C GLU F 588 55.41 -25.51 -54.14
N CYS F 589 54.88 -24.94 -53.03
CA CYS F 589 55.71 -24.30 -52.01
C CYS F 589 56.24 -25.26 -50.95
N HIS F 590 57.58 -25.32 -50.82
CA HIS F 590 58.32 -26.13 -49.85
C HIS F 590 59.22 -25.20 -49.02
N PRO F 591 59.44 -25.47 -47.72
CA PRO F 591 60.30 -24.56 -46.90
C PRO F 591 61.79 -24.60 -47.24
N CYS F 592 62.53 -23.58 -46.77
CA CYS F 592 63.97 -23.45 -46.98
C CYS F 592 64.71 -24.30 -45.96
N HIS F 593 65.98 -24.61 -46.26
CA HIS F 593 66.87 -25.32 -45.34
C HIS F 593 67.07 -24.38 -44.12
N PRO F 594 67.04 -24.86 -42.85
CA PRO F 594 67.18 -23.95 -41.70
C PRO F 594 68.29 -22.89 -41.77
N ASN F 595 69.44 -23.25 -42.39
CA ASN F 595 70.62 -22.37 -42.57
C ASN F 595 70.33 -21.08 -43.35
N CYS F 596 69.46 -21.14 -44.37
CA CYS F 596 69.10 -20.00 -45.22
C CYS F 596 68.19 -19.00 -44.48
N THR F 597 68.82 -18.08 -43.71
CA THR F 597 68.18 -17.06 -42.88
C THR F 597 67.63 -15.86 -43.68
N GLN F 598 68.11 -15.68 -44.92
CA GLN F 598 67.69 -14.60 -45.82
C GLN F 598 66.93 -15.11 -47.06
N GLY F 599 66.53 -16.38 -47.02
CA GLY F 599 65.79 -17.01 -48.11
C GLY F 599 66.60 -18.00 -48.92
N CYS F 600 65.95 -18.71 -49.86
CA CYS F 600 66.57 -19.71 -50.70
C CYS F 600 65.90 -19.85 -52.09
N ASN F 601 66.52 -20.63 -53.01
CA ASN F 601 65.97 -20.91 -54.34
C ASN F 601 65.85 -22.42 -54.62
N GLY F 602 66.29 -23.23 -53.65
CA GLY F 602 66.24 -24.68 -53.66
C GLY F 602 66.09 -25.25 -52.26
N PRO F 603 65.94 -26.59 -52.10
CA PRO F 603 65.75 -27.13 -50.74
C PRO F 603 67.00 -27.27 -49.87
N THR F 604 68.15 -27.54 -50.50
CA THR F 604 69.46 -27.77 -49.88
C THR F 604 70.06 -26.55 -49.16
N SER F 605 71.09 -26.81 -48.33
CA SER F 605 71.83 -25.81 -47.54
C SER F 605 72.70 -24.90 -48.41
N HIS F 606 72.98 -25.27 -49.67
CA HIS F 606 73.80 -24.48 -50.57
C HIS F 606 73.02 -23.55 -51.51
N ASP F 607 71.67 -23.60 -51.44
CA ASP F 607 70.80 -22.77 -52.28
C ASP F 607 70.31 -21.50 -51.58
N CYS F 608 70.99 -21.06 -50.51
CA CYS F 608 70.64 -19.86 -49.73
C CYS F 608 70.82 -18.57 -50.53
N ILE F 609 70.06 -17.53 -50.15
CA ILE F 609 70.08 -16.16 -50.70
C ILE F 609 70.73 -15.25 -49.65
N TYR F 610 71.67 -14.37 -50.07
CA TYR F 610 72.39 -13.46 -49.17
C TYR F 610 71.87 -12.03 -49.25
N SER G 3 -14.26 16.14 58.96
CA SER G 3 -14.54 16.64 57.61
C SER G 3 -13.93 18.02 57.35
N HIS G 4 -13.53 18.26 56.07
CA HIS G 4 -12.99 19.53 55.58
C HIS G 4 -14.11 20.53 55.25
N LEU G 5 -15.37 20.09 55.34
CA LEU G 5 -16.53 20.88 54.99
C LEU G 5 -17.40 21.28 56.17
N VAL G 6 -18.07 22.45 56.03
CA VAL G 6 -19.02 23.02 57.01
C VAL G 6 -20.28 23.47 56.25
N LYS G 7 -21.43 23.51 56.91
CA LYS G 7 -22.65 24.00 56.27
C LYS G 7 -22.57 25.52 56.06
N CYS G 8 -23.21 26.03 55.00
CA CYS G 8 -23.25 27.47 54.68
C CYS G 8 -24.20 28.18 55.64
N ALA G 9 -24.21 29.52 55.61
CA ALA G 9 -25.13 30.35 56.40
C ALA G 9 -26.53 30.27 55.77
N GLU G 10 -27.52 30.95 56.36
CA GLU G 10 -28.88 30.94 55.79
C GLU G 10 -29.00 31.86 54.57
N LYS G 11 -28.05 32.80 54.41
CA LYS G 11 -27.94 33.72 53.28
C LYS G 11 -27.65 32.91 52.01
N GLU G 12 -26.71 31.92 52.14
CA GLU G 12 -26.27 31.01 51.09
C GLU G 12 -27.10 29.71 51.00
N LYS G 13 -28.32 29.70 51.55
CA LYS G 13 -29.23 28.56 51.50
C LYS G 13 -29.68 28.41 50.03
N THR G 14 -30.24 29.51 49.46
CA THR G 14 -30.75 29.59 48.08
C THR G 14 -29.67 29.49 47.01
N PHE G 15 -28.37 29.43 47.42
CA PHE G 15 -27.25 29.29 46.49
C PHE G 15 -27.40 28.02 45.67
N CYS G 16 -27.56 26.85 46.33
CA CYS G 16 -27.80 25.60 45.63
C CYS G 16 -29.29 25.47 45.41
N VAL G 17 -29.67 25.23 44.16
CA VAL G 17 -31.07 25.11 43.78
C VAL G 17 -31.48 23.63 43.69
N ASN G 18 -32.78 23.36 43.41
CA ASN G 18 -33.35 22.03 43.22
C ASN G 18 -33.00 20.98 44.31
N GLY G 19 -32.98 21.43 45.55
CA GLY G 19 -32.72 20.59 46.70
C GLY G 19 -31.26 20.28 47.02
N GLY G 20 -30.37 21.14 46.53
CA GLY G 20 -28.94 20.98 46.76
C GLY G 20 -28.55 21.56 48.10
N GLU G 21 -27.63 20.88 48.80
CA GLU G 21 -27.15 21.33 50.11
C GLU G 21 -25.83 22.08 50.01
N CYS G 22 -25.82 23.33 50.47
CA CYS G 22 -24.64 24.17 50.43
C CYS G 22 -23.60 23.83 51.50
N PHE G 23 -22.30 23.88 51.14
CA PHE G 23 -21.13 23.63 52.00
C PHE G 23 -19.99 24.56 51.68
N MET G 24 -19.26 24.97 52.73
CA MET G 24 -18.09 25.83 52.65
C MET G 24 -16.87 24.95 52.98
N VAL G 25 -15.65 25.44 52.66
CA VAL G 25 -14.39 24.75 52.95
C VAL G 25 -13.55 25.63 53.90
N LYS G 26 -13.11 25.03 55.02
CA LYS G 26 -12.35 25.63 56.12
C LYS G 26 -10.97 26.29 55.77
N ASP G 27 -10.36 25.91 54.61
CA ASP G 27 -9.06 26.41 54.10
C ASP G 27 -8.91 27.97 54.12
N LEU G 28 -7.67 28.46 54.20
CA LEU G 28 -7.37 29.89 54.20
C LEU G 28 -6.87 30.38 52.83
N PRO G 31 -9.19 32.92 50.47
CA PRO G 31 -10.65 32.78 50.37
C PRO G 31 -11.19 31.43 50.87
N SER G 32 -12.53 31.33 51.01
CA SER G 32 -13.25 30.11 51.39
C SER G 32 -14.00 29.56 50.18
N ARG G 33 -13.81 28.26 49.88
CA ARG G 33 -14.42 27.61 48.73
C ARG G 33 -15.78 26.99 49.06
N TYR G 34 -16.80 27.29 48.24
CA TYR G 34 -18.18 26.81 48.39
C TYR G 34 -18.48 25.64 47.44
N LEU G 35 -19.39 24.73 47.81
CA LEU G 35 -19.79 23.60 46.96
C LEU G 35 -21.21 23.12 47.21
N CYS G 36 -21.82 22.38 46.27
CA CYS G 36 -23.19 21.84 46.45
C CYS G 36 -23.19 20.34 46.47
N LYS G 37 -24.01 19.75 47.34
CA LYS G 37 -24.17 18.30 47.39
C LYS G 37 -25.56 18.06 46.79
N CYS G 38 -25.59 17.49 45.57
CA CYS G 38 -26.79 17.31 44.77
C CYS G 38 -27.59 16.03 45.02
N PRO G 39 -28.94 16.15 44.94
CA PRO G 39 -29.78 14.94 44.92
C PRO G 39 -29.52 14.23 43.58
N ASN G 40 -29.56 12.89 43.57
CA ASN G 40 -29.30 12.05 42.38
C ASN G 40 -29.91 12.47 41.02
N GLU G 41 -30.96 13.29 41.05
CA GLU G 41 -31.71 13.78 39.88
C GLU G 41 -31.05 15.02 39.22
N PHE G 42 -30.18 15.74 39.96
CA PHE G 42 -29.56 17.00 39.51
C PHE G 42 -28.03 17.06 39.53
N THR G 43 -27.46 17.99 38.72
CA THR G 43 -26.02 18.33 38.63
C THR G 43 -25.79 19.78 38.24
N GLY G 44 -24.50 20.10 38.09
CA GLY G 44 -24.04 21.43 37.75
C GLY G 44 -23.42 22.03 38.99
N ASP G 45 -22.75 23.20 38.81
CA ASP G 45 -22.10 23.88 39.94
C ASP G 45 -23.08 24.15 41.08
N ARG G 46 -24.37 24.41 40.78
CA ARG G 46 -25.41 24.72 41.76
C ARG G 46 -26.64 23.78 41.70
N CYS G 47 -26.49 22.54 41.23
CA CYS G 47 -27.58 21.55 41.04
C CYS G 47 -28.67 22.09 40.10
N GLN G 48 -28.30 22.99 39.17
CA GLN G 48 -29.21 23.67 38.22
C GLN G 48 -29.72 22.83 37.05
N ASN G 49 -28.94 21.78 36.70
CA ASN G 49 -29.19 20.88 35.57
C ASN G 49 -29.71 19.53 35.98
N TYR G 50 -30.56 18.94 35.14
CA TYR G 50 -31.06 17.59 35.35
C TYR G 50 -29.99 16.60 34.88
N VAL G 51 -29.81 15.50 35.63
CA VAL G 51 -28.95 14.36 35.31
C VAL G 51 -29.69 13.60 34.23
N MET G 52 -28.99 13.03 33.26
CA MET G 52 -29.66 12.26 32.23
C MET G 52 -28.82 11.07 31.73
N ALA G 53 -29.49 9.97 31.31
CA ALA G 53 -28.84 8.75 30.80
C ALA G 53 -29.57 8.14 29.59
N SER G 54 -28.95 7.13 28.92
CA SER G 54 -29.38 6.38 27.73
C SER G 54 -29.33 7.22 26.47
N THR H 2 33.97 31.41 -38.27
CA THR H 2 34.36 32.76 -37.86
C THR H 2 33.40 33.32 -36.78
N SER H 3 32.11 33.46 -37.14
CA SER H 3 31.02 33.94 -36.28
C SER H 3 29.97 32.82 -36.11
N HIS H 4 29.29 32.80 -34.95
CA HIS H 4 28.22 31.86 -34.61
C HIS H 4 26.88 32.31 -35.21
N LEU H 5 26.88 33.50 -35.83
CA LEU H 5 25.70 34.14 -36.38
C LEU H 5 25.68 34.19 -37.88
N VAL H 6 24.47 34.11 -38.43
CA VAL H 6 24.14 34.22 -39.85
C VAL H 6 22.98 35.20 -39.97
N LYS H 7 22.93 35.95 -41.07
CA LYS H 7 21.85 36.89 -41.30
C LYS H 7 20.55 36.13 -41.57
N CYS H 8 19.40 36.70 -41.14
CA CYS H 8 18.08 36.10 -41.33
C CYS H 8 17.69 36.13 -42.81
N ALA H 9 16.57 35.46 -43.16
CA ALA H 9 16.00 35.50 -44.51
C ALA H 9 15.32 36.87 -44.72
N GLU H 10 14.77 37.13 -45.92
CA GLU H 10 14.09 38.40 -46.16
C GLU H 10 12.71 38.45 -45.50
N LYS H 11 12.16 37.27 -45.16
CA LYS H 11 10.88 37.11 -44.45
C LYS H 11 11.01 37.72 -43.04
N GLU H 12 12.16 37.43 -42.38
CA GLU H 12 12.52 37.88 -41.03
C GLU H 12 13.27 39.22 -41.00
N LYS H 13 13.18 40.01 -42.09
CA LYS H 13 13.79 41.34 -42.17
C LYS H 13 13.06 42.27 -41.17
N THR H 14 11.72 42.35 -41.31
CA THR H 14 10.81 43.15 -40.48
C THR H 14 10.69 42.68 -39.02
N PHE H 15 11.34 41.55 -38.68
CA PHE H 15 11.31 41.02 -37.32
C PHE H 15 11.88 42.05 -36.33
N CYS H 16 13.10 42.55 -36.58
CA CYS H 16 13.70 43.58 -35.76
C CYS H 16 13.24 44.91 -36.28
N VAL H 17 12.72 45.72 -35.39
CA VAL H 17 12.18 47.03 -35.71
C VAL H 17 13.21 48.13 -35.41
N ASN H 18 12.88 49.39 -35.75
CA ASN H 18 13.69 50.58 -35.47
C ASN H 18 15.17 50.48 -35.86
N GLY H 19 15.42 49.86 -37.01
CA GLY H 19 16.76 49.70 -37.59
C GLY H 19 17.62 48.60 -37.02
N GLY H 20 16.99 47.59 -36.44
CA GLY H 20 17.67 46.44 -35.85
C GLY H 20 17.98 45.41 -36.91
N GLU H 21 19.16 44.79 -36.80
CA GLU H 21 19.58 43.78 -37.75
C GLU H 21 19.32 42.37 -37.20
N CYS H 22 18.55 41.58 -37.93
CA CYS H 22 18.20 40.22 -37.57
C CYS H 22 19.33 39.23 -37.81
N PHE H 23 19.53 38.33 -36.83
CA PHE H 23 20.54 37.26 -36.89
C PHE H 23 20.03 35.96 -36.35
N MET H 24 20.60 34.87 -36.88
CA MET H 24 20.24 33.54 -36.47
C MET H 24 21.47 32.80 -35.95
N VAL H 25 21.25 31.86 -35.02
CA VAL H 25 22.31 31.07 -34.39
C VAL H 25 22.26 29.68 -34.98
N LYS H 26 23.37 29.29 -35.63
CA LYS H 26 23.65 28.05 -36.37
C LYS H 26 23.34 26.71 -35.67
N ASP H 27 23.29 26.69 -34.30
CA ASP H 27 23.02 25.55 -33.41
C ASP H 27 21.84 24.63 -33.85
N LEU H 28 21.90 23.33 -33.48
CA LEU H 28 20.86 22.35 -33.81
C LEU H 28 19.92 22.09 -32.65
N PRO H 31 15.90 23.30 -32.68
CA PRO H 31 15.50 24.64 -33.13
C PRO H 31 16.66 25.61 -33.36
N SER H 32 16.37 26.74 -34.05
CA SER H 32 17.32 27.81 -34.32
C SER H 32 16.92 29.06 -33.54
N ARG H 33 17.90 29.64 -32.82
CA ARG H 33 17.70 30.82 -31.99
C ARG H 33 17.97 32.12 -32.76
N TYR H 34 17.02 33.06 -32.73
CA TYR H 34 17.11 34.34 -33.42
C TYR H 34 17.48 35.48 -32.46
N LEU H 35 18.12 36.55 -32.97
CA LEU H 35 18.49 37.71 -32.16
C LEU H 35 18.56 39.00 -32.95
N CYS H 36 18.50 40.17 -32.27
CA CYS H 36 18.61 41.46 -32.95
C CYS H 36 19.86 42.22 -32.52
N LYS H 37 20.51 42.91 -33.45
CA LYS H 37 21.64 43.75 -33.11
C LYS H 37 21.10 45.18 -33.27
N CYS H 38 20.93 45.87 -32.13
CA CYS H 38 20.31 47.19 -32.04
C CYS H 38 21.23 48.40 -32.26
N PRO H 39 20.67 49.45 -32.93
CA PRO H 39 21.39 50.73 -32.97
C PRO H 39 21.37 51.33 -31.54
N ASN H 40 22.43 52.04 -31.14
CA ASN H 40 22.62 52.64 -29.82
C ASN H 40 21.41 53.31 -29.13
N GLU H 41 20.42 53.76 -29.94
CA GLU H 41 19.21 54.46 -29.52
C GLU H 41 18.10 53.53 -29.02
N PHE H 42 18.16 52.22 -29.39
CA PHE H 42 17.12 51.23 -29.09
C PHE H 42 17.55 49.97 -28.34
N THR H 43 16.58 49.29 -27.68
CA THR H 43 16.70 48.01 -26.97
C THR H 43 15.43 47.21 -26.97
N GLY H 44 15.49 46.08 -26.29
CA GLY H 44 14.41 45.11 -26.19
C GLY H 44 14.73 43.93 -27.06
N ASP H 45 13.92 42.85 -26.95
CA ASP H 45 14.10 41.64 -27.73
C ASP H 45 14.12 41.92 -29.22
N ARG H 46 13.35 42.93 -29.69
CA ARG H 46 13.26 43.30 -31.12
C ARG H 46 13.61 44.78 -31.41
N CYS H 47 14.44 45.44 -30.57
CA CYS H 47 14.80 46.86 -30.68
C CYS H 47 13.56 47.76 -30.62
N GLN H 48 12.49 47.31 -29.95
CA GLN H 48 11.20 47.99 -29.86
C GLN H 48 11.14 49.17 -28.90
N ASN H 49 12.03 49.21 -27.89
CA ASN H 49 12.11 50.22 -26.83
C ASN H 49 13.27 51.20 -27.04
N TYR H 50 13.06 52.45 -26.64
CA TYR H 50 14.12 53.46 -26.66
C TYR H 50 15.00 53.23 -25.45
N VAL H 51 16.32 53.41 -25.65
CA VAL H 51 17.34 53.36 -24.58
C VAL H 51 17.17 54.67 -23.81
N MET H 52 17.38 54.68 -22.51
CA MET H 52 17.27 55.93 -21.78
C MET H 52 18.27 56.05 -20.63
N ALA H 53 18.76 57.28 -20.33
CA ALA H 53 19.79 57.52 -19.31
C ALA H 53 19.50 58.75 -18.47
N SER H 54 20.24 58.90 -17.29
CA SER H 54 20.16 59.98 -16.27
C SER H 54 18.84 59.96 -15.53
N SER I 3 38.30 -37.66 -20.52
CA SER I 3 39.46 -37.48 -19.65
C SER I 3 39.17 -36.35 -18.61
N HIS I 4 37.94 -36.29 -18.09
CA HIS I 4 37.44 -35.26 -17.15
C HIS I 4 37.64 -35.62 -15.69
N LEU I 5 38.11 -36.84 -15.46
CA LEU I 5 38.25 -37.40 -14.13
C LEU I 5 39.70 -37.58 -13.68
N VAL I 6 39.91 -37.42 -12.37
CA VAL I 6 41.18 -37.57 -11.66
C VAL I 6 40.94 -38.45 -10.45
N LYS I 7 41.96 -39.21 -10.02
CA LYS I 7 41.85 -40.05 -8.83
C LYS I 7 41.79 -39.16 -7.58
N CYS I 8 41.06 -39.61 -6.55
CA CYS I 8 40.92 -38.90 -5.29
C CYS I 8 42.24 -38.99 -4.48
N ALA I 9 42.32 -38.24 -3.36
CA ALA I 9 43.46 -38.30 -2.44
C ALA I 9 43.36 -39.61 -1.63
N GLU I 10 44.32 -39.87 -0.73
CA GLU I 10 44.28 -41.07 0.11
C GLU I 10 43.25 -40.94 1.24
N LYS I 11 42.85 -39.69 1.56
CA LYS I 11 41.84 -39.36 2.58
C LYS I 11 40.48 -39.92 2.09
N GLU I 12 40.19 -39.71 0.78
CA GLU I 12 38.98 -40.13 0.08
C GLU I 12 39.07 -41.53 -0.55
N LYS I 13 39.99 -42.36 -0.07
CA LYS I 13 40.14 -43.74 -0.52
C LYS I 13 38.90 -44.54 -0.06
N THR I 14 38.64 -44.53 1.28
CA THR I 14 37.54 -45.19 1.96
C THR I 14 36.15 -44.63 1.64
N PHE I 15 36.09 -43.52 0.84
CA PHE I 15 34.84 -42.89 0.44
C PHE I 15 33.95 -43.91 -0.31
N CYS I 16 34.49 -44.55 -1.37
CA CYS I 16 33.77 -45.59 -2.08
C CYS I 16 34.03 -46.89 -1.38
N VAL I 17 32.95 -47.60 -1.04
CA VAL I 17 33.02 -48.87 -0.34
C VAL I 17 32.90 -50.03 -1.33
N ASN I 18 33.04 -51.28 -0.83
CA ASN I 18 32.88 -52.52 -1.60
C ASN I 18 33.69 -52.58 -2.91
N GLY I 19 34.90 -52.05 -2.87
CA GLY I 19 35.81 -52.05 -4.01
C GLY I 19 35.57 -51.02 -5.09
N GLY I 20 34.91 -49.93 -4.72
CA GLY I 20 34.63 -48.82 -5.63
C GLY I 20 35.83 -47.89 -5.72
N GLU I 21 36.10 -47.39 -6.94
CA GLU I 21 37.21 -46.47 -7.16
C GLU I 21 36.74 -45.01 -7.18
N CYS I 22 37.25 -44.20 -6.26
CA CYS I 22 36.93 -42.79 -6.12
C CYS I 22 37.51 -41.93 -7.23
N PHE I 23 36.68 -41.02 -7.76
CA PHE I 23 37.12 -40.08 -8.79
C PHE I 23 36.61 -38.69 -8.54
N MET I 24 37.35 -37.71 -9.04
CA MET I 24 36.98 -36.32 -8.90
C MET I 24 36.85 -35.67 -10.29
N VAL I 25 35.97 -34.68 -10.41
CA VAL I 25 35.71 -33.94 -11.64
C VAL I 25 36.37 -32.59 -11.52
N LYS I 26 37.30 -32.32 -12.45
CA LYS I 26 38.16 -31.13 -12.58
C LYS I 26 37.48 -29.73 -12.59
N ASP I 27 36.15 -29.67 -12.91
CA ASP I 27 35.30 -28.47 -12.99
C ASP I 27 35.40 -27.50 -11.79
N LEU I 28 35.17 -26.20 -12.02
CA LEU I 28 35.21 -25.16 -10.98
C LEU I 28 33.82 -24.78 -10.48
N PRO I 31 32.62 -25.68 -6.57
CA PRO I 31 32.99 -26.95 -5.92
C PRO I 31 33.49 -28.02 -6.90
N SER I 32 34.04 -29.12 -6.35
CA SER I 32 34.53 -30.28 -7.11
C SER I 32 33.58 -31.46 -6.87
N ARG I 33 33.12 -32.08 -7.97
CA ARG I 33 32.19 -33.20 -7.89
C ARG I 33 32.93 -34.55 -7.85
N TYR I 34 32.58 -35.40 -6.89
CA TYR I 34 33.17 -36.71 -6.68
C TYR I 34 32.29 -37.83 -7.20
N LEU I 35 32.89 -38.98 -7.55
CA LEU I 35 32.14 -40.14 -8.01
C LEU I 35 32.82 -41.45 -7.67
N CYS I 36 32.13 -42.57 -7.92
CA CYS I 36 32.66 -43.91 -7.69
C CYS I 36 32.40 -44.75 -8.90
N LYS I 37 33.43 -45.48 -9.31
CA LYS I 37 33.31 -46.42 -10.41
C LYS I 37 33.18 -47.76 -9.72
N CYS I 38 31.99 -48.37 -9.84
CA CYS I 38 31.64 -49.63 -9.16
C CYS I 38 31.99 -50.92 -9.89
N PRO I 39 32.42 -51.96 -9.10
CA PRO I 39 32.54 -53.31 -9.68
C PRO I 39 31.12 -53.80 -10.00
N ASN I 40 30.94 -54.56 -11.10
CA ASN I 40 29.64 -55.06 -11.56
C ASN I 40 28.61 -55.61 -10.54
N GLU I 41 29.09 -56.00 -9.37
CA GLU I 41 28.32 -56.57 -8.25
C GLU I 41 27.62 -55.51 -7.37
N PHE I 42 28.10 -54.25 -7.43
CA PHE I 42 27.62 -53.15 -6.58
C PHE I 42 27.13 -51.89 -7.30
N THR I 43 26.28 -51.09 -6.60
CA THR I 43 25.74 -49.77 -7.02
C THR I 43 25.47 -48.84 -5.84
N GLY I 44 24.93 -47.69 -6.17
CA GLY I 44 24.62 -46.64 -5.22
C GLY I 44 25.63 -45.53 -5.39
N ASP I 45 25.40 -44.40 -4.71
CA ASP I 45 26.30 -43.25 -4.77
C ASP I 45 27.73 -43.62 -4.37
N ARG I 46 27.90 -44.58 -3.44
CA ARG I 46 29.22 -45.01 -2.95
C ARG I 46 29.48 -46.52 -3.09
N CYS I 47 28.82 -47.21 -4.06
CA CYS I 47 28.90 -48.68 -4.26
C CYS I 47 28.43 -49.45 -3.02
N GLN I 48 27.55 -48.85 -2.22
CA GLN I 48 27.08 -49.41 -0.97
C GLN I 48 26.04 -50.54 -1.07
N ASN I 49 25.31 -50.57 -2.21
CA ASN I 49 24.23 -51.51 -2.49
C ASN I 49 24.64 -52.62 -3.46
N TYR I 50 24.08 -53.83 -3.28
CA TYR I 50 24.28 -54.95 -4.19
C TYR I 50 23.37 -54.73 -5.38
N VAL I 51 23.91 -55.02 -6.60
CA VAL I 51 23.18 -55.02 -7.87
C VAL I 51 22.29 -56.26 -7.84
N MET I 52 21.10 -56.18 -8.41
CA MET I 52 20.24 -57.35 -8.46
C MET I 52 19.37 -57.36 -9.73
N ALA I 53 19.00 -58.56 -10.23
CA ALA I 53 18.18 -58.75 -11.44
C ALA I 53 17.08 -59.82 -11.27
N SER I 54 16.08 -59.85 -12.21
CA SER I 54 14.90 -60.75 -12.26
C SER I 54 13.88 -60.39 -11.19
N THR J 2 -64.72 -9.19 -6.61
CA THR J 2 -64.20 -8.07 -5.82
C THR J 2 -62.78 -8.36 -5.28
N SER J 3 -62.64 -9.38 -4.42
CA SER J 3 -61.38 -9.81 -3.80
C SER J 3 -61.10 -11.26 -4.16
N HIS J 4 -59.79 -11.63 -4.16
CA HIS J 4 -59.30 -12.99 -4.46
C HIS J 4 -59.41 -13.91 -3.23
N LEU J 5 -59.85 -13.35 -2.10
CA LEU J 5 -59.94 -14.04 -0.84
C LEU J 5 -61.37 -14.27 -0.38
N VAL J 6 -61.56 -15.39 0.34
CA VAL J 6 -62.81 -15.83 0.96
C VAL J 6 -62.51 -16.23 2.40
N LYS J 7 -63.50 -16.08 3.29
CA LYS J 7 -63.35 -16.48 4.69
C LYS J 7 -63.30 -18.02 4.80
N CYS J 8 -62.52 -18.53 5.77
CA CYS J 8 -62.37 -19.97 6.01
C CYS J 8 -63.66 -20.54 6.63
N ALA J 9 -63.73 -21.88 6.72
CA ALA J 9 -64.84 -22.58 7.37
C ALA J 9 -64.70 -22.43 8.90
N GLU J 10 -65.63 -23.02 9.69
CA GLU J 10 -65.54 -22.96 11.15
C GLU J 10 -64.49 -23.92 11.70
N LYS J 11 -64.10 -24.94 10.90
CA LYS J 11 -63.04 -25.91 11.23
C LYS J 11 -61.70 -25.15 11.33
N GLU J 12 -61.46 -24.23 10.37
CA GLU J 12 -60.27 -23.41 10.22
C GLU J 12 -60.35 -22.05 10.96
N LYS J 13 -61.26 -21.94 11.94
CA LYS J 13 -61.41 -20.73 12.76
C LYS J 13 -60.14 -20.59 13.64
N THR J 14 -59.86 -21.65 14.43
CA THR J 14 -58.72 -21.77 15.35
C THR J 14 -57.35 -21.86 14.67
N PHE J 15 -57.34 -21.90 13.32
CA PHE J 15 -56.09 -21.96 12.54
C PHE J 15 -55.21 -20.75 12.84
N CYS J 16 -55.75 -19.53 12.70
CA CYS J 16 -55.03 -18.32 13.05
C CYS J 16 -55.25 -18.07 14.53
N VAL J 17 -54.16 -17.88 15.26
CA VAL J 17 -54.17 -17.64 16.69
C VAL J 17 -54.05 -16.15 17.01
N ASN J 18 -54.14 -15.78 18.29
CA ASN J 18 -54.00 -14.41 18.81
C ASN J 18 -54.84 -13.35 18.07
N GLY J 19 -56.08 -13.73 17.71
CA GLY J 19 -57.05 -12.88 17.04
C GLY J 19 -56.87 -12.66 15.55
N GLY J 20 -56.21 -13.61 14.89
CA GLY J 20 -55.97 -13.55 13.45
C GLY J 20 -57.18 -14.05 12.68
N GLU J 21 -57.48 -13.40 11.55
CA GLU J 21 -58.62 -13.77 10.70
C GLU J 21 -58.17 -14.68 9.54
N CYS J 22 -58.75 -15.88 9.47
CA CYS J 22 -58.45 -16.83 8.44
C CYS J 22 -59.12 -16.51 7.13
N PHE J 23 -58.35 -16.60 6.04
CA PHE J 23 -58.79 -16.41 4.67
C PHE J 23 -58.22 -17.50 3.75
N MET J 24 -58.91 -17.73 2.63
CA MET J 24 -58.55 -18.72 1.64
C MET J 24 -58.49 -18.07 0.24
N VAL J 25 -57.68 -18.67 -0.64
CA VAL J 25 -57.49 -18.22 -2.02
C VAL J 25 -58.33 -19.14 -2.94
N LYS J 26 -59.17 -18.51 -3.80
CA LYS J 26 -60.10 -19.12 -4.77
C LYS J 26 -59.44 -19.95 -5.93
N ASP J 27 -58.12 -19.74 -6.21
CA ASP J 27 -57.31 -20.41 -7.25
C ASP J 27 -57.51 -21.96 -7.33
N LEU J 28 -57.25 -22.55 -8.51
CA LEU J 28 -57.38 -23.98 -8.75
C LEU J 28 -56.01 -24.70 -8.71
N PRO J 31 -54.75 -27.16 -5.59
CA PRO J 31 -55.03 -26.86 -4.18
C PRO J 31 -55.51 -25.43 -3.91
N SER J 32 -56.00 -25.16 -2.68
CA SER J 32 -56.42 -23.83 -2.19
C SER J 32 -55.43 -23.32 -1.14
N ARG J 33 -54.93 -22.10 -1.33
CA ARG J 33 -53.94 -21.49 -0.45
C ARG J 33 -54.58 -20.70 0.69
N TYR J 34 -54.13 -20.93 1.93
CA TYR J 34 -54.66 -20.28 3.14
C TYR J 34 -53.76 -19.15 3.64
N LEU J 35 -54.33 -18.13 4.32
CA LEU J 35 -53.56 -17.04 4.90
C LEU J 35 -54.23 -16.39 6.11
N CYS J 36 -53.46 -15.69 6.96
CA CYS J 36 -54.00 -15.00 8.14
C CYS J 36 -53.85 -13.49 8.03
N LYS J 37 -54.88 -12.74 8.46
CA LYS J 37 -54.81 -11.28 8.51
C LYS J 37 -54.67 -10.96 10.00
N CYS J 38 -53.49 -10.47 10.38
CA CYS J 38 -53.13 -10.25 11.78
C CYS J 38 -53.50 -8.89 12.37
N PRO J 39 -53.85 -8.88 13.69
CA PRO J 39 -53.96 -7.61 14.41
C PRO J 39 -52.53 -7.02 14.53
N ASN J 40 -52.40 -5.68 14.47
CA ASN J 40 -51.11 -4.95 14.49
C ASN J 40 -50.00 -5.42 15.50
N GLU J 41 -50.42 -6.11 16.57
CA GLU J 41 -49.61 -6.62 17.66
C GLU J 41 -48.91 -7.95 17.34
N PHE J 42 -49.44 -8.70 16.34
CA PHE J 42 -48.95 -10.03 15.97
C PHE J 42 -48.50 -10.26 14.51
N THR J 43 -47.64 -11.29 14.29
CA THR J 43 -47.15 -11.78 12.98
C THR J 43 -46.84 -13.25 12.99
N GLY J 44 -46.33 -13.72 11.86
CA GLY J 44 -46.00 -15.11 11.59
C GLY J 44 -47.06 -15.67 10.66
N ASP J 45 -46.82 -16.90 10.18
CA ASP J 45 -47.74 -17.58 9.28
C ASP J 45 -49.15 -17.68 9.87
N ARG J 46 -49.26 -17.84 11.21
CA ARG J 46 -50.53 -17.98 11.93
C ARG J 46 -50.77 -16.93 13.03
N CYS J 47 -50.14 -15.72 12.94
CA CYS J 47 -50.19 -14.65 13.95
C CYS J 47 -49.67 -15.15 15.32
N GLN J 48 -48.75 -16.14 15.32
CA GLN J 48 -48.22 -16.77 16.52
C GLN J 48 -47.16 -15.96 17.28
N ASN J 49 -46.48 -15.04 16.59
CA ASN J 49 -45.40 -14.20 17.10
C ASN J 49 -45.82 -12.76 17.37
N TYR J 50 -45.25 -12.14 18.39
CA TYR J 50 -45.48 -10.73 18.70
C TYR J 50 -44.63 -9.91 17.73
N VAL J 51 -45.20 -8.79 17.23
CA VAL J 51 -44.52 -7.81 16.39
C VAL J 51 -43.59 -7.04 17.32
N MET J 52 -42.40 -6.66 16.84
CA MET J 52 -41.51 -5.89 17.71
C MET J 52 -40.71 -4.83 16.98
N ALA J 53 -40.50 -3.66 17.63
CA ALA J 53 -39.79 -2.54 17.03
C ALA J 53 -38.72 -1.94 17.98
N SER J 54 -37.65 -1.33 17.37
CA SER J 54 -36.48 -0.71 18.00
C SER J 54 -35.50 -1.74 18.60
N SER K 3 22.62 -29.44 35.96
CA SER K 3 23.42 -30.09 34.92
C SER K 3 23.02 -29.64 33.47
N HIS K 4 22.45 -30.59 32.67
CA HIS K 4 21.99 -30.68 31.26
C HIS K 4 23.10 -31.04 30.30
N LEU K 5 24.36 -30.85 30.73
CA LEU K 5 25.53 -31.04 29.90
C LEU K 5 26.38 -32.23 30.29
N VAL K 6 27.01 -32.86 29.28
CA VAL K 6 27.93 -34.01 29.39
C VAL K 6 29.16 -33.67 28.55
N LYS K 7 30.35 -34.17 28.94
CA LYS K 7 31.56 -33.98 28.15
C LYS K 7 31.47 -34.80 26.84
N CYS K 8 32.06 -34.29 25.75
CA CYS K 8 32.04 -34.94 24.42
C CYS K 8 32.91 -36.20 24.44
N ALA K 9 32.86 -37.00 23.36
CA ALA K 9 33.73 -38.16 23.18
C ALA K 9 35.17 -37.65 22.83
N GLU K 10 36.14 -38.57 22.66
CA GLU K 10 37.50 -38.18 22.30
C GLU K 10 37.59 -37.80 20.81
N LYS K 11 36.60 -38.23 19.99
CA LYS K 11 36.49 -37.90 18.57
C LYS K 11 36.26 -36.38 18.44
N GLU K 12 35.36 -35.85 19.29
CA GLU K 12 34.95 -34.45 19.37
C GLU K 12 35.83 -33.59 20.31
N LYS K 13 37.05 -34.06 20.61
CA LYS K 13 38.00 -33.33 21.44
C LYS K 13 38.45 -32.06 20.66
N THR K 14 38.96 -32.27 19.42
CA THR K 14 39.44 -31.25 18.47
C THR K 14 38.34 -30.34 17.93
N PHE K 15 37.07 -30.61 18.28
CA PHE K 15 35.95 -29.80 17.83
C PHE K 15 36.11 -28.34 18.30
N CYS K 16 36.32 -28.12 19.61
CA CYS K 16 36.57 -26.78 20.14
C CYS K 16 38.05 -26.54 20.05
N VAL K 17 38.42 -25.41 19.44
CA VAL K 17 39.80 -25.01 19.24
C VAL K 17 40.24 -24.02 20.32
N ASN K 18 41.52 -23.63 20.31
CA ASN K 18 42.12 -22.64 21.21
C ASN K 18 41.81 -22.83 22.71
N GLY K 19 41.82 -24.09 23.15
CA GLY K 19 41.60 -24.48 24.54
C GLY K 19 40.16 -24.50 25.02
N GLY K 20 39.22 -24.68 24.08
CA GLY K 20 37.80 -24.75 24.39
C GLY K 20 37.41 -26.15 24.80
N GLU K 21 36.53 -26.27 25.81
CA GLU K 21 36.06 -27.55 26.32
C GLU K 21 34.71 -27.94 25.69
N CYS K 22 34.69 -29.08 25.00
CA CYS K 22 33.51 -29.58 24.33
C CYS K 22 32.49 -30.17 25.29
N PHE K 23 31.22 -29.87 25.06
CA PHE K 23 30.08 -30.37 25.81
C PHE K 23 28.96 -30.78 24.87
N MET K 24 28.05 -31.58 25.40
CA MET K 24 26.90 -32.06 24.66
C MET K 24 25.65 -31.92 25.53
N VAL K 25 24.49 -31.76 24.88
CA VAL K 25 23.19 -31.60 25.54
C VAL K 25 22.42 -32.90 25.37
N LYS K 26 22.09 -33.52 26.51
CA LYS K 26 21.39 -34.80 26.70
C LYS K 26 20.06 -35.01 25.94
N ASP K 27 19.37 -33.91 25.52
CA ASP K 27 18.07 -33.89 24.80
C ASP K 27 17.97 -34.89 23.62
N LEU K 28 16.74 -35.35 23.31
CA LEU K 28 16.50 -36.29 22.22
C LEU K 28 15.93 -35.60 20.98
N PRO K 31 18.15 -35.26 17.45
CA PRO K 31 19.60 -34.93 17.47
C PRO K 31 20.12 -34.46 18.83
N SER K 32 21.47 -34.43 18.97
CA SER K 32 22.15 -33.95 20.17
C SER K 32 22.86 -32.62 19.85
N ARG K 33 22.64 -31.61 20.71
CA ARG K 33 23.21 -30.27 20.51
C ARG K 33 24.54 -30.13 21.25
N TYR K 34 25.58 -29.64 20.55
CA TYR K 34 26.94 -29.47 21.07
C TYR K 34 27.23 -28.01 21.38
N LEU K 35 28.17 -27.76 22.32
CA LEU K 35 28.60 -26.41 22.69
C LEU K 35 30.03 -26.37 23.23
N CYS K 36 30.67 -25.19 23.19
CA CYS K 36 32.04 -25.03 23.70
C CYS K 36 32.07 -24.09 24.88
N LYS K 37 32.90 -24.40 25.86
CA LYS K 37 33.10 -23.51 27.00
C LYS K 37 34.48 -22.90 26.77
N CYS K 38 34.50 -21.59 26.44
CA CYS K 38 35.73 -20.87 26.06
C CYS K 38 36.56 -20.27 27.19
N PRO K 39 37.90 -20.31 27.02
CA PRO K 39 38.78 -19.53 27.93
C PRO K 39 38.55 -18.05 27.66
N ASN K 40 38.60 -17.20 28.69
CA ASN K 40 38.33 -15.75 28.60
C ASN K 40 38.86 -14.94 27.38
N GLU K 41 39.92 -15.45 26.73
CA GLU K 41 40.63 -14.88 25.59
C GLU K 41 39.95 -15.15 24.25
N PHE K 42 39.07 -16.17 24.18
CA PHE K 42 38.42 -16.62 22.94
C PHE K 42 36.89 -16.65 22.93
N THR K 43 36.29 -16.60 21.72
CA THR K 43 34.85 -16.73 21.42
C THR K 43 34.57 -17.34 20.07
N GLY K 44 33.29 -17.41 19.74
CA GLY K 44 32.76 -18.00 18.52
C GLY K 44 32.15 -19.33 18.85
N ASP K 45 31.48 -19.94 17.85
CA ASP K 45 30.84 -21.23 18.04
C ASP K 45 31.82 -22.30 18.53
N ARG K 46 33.09 -22.23 18.09
CA ARG K 46 34.14 -23.19 18.45
C ARG K 46 35.39 -22.56 19.11
N CYS K 47 35.25 -21.41 19.78
CA CYS K 47 36.37 -20.64 20.40
C CYS K 47 37.42 -20.24 19.34
N GLN K 48 37.02 -20.08 18.07
CA GLN K 48 37.90 -19.78 16.95
C GLN K 48 38.38 -18.32 16.84
N ASN K 49 37.63 -17.38 17.44
CA ASN K 49 37.88 -15.94 17.41
C ASN K 49 38.45 -15.41 18.73
N TYR K 50 39.31 -14.39 18.65
CA TYR K 50 39.84 -13.72 19.83
C TYR K 50 38.78 -12.73 20.34
N VAL K 51 38.63 -12.66 21.68
CA VAL K 51 37.76 -11.69 22.37
C VAL K 51 38.53 -10.38 22.30
N MET K 52 37.83 -9.25 22.17
CA MET K 52 38.51 -7.96 22.14
C MET K 52 37.71 -6.84 22.80
N ALA K 53 38.41 -5.85 23.42
CA ALA K 53 37.77 -4.73 24.13
C ALA K 53 38.33 -3.36 23.75
N THR L 2 -26.44 35.40 -36.33
CA THR L 2 -26.85 34.12 -36.92
C THR L 2 -25.91 32.97 -36.51
N SER L 3 -24.61 33.08 -36.88
CA SER L 3 -23.56 32.10 -36.60
C SER L 3 -22.45 32.68 -35.70
N HIS L 4 -21.77 31.80 -34.95
CA HIS L 4 -20.65 32.16 -34.08
C HIS L 4 -19.34 32.29 -34.89
N LEU L 5 -19.40 31.97 -36.18
CA LEU L 5 -18.25 31.94 -37.08
C LEU L 5 -18.27 33.05 -38.09
N VAL L 6 -17.10 33.65 -38.26
CA VAL L 6 -16.83 34.74 -39.18
C VAL L 6 -15.63 34.31 -40.08
N LYS L 7 -15.60 34.71 -41.37
CA LYS L 7 -14.53 34.32 -42.30
C LYS L 7 -13.20 34.95 -41.89
N CYS L 8 -12.07 34.28 -42.17
CA CYS L 8 -10.73 34.81 -41.85
C CYS L 8 -10.37 35.96 -42.81
N ALA L 9 -9.24 36.65 -42.56
CA ALA L 9 -8.72 37.68 -43.46
C ALA L 9 -8.07 36.99 -44.69
N GLU L 10 -7.55 37.78 -45.65
CA GLU L 10 -6.89 37.21 -46.82
C GLU L 10 -5.49 36.68 -46.48
N LYS L 11 -4.91 37.15 -45.35
CA LYS L 11 -3.61 36.71 -44.85
C LYS L 11 -3.72 35.23 -44.46
N GLU L 12 -4.84 34.87 -43.77
CA GLU L 12 -5.17 33.53 -43.29
C GLU L 12 -5.94 32.68 -44.31
N LYS L 13 -5.88 33.03 -45.60
CA LYS L 13 -6.52 32.28 -46.68
C LYS L 13 -5.78 30.92 -46.82
N THR L 14 -4.45 30.99 -47.03
CA THR L 14 -3.54 29.85 -47.16
C THR L 14 -3.35 29.03 -45.88
N PHE L 15 -3.96 29.46 -44.76
CA PHE L 15 -3.89 28.73 -43.47
C PHE L 15 -4.46 27.32 -43.64
N CYS L 16 -5.69 27.19 -44.16
CA CYS L 16 -6.27 25.88 -44.42
C CYS L 16 -5.83 25.48 -45.81
N VAL L 17 -5.26 24.29 -45.91
CA VAL L 17 -4.75 23.76 -47.16
C VAL L 17 -5.76 22.84 -47.82
N ASN L 18 -5.45 22.34 -49.03
CA ASN L 18 -6.25 21.38 -49.77
C ASN L 18 -7.74 21.74 -49.93
N GLY L 19 -8.00 23.03 -50.14
CA GLY L 19 -9.35 23.56 -50.35
C GLY L 19 -10.21 23.80 -49.12
N GLY L 20 -9.57 23.94 -47.96
CA GLY L 20 -10.24 24.17 -46.70
C GLY L 20 -10.59 25.63 -46.52
N GLU L 21 -11.77 25.90 -45.95
CA GLU L 21 -12.23 27.28 -45.71
C GLU L 21 -11.95 27.71 -44.29
N CYS L 22 -11.20 28.80 -44.15
CA CYS L 22 -10.82 29.36 -42.84
C CYS L 22 -11.95 30.14 -42.18
N PHE L 23 -12.15 29.93 -40.87
CA PHE L 23 -13.17 30.62 -40.08
C PHE L 23 -12.68 31.01 -38.71
N MET L 24 -13.16 32.16 -38.22
CA MET L 24 -12.76 32.62 -36.92
C MET L 24 -13.95 32.66 -35.98
N VAL L 25 -13.67 32.45 -34.68
CA VAL L 25 -14.70 32.45 -33.64
C VAL L 25 -14.63 33.80 -32.92
N LYS L 26 -15.75 34.53 -32.99
CA LYS L 26 -16.00 35.86 -32.45
C LYS L 26 -15.69 36.10 -30.95
N ASP L 27 -15.63 35.02 -30.12
CA ASP L 27 -15.36 35.01 -28.67
C ASP L 27 -14.17 35.88 -28.20
N LEU L 28 -14.22 36.37 -26.95
CA LEU L 28 -13.18 37.22 -26.38
C LEU L 28 -12.23 36.44 -25.46
N PRO L 31 -8.18 36.06 -26.62
CA PRO L 31 -7.82 35.64 -27.98
C PRO L 31 -8.98 35.12 -28.83
N SER L 32 -8.72 34.99 -30.15
CA SER L 32 -9.68 34.51 -31.15
C SER L 32 -9.31 33.12 -31.64
N ARG L 33 -10.28 32.20 -31.64
CA ARG L 33 -10.07 30.80 -32.03
C ARG L 33 -10.36 30.59 -33.51
N TYR L 34 -9.43 29.94 -34.23
CA TYR L 34 -9.53 29.66 -35.67
C TYR L 34 -9.90 28.21 -35.95
N LEU L 35 -10.57 27.94 -37.08
CA LEU L 35 -10.94 26.57 -37.51
C LEU L 35 -11.04 26.41 -39.02
N CYS L 36 -10.96 25.18 -39.53
CA CYS L 36 -11.09 24.93 -40.96
C CYS L 36 -12.31 24.10 -41.26
N LYS L 37 -12.99 24.39 -42.36
CA LYS L 37 -14.12 23.58 -42.82
C LYS L 37 -13.60 22.85 -44.04
N CYS L 38 -13.42 21.54 -43.90
CA CYS L 38 -12.79 20.69 -44.91
C CYS L 38 -13.70 20.11 -45.99
N PRO L 39 -13.16 20.00 -47.23
CA PRO L 39 -13.87 19.23 -48.27
C PRO L 39 -13.86 17.76 -47.86
N ASN L 40 -14.91 17.01 -48.15
CA ASN L 40 -15.08 15.60 -47.78
C ASN L 40 -13.87 14.64 -47.89
N GLU L 41 -12.91 14.97 -48.76
CA GLU L 41 -11.68 14.22 -49.10
C GLU L 41 -10.56 14.44 -48.07
N PHE L 42 -10.61 15.53 -47.26
CA PHE L 42 -9.57 15.93 -46.31
C PHE L 42 -9.98 16.11 -44.84
N THR L 43 -8.98 16.02 -43.92
CA THR L 43 -9.08 16.24 -42.46
C THR L 43 -7.80 16.74 -41.84
N GLY L 44 -7.85 16.92 -40.53
CA GLY L 44 -6.76 17.42 -39.72
C GLY L 44 -7.09 18.84 -39.32
N ASP L 45 -6.25 19.41 -38.43
CA ASP L 45 -6.43 20.78 -37.97
C ASP L 45 -6.51 21.78 -39.13
N ARG L 46 -5.77 21.55 -40.22
CA ARG L 46 -5.72 22.43 -41.38
C ARG L 46 -6.08 21.75 -42.71
N CYS L 47 -6.88 20.67 -42.70
CA CYS L 47 -7.25 19.87 -43.88
C CYS L 47 -6.02 19.30 -44.57
N GLN L 48 -4.92 19.07 -43.83
CA GLN L 48 -3.64 18.59 -44.35
C GLN L 48 -3.57 17.11 -44.70
N ASN L 49 -4.49 16.31 -44.14
CA ASN L 49 -4.57 14.87 -44.27
C ASN L 49 -5.70 14.41 -45.15
N TYR L 50 -5.51 13.28 -45.81
CA TYR L 50 -6.55 12.65 -46.61
C TYR L 50 -7.41 11.83 -45.66
N VAL L 51 -8.74 11.89 -45.88
CA VAL L 51 -9.76 11.07 -45.20
C VAL L 51 -9.63 9.68 -45.78
N MET L 52 -9.82 8.64 -44.97
CA MET L 52 -9.72 7.30 -45.51
C MET L 52 -10.68 6.32 -44.84
N ALA L 53 -11.16 5.28 -45.57
CA ALA L 53 -12.09 4.26 -45.06
C ALA L 53 -11.80 2.88 -45.64
N SER L 54 -12.40 1.82 -44.98
CA SER L 54 -12.31 0.36 -45.27
C SER L 54 -10.95 -0.21 -44.91
C1 NAG M . 3.20 8.02 27.25
C2 NAG M . 2.62 6.61 27.31
C3 NAG M . 2.83 5.74 26.02
C4 NAG M . 3.26 6.43 24.69
C5 NAG M . 3.96 7.78 24.91
C6 NAG M . 4.08 8.51 23.58
C7 NAG M . 3.45 5.26 29.12
C8 NAG M . 4.73 4.78 29.74
N2 NAG M . 3.67 6.04 28.07
O3 NAG M . 1.80 4.70 25.89
O4 NAG M . 4.28 5.64 24.07
O5 NAG M . 3.33 8.61 25.95
O6 NAG M . 3.22 9.70 23.51
O7 NAG M . 2.30 5.03 29.50
C1 NAG N . -3.09 14.22 13.86
C2 NAG N . -2.50 13.33 14.99
C3 NAG N . -2.63 11.81 14.75
C4 NAG N . -3.87 11.30 13.92
C5 NAG N . -4.17 12.23 12.73
C6 NAG N . -5.60 11.96 12.19
C7 NAG N . -1.18 14.46 16.80
C8 NAG N . 0.20 14.85 17.18
N2 NAG N . -1.21 13.80 15.55
O3 NAG N . -2.83 11.31 16.09
O4 NAG N . -3.63 9.95 13.42
O5 NAG N . -4.23 13.63 13.15
O6 NAG N . -5.90 12.85 11.11
O7 NAG N . -2.19 14.70 17.52
C1 NAG O . -40.74 44.67 16.80
C2 NAG O . -40.48 46.09 17.39
C3 NAG O . -41.74 47.01 17.26
C4 NAG O . -42.63 46.81 15.99
C5 NAG O . -42.66 45.34 15.49
C6 NAG O . -43.30 45.14 14.08
C7 NAG O . -38.92 45.86 19.33
C8 NAG O . -38.96 46.01 20.83
N2 NAG O . -40.15 46.11 18.80
O3 NAG O . -41.28 48.38 17.40
O4 NAG O . -43.98 47.20 16.31
O5 NAG O . -41.32 44.77 15.49
O6 NAG O . -42.91 43.92 13.43
O7 NAG O . -37.89 45.56 18.67
C1 NAG P . -40.07 7.31 7.67
C2 NAG P . -38.95 7.67 6.57
C3 NAG P . -37.99 6.46 6.26
C4 NAG P . -38.38 5.06 6.80
C5 NAG P . -39.83 5.11 7.40
C6 NAG P . -40.73 3.83 7.59
C7 NAG P . -39.73 8.54 4.28
C8 NAG P . -40.63 8.11 3.14
N2 NAG P . -39.71 7.62 5.29
O3 NAG P . -36.59 6.64 6.40
O4 NAG P . -38.46 4.46 5.54
O5 NAG P . -39.78 6.11 8.45
O6 NAG P . -42.04 3.90 6.92
O7 NAG P . -39.08 9.62 4.33
C1 NAG Q . 28.71 33.42 -0.03
C2 NAG Q . 29.73 34.58 0.09
C3 NAG Q . 29.85 35.24 1.49
C4 NAG Q . 28.79 34.90 2.58
C5 NAG Q . 28.04 33.58 2.35
C6 NAG Q . 26.74 33.57 3.25
C7 NAG Q . 31.97 34.06 -0.57
C8 NAG Q . 33.09 33.09 -0.26
N2 NAG Q . 30.94 33.83 0.17
O3 NAG Q . 30.25 36.64 1.34
O4 NAG Q . 29.50 34.73 3.79
O5 NAG Q . 27.66 33.40 0.93
O6 NAG Q . 25.50 33.59 2.56
O7 NAG Q . 31.94 34.96 -1.39
C1 NAG R . 15.22 39.08 6.08
C2 NAG R . 16.69 38.75 5.66
C3 NAG R . 17.76 39.69 6.27
C4 NAG R . 17.36 41.18 6.45
C5 NAG R . 15.91 41.33 6.97
C6 NAG R . 15.38 42.77 6.80
C7 NAG R . 17.06 36.59 4.43
C8 NAG R . 17.36 35.18 4.68
N2 NAG R . 16.99 37.29 5.66
O3 NAG R . 18.87 39.66 5.36
O4 NAG R . 18.23 41.86 7.40
O5 NAG R . 14.99 40.50 6.20
O6 NAG R . 14.01 42.82 7.29
O7 NAG R . 16.90 37.08 3.28
C1 NAG S . -0.55 66.31 -41.00
C2 NAG S . -1.24 65.59 -42.22
C3 NAG S . -0.50 66.04 -43.52
C4 NAG S . -0.39 67.58 -43.67
C5 NAG S . 0.35 68.00 -42.35
C6 NAG S . 1.13 69.33 -42.32
C7 NAG S . -2.31 63.35 -41.52
C8 NAG S . -3.46 64.07 -40.85
N2 NAG S . -1.32 64.11 -42.12
O3 NAG S . -0.92 65.31 -44.71
O4 NAG S . 0.40 67.91 -44.83
O5 NAG S . -0.46 67.74 -41.17
O6 NAG S . 2.50 69.09 -41.91
O7 NAG S . -2.22 62.13 -41.53
C1 NAG T . 5.77 74.34 -5.47
C2 NAG T . 5.61 73.35 -4.17
C3 NAG T . 6.33 74.01 -2.97
C4 NAG T . 7.62 74.80 -3.38
C5 NAG T . 7.64 75.46 -4.82
C6 NAG T . 8.96 75.75 -5.61
C7 NAG T . 3.67 71.61 -3.03
C8 NAG T . 2.11 71.62 -2.87
N2 NAG T . 4.25 72.82 -3.71
O3 NAG T . 6.68 73.01 -2.00
O4 NAG T . 7.67 75.84 -2.44
O5 NAG T . 7.13 74.45 -5.61
O6 NAG T . 8.65 76.44 -6.82
O7 NAG T . 4.26 70.55 -2.58
C1 NAG U . 13.96 78.59 -31.12
C2 NAG U . 13.79 77.42 -32.21
C3 NAG U . 13.72 77.96 -33.67
C4 NAG U . 14.04 79.51 -33.87
C5 NAG U . 13.92 80.40 -32.51
C6 NAG U . 13.24 81.80 -32.43
C7 NAG U . 14.41 74.92 -32.58
C8 NAG U . 15.50 73.92 -32.13
N2 NAG U . 14.61 76.19 -32.04
O3 NAG U . 12.45 77.52 -34.22
O4 NAG U . 15.35 79.60 -34.52
O5 NAG U . 13.18 79.69 -31.50
O6 NAG U . 13.17 82.31 -31.07
O7 NAG U . 13.44 74.59 -33.35
C1 NAG V . -16.15 74.29 -0.30
C2 NAG V . -17.04 73.00 -0.46
C3 NAG V . -16.67 72.01 0.71
C4 NAG V . -15.13 71.90 1.09
C5 NAG V . -14.16 72.87 0.33
C6 NAG V . -13.23 72.25 -0.75
C7 NAG V . -19.17 73.52 -1.75
C8 NAG V . -20.66 73.74 -1.53
N2 NAG V . -18.50 73.26 -0.56
O3 NAG V . -17.32 70.72 0.55
O4 NAG V . -14.97 72.27 2.50
O5 NAG V . -14.72 74.11 -0.23
O6 NAG V . -12.17 73.21 -1.03
O7 NAG V . -18.62 73.56 -2.87
C1 NAG W . 4.21 -34.63 -26.80
C2 NAG W . 4.29 -35.88 -27.69
C3 NAG W . 2.96 -36.45 -28.15
C4 NAG W . 1.64 -36.06 -27.39
C5 NAG W . 1.70 -34.64 -26.77
C6 NAG W . 0.56 -34.41 -25.73
C7 NAG W . 5.57 -35.45 -29.72
C8 NAG W . 5.59 -34.52 -30.92
N2 NAG W . 4.58 -35.18 -28.91
O3 NAG W . 3.15 -37.85 -28.56
O4 NAG W . 0.59 -35.93 -28.35
O5 NAG W . 2.98 -34.40 -26.09
O6 NAG W . 1.00 -34.37 -24.34
O7 NAG W . 6.35 -36.36 -29.41
C1 NAG X . -5.55 -38.80 -15.01
C2 NAG X . -4.75 -38.60 -16.34
C3 NAG X . -5.16 -39.58 -17.48
C4 NAG X . -5.52 -41.03 -17.04
C5 NAG X . -6.43 -41.04 -15.78
C6 NAG X . -6.57 -42.43 -15.18
C7 NAG X . -3.38 -36.52 -16.52
C8 NAG X . -3.45 -35.11 -17.00
N2 NAG X . -4.56 -37.18 -16.73
O3 NAG X . -3.98 -39.71 -18.27
O4 NAG X . -6.24 -41.72 -18.12
O5 NAG X . -5.88 -40.21 -14.71
O6 NAG X . -7.42 -42.38 -14.06
O7 NAG X . -2.39 -37.02 -16.00
C1 NAG Y . -26.58 -5.01 -11.86
C2 NAG Y . -26.67 -3.56 -11.44
C3 NAG Y . -25.34 -2.80 -11.34
C4 NAG Y . -24.04 -3.64 -11.27
C5 NAG Y . -24.09 -5.00 -11.99
C6 NAG Y . -22.86 -5.89 -11.58
C7 NAG Y . -28.03 -2.19 -12.90
C8 NAG Y . -28.19 -1.75 -14.34
N2 NAG Y . -27.01 -3.00 -12.70
O3 NAG Y . -25.45 -1.63 -10.42
O4 NAG Y . -22.99 -2.89 -11.78
O5 NAG Y . -25.35 -5.67 -11.59
O6 NAG Y . -23.21 -7.03 -10.72
O7 NAG Y . -28.74 -1.88 -11.95
C1 NAG Z . -16.39 -11.65 -1.52
C2 NAG Z . -17.29 -10.74 -2.44
C3 NAG Z . -16.92 -9.22 -2.30
C4 NAG Z . -16.66 -8.75 -0.81
C5 NAG Z . -15.57 -9.65 -0.23
C6 NAG Z . -15.35 -9.35 1.26
C7 NAG Z . -18.57 -11.86 -4.24
C8 NAG Z . -18.55 -12.34 -5.66
N2 NAG Z . -17.41 -11.25 -3.83
O3 NAG Z . -18.11 -8.60 -2.76
O4 NAG Z . -16.26 -7.37 -0.78
O5 NAG Z . -15.98 -11.04 -0.25
O6 NAG Z . -14.28 -10.18 1.75
O7 NAG Z . -19.56 -12.00 -3.49
C1 NAG AA . -32.98 -38.15 35.03
C2 NAG AA . -33.47 -39.55 34.54
C3 NAG AA . -33.67 -40.58 35.67
C4 NAG AA . -32.97 -40.33 37.05
C5 NAG AA . -32.68 -38.82 37.32
C6 NAG AA . -31.82 -38.54 38.56
C7 NAG AA . -34.92 -39.20 32.53
C8 NAG AA . -36.39 -39.23 32.22
N2 NAG AA . -34.75 -39.47 33.83
O3 NAG AA . -33.49 -41.89 35.08
O4 NAG AA . -33.84 -40.84 38.07
O5 NAG AA . -32.05 -38.25 36.13
O6 NAG AA . -31.20 -37.24 38.56
O7 NAG AA . -33.99 -38.97 31.75
C1 NAG BA . -48.47 -22.38 38.80
C2 NAG BA . -47.76 -22.82 40.12
C3 NAG BA . -47.47 -24.35 40.08
C4 NAG BA . -48.85 -25.15 40.00
C5 NAG BA . -49.60 -24.65 38.71
C6 NAG BA . -51.03 -25.24 38.52
C7 NAG BA . -46.45 -20.99 41.24
C8 NAG BA . -47.75 -20.50 41.85
N2 NAG BA . -46.53 -22.07 40.45
O3 NAG BA . -46.54 -24.68 41.16
O4 NAG BA . -48.66 -26.59 39.91
O5 NAG BA . -49.66 -23.18 38.62
O6 NAG BA . -51.61 -24.91 37.24
O7 NAG BA . -45.35 -20.48 41.41
C1 NAG CA . -20.48 -1.73 34.66
C2 NAG CA . -19.53 -2.06 33.46
C3 NAG CA . -18.54 -0.90 33.21
C4 NAG CA . -19.08 0.53 33.53
C5 NAG CA . -19.71 0.39 34.93
C6 NAG CA . -20.04 1.55 35.97
C7 NAG CA . -18.14 -4.16 33.25
C8 NAG CA . -16.94 -4.87 33.86
N2 NAG CA . -18.44 -2.94 33.86
O3 NAG CA . -18.01 -1.07 31.91
O4 NAG CA . -18.03 1.46 33.66
O5 NAG CA . -20.80 -0.35 34.52
O6 NAG CA . -20.71 1.10 37.18
O7 NAG CA . -18.74 -4.68 32.30
C1 NAG DA . 5.69 -1.36 22.44
C2 NAG DA . 6.30 -0.50 23.53
C3 NAG DA . 6.13 0.99 23.37
C4 NAG DA . 5.70 1.54 21.99
C5 NAG DA . 4.81 0.60 21.17
C6 NAG DA . 4.82 1.14 19.69
C7 NAG DA . 5.50 -1.02 25.74
C8 NAG DA . 4.20 -1.13 26.55
N2 NAG DA . 5.28 -0.66 24.50
O3 NAG DA . 7.21 1.73 24.06
O4 NAG DA . 4.98 2.73 22.22
O5 NAG DA . 5.37 -0.73 21.19
O6 NAG DA . 5.62 0.33 18.75
O7 NAG DA . 6.65 -1.23 26.12
C1 NAG EA . 11.70 5.07 9.27
C2 NAG EA . 11.17 4.73 10.69
C3 NAG EA . 11.27 5.89 11.71
C4 NAG EA . 12.50 6.82 11.57
C5 NAG EA . 12.79 7.17 10.10
C6 NAG EA . 14.17 7.85 9.94
C7 NAG EA . 9.84 2.61 10.90
C8 NAG EA . 8.45 2.08 10.84
N2 NAG EA . 9.90 3.96 10.70
O3 NAG EA . 11.44 5.23 12.98
O4 NAG EA . 12.31 8.07 12.32
O5 NAG EA . 12.85 5.97 9.28
O6 NAG EA . 14.42 8.14 8.58
O7 NAG EA . 10.80 1.92 11.10
C1 NAG FA . 49.25 14.02 9.64
C2 NAG FA . 48.27 14.61 8.53
C3 NAG FA . 47.06 15.51 9.09
C4 NAG FA . 46.97 15.78 10.65
C5 NAG FA . 48.32 15.44 11.31
C6 NAG FA . 48.53 15.86 12.79
C7 NAG FA . 48.79 15.06 6.04
C8 NAG FA . 49.77 15.82 5.18
N2 NAG FA . 49.04 15.22 7.40
O3 NAG FA . 45.77 15.02 8.58
O4 NAG FA . 46.69 17.18 10.95
O5 NAG FA . 48.69 14.07 10.98
O6 NAG FA . 49.61 16.79 12.89
O7 NAG FA . 47.88 14.38 5.53
C1 NAG GA . -20.61 4.01 -13.99
C2 NAG GA . -21.57 3.21 -14.87
C3 NAG GA . -21.66 1.69 -14.57
C4 NAG GA . -20.55 1.03 -13.66
C5 NAG GA . -19.84 2.01 -12.71
C6 NAG GA . -18.51 1.34 -12.25
C7 NAG GA . -23.82 4.01 -14.81
C8 NAG GA . -24.95 4.29 -13.80
N2 NAG GA . -22.74 3.56 -14.21
O3 NAG GA . -22.08 0.94 -15.76
O4 NAG GA . -21.26 0.18 -12.71
O5 NAG GA . -19.58 3.29 -13.29
O6 NAG GA . -17.30 2.01 -12.75
O7 NAG GA . -23.81 4.12 -16.04
C1 NAG HA . -6.91 -4.19 -15.13
C2 NAG HA . -8.37 -3.69 -15.10
C3 NAG HA . -9.40 -4.82 -15.40
C4 NAG HA . -9.02 -5.87 -16.49
C5 NAG HA . -7.58 -6.33 -16.30
C6 NAG HA . -7.02 -7.07 -17.54
C7 NAG HA . -8.75 -1.46 -14.10
C8 NAG HA . -9.05 -0.78 -12.82
N2 NAG HA . -8.66 -2.83 -13.95
O3 NAG HA . -10.55 -4.16 -15.88
O4 NAG HA . -9.89 -7.03 -16.45
O5 NAG HA . -6.69 -5.20 -16.17
O6 NAG HA . -5.64 -7.47 -17.35
O7 NAG HA . -8.61 -0.83 -15.15
C1 NAG IA . 27.68 11.51 -45.14
C2 NAG IA . 28.40 12.77 -44.62
C3 NAG IA . 29.75 13.06 -45.30
C4 NAG IA . 30.43 11.89 -46.10
C5 NAG IA . 29.36 10.99 -46.74
C6 NAG IA . 29.88 9.83 -47.60
C7 NAG IA . 26.71 14.38 -43.74
C8 NAG IA . 26.10 15.68 -44.16
N2 NAG IA . 27.59 13.99 -44.69
O3 NAG IA . 30.60 13.83 -44.38
O4 NAG IA . 31.27 12.49 -47.12
O5 NAG IA . 28.56 10.51 -45.62
O6 NAG IA . 29.03 8.65 -47.61
O7 NAG IA . 26.45 13.77 -42.68
C1 NAG JA . 2.32 -16.86 -49.69
C2 NAG JA . 2.72 -17.35 -48.22
C3 NAG JA . 2.03 -18.74 -48.31
C4 NAG JA . 0.52 -18.77 -48.72
C5 NAG JA . 0.31 -17.95 -50.03
C6 NAG JA . -1.12 -17.39 -50.41
C7 NAG JA . 4.98 -18.49 -48.73
C8 NAG JA . 6.46 -18.29 -48.58
N2 NAG JA . 4.19 -17.46 -48.17
O3 NAG JA . 2.45 -19.58 -47.23
O4 NAG JA . 0.20 -20.09 -49.04
O5 NAG JA . 0.93 -16.77 -49.66
O6 NAG JA . -1.15 -16.27 -51.34
O7 NAG JA . 4.57 -19.51 -49.34
C1 NAG KA . -7.44 -0.34 -69.32
C2 NAG KA . -7.33 1.11 -68.70
C3 NAG KA . -6.63 2.16 -69.59
C4 NAG KA . -5.75 1.64 -70.79
C5 NAG KA . -6.32 0.30 -71.41
C6 NAG KA . -5.43 -0.47 -72.40
C7 NAG KA . -8.64 2.60 -67.11
C8 NAG KA . -10.03 3.03 -66.68
N2 NAG KA . -8.61 1.65 -68.15
O3 NAG KA . -5.97 3.12 -68.72
O4 NAG KA . -5.78 2.73 -71.76
O5 NAG KA . -6.58 -0.69 -70.41
O6 NAG KA . -5.93 -1.81 -72.59
O7 NAG KA . -7.59 3.05 -66.60
C1 NAG LA . 26.30 -19.43 -48.15
C2 NAG LA . 27.39 -18.69 -47.26
C3 NAG LA . 27.09 -18.78 -45.70
C4 NAG LA . 25.82 -19.62 -45.36
C5 NAG LA . 24.63 -19.38 -46.37
C6 NAG LA . 23.68 -18.26 -45.88
C7 NAG LA . 29.63 -18.34 -48.40
C8 NAG LA . 30.97 -18.99 -48.71
N2 NAG LA . 28.76 -19.12 -47.67
O3 NAG LA . 26.97 -17.47 -45.07
O4 NAG LA . 26.15 -21.04 -45.17
O5 NAG LA . 24.95 -19.07 -47.78
O6 NAG LA . 22.93 -18.67 -44.71
O7 NAG LA . 29.34 -17.19 -48.78
#